data_6TYF
#
_entry.id   6TYF
#
_cell.length_a   126.431
_cell.length_b   161.781
_cell.length_c   213.916
_cell.angle_alpha   90.000
_cell.angle_beta   90.000
_cell.angle_gamma   90.000
#
_symmetry.space_group_name_H-M   'P 21 21 21'
#
loop_
_entity.id
_entity.type
_entity.pdbx_description
1 polymer 'DNA-directed RNA polymerase subunit alpha'
2 polymer 'DNA-directed RNA polymerase subunit beta'
3 polymer "DNA-directed RNA polymerase subunit beta'"
4 polymer 'DNA-directed RNA polymerase subunit omega'
5 polymer "DNA (5'-D(*GP*CP*AP*TP*CP*CP*GP*TP*GP*AP*AP*TP*CP*GP*AP*GP*GP*GP*T)-3')"
6 polymer "DNA (5'-D(P*GP*TP*GP*TP*CP*AP*GP*TP*AP*GP*CP*TP*GP*TP*CP*AP*CP*GP*GP*AP*TP*GP*C)-3')"
7 polymer "RNA (5'-R(P*CP*CP*UP*CP*GP*A)-3')"
8 polymer 'RNA polymerase sigma factor'
#
loop_
_entity_poly.entity_id
_entity_poly.type
_entity_poly.pdbx_seq_one_letter_code
_entity_poly.pdbx_strand_id
1 'polypeptide(L)'
;MLISQRPTLSEDVLTDNRSQFVIEPLEPGFGYTLGNSLRRTLLSSIPGAAVTSIRIDGVLHEFTTVPGVKEDVTEIILNL
KSLVVSSEEDEPVTMYLRKQGPGEVTAGDIVPPAGVTVHNPGMHIATLNDKGKLEVELVVERGRGYVPAVQNRASGAEIG
RIPVDSIYSPVLKVTYKVDATRVEQRTDFDKLILDVETKNSISPRDALASAGKTLVELFGLARELNVEAEGIEIGPSPAE
ADHIASFALPIDDLDLTVRSYNCLKREGVHTVGELVARTESDLLDIRNFGQKSIDEVKIKLHQLGLSLKDSPPSFDPSEV
AGYDVATGTWSTEGAYDEQDYAETEQL
;
A,B
2 'polypeptide(L)'
;MLEGCILADSRQSKTAASPSPSRPQSSSNNSVPGAPNRVSFAKLREPLEVPGLLDVQTDSFEWLIGSPRWRESAAERGDV
NPVGGLEEVLYELSPIEDFSGSMSLSFSDPRFDDVKAPVDECKDKDMTYAAPLFVTAEFINNNTGEIKSQTVFMGDFPMM
TEKGTFIINGTERVVVSQLVRSPGVYFDETIDKSTDKTLHSVKVIPSRGAWLEFDVDKRDTVGVRIDRKRRQPVTVLLKA
LGWTSEQIVERFGFSEIMRSTLEKDNTVGTDEALLDIYRKLRPGEPPTKESAQTLLENLFFKEKRYDLARVGRYKVNKKL
GLHVGEPITSSTLTEEDVVATIEYLVRLHEGQTTMTVPGGVEVPVETDDIDHFGNRRLRTVGELIQNQIRVGMSRMERVV
RERMTTQDVEAITPQTLINIRPVVAAIKEFFGTSQLSQFMDQNNPLSGLTHKRRLSALGPGGLSRERAGLEVRDVHPSHY
GRMCPIETPEGPNIGLIGSLSVYARVNPFGFIETPYRKVVDGVVSDEIVYLTADEEDRHVVAQANSPIDADGRFVEPRVL
VRRKAGEVEYVPSSEVDYMDVSPRQMVSVATAMIPFLEHDDANRALMGANMQRQAVPLVRSEAPLVGTGMELRAAIDAGD
VVVAEESGVIEEVSADYITVMHDNGTRRTYRMRKFARSNHGTCANQCPIVDAGDRVEAGQVIADGPCTDDGEMALGKNLL
VAIMPWEGHNYEDAIILSNRLVEEDVLTSIHIEEHEIDARDTKLGAEEITRDIPNISDEVLADLDERGIVRIGAEVRDGD
ILVGKVTPKGETELTPEERLLRAIFGEKAREVRDTSLKVPHGESGKVIGIRVFSREDEDELPAGVNELVRVYVAQKRKIS
DGDKLAGRHGNKGVIGKILPVEDMPFLADGTPVDIILNTHGVPRRMNIGQILETHLGWCAHSGWKVDAAKGVPDWAARLP
DELLEAQPNAIVSTPVFDGAQEAELQGLLSCTLPNRDGDVLVDADGKAMLFDGRSGEPFPYPVTVGYMYIMKLHHLVDDK
IHARSTGPYSMITQQPLGGKAQFGGQRFGEMECWAMQAYGAAYTLQELLTIKSDDTVGRVKVYEAIVKGENIPEPGIPES
FKVLLKELQSLCLNVEVLSSDGAAIELREGEDEDLERAAANLGINLSRNESASVEDLA
;
C
3 'polypeptide(L)'
;MLDVNFFDELRIGLATAEDIRQWSYGEVKKPETINYRTLKPEKDGLFCEKIFGPTRDWECYCGKYKRVRFKGIICERCGV
EVTRAKVRRERMGHIELAAPVTHIWYFKGVPSRLGYLLDLAPKDLEKIIYFAAYVITSVDEEMRHNELSTLEAEMAVERK
AVEDQRDGELEARAQKLEADLAELEAEGAKADARRKVRDGGEREMRQIRDRAQRELDRLEDIWSTFTKLAPKQLIVDENL
YRELVDRYGEYFTGAMGAESIQKLIENFDIDAEAESLRDVIRNGKGQKKLRALKRLKVVAAFQQSGNSPMGMVLDAVPVI
PPELRPMVQLDGGRFATSDLNDLYRRVINRNNRLKRLIDLGAPEIIVNNEKRMLQESVDALFDNGRRGRPVTGPGNRPLK
SLSDLLKGKQGRFRQNLLGKRVDYSGRSVIVVGPQLKLHQCGLPKLMALELFKPFVMKRLVDLNHAQNIKSAKRMVERQR
PQVWDVLEEVIAEHPVLLNRAPTLHRLGIQAFEPMLVEGKAIQLHPLVCEAFNADFDGDQMAVHLPLSAEAQAEARILML
SSNNILSPASGRPLAMPRLDMVTGLYYLTTEVPGDTGEYQPASGDHPETGVYSSPAEAIMAADRGVLSVRAKIKVRLTQL
RPPVEIEAELFGHSGWQPGDAWMAETTLGRVMFNELLPLGYPFVNKQMHKKVQAAIINDLAERYPMIVVAQTVDKLKDAG
FYWATRSGVTVSMADVLVPPRKKEILDHYEERADKVEKQFQRGALNHDERNEALVEIWKEATDEVGQALREHYPDDNPII
TIVDSGATGNFTQTRTLAGMKGLVTNPKGEFIPRPVKSSFREGLTVLEYFINTHGARKGLADTALRTADSGYLTRRLVDV
SQDVIVREHDCQTERGIVVELAERAPDGTLIRDPYIETSAYARTLGTDAVDEAGNVIVERGQDLGDPEIDALLAAGITQV
KVRSVLTCATSTGVCATCYGRSMATGKLVDIGEAVGIVAAQSIGEPGTQLTMRTFHQGGVGEDITGGLPRVQELFEARVP
RGKAPIADVTGRVRLEDGERFYKITIVPDDGGEEVVYDKISKRQRLRVFKHEDGSERVLSDGDHVEVGQQLMEGSADPHE
VLRVQGPREVQIHLVREVQEVYRAQGVSIHDKHIEVIVRQMLRRVTIIDSGSTEFLPGSLIDRAEFEAENRRVVAEGGEP
AAGRPVLMGITKASLATDSWLSAASFQETTRVLTDAAINCRSDKLNGLKENVIIGKLIPAGTGINRYRNIAVQPTEEARA
AAYTIPSYEDQYYSPDFGAATGAAVPLDDYGYSDYR
;
D
4 'polypeptide(L)'
;MSISQSDASLAAVPAVDQFDPSSGASGGYDTPLGITNPPIDELLDRVSSKYALVIYAAKRARQINDYYNQLGEGILEYVG
PLVEPGLQEKPLSIALREIHADLLEHTEGE
;
E
5 'polydeoxyribonucleotide' (DG)(DC)(DA)(DT)(DC)(DC)(DG)(DT)(DG)(DA)(DA)(DT)(DC)(DG)(DA)(DG)(DG)(DG)(DT) G
6 'polydeoxyribonucleotide'
;(DC)(DG)(DT)(DG)(DT)(DC)(DA)(DG)(DT)(DA)(DG)(DC)(DT)(DG)(DT)(DC)(DA)(DC)(DG)(DG)
(DA)(DT)(DG)(DC)(DA)(DG)(DG)
;
H
7 'polyribonucleotide' CCUCGA I
8 'polypeptide(L)'
;MARVSGAAAAEAALMRALYDEHAAVLWRYALRLTGDAAQAEDVVQETLLRAWQHPEVIGDTARPARAWLFTVARNMIIDE
RRSARFRNVVGSTDQSGTPEQSTPDEVNAALDRLLIADALAQLSAEHRAVIQRSYYRGWSTAQIATDLGIAEGTVKSRLH
YAVRALRLTLQELGVTR
;
F
#
loop_
_chem_comp.id
_chem_comp.type
_chem_comp.name
_chem_comp.formula
A RNA linking ADENOSINE-5'-MONOPHOSPHATE 'C10 H14 N5 O7 P'
C RNA linking CYTIDINE-5'-MONOPHOSPHATE 'C9 H14 N3 O8 P'
DA DNA linking 2'-DEOXYADENOSINE-5'-MONOPHOSPHATE 'C10 H14 N5 O6 P'
DC DNA linking 2'-DEOXYCYTIDINE-5'-MONOPHOSPHATE 'C9 H14 N3 O7 P'
DG DNA linking 2'-DEOXYGUANOSINE-5'-MONOPHOSPHATE 'C10 H14 N5 O7 P'
DT DNA linking THYMIDINE-5'-MONOPHOSPHATE 'C10 H15 N2 O8 P'
G RNA linking GUANOSINE-5'-MONOPHOSPHATE 'C10 H14 N5 O8 P'
U RNA linking URIDINE-5'-MONOPHOSPHATE 'C9 H13 N2 O9 P'
#
# COMPACT_ATOMS: atom_id res chain seq x y z
N LEU A 2 -21.59 55.36 36.19
CA LEU A 2 -21.50 54.41 35.10
C LEU A 2 -22.66 53.40 35.15
N ILE A 3 -23.79 53.82 34.59
CA ILE A 3 -25.01 53.04 34.62
C ILE A 3 -25.57 52.95 33.20
N SER A 4 -26.68 52.23 33.06
CA SER A 4 -27.19 51.79 31.78
C SER A 4 -27.92 52.91 31.05
N GLN A 5 -27.73 52.96 29.74
CA GLN A 5 -28.59 53.69 28.82
C GLN A 5 -28.98 52.75 27.70
N ARG A 6 -30.29 52.62 27.48
CA ARG A 6 -30.79 51.63 26.54
C ARG A 6 -30.31 51.92 25.13
N PRO A 7 -29.90 50.89 24.39
CA PRO A 7 -29.32 51.09 23.06
C PRO A 7 -30.37 51.44 22.02
N THR A 8 -29.90 52.04 20.93
CA THR A 8 -30.74 52.55 19.86
C THR A 8 -30.28 51.93 18.55
N LEU A 9 -31.24 51.62 17.68
CA LEU A 9 -30.97 51.01 16.38
C LEU A 9 -31.49 51.90 15.26
N SER A 10 -30.59 52.34 14.40
CA SER A 10 -30.98 53.21 13.28
C SER A 10 -30.44 52.63 11.99
N GLU A 11 -31.23 52.78 10.93
CA GLU A 11 -30.96 52.14 9.65
C GLU A 11 -30.29 53.14 8.71
N ASP A 12 -29.36 52.63 7.90
CA ASP A 12 -28.73 53.44 6.88
C ASP A 12 -28.73 52.66 5.57
N VAL A 13 -29.17 53.30 4.49
CA VAL A 13 -29.32 52.65 3.20
C VAL A 13 -28.11 52.96 2.32
N LEU A 14 -27.62 51.91 1.64
CA LEU A 14 -26.56 52.02 0.65
C LEU A 14 -27.08 51.82 -0.77
N THR A 15 -27.81 50.73 -1.00
CA THR A 15 -28.47 50.48 -2.27
C THR A 15 -29.87 49.99 -1.97
N ASP A 16 -30.57 49.55 -3.02
CA ASP A 16 -31.93 49.06 -2.84
C ASP A 16 -31.97 47.72 -2.14
N ASN A 17 -30.84 47.02 -2.02
CA ASN A 17 -30.84 45.72 -1.37
C ASN A 17 -29.67 45.58 -0.40
N ARG A 18 -29.24 46.68 0.19
CA ARG A 18 -28.17 46.68 1.17
C ARG A 18 -28.39 47.81 2.15
N SER A 19 -28.25 47.52 3.44
CA SER A 19 -28.44 48.52 4.47
C SER A 19 -27.45 48.26 5.59
N GLN A 20 -26.98 49.34 6.20
CA GLN A 20 -26.16 49.24 7.38
C GLN A 20 -26.99 49.53 8.62
N PHE A 21 -26.66 48.85 9.71
CA PHE A 21 -27.37 49.02 10.96
C PHE A 21 -26.36 49.30 12.06
N VAL A 22 -26.54 50.41 12.76
CA VAL A 22 -25.67 50.81 13.85
C VAL A 22 -26.44 50.57 15.15
N ILE A 23 -25.81 49.92 16.10
CA ILE A 23 -26.45 49.63 17.37
C ILE A 23 -25.54 50.18 18.45
N GLU A 24 -26.03 51.17 19.19
CA GLU A 24 -25.25 51.81 20.23
C GLU A 24 -26.20 52.39 21.25
N PRO A 25 -25.81 52.49 22.52
CA PRO A 25 -24.52 52.01 23.01
C PRO A 25 -24.59 50.58 23.53
N LEU A 26 -23.53 49.81 23.31
CA LEU A 26 -23.45 48.44 23.78
C LEU A 26 -22.29 48.30 24.76
N GLU A 27 -22.43 47.31 25.64
CA GLU A 27 -21.40 47.06 26.63
C GLU A 27 -20.06 46.79 25.95
N PRO A 28 -18.95 47.07 26.61
CA PRO A 28 -17.64 46.79 26.02
C PRO A 28 -17.45 45.31 25.80
N GLY A 29 -17.00 44.95 24.60
CA GLY A 29 -16.81 43.58 24.21
C GLY A 29 -18.06 42.89 23.72
N PHE A 30 -19.20 43.58 23.70
CA PHE A 30 -20.45 42.97 23.28
C PHE A 30 -20.75 43.19 21.82
N GLY A 31 -20.07 44.13 21.18
CA GLY A 31 -20.45 44.48 19.82
C GLY A 31 -20.11 43.38 18.83
N TYR A 32 -18.99 42.70 19.05
CA TYR A 32 -18.59 41.65 18.13
C TYR A 32 -19.55 40.49 18.17
N THR A 33 -20.08 40.15 19.36
CA THR A 33 -20.96 38.99 19.46
C THR A 33 -22.33 39.24 18.87
N LEU A 34 -22.87 40.46 18.97
CA LEU A 34 -24.17 40.70 18.36
C LEU A 34 -24.11 40.59 16.86
N GLY A 35 -23.09 41.14 16.23
CA GLY A 35 -23.00 41.02 14.79
C GLY A 35 -22.89 39.58 14.37
N ASN A 36 -22.17 38.77 15.16
CA ASN A 36 -22.06 37.36 14.84
C ASN A 36 -23.37 36.64 15.09
N SER A 37 -23.97 36.83 16.27
CA SER A 37 -25.22 36.14 16.58
C SER A 37 -26.33 36.53 15.62
N LEU A 38 -26.29 37.74 15.08
CA LEU A 38 -27.25 38.11 14.05
C LEU A 38 -26.88 37.55 12.69
N ARG A 39 -25.59 37.58 12.38
CA ARG A 39 -25.11 37.07 11.09
C ARG A 39 -25.39 35.60 10.94
N ARG A 40 -25.17 34.83 11.99
CA ARG A 40 -25.39 33.39 11.90
C ARG A 40 -26.85 33.08 11.66
N THR A 41 -27.75 33.83 12.30
CA THR A 41 -29.16 33.61 12.05
C THR A 41 -29.60 34.13 10.69
N LEU A 42 -28.98 35.19 10.19
CA LEU A 42 -29.36 35.72 8.88
C LEU A 42 -28.96 34.77 7.75
N LEU A 43 -27.74 34.25 7.77
CA LEU A 43 -27.28 33.41 6.68
C LEU A 43 -27.94 32.04 6.66
N SER A 44 -28.74 31.71 7.65
CA SER A 44 -29.22 30.34 7.77
C SER A 44 -30.72 30.23 7.98
N SER A 45 -31.32 31.15 8.73
CA SER A 45 -32.71 30.97 9.14
C SER A 45 -33.57 32.15 8.73
N ILE A 46 -33.46 32.57 7.48
CA ILE A 46 -34.30 33.63 6.92
C ILE A 46 -35.26 32.99 5.93
N PRO A 47 -36.56 33.15 6.11
CA PRO A 47 -37.50 32.46 5.23
C PRO A 47 -37.44 33.02 3.82
N GLY A 48 -37.63 32.14 2.85
CA GLY A 48 -37.62 32.53 1.47
C GLY A 48 -38.31 31.46 0.65
N ALA A 49 -38.44 31.71 -0.63
CA ALA A 49 -39.08 30.78 -1.54
C ALA A 49 -38.07 30.32 -2.56
N ALA A 50 -38.25 29.10 -3.05
CA ALA A 50 -37.37 28.55 -4.05
C ALA A 50 -38.10 27.47 -4.82
N VAL A 51 -37.51 27.07 -5.94
CA VAL A 51 -38.09 26.05 -6.80
C VAL A 51 -37.77 24.67 -6.24
N THR A 52 -38.82 23.86 -6.04
CA THR A 52 -38.61 22.51 -5.53
C THR A 52 -38.20 21.55 -6.63
N SER A 53 -39.03 21.44 -7.66
CA SER A 53 -38.79 20.48 -8.74
C SER A 53 -39.23 21.11 -10.05
N ILE A 54 -38.68 20.58 -11.14
CA ILE A 54 -39.11 21.03 -12.47
C ILE A 54 -39.65 19.85 -13.25
N ARG A 55 -40.15 20.11 -14.45
CA ARG A 55 -40.68 19.04 -15.29
C ARG A 55 -40.64 19.50 -16.73
N ILE A 56 -39.70 18.98 -17.51
CA ILE A 56 -39.62 19.24 -18.94
C ILE A 56 -40.28 18.09 -19.68
N ASP A 57 -41.03 18.41 -20.72
CA ASP A 57 -41.86 17.39 -21.36
C ASP A 57 -41.01 16.34 -22.05
N GLY A 58 -40.06 16.78 -22.87
CA GLY A 58 -39.28 15.86 -23.68
C GLY A 58 -38.28 15.04 -22.91
N VAL A 59 -38.07 15.32 -21.63
CA VAL A 59 -37.02 14.68 -20.88
C VAL A 59 -37.63 13.81 -19.78
N LEU A 60 -36.82 12.87 -19.30
CA LEU A 60 -37.18 12.03 -18.19
C LEU A 60 -36.14 12.03 -17.08
N HIS A 61 -35.00 12.68 -17.28
CA HIS A 61 -33.98 12.77 -16.25
C HIS A 61 -33.05 13.90 -16.63
N GLU A 62 -32.15 14.24 -15.70
CA GLU A 62 -31.27 15.37 -15.91
C GLU A 62 -30.30 15.15 -17.06
N PHE A 63 -29.88 13.91 -17.31
CA PHE A 63 -28.72 13.67 -18.16
C PHE A 63 -29.14 13.42 -19.60
N THR A 64 -29.59 14.47 -20.25
CA THR A 64 -30.01 14.38 -21.65
C THR A 64 -30.07 15.78 -22.22
N THR A 65 -30.44 15.86 -23.50
CA THR A 65 -30.57 17.14 -24.18
C THR A 65 -31.97 17.25 -24.75
N VAL A 66 -32.36 18.48 -25.03
CA VAL A 66 -33.61 18.77 -25.75
C VAL A 66 -33.24 19.34 -27.11
N PRO A 67 -33.85 18.88 -28.19
CA PRO A 67 -33.48 19.36 -29.52
C PRO A 67 -33.74 20.86 -29.68
N GLY A 68 -32.74 21.56 -30.20
CA GLY A 68 -32.84 22.97 -30.51
C GLY A 68 -32.36 23.92 -29.43
N VAL A 69 -32.23 23.49 -28.20
CA VAL A 69 -31.74 24.37 -27.16
C VAL A 69 -30.24 24.16 -27.07
N LYS A 70 -29.50 25.22 -26.77
CA LYS A 70 -28.06 25.09 -26.75
C LYS A 70 -27.55 24.42 -25.49
N GLU A 71 -28.27 24.59 -24.39
CA GLU A 71 -27.82 24.04 -23.11
C GLU A 71 -28.49 22.71 -22.85
N ASP A 72 -27.73 21.78 -22.30
CA ASP A 72 -28.28 20.52 -21.84
C ASP A 72 -29.09 20.73 -20.58
N VAL A 73 -29.81 19.69 -20.17
CA VAL A 73 -30.68 19.83 -19.01
C VAL A 73 -29.86 20.13 -17.77
N THR A 74 -28.64 19.61 -17.69
CA THR A 74 -27.81 19.93 -16.54
C THR A 74 -27.52 21.43 -16.48
N GLU A 75 -27.13 22.01 -17.61
CA GLU A 75 -26.86 23.45 -17.60
C GLU A 75 -28.12 24.25 -17.37
N ILE A 76 -29.27 23.77 -17.85
CA ILE A 76 -30.51 24.49 -17.58
C ILE A 76 -30.81 24.48 -16.09
N ILE A 77 -30.55 23.36 -15.41
CA ILE A 77 -30.82 23.32 -13.99
C ILE A 77 -29.84 24.21 -13.23
N LEU A 78 -28.58 24.24 -13.65
CA LEU A 78 -27.65 25.15 -13.00
C LEU A 78 -28.04 26.60 -13.24
N ASN A 79 -28.53 26.91 -14.43
CA ASN A 79 -29.02 28.27 -14.67
C ASN A 79 -30.28 28.57 -13.90
N LEU A 80 -31.13 27.57 -13.67
CA LEU A 80 -32.33 27.79 -12.88
C LEU A 80 -32.06 27.87 -11.38
N LYS A 81 -30.88 27.47 -10.93
CA LYS A 81 -30.53 27.65 -9.53
C LYS A 81 -30.30 29.10 -9.16
N SER A 82 -30.09 29.96 -10.15
CA SER A 82 -29.94 31.38 -9.89
C SER A 82 -31.27 32.09 -9.76
N LEU A 83 -32.37 31.40 -10.03
CA LEU A 83 -33.68 32.04 -10.02
C LEU A 83 -34.00 32.54 -8.62
N VAL A 84 -34.43 33.79 -8.53
CA VAL A 84 -34.90 34.36 -7.28
C VAL A 84 -36.41 34.53 -7.39
N VAL A 85 -37.12 34.04 -6.38
CA VAL A 85 -38.57 34.00 -6.39
C VAL A 85 -39.06 34.09 -4.95
N SER A 86 -40.21 34.74 -4.76
CA SER A 86 -40.87 34.78 -3.48
C SER A 86 -42.27 34.22 -3.60
N SER A 87 -42.81 33.70 -2.50
CA SER A 87 -44.11 33.05 -2.53
C SER A 87 -44.91 33.38 -1.29
N GLU A 88 -46.19 33.71 -1.49
CA GLU A 88 -47.12 34.01 -0.41
C GLU A 88 -47.90 32.79 0.07
N GLU A 89 -47.92 31.70 -0.70
CA GLU A 89 -48.87 30.61 -0.46
C GLU A 89 -48.50 29.71 0.70
N ASP A 90 -47.21 29.54 0.99
CA ASP A 90 -46.79 28.56 1.99
C ASP A 90 -47.32 27.17 1.66
N GLU A 91 -47.52 26.91 0.36
CA GLU A 91 -47.98 25.60 -0.09
C GLU A 91 -47.48 25.40 -1.51
N PRO A 92 -47.36 24.15 -1.95
CA PRO A 92 -46.84 23.90 -3.30
C PRO A 92 -47.66 24.62 -4.35
N VAL A 93 -46.98 25.24 -5.30
CA VAL A 93 -47.65 25.97 -6.37
C VAL A 93 -46.76 25.93 -7.60
N THR A 94 -47.38 25.90 -8.77
CA THR A 94 -46.71 25.55 -10.01
C THR A 94 -46.54 26.77 -10.90
N MET A 95 -45.33 26.95 -11.41
CA MET A 95 -45.04 27.93 -12.43
C MET A 95 -44.90 27.23 -13.78
N TYR A 96 -45.25 27.94 -14.86
CA TYR A 96 -45.23 27.37 -16.19
C TYR A 96 -44.33 28.17 -17.12
N LEU A 97 -43.86 27.52 -18.17
CA LEU A 97 -42.97 28.16 -19.14
C LEU A 97 -43.10 27.45 -20.48
N ARG A 98 -43.66 28.14 -21.47
CA ARG A 98 -43.70 27.65 -22.84
C ARG A 98 -43.11 28.71 -23.75
N LYS A 99 -42.11 28.33 -24.55
CA LYS A 99 -41.48 29.26 -25.46
C LYS A 99 -41.00 28.51 -26.69
N GLN A 100 -41.29 29.07 -27.87
CA GLN A 100 -40.85 28.50 -29.14
C GLN A 100 -39.66 29.27 -29.67
N GLY A 101 -38.62 28.54 -30.09
CA GLY A 101 -37.44 29.16 -30.64
C GLY A 101 -37.77 29.75 -31.99
N PRO A 102 -36.86 30.55 -32.56
CA PRO A 102 -35.54 30.94 -32.10
C PRO A 102 -35.60 31.99 -31.00
N GLY A 103 -34.46 32.41 -30.50
CA GLY A 103 -34.39 33.41 -29.45
C GLY A 103 -33.72 32.87 -28.21
N GLU A 104 -33.68 33.73 -27.19
CA GLU A 104 -33.07 33.43 -25.90
C GLU A 104 -34.20 33.34 -24.89
N VAL A 105 -34.18 32.29 -24.08
CA VAL A 105 -35.14 32.13 -23.00
C VAL A 105 -34.59 32.74 -21.73
N THR A 106 -35.33 33.66 -21.15
CA THR A 106 -34.94 34.30 -19.91
C THR A 106 -35.95 33.96 -18.82
N ALA A 107 -35.65 34.40 -17.60
CA ALA A 107 -36.56 34.18 -16.48
C ALA A 107 -37.88 34.91 -16.63
N GLY A 108 -37.90 36.01 -17.39
CA GLY A 108 -39.14 36.72 -17.58
C GLY A 108 -40.19 35.97 -18.37
N ASP A 109 -39.78 34.98 -19.16
CA ASP A 109 -40.75 34.20 -19.91
C ASP A 109 -41.55 33.25 -19.04
N ILE A 110 -41.25 33.13 -17.76
CA ILE A 110 -42.03 32.28 -16.88
C ILE A 110 -43.30 33.00 -16.48
N VAL A 111 -44.42 32.28 -16.49
CA VAL A 111 -45.69 32.82 -16.04
C VAL A 111 -45.98 32.33 -14.63
N PRO A 112 -45.75 33.13 -13.61
CA PRO A 112 -45.98 32.68 -12.25
C PRO A 112 -47.45 32.79 -11.88
N PRO A 113 -47.98 31.83 -11.14
CA PRO A 113 -49.35 31.94 -10.65
C PRO A 113 -49.45 33.02 -9.58
N ALA A 114 -50.68 33.29 -9.18
CA ALA A 114 -50.93 34.28 -8.13
C ALA A 114 -50.22 33.85 -6.86
N GLY A 115 -49.41 34.74 -6.31
CA GLY A 115 -48.70 34.42 -5.10
C GLY A 115 -47.19 34.43 -5.25
N VAL A 116 -46.69 33.99 -6.39
CA VAL A 116 -45.26 33.93 -6.63
C VAL A 116 -44.87 35.01 -7.65
N THR A 117 -43.60 35.40 -7.61
CA THR A 117 -43.13 36.48 -8.46
C THR A 117 -41.64 36.37 -8.70
N VAL A 118 -41.22 36.66 -9.93
CA VAL A 118 -39.82 36.62 -10.32
C VAL A 118 -39.20 38.00 -10.15
N HIS A 119 -38.01 38.05 -9.56
CA HIS A 119 -37.41 39.32 -9.20
C HIS A 119 -36.23 39.68 -10.09
N ASN A 120 -35.97 38.89 -11.14
CA ASN A 120 -34.94 39.22 -12.13
C ASN A 120 -35.32 38.59 -13.45
N PRO A 121 -36.27 39.19 -14.18
CA PRO A 121 -36.77 38.54 -15.40
C PRO A 121 -35.72 38.42 -16.49
N GLY A 122 -34.51 38.92 -16.28
CA GLY A 122 -33.47 38.90 -17.28
C GLY A 122 -32.45 37.77 -17.18
N MET A 123 -32.64 36.82 -16.28
CA MET A 123 -31.65 35.75 -16.12
C MET A 123 -31.68 34.85 -17.35
N HIS A 124 -30.51 34.59 -17.92
CA HIS A 124 -30.43 33.65 -19.01
C HIS A 124 -30.73 32.24 -18.53
N ILE A 125 -31.55 31.51 -19.29
CA ILE A 125 -31.88 30.13 -18.98
C ILE A 125 -31.42 29.18 -20.08
N ALA A 126 -31.78 29.48 -21.32
CA ALA A 126 -31.42 28.60 -22.43
C ALA A 126 -31.49 29.40 -23.72
N THR A 127 -30.78 28.90 -24.72
CA THR A 127 -30.75 29.49 -26.06
C THR A 127 -31.45 28.55 -27.04
N LEU A 128 -32.41 29.09 -27.79
CA LEU A 128 -33.18 28.29 -28.72
C LEU A 128 -32.88 28.72 -30.14
N ASN A 129 -32.81 27.75 -31.03
CA ASN A 129 -32.63 27.93 -32.45
C ASN A 129 -33.95 27.72 -33.19
N ASP A 130 -33.87 27.37 -34.47
CA ASP A 130 -35.07 27.23 -35.28
C ASP A 130 -35.91 26.05 -34.80
N LYS A 131 -35.27 24.93 -34.52
CA LYS A 131 -35.93 23.69 -34.13
C LYS A 131 -36.25 23.61 -32.64
N GLY A 132 -35.95 24.64 -31.85
CA GLY A 132 -36.08 24.54 -30.41
C GLY A 132 -37.47 24.86 -29.88
N LYS A 133 -37.91 24.06 -28.91
CA LYS A 133 -39.18 24.25 -28.23
C LYS A 133 -39.02 23.80 -26.79
N LEU A 134 -39.39 24.66 -25.84
CA LEU A 134 -39.19 24.40 -24.43
C LEU A 134 -40.50 24.51 -23.66
N GLU A 135 -40.89 23.43 -22.98
CA GLU A 135 -42.10 23.38 -22.19
C GLU A 135 -41.72 22.86 -20.81
N VAL A 136 -41.79 23.73 -19.80
CA VAL A 136 -41.24 23.43 -18.48
C VAL A 136 -42.27 23.75 -17.41
N GLU A 137 -42.43 22.83 -16.46
CA GLU A 137 -43.14 23.11 -15.22
C GLU A 137 -42.11 23.27 -14.10
N LEU A 138 -42.39 24.17 -13.16
CA LEU A 138 -41.47 24.47 -12.07
C LEU A 138 -42.26 24.56 -10.77
N VAL A 139 -42.08 23.59 -9.89
CA VAL A 139 -42.74 23.62 -8.59
C VAL A 139 -41.93 24.50 -7.66
N VAL A 140 -42.60 25.47 -7.03
CA VAL A 140 -41.97 26.42 -6.14
C VAL A 140 -42.59 26.28 -4.76
N GLU A 141 -41.78 25.92 -3.79
CA GLU A 141 -42.19 25.86 -2.40
C GLU A 141 -41.55 26.99 -1.61
N ARG A 142 -41.85 27.00 -0.32
CA ARG A 142 -41.37 28.03 0.58
C ARG A 142 -40.74 27.34 1.79
N GLY A 143 -39.50 27.69 2.08
CA GLY A 143 -38.80 27.12 3.21
C GLY A 143 -37.75 28.07 3.72
N ARG A 144 -36.71 27.51 4.32
CA ARG A 144 -35.58 28.27 4.81
C ARG A 144 -34.33 27.41 4.73
N GLY A 145 -33.18 28.07 4.66
CA GLY A 145 -31.93 27.33 4.59
C GLY A 145 -31.76 26.64 3.26
N TYR A 146 -31.16 25.45 3.31
CA TYR A 146 -30.87 24.64 2.13
C TYR A 146 -31.36 23.23 2.40
N VAL A 147 -32.26 22.74 1.55
CA VAL A 147 -32.75 21.38 1.62
C VAL A 147 -32.39 20.71 0.29
N PRO A 148 -31.79 19.53 0.30
CA PRO A 148 -31.44 18.88 -0.96
C PRO A 148 -32.68 18.44 -1.71
N ALA A 149 -32.45 18.01 -2.95
CA ALA A 149 -33.54 17.57 -3.81
C ALA A 149 -34.26 16.40 -3.17
N VAL A 150 -35.58 16.50 -3.05
CA VAL A 150 -36.34 15.42 -2.43
C VAL A 150 -36.39 14.25 -3.39
N GLN A 151 -36.01 13.08 -2.91
CA GLN A 151 -35.93 11.89 -3.76
C GLN A 151 -37.31 11.50 -4.28
N ASN A 152 -37.32 10.81 -5.43
CA ASN A 152 -38.57 10.25 -5.93
C ASN A 152 -38.99 9.02 -5.15
N ARG A 153 -38.05 8.34 -4.49
CA ARG A 153 -38.43 7.22 -3.64
C ARG A 153 -39.01 7.72 -2.33
N ALA A 154 -38.56 8.87 -1.84
CA ALA A 154 -39.12 9.40 -0.61
C ALA A 154 -40.44 10.10 -0.88
N SER A 155 -40.52 10.85 -1.97
CA SER A 155 -41.76 11.49 -2.39
C SER A 155 -42.58 10.51 -3.21
N GLY A 156 -43.83 10.88 -3.45
CA GLY A 156 -44.65 10.11 -4.34
C GLY A 156 -44.48 10.49 -5.79
N ALA A 157 -43.51 11.35 -6.09
CA ALA A 157 -43.31 11.80 -7.46
C ALA A 157 -42.89 10.63 -8.34
N GLU A 158 -43.41 10.61 -9.55
CA GLU A 158 -43.12 9.53 -10.49
C GLU A 158 -41.93 9.93 -11.35
N ILE A 159 -41.73 9.22 -12.46
CA ILE A 159 -40.46 9.29 -13.16
C ILE A 159 -40.26 10.65 -13.80
N GLY A 160 -41.32 11.25 -14.30
CA GLY A 160 -41.21 12.49 -15.03
C GLY A 160 -40.64 13.63 -14.23
N ARG A 161 -40.86 13.64 -12.93
CA ARG A 161 -40.49 14.78 -12.11
C ARG A 161 -38.98 14.82 -11.94
N ILE A 162 -38.43 16.03 -11.94
CA ILE A 162 -37.00 16.24 -11.80
C ILE A 162 -36.76 17.06 -10.54
N PRO A 163 -36.32 16.44 -9.46
CA PRO A 163 -36.04 17.20 -8.25
C PRO A 163 -34.79 18.04 -8.40
N VAL A 164 -34.81 19.20 -7.75
CA VAL A 164 -33.68 20.12 -7.77
C VAL A 164 -33.33 20.50 -6.34
N ASP A 165 -32.08 20.89 -6.15
CA ASP A 165 -31.66 21.47 -4.89
C ASP A 165 -32.37 22.79 -4.67
N SER A 166 -32.65 23.09 -3.41
CA SER A 166 -33.40 24.30 -3.05
C SER A 166 -32.54 25.18 -2.17
N ILE A 167 -32.23 26.37 -2.64
CA ILE A 167 -31.51 27.35 -1.83
C ILE A 167 -32.49 28.42 -1.41
N TYR A 168 -33.10 28.26 -0.23
CA TYR A 168 -34.20 29.13 0.18
C TYR A 168 -33.73 30.48 0.71
N SER A 169 -32.48 30.57 1.14
CA SER A 169 -32.04 31.77 1.85
C SER A 169 -32.07 32.98 0.93
N PRO A 170 -32.71 34.07 1.35
CA PRO A 170 -32.76 35.28 0.53
C PRO A 170 -31.66 36.29 0.84
N VAL A 171 -30.91 36.09 1.91
CA VAL A 171 -29.82 36.98 2.27
C VAL A 171 -28.57 36.56 1.52
N LEU A 172 -27.76 37.55 1.13
CA LEU A 172 -26.60 37.28 0.29
C LEU A 172 -25.28 37.38 1.04
N LYS A 173 -25.04 38.46 1.77
CA LYS A 173 -23.75 38.67 2.42
C LYS A 173 -23.92 39.56 3.64
N VAL A 174 -23.37 39.13 4.76
CA VAL A 174 -23.50 39.83 6.03
C VAL A 174 -22.12 39.97 6.68
N THR A 175 -21.83 41.15 7.19
CA THR A 175 -20.60 41.40 7.93
C THR A 175 -20.89 42.46 8.99
N TYR A 176 -19.86 42.83 9.73
CA TYR A 176 -19.99 43.84 10.77
C TYR A 176 -18.64 44.43 11.12
N LYS A 177 -18.68 45.60 11.77
CA LYS A 177 -17.51 46.25 12.34
C LYS A 177 -17.96 47.01 13.57
N VAL A 178 -17.05 47.16 14.53
CA VAL A 178 -17.33 47.94 15.73
C VAL A 178 -16.27 49.03 15.89
N ASP A 179 -16.68 50.13 16.54
CA ASP A 179 -15.79 51.23 16.87
C ASP A 179 -15.80 51.32 18.39
N ALA A 180 -14.69 50.91 19.00
CA ALA A 180 -14.60 50.87 20.44
C ALA A 180 -14.15 52.21 20.99
N THR A 181 -14.82 52.67 22.04
CA THR A 181 -14.43 53.89 22.72
C THR A 181 -13.61 53.44 23.93
N ARG A 182 -12.30 53.38 23.71
CA ARG A 182 -11.34 52.88 24.69
C ARG A 182 -10.59 54.02 25.40
N VAL A 183 -11.17 55.21 25.44
CA VAL A 183 -10.56 56.31 26.17
C VAL A 183 -10.51 55.96 27.65
N GLU A 184 -9.29 55.89 28.19
CA GLU A 184 -9.10 55.49 29.57
C GLU A 184 -9.83 56.46 30.48
N GLN A 185 -11.05 56.10 30.86
CA GLN A 185 -11.90 56.90 31.73
C GLN A 185 -13.01 55.99 32.25
N ARG A 186 -14.00 56.60 32.91
CA ARG A 186 -15.12 55.84 33.43
C ARG A 186 -16.04 55.33 32.34
N THR A 187 -15.93 55.86 31.12
CA THR A 187 -16.88 55.58 30.05
C THR A 187 -16.19 54.86 28.90
N ASP A 188 -16.49 53.58 28.74
CA ASP A 188 -16.08 52.82 27.58
C ASP A 188 -17.31 52.16 26.95
N PHE A 189 -17.40 52.17 25.63
CA PHE A 189 -18.55 51.58 24.97
C PHE A 189 -18.20 51.21 23.54
N ASP A 190 -18.99 50.29 22.98
CA ASP A 190 -18.83 49.81 21.62
C ASP A 190 -20.00 50.23 20.76
N LYS A 191 -19.73 50.61 19.52
CA LYS A 191 -20.77 50.94 18.55
C LYS A 191 -20.67 49.94 17.41
N LEU A 192 -21.73 49.19 17.19
CA LEU A 192 -21.78 48.16 16.17
C LEU A 192 -22.37 48.68 14.86
N ILE A 193 -21.71 48.33 13.75
CA ILE A 193 -22.15 48.67 12.40
C ILE A 193 -22.41 47.37 11.66
N LEU A 194 -23.69 46.98 11.54
CA LEU A 194 -24.07 45.74 10.87
C LEU A 194 -24.35 45.99 9.39
N ASP A 195 -23.84 45.11 8.54
CA ASP A 195 -24.00 45.19 7.09
C ASP A 195 -24.77 43.99 6.57
N VAL A 196 -25.87 44.26 5.85
CA VAL A 196 -26.77 43.22 5.37
C VAL A 196 -27.08 43.47 3.90
N GLU A 197 -26.84 42.48 3.05
CA GLU A 197 -27.17 42.53 1.63
C GLU A 197 -28.08 41.36 1.28
N THR A 198 -29.16 41.63 0.55
CA THR A 198 -30.13 40.62 0.14
C THR A 198 -30.16 40.51 -1.40
N LYS A 199 -31.08 39.69 -1.89
CA LYS A 199 -31.16 39.36 -3.30
C LYS A 199 -32.48 39.81 -3.91
N ASN A 200 -32.94 40.99 -3.53
CA ASN A 200 -34.18 41.53 -4.07
C ASN A 200 -35.37 40.64 -3.75
N SER A 201 -35.14 39.54 -3.05
CA SER A 201 -36.27 38.72 -2.60
C SER A 201 -36.96 39.38 -1.43
N ILE A 202 -36.18 39.91 -0.49
CA ILE A 202 -36.70 40.70 0.61
C ILE A 202 -35.76 41.88 0.79
N SER A 203 -36.24 42.88 1.51
CA SER A 203 -35.40 44.02 1.79
C SER A 203 -34.54 43.74 3.02
N PRO A 204 -33.40 44.40 3.14
CA PRO A 204 -32.51 44.09 4.27
C PRO A 204 -33.20 44.28 5.60
N ARG A 205 -34.11 45.23 5.72
CA ARG A 205 -34.79 45.41 6.99
C ARG A 205 -35.77 44.27 7.25
N ASP A 206 -36.33 43.70 6.19
CA ASP A 206 -37.20 42.54 6.36
C ASP A 206 -36.42 41.32 6.85
N ALA A 207 -35.22 41.13 6.33
CA ALA A 207 -34.39 40.00 6.78
C ALA A 207 -34.01 40.15 8.24
N LEU A 208 -33.48 41.32 8.61
CA LEU A 208 -33.12 41.55 9.99
C LEU A 208 -34.32 41.42 10.92
N ALA A 209 -35.51 41.77 10.45
CA ALA A 209 -36.69 41.58 11.27
C ALA A 209 -36.95 40.11 11.53
N SER A 210 -36.76 39.26 10.52
CA SER A 210 -36.93 37.83 10.76
C SER A 210 -35.89 37.33 11.75
N ALA A 211 -34.65 37.78 11.60
CA ALA A 211 -33.63 37.41 12.57
C ALA A 211 -33.91 38.02 13.92
N GLY A 212 -34.60 39.17 13.97
CA GLY A 212 -34.98 39.71 15.26
C GLY A 212 -36.05 38.85 15.91
N LYS A 213 -37.10 38.55 15.16
CA LYS A 213 -38.18 37.72 15.68
C LYS A 213 -37.68 36.31 15.95
N THR A 214 -36.67 35.87 15.19
CA THR A 214 -36.09 34.55 15.39
C THR A 214 -35.39 34.46 16.74
N LEU A 215 -34.60 35.47 17.10
CA LEU A 215 -33.84 35.39 18.34
C LEU A 215 -34.66 35.80 19.55
N VAL A 216 -35.58 36.74 19.41
CA VAL A 216 -36.47 37.09 20.51
C VAL A 216 -37.29 35.88 20.94
N GLU A 217 -37.85 35.18 19.97
CA GLU A 217 -38.57 33.95 20.29
C GLU A 217 -37.63 32.94 20.94
N LEU A 218 -36.40 32.87 20.44
CA LEU A 218 -35.47 31.84 20.86
C LEU A 218 -34.96 32.10 22.27
N PHE A 219 -34.46 33.31 22.51
CA PHE A 219 -33.93 33.68 23.82
C PHE A 219 -34.98 33.72 24.90
N GLY A 220 -36.26 33.74 24.55
CA GLY A 220 -37.32 33.68 25.54
C GLY A 220 -37.38 32.40 26.34
N LEU A 221 -36.52 31.44 26.01
CA LEU A 221 -36.47 30.20 26.79
C LEU A 221 -35.76 30.37 28.11
N ALA A 222 -34.84 31.32 28.20
CA ALA A 222 -34.13 31.58 29.45
C ALA A 222 -34.96 32.35 30.47
N ARG A 223 -36.02 33.03 30.04
CA ARG A 223 -36.80 33.84 30.98
C ARG A 223 -37.73 33.01 31.86
N GLU A 224 -38.22 31.89 31.35
CA GLU A 224 -39.07 31.03 32.17
C GLU A 224 -38.25 30.32 33.24
N LEU A 225 -38.75 30.31 34.47
CA LEU A 225 -38.02 29.69 35.56
C LEU A 225 -38.29 28.19 35.60
N ASN A 226 -37.54 27.49 36.45
CA ASN A 226 -37.67 26.04 36.54
C ASN A 226 -38.68 25.66 37.61
N MET B 1 -39.97 30.37 10.41
CA MET B 1 -41.21 30.33 9.65
C MET B 1 -42.27 29.56 10.41
N LEU B 2 -42.26 28.24 10.20
CA LEU B 2 -43.21 27.35 10.86
C LEU B 2 -42.83 27.07 12.29
N ILE B 3 -42.49 25.83 12.60
CA ILE B 3 -42.13 25.43 13.96
C ILE B 3 -40.88 24.58 13.99
N SER B 4 -40.19 24.65 15.14
CA SER B 4 -38.96 23.97 15.48
C SER B 4 -39.11 23.76 16.98
N GLN B 5 -40.05 22.89 17.33
CA GLN B 5 -40.52 22.76 18.70
C GLN B 5 -39.60 21.90 19.55
N ARG B 6 -39.95 21.83 20.82
CA ARG B 6 -39.31 21.05 21.87
C ARG B 6 -37.90 21.52 22.21
N PRO B 7 -37.65 22.82 22.38
CA PRO B 7 -36.40 23.23 23.01
C PRO B 7 -36.64 23.51 24.48
N THR B 8 -35.95 22.81 25.38
CA THR B 8 -36.23 22.91 26.80
C THR B 8 -34.97 23.35 27.54
N LEU B 9 -35.18 23.89 28.73
CA LEU B 9 -34.08 24.37 29.57
C LEU B 9 -34.13 23.67 30.92
N SER B 10 -33.07 22.94 31.25
CA SER B 10 -32.97 22.27 32.54
C SER B 10 -31.79 22.83 33.30
N GLU B 11 -31.82 22.66 34.62
CA GLU B 11 -30.80 23.24 35.49
C GLU B 11 -30.32 22.14 36.41
N ASP B 12 -29.00 21.99 36.49
CA ASP B 12 -28.37 21.10 37.46
C ASP B 12 -27.67 21.96 38.49
N VAL B 13 -28.01 21.75 39.76
CA VAL B 13 -27.52 22.61 40.84
C VAL B 13 -26.28 21.92 41.39
N LEU B 14 -25.12 22.47 41.05
CA LEU B 14 -23.85 22.00 41.57
C LEU B 14 -23.72 22.43 43.02
N THR B 15 -23.59 23.73 43.22
CA THR B 15 -23.60 24.35 44.53
C THR B 15 -24.78 25.32 44.60
N ASP B 16 -24.92 25.96 45.76
CA ASP B 16 -26.04 26.89 45.95
C ASP B 16 -25.94 28.11 45.04
N ASN B 17 -24.74 28.42 44.57
CA ASN B 17 -24.52 29.57 43.69
C ASN B 17 -23.72 29.18 42.46
N ARG B 18 -24.02 28.02 41.87
CA ARG B 18 -23.40 27.60 40.62
C ARG B 18 -24.25 26.50 40.00
N SER B 19 -24.73 26.72 38.78
CA SER B 19 -25.58 25.74 38.12
C SER B 19 -25.14 25.55 36.69
N GLN B 20 -25.53 24.42 36.11
CA GLN B 20 -25.28 24.09 34.71
C GLN B 20 -26.60 24.08 33.97
N PHE B 21 -26.67 24.82 32.87
CA PHE B 21 -27.88 24.90 32.06
C PHE B 21 -27.69 24.20 30.73
N VAL B 22 -28.76 23.56 30.24
CA VAL B 22 -28.73 22.87 28.97
C VAL B 22 -29.92 23.32 28.14
N ILE B 23 -29.66 23.78 26.93
CA ILE B 23 -30.69 24.15 25.96
C ILE B 23 -30.64 23.10 24.87
N GLU B 24 -31.68 22.26 24.79
CA GLU B 24 -31.59 21.11 23.96
C GLU B 24 -32.96 20.71 23.45
N PRO B 25 -33.10 20.42 22.15
CA PRO B 25 -32.07 20.61 21.14
C PRO B 25 -32.34 21.87 20.31
N LEU B 26 -31.28 22.46 19.75
CA LEU B 26 -31.40 23.68 18.97
C LEU B 26 -31.10 23.38 17.50
N GLU B 27 -31.75 24.12 16.62
CA GLU B 27 -31.51 23.94 15.20
C GLU B 27 -30.04 24.24 14.91
N PRO B 28 -29.42 23.48 14.01
CA PRO B 28 -28.02 23.77 13.65
C PRO B 28 -27.92 25.07 12.87
N GLY B 29 -27.03 25.94 13.35
CA GLY B 29 -26.28 25.67 14.55
C GLY B 29 -26.47 26.79 15.54
N PHE B 30 -27.68 26.90 16.08
CA PHE B 30 -28.00 28.05 16.91
C PHE B 30 -27.30 28.01 18.26
N GLY B 31 -26.89 26.83 18.72
CA GLY B 31 -26.21 26.76 20.00
C GLY B 31 -24.98 27.64 20.05
N TYR B 32 -24.18 27.60 18.98
CA TYR B 32 -23.03 28.48 18.94
C TYR B 32 -23.47 29.93 18.77
N THR B 33 -24.53 30.16 17.99
CA THR B 33 -24.98 31.52 17.76
C THR B 33 -25.28 32.22 19.07
N LEU B 34 -26.12 31.60 19.90
CA LEU B 34 -26.52 32.25 21.15
C LEU B 34 -25.70 31.82 22.35
N GLY B 35 -24.78 30.86 22.19
CA GLY B 35 -23.98 30.45 23.33
C GLY B 35 -23.03 31.54 23.79
N ASN B 36 -22.25 32.10 22.87
CA ASN B 36 -21.30 33.14 23.25
C ASN B 36 -22.00 34.44 23.59
N SER B 37 -23.19 34.66 23.03
CA SER B 37 -23.93 35.88 23.34
C SER B 37 -24.49 35.81 24.75
N LEU B 38 -25.01 34.66 25.14
CA LEU B 38 -25.51 34.51 26.50
C LEU B 38 -24.39 34.66 27.51
N ARG B 39 -23.21 34.15 27.19
CA ARG B 39 -22.10 34.27 28.12
C ARG B 39 -21.69 35.72 28.28
N ARG B 40 -21.49 36.43 27.18
CA ARG B 40 -21.04 37.81 27.28
C ARG B 40 -22.10 38.67 27.94
N THR B 41 -23.37 38.32 27.77
CA THR B 41 -24.43 39.09 28.41
C THR B 41 -24.44 38.87 29.92
N LEU B 42 -24.22 37.63 30.37
CA LEU B 42 -24.15 37.37 31.80
C LEU B 42 -22.99 38.12 32.45
N LEU B 43 -21.81 38.05 31.86
CA LEU B 43 -20.63 38.58 32.53
C LEU B 43 -20.57 40.09 32.52
N SER B 44 -21.30 40.74 31.62
CA SER B 44 -21.12 42.17 31.36
C SER B 44 -22.44 42.93 31.28
N SER B 45 -23.56 42.31 31.60
CA SER B 45 -24.85 42.95 31.44
C SER B 45 -25.79 42.46 32.54
N ILE B 46 -25.29 42.44 33.78
CA ILE B 46 -26.11 42.18 34.95
C ILE B 46 -25.79 43.26 35.98
N PRO B 47 -26.78 44.00 36.47
CA PRO B 47 -26.48 45.11 37.37
C PRO B 47 -25.98 44.60 38.71
N GLY B 48 -24.85 45.16 39.16
CA GLY B 48 -24.31 44.79 40.44
C GLY B 48 -23.57 45.95 41.06
N ALA B 49 -23.13 45.74 42.29
CA ALA B 49 -22.41 46.76 43.04
C ALA B 49 -21.09 46.20 43.53
N ALA B 50 -20.07 47.04 43.54
CA ALA B 50 -18.75 46.60 43.99
C ALA B 50 -17.95 47.82 44.42
N VAL B 51 -16.82 47.55 45.06
CA VAL B 51 -15.94 48.60 45.56
C VAL B 51 -15.20 49.26 44.42
N THR B 52 -15.25 50.59 44.36
CA THR B 52 -14.56 51.29 43.31
C THR B 52 -13.15 51.71 43.74
N SER B 53 -13.02 52.31 44.91
CA SER B 53 -11.70 52.67 45.42
C SER B 53 -11.74 52.64 46.94
N ILE B 54 -10.56 52.50 47.55
CA ILE B 54 -10.43 52.49 49.00
C ILE B 54 -9.32 53.45 49.40
N ARG B 55 -9.26 53.75 50.69
CA ARG B 55 -8.20 54.59 51.25
C ARG B 55 -7.86 54.11 52.64
N ILE B 56 -6.58 53.80 52.87
CA ILE B 56 -6.10 53.23 54.12
C ILE B 56 -5.31 54.29 54.86
N ASP B 57 -5.63 54.50 56.13
CA ASP B 57 -4.92 55.48 56.94
C ASP B 57 -3.47 55.04 57.17
N GLY B 58 -2.54 55.96 56.95
CA GLY B 58 -1.13 55.69 57.04
C GLY B 58 -0.44 55.31 55.75
N VAL B 59 -1.16 55.23 54.64
CA VAL B 59 -0.59 54.87 53.35
C VAL B 59 -0.82 56.02 52.38
N LEU B 60 0.24 56.77 52.06
CA LEU B 60 0.14 57.93 51.18
C LEU B 60 0.94 57.70 49.91
N HIS B 61 2.26 57.58 50.00
CA HIS B 61 3.09 57.41 48.82
C HIS B 61 3.80 56.06 48.83
N GLU B 62 3.45 55.19 49.78
CA GLU B 62 4.13 53.92 49.95
C GLU B 62 3.39 52.76 49.27
N PHE B 63 2.20 52.43 49.79
CA PHE B 63 1.41 51.29 49.32
C PHE B 63 2.13 49.98 49.53
N THR B 64 3.17 49.95 50.37
CA THR B 64 3.88 48.69 50.57
C THR B 64 3.47 47.97 51.84
N THR B 65 3.46 48.63 52.99
CA THR B 65 3.13 47.93 54.22
C THR B 65 2.32 48.81 55.16
N VAL B 66 1.42 48.16 55.89
CA VAL B 66 0.64 48.75 56.97
C VAL B 66 1.19 48.22 58.28
N PRO B 67 1.63 49.08 59.20
CA PRO B 67 2.16 48.56 60.47
C PRO B 67 1.04 48.04 61.34
N GLY B 68 1.29 46.91 62.00
CA GLY B 68 0.30 46.31 62.86
C GLY B 68 -0.51 45.20 62.24
N VAL B 69 -0.31 44.87 60.97
CA VAL B 69 -1.05 43.80 60.31
C VAL B 69 -0.10 42.94 59.50
N LYS B 70 -0.46 41.66 59.36
CA LYS B 70 0.40 40.72 58.65
C LYS B 70 0.38 40.97 57.15
N GLU B 71 -0.80 41.17 56.57
CA GLU B 71 -0.90 41.43 55.14
C GLU B 71 -0.31 42.79 54.81
N ASP B 72 0.37 42.86 53.67
CA ASP B 72 0.86 44.14 53.18
C ASP B 72 -0.28 44.81 52.42
N VAL B 73 0.03 45.86 51.66
CA VAL B 73 -1.03 46.63 51.04
C VAL B 73 -1.71 45.83 49.94
N THR B 74 -0.92 45.27 49.01
CA THR B 74 -1.53 44.64 47.86
C THR B 74 -2.35 43.43 48.27
N GLU B 75 -1.95 42.76 49.35
CA GLU B 75 -2.75 41.65 49.85
C GLU B 75 -4.01 42.16 50.55
N ILE B 76 -3.94 43.33 51.18
CA ILE B 76 -5.14 43.94 51.75
C ILE B 76 -6.14 44.28 50.65
N ILE B 77 -5.64 44.80 49.53
CA ILE B 77 -6.52 45.22 48.45
C ILE B 77 -7.22 44.00 47.85
N LEU B 78 -6.51 42.87 47.77
CA LEU B 78 -7.07 41.69 47.12
C LEU B 78 -8.29 41.19 47.87
N ASN B 79 -8.11 40.86 49.15
CA ASN B 79 -9.21 40.33 49.94
C ASN B 79 -10.31 41.36 50.16
N LEU B 80 -10.03 42.64 50.00
CA LEU B 80 -11.12 43.62 49.96
C LEU B 80 -11.83 43.61 48.61
N LYS B 81 -11.11 43.30 47.54
CA LYS B 81 -11.72 43.24 46.22
C LYS B 81 -12.75 42.12 46.11
N SER B 82 -12.54 40.99 46.77
CA SER B 82 -13.49 39.89 46.69
C SER B 82 -14.70 40.09 47.59
N LEU B 83 -14.81 41.25 48.23
CA LEU B 83 -15.96 41.56 49.07
C LEU B 83 -17.19 41.74 48.19
N VAL B 84 -18.21 40.93 48.41
CA VAL B 84 -19.44 41.01 47.63
C VAL B 84 -20.36 42.03 48.28
N VAL B 85 -20.95 42.89 47.46
CA VAL B 85 -21.76 43.98 47.97
C VAL B 85 -22.82 44.34 46.93
N SER B 86 -23.91 44.91 47.41
CA SER B 86 -25.01 45.36 46.57
C SER B 86 -25.50 46.70 47.09
N SER B 87 -25.90 47.59 46.18
CA SER B 87 -26.34 48.92 46.56
C SER B 87 -27.62 49.27 45.83
N GLU B 88 -28.47 50.03 46.52
CA GLU B 88 -29.70 50.54 45.96
C GLU B 88 -29.60 52.00 45.54
N GLU B 89 -28.46 52.64 45.78
CA GLU B 89 -28.23 54.03 45.40
C GLU B 89 -27.28 54.07 44.21
N ASP B 90 -27.65 54.84 43.19
CA ASP B 90 -26.83 54.86 41.99
C ASP B 90 -25.54 55.62 42.22
N GLU B 91 -25.60 56.71 42.96
CA GLU B 91 -24.41 57.49 43.24
C GLU B 91 -23.43 56.71 44.10
N PRO B 92 -22.15 57.07 44.07
CA PRO B 92 -21.15 56.38 44.88
C PRO B 92 -21.52 56.46 46.35
N VAL B 93 -21.12 55.46 47.11
CA VAL B 93 -21.46 55.34 48.51
C VAL B 93 -20.18 55.09 49.30
N THR B 94 -19.96 55.86 50.35
CA THR B 94 -18.76 55.75 51.16
C THR B 94 -19.02 54.90 52.40
N MET B 95 -18.17 53.92 52.62
CA MET B 95 -18.23 53.11 53.83
C MET B 95 -16.92 53.25 54.60
N TYR B 96 -16.98 52.97 55.89
CA TYR B 96 -15.82 53.06 56.76
C TYR B 96 -15.60 51.73 57.48
N LEU B 97 -14.34 51.33 57.62
CA LEU B 97 -13.97 50.14 58.35
C LEU B 97 -12.87 50.49 59.33
N ARG B 98 -13.15 50.32 60.62
CA ARG B 98 -12.20 50.69 61.66
C ARG B 98 -12.25 49.65 62.77
N LYS B 99 -11.10 49.14 63.16
CA LYS B 99 -11.02 48.26 64.30
C LYS B 99 -9.59 48.29 64.83
N GLN B 100 -9.45 48.37 66.14
CA GLN B 100 -8.16 48.46 66.81
C GLN B 100 -7.96 47.25 67.69
N GLY B 101 -6.74 47.08 68.17
CA GLY B 101 -6.44 46.01 69.08
C GLY B 101 -6.19 44.71 68.35
N PRO B 102 -5.48 43.80 69.01
CA PRO B 102 -5.21 42.49 68.39
C PRO B 102 -6.49 41.70 68.16
N GLY B 103 -6.54 41.03 67.02
CA GLY B 103 -7.71 40.26 66.64
C GLY B 103 -7.74 40.01 65.15
N GLU B 104 -8.96 39.91 64.62
CA GLU B 104 -9.20 39.62 63.22
C GLU B 104 -10.26 40.55 62.67
N VAL B 105 -10.09 40.96 61.42
CA VAL B 105 -11.07 41.79 60.73
C VAL B 105 -11.93 40.88 59.86
N THR B 106 -13.23 41.14 59.84
CA THR B 106 -14.15 40.40 58.98
C THR B 106 -14.99 41.36 58.17
N ALA B 107 -15.69 40.81 57.17
CA ALA B 107 -16.63 41.62 56.42
C ALA B 107 -17.90 41.91 57.20
N GLY B 108 -18.02 41.34 58.39
CA GLY B 108 -19.12 41.69 59.28
C GLY B 108 -18.73 42.89 60.11
N ASP B 109 -17.43 43.06 60.34
CA ASP B 109 -16.93 44.23 61.05
C ASP B 109 -17.08 45.50 60.25
N ILE B 110 -17.67 45.45 59.07
CA ILE B 110 -17.92 46.66 58.31
C ILE B 110 -19.26 47.26 58.71
N VAL B 111 -19.36 48.57 58.60
CA VAL B 111 -20.58 49.33 58.88
C VAL B 111 -21.16 49.78 57.54
N PRO B 112 -22.29 49.27 57.11
CA PRO B 112 -22.82 49.66 55.82
C PRO B 112 -23.76 50.85 55.95
N PRO B 113 -23.50 51.92 55.21
CA PRO B 113 -24.44 53.04 55.20
C PRO B 113 -25.78 52.60 54.65
N ALA B 114 -26.81 53.39 54.92
CA ALA B 114 -28.15 53.02 54.50
C ALA B 114 -28.20 52.97 52.98
N GLY B 115 -28.76 51.88 52.45
CA GLY B 115 -28.88 51.65 51.04
C GLY B 115 -28.01 50.52 50.52
N VAL B 116 -26.88 50.26 51.15
CA VAL B 116 -25.97 49.21 50.73
C VAL B 116 -26.15 48.01 51.65
N THR B 117 -25.80 46.83 51.13
CA THR B 117 -25.96 45.58 51.86
C THR B 117 -24.76 44.69 51.58
N VAL B 118 -24.11 44.24 52.63
CA VAL B 118 -22.98 43.32 52.53
C VAL B 118 -23.47 41.88 52.72
N HIS B 119 -23.24 41.05 51.71
CA HIS B 119 -23.76 39.68 51.69
C HIS B 119 -22.79 38.63 52.21
N ASN B 120 -21.52 38.97 52.42
CA ASN B 120 -20.54 38.01 52.95
C ASN B 120 -19.87 38.61 54.18
N PRO B 121 -20.61 38.72 55.28
CA PRO B 121 -20.02 39.33 56.49
C PRO B 121 -18.87 38.52 57.07
N GLY B 122 -18.76 37.25 56.72
CA GLY B 122 -17.71 36.38 57.22
C GLY B 122 -16.41 36.33 56.47
N MET B 123 -16.19 37.21 55.49
CA MET B 123 -14.96 37.14 54.72
C MET B 123 -13.80 37.68 55.53
N HIS B 124 -12.76 36.87 55.69
CA HIS B 124 -11.56 37.33 56.37
C HIS B 124 -10.92 38.44 55.57
N ILE B 125 -10.41 39.45 56.27
CA ILE B 125 -9.75 40.60 55.64
C ILE B 125 -8.31 40.72 56.11
N ALA B 126 -8.09 40.72 57.42
CA ALA B 126 -6.75 40.88 57.96
C ALA B 126 -6.72 40.37 59.38
N THR B 127 -5.58 39.82 59.79
CA THR B 127 -5.34 39.46 61.18
C THR B 127 -4.58 40.61 61.83
N LEU B 128 -5.12 41.16 62.90
CA LEU B 128 -4.51 42.30 63.59
C LEU B 128 -3.55 41.83 64.67
N ASN B 129 -2.31 42.33 64.61
CA ASN B 129 -1.30 42.02 65.61
C ASN B 129 -1.59 42.74 66.92
N ASP B 130 -0.80 42.41 67.93
CA ASP B 130 -0.94 43.02 69.24
C ASP B 130 -0.71 44.53 69.15
N LYS B 131 -1.64 45.29 69.72
CA LYS B 131 -1.64 46.74 69.64
C LYS B 131 -1.62 47.22 68.19
N GLY B 132 -2.34 46.51 67.34
CA GLY B 132 -2.38 46.81 65.93
C GLY B 132 -3.64 47.61 65.64
N LYS B 133 -3.57 48.48 64.64
CA LYS B 133 -4.70 49.31 64.27
C LYS B 133 -4.81 49.40 62.76
N LEU B 134 -6.03 49.31 62.26
CA LEU B 134 -6.28 49.41 60.82
C LEU B 134 -7.56 50.19 60.60
N GLU B 135 -7.44 51.36 59.97
CA GLU B 135 -8.58 52.15 59.55
C GLU B 135 -8.56 52.28 58.04
N VAL B 136 -9.69 52.02 57.40
CA VAL B 136 -9.77 52.10 55.94
C VAL B 136 -11.16 52.54 55.55
N GLU B 137 -11.23 53.38 54.53
CA GLU B 137 -12.47 53.94 54.01
C GLU B 137 -12.74 53.34 52.64
N LEU B 138 -13.97 52.91 52.41
CA LEU B 138 -14.35 52.22 51.19
C LEU B 138 -15.35 53.04 50.40
N VAL B 139 -15.18 53.03 49.08
CA VAL B 139 -16.06 53.73 48.15
C VAL B 139 -16.78 52.68 47.33
N VAL B 140 -18.11 52.69 47.38
CA VAL B 140 -18.94 51.70 46.71
C VAL B 140 -19.76 52.39 45.63
N GLU B 141 -19.78 51.79 44.44
CA GLU B 141 -20.53 52.31 43.32
C GLU B 141 -21.28 51.15 42.68
N ARG B 142 -22.25 51.49 41.84
CA ARG B 142 -23.01 50.51 41.08
C ARG B 142 -22.44 50.39 39.68
N GLY B 143 -22.55 49.21 39.11
CA GLY B 143 -22.07 49.01 37.75
C GLY B 143 -22.29 47.59 37.31
N ARG B 144 -21.81 47.31 36.10
CA ARG B 144 -21.95 45.99 35.49
C ARG B 144 -20.61 45.55 34.92
N GLY B 145 -20.27 44.28 35.14
CA GLY B 145 -19.08 43.73 34.56
C GLY B 145 -17.82 43.99 35.36
N TYR B 146 -16.72 44.22 34.64
CA TYR B 146 -15.43 44.47 35.26
C TYR B 146 -14.77 45.65 34.56
N VAL B 147 -14.45 46.69 35.32
CA VAL B 147 -13.80 47.88 34.80
C VAL B 147 -12.48 48.00 35.56
N PRO B 148 -11.36 48.16 34.89
CA PRO B 148 -10.08 48.18 35.60
C PRO B 148 -9.91 49.40 36.48
N ALA B 149 -8.94 49.28 37.39
CA ALA B 149 -8.67 50.35 38.34
C ALA B 149 -7.99 51.53 37.66
N VAL B 150 -7.21 51.28 36.61
CA VAL B 150 -6.46 52.36 36.00
C VAL B 150 -7.42 53.43 35.53
N GLN B 151 -8.62 53.01 35.10
CA GLN B 151 -9.62 53.98 34.70
C GLN B 151 -10.22 54.61 35.94
N ASN B 152 -9.96 53.99 37.08
CA ASN B 152 -10.33 54.49 38.39
C ASN B 152 -9.21 55.34 38.97
N ARG B 153 -8.31 55.84 38.13
CA ARG B 153 -7.19 56.63 38.63
C ARG B 153 -7.68 57.92 39.27
N ALA B 154 -8.83 58.41 38.81
CA ALA B 154 -9.42 59.63 39.34
C ALA B 154 -10.20 59.39 40.63
N SER B 155 -10.56 58.15 40.92
CA SER B 155 -11.33 57.90 42.14
C SER B 155 -10.50 58.09 43.40
N GLY B 156 -9.17 57.96 43.30
CA GLY B 156 -8.33 58.14 44.46
C GLY B 156 -7.87 59.59 44.53
N ALA B 157 -7.98 60.18 45.70
CA ALA B 157 -7.51 61.55 45.90
C ALA B 157 -6.01 61.56 46.14
N GLU B 158 -5.34 62.63 45.71
CA GLU B 158 -3.90 62.70 45.93
C GLU B 158 -3.72 62.86 47.44
N ILE B 159 -4.11 61.84 48.18
CA ILE B 159 -3.99 61.83 49.64
C ILE B 159 -4.27 60.41 50.11
N GLY B 160 -3.41 59.48 49.70
CA GLY B 160 -3.52 58.12 50.18
C GLY B 160 -4.73 57.38 49.72
N ARG B 161 -5.37 57.82 48.63
CA ARG B 161 -6.50 57.11 48.07
C ARG B 161 -6.00 56.19 46.97
N ILE B 162 -6.42 54.93 47.01
CA ILE B 162 -5.96 53.91 46.08
C ILE B 162 -7.15 53.41 45.29
N PRO B 163 -7.08 53.36 43.97
CA PRO B 163 -8.16 52.80 43.17
C PRO B 163 -7.95 51.31 43.01
N VAL B 164 -9.06 50.59 42.89
CA VAL B 164 -9.00 49.14 42.74
C VAL B 164 -9.81 48.76 41.51
N ASP B 165 -9.53 47.55 41.02
CA ASP B 165 -10.34 47.00 39.94
C ASP B 165 -11.73 46.73 40.45
N SER B 166 -12.73 47.10 39.67
CA SER B 166 -14.12 47.02 40.08
C SER B 166 -14.76 45.79 39.45
N ILE B 167 -15.11 44.82 40.28
CA ILE B 167 -15.82 43.62 39.80
C ILE B 167 -17.30 43.93 39.95
N TYR B 168 -17.81 44.76 39.04
CA TYR B 168 -19.22 45.13 39.10
C TYR B 168 -20.12 43.94 38.86
N SER B 169 -19.74 43.06 37.94
CA SER B 169 -20.64 42.00 37.52
C SER B 169 -20.92 41.07 38.70
N PRO B 170 -22.18 40.72 38.94
CA PRO B 170 -22.49 39.78 40.02
C PRO B 170 -21.99 38.38 39.75
N VAL B 171 -21.78 38.00 38.50
CA VAL B 171 -21.28 36.69 38.12
C VAL B 171 -19.77 36.74 38.01
N LEU B 172 -19.12 35.62 38.34
CA LEU B 172 -17.68 35.53 38.43
C LEU B 172 -17.05 34.78 37.27
N LYS B 173 -17.58 33.61 36.92
CA LYS B 173 -16.95 32.76 35.92
C LYS B 173 -18.03 32.01 35.16
N VAL B 174 -17.99 32.10 33.84
CA VAL B 174 -18.95 31.43 32.97
C VAL B 174 -18.20 30.73 31.87
N THR B 175 -18.51 29.44 31.67
CA THR B 175 -17.96 28.67 30.57
C THR B 175 -19.09 27.92 29.88
N TYR B 176 -18.92 27.67 28.59
CA TYR B 176 -19.94 26.99 27.82
C TYR B 176 -19.29 26.06 26.80
N LYS B 177 -20.01 25.00 26.46
CA LYS B 177 -19.60 24.09 25.40
C LYS B 177 -20.85 23.55 24.73
N VAL B 178 -20.71 23.19 23.46
CA VAL B 178 -21.83 22.73 22.63
C VAL B 178 -21.51 21.35 22.09
N ASP B 179 -22.44 20.41 22.26
CA ASP B 179 -22.31 19.08 21.70
C ASP B 179 -23.38 18.91 20.64
N ALA B 180 -23.51 17.70 20.11
CA ALA B 180 -24.47 17.41 19.05
C ALA B 180 -25.49 16.42 19.57
N THR B 181 -26.73 16.58 19.13
CA THR B 181 -27.79 15.67 19.54
C THR B 181 -28.79 15.48 18.42
N ARG B 182 -29.07 14.23 18.08
CA ARG B 182 -30.04 13.92 17.04
C ARG B 182 -31.39 13.77 17.72
N VAL B 183 -32.36 14.60 17.31
CA VAL B 183 -33.71 14.51 17.83
C VAL B 183 -34.48 13.38 17.18
N GLU B 184 -34.51 13.36 15.84
CA GLU B 184 -35.25 12.32 15.16
C GLU B 184 -34.29 11.50 14.33
N GLN B 185 -33.96 11.93 13.13
CA GLN B 185 -33.05 11.13 12.31
C GLN B 185 -31.72 11.81 12.06
N ARG B 186 -31.68 13.14 11.90
CA ARG B 186 -30.43 13.84 11.70
C ARG B 186 -29.72 14.13 13.01
N THR B 187 -28.39 14.03 12.97
CA THR B 187 -27.54 14.25 14.12
C THR B 187 -26.97 15.66 14.12
N ASP B 188 -27.56 16.56 13.33
CA ASP B 188 -27.06 17.92 13.15
C ASP B 188 -27.43 18.85 14.28
N PHE B 189 -28.50 18.54 15.01
CA PHE B 189 -29.02 19.42 16.04
C PHE B 189 -28.02 19.68 17.15
N ASP B 190 -28.01 20.92 17.66
CA ASP B 190 -27.05 21.35 18.66
C ASP B 190 -27.66 21.29 20.05
N LYS B 191 -26.84 20.98 21.05
CA LYS B 191 -27.24 20.99 22.45
C LYS B 191 -26.31 21.95 23.18
N LEU B 192 -26.86 23.01 23.74
CA LEU B 192 -26.06 24.01 24.43
C LEU B 192 -25.95 23.73 25.92
N ILE B 193 -24.73 23.90 26.46
CA ILE B 193 -24.43 23.69 27.87
C ILE B 193 -23.84 24.96 28.46
N LEU B 194 -24.51 25.53 29.46
CA LEU B 194 -24.02 26.71 30.15
C LEU B 194 -23.56 26.33 31.56
N ASP B 195 -22.38 26.82 31.93
CA ASP B 195 -21.81 26.62 33.27
C ASP B 195 -21.58 27.99 33.86
N VAL B 196 -22.42 28.37 34.82
CA VAL B 196 -22.38 29.71 35.41
C VAL B 196 -22.11 29.57 36.90
N GLU B 197 -21.03 30.20 37.33
CA GLU B 197 -20.68 30.30 38.75
C GLU B 197 -20.78 31.76 39.15
N THR B 198 -21.64 32.04 40.12
CA THR B 198 -21.93 33.41 40.54
C THR B 198 -21.63 33.59 42.02
N LYS B 199 -21.63 34.85 42.44
CA LYS B 199 -21.52 35.17 43.85
C LYS B 199 -22.86 34.90 44.51
N ASN B 200 -22.91 35.07 45.83
CA ASN B 200 -24.15 34.85 46.56
C ASN B 200 -25.07 36.06 46.51
N SER B 201 -24.81 37.03 45.63
CA SER B 201 -25.73 38.14 45.45
C SER B 201 -27.02 37.69 44.79
N ILE B 202 -26.92 36.82 43.79
CA ILE B 202 -28.10 36.29 43.12
C ILE B 202 -27.83 34.85 42.71
N SER B 203 -28.91 34.09 42.54
CA SER B 203 -28.82 32.71 42.15
C SER B 203 -28.55 32.60 40.65
N PRO B 204 -28.05 31.45 40.18
CA PRO B 204 -27.87 31.30 38.73
C PRO B 204 -29.17 31.38 37.96
N ARG B 205 -30.31 30.97 38.55
CA ARG B 205 -31.56 31.09 37.83
C ARG B 205 -31.86 32.56 37.50
N ASP B 206 -31.86 33.41 38.53
CA ASP B 206 -32.19 34.81 38.31
C ASP B 206 -31.09 35.51 37.51
N ALA B 207 -29.85 35.07 37.65
CA ALA B 207 -28.77 35.63 36.85
C ALA B 207 -28.98 35.34 35.37
N LEU B 208 -29.38 34.11 35.04
CA LEU B 208 -29.64 33.77 33.65
C LEU B 208 -30.85 34.51 33.10
N ALA B 209 -31.91 34.61 33.90
CA ALA B 209 -33.10 35.32 33.44
C ALA B 209 -32.83 36.78 33.13
N SER B 210 -31.93 37.43 33.86
CA SER B 210 -31.62 38.81 33.54
C SER B 210 -30.88 38.93 32.20
N ALA B 211 -29.99 37.98 31.90
CA ALA B 211 -29.28 38.05 30.64
C ALA B 211 -30.22 37.81 29.46
N GLY B 212 -31.19 36.91 29.63
CA GLY B 212 -32.16 36.70 28.57
C GLY B 212 -33.04 37.90 28.35
N LYS B 213 -33.53 38.50 29.43
CA LYS B 213 -34.39 39.68 29.31
C LYS B 213 -33.65 40.81 28.59
N THR B 214 -32.42 41.08 29.00
CA THR B 214 -31.68 42.15 28.35
C THR B 214 -31.35 41.79 26.92
N LEU B 215 -31.32 40.51 26.60
CA LEU B 215 -31.08 40.08 25.23
C LEU B 215 -32.35 40.15 24.40
N VAL B 216 -33.48 39.72 24.95
CA VAL B 216 -34.74 39.82 24.23
C VAL B 216 -35.05 41.27 23.87
N GLU B 217 -34.74 42.20 24.76
CA GLU B 217 -34.89 43.60 24.42
C GLU B 217 -33.91 44.02 23.35
N LEU B 218 -32.71 43.45 23.37
CA LEU B 218 -31.67 43.84 22.42
C LEU B 218 -32.09 43.49 21.00
N PHE B 219 -32.41 42.21 20.78
CA PHE B 219 -32.88 41.79 19.46
C PHE B 219 -34.29 42.27 19.17
N GLY B 220 -35.03 42.70 20.18
CA GLY B 220 -36.32 43.32 19.92
C GLY B 220 -36.21 44.58 19.08
N LEU B 221 -35.07 45.28 19.17
CA LEU B 221 -34.86 46.44 18.30
C LEU B 221 -34.91 46.05 16.83
N ALA B 222 -34.45 44.85 16.50
CA ALA B 222 -34.52 44.43 15.11
C ALA B 222 -35.92 43.95 14.75
N ARG B 223 -36.61 43.31 15.68
CA ARG B 223 -37.96 42.82 15.37
C ARG B 223 -38.91 43.97 15.07
N GLU B 224 -38.74 45.11 15.73
CA GLU B 224 -39.63 46.23 15.53
C GLU B 224 -39.53 46.86 14.16
N LEU B 225 -38.61 46.44 13.30
CA LEU B 225 -38.48 47.11 12.02
C LEU B 225 -39.67 46.81 11.12
N ASN B 226 -40.05 45.56 10.98
CA ASN B 226 -41.11 45.20 10.03
C ASN B 226 -42.04 44.10 10.54
N VAL B 227 -41.53 43.08 11.22
CA VAL B 227 -42.35 41.99 11.73
C VAL B 227 -42.78 41.09 10.57
N GLU B 228 -42.03 40.02 10.32
CA GLU B 228 -42.40 39.05 9.29
C GLU B 228 -42.48 37.68 9.94
N ALA B 229 -41.52 36.79 9.68
CA ALA B 229 -41.71 35.37 9.94
C ALA B 229 -40.54 34.73 10.66
N GLU B 230 -40.87 33.76 11.50
CA GLU B 230 -39.94 32.78 12.07
C GLU B 230 -40.64 31.98 13.16
N GLY B 231 -40.28 30.72 13.32
CA GLY B 231 -41.05 29.76 14.08
C GLY B 231 -41.05 30.04 15.57
N ILE B 232 -41.69 29.14 16.30
CA ILE B 232 -41.87 29.30 17.73
C ILE B 232 -41.14 28.23 18.52
N SER C 28 1.96 38.00 -24.16
CA SER C 28 0.81 37.11 -24.22
C SER C 28 1.24 35.65 -24.24
N ASN C 29 0.35 34.76 -23.82
CA ASN C 29 0.63 33.34 -23.73
C ASN C 29 -0.27 32.58 -24.68
N ASN C 30 0.33 31.76 -25.55
CA ASN C 30 -0.41 30.87 -26.44
C ASN C 30 -1.31 31.68 -27.37
N SER C 31 -0.67 32.50 -28.20
CA SER C 31 -1.39 33.30 -29.18
C SER C 31 -1.31 32.64 -30.55
N VAL C 32 -1.97 31.49 -30.68
CA VAL C 32 -1.93 30.78 -31.96
C VAL C 32 -3.29 30.27 -32.41
N PRO C 33 -4.13 29.70 -31.54
CA PRO C 33 -5.42 29.18 -32.01
C PRO C 33 -6.60 30.13 -31.83
N GLY C 34 -6.47 31.09 -30.93
CA GLY C 34 -7.58 31.95 -30.59
C GLY C 34 -8.11 31.73 -29.18
N ALA C 35 -7.20 31.37 -28.28
CA ALA C 35 -7.53 31.05 -26.91
C ALA C 35 -7.72 32.32 -26.08
N PRO C 36 -8.20 32.18 -24.85
CA PRO C 36 -8.25 33.32 -23.95
C PRO C 36 -6.85 33.86 -23.67
N ASN C 37 -6.79 35.17 -23.45
CA ASN C 37 -5.53 35.89 -23.31
C ASN C 37 -5.02 35.67 -21.89
N ARG C 38 -4.18 34.66 -21.72
CA ARG C 38 -3.52 34.41 -20.44
C ARG C 38 -2.15 35.10 -20.44
N VAL C 39 -1.92 35.95 -19.46
CA VAL C 39 -0.72 36.78 -19.43
C VAL C 39 0.36 36.07 -18.63
N SER C 40 1.55 35.97 -19.22
CA SER C 40 2.62 35.18 -18.63
C SER C 40 3.66 36.09 -18.00
N PHE C 41 4.24 35.63 -16.90
CA PHE C 41 5.40 36.28 -16.31
C PHE C 41 6.69 35.82 -16.96
N ALA C 42 6.70 35.73 -18.28
CA ALA C 42 7.79 35.10 -19.02
C ALA C 42 8.90 36.11 -19.28
N LYS C 43 10.13 35.73 -18.93
CA LYS C 43 11.28 36.53 -19.31
C LYS C 43 12.03 35.99 -20.52
N LEU C 44 11.91 34.72 -20.84
CA LEU C 44 12.57 34.15 -22.00
C LEU C 44 11.56 33.86 -23.09
N ARG C 45 11.91 34.23 -24.31
CA ARG C 45 11.05 33.99 -25.46
C ARG C 45 11.08 32.53 -25.88
N GLU C 46 9.98 32.08 -26.48
CA GLU C 46 9.85 30.71 -26.96
C GLU C 46 10.24 30.66 -28.43
N PRO C 47 11.39 30.11 -28.78
CA PRO C 47 11.76 30.08 -30.19
C PRO C 47 10.95 29.08 -30.98
N LEU C 48 10.60 27.95 -30.37
CA LEU C 48 9.86 26.90 -31.02
C LEU C 48 8.63 26.57 -30.19
N GLU C 49 7.46 26.58 -30.81
CA GLU C 49 6.24 26.26 -30.07
C GLU C 49 6.13 24.76 -29.90
N VAL C 50 5.42 24.36 -28.85
CA VAL C 50 5.29 22.95 -28.48
C VAL C 50 4.80 22.15 -29.67
N PRO C 51 5.42 21.01 -29.97
CA PRO C 51 4.95 20.18 -31.08
C PRO C 51 3.64 19.50 -30.75
N GLY C 52 3.19 18.58 -31.60
CA GLY C 52 2.00 17.84 -31.30
C GLY C 52 2.27 16.82 -30.22
N LEU C 53 1.67 17.03 -29.05
CA LEU C 53 1.95 16.17 -27.91
C LEU C 53 1.54 14.73 -28.14
N LEU C 54 0.74 14.47 -29.17
CA LEU C 54 0.28 13.12 -29.48
C LEU C 54 1.05 12.50 -30.63
N ASP C 55 2.15 13.12 -31.05
CA ASP C 55 2.87 12.65 -32.22
C ASP C 55 3.50 11.29 -31.99
N VAL C 56 3.82 10.95 -30.74
CA VAL C 56 4.48 9.68 -30.48
C VAL C 56 3.62 8.53 -30.97
N GLN C 57 2.32 8.60 -30.71
CA GLN C 57 1.43 7.56 -31.21
C GLN C 57 1.11 7.76 -32.68
N THR C 58 1.04 8.99 -33.15
CA THR C 58 0.64 9.22 -34.53
C THR C 58 1.75 8.85 -35.50
N ASP C 59 2.91 9.47 -35.36
CA ASP C 59 3.97 9.21 -36.34
C ASP C 59 4.34 7.73 -36.37
N SER C 60 4.29 7.04 -35.23
CA SER C 60 4.63 5.63 -35.23
C SER C 60 3.64 4.83 -36.06
N PHE C 61 2.35 5.14 -35.95
CA PHE C 61 1.38 4.35 -36.69
C PHE C 61 1.34 4.76 -38.15
N GLU C 62 1.54 6.05 -38.44
CA GLU C 62 1.59 6.47 -39.83
C GLU C 62 2.77 5.84 -40.54
N TRP C 63 3.88 5.67 -39.82
CA TRP C 63 5.04 5.00 -40.40
C TRP C 63 4.73 3.53 -40.67
N LEU C 64 3.96 2.91 -39.77
CA LEU C 64 3.68 1.49 -39.94
C LEU C 64 2.89 1.23 -41.22
N ILE C 65 1.88 2.06 -41.50
CA ILE C 65 1.05 1.88 -42.68
C ILE C 65 1.46 2.78 -43.83
N GLY C 66 2.53 3.54 -43.69
CA GLY C 66 2.98 4.38 -44.78
C GLY C 66 1.93 5.36 -45.29
N SER C 67 1.33 6.12 -44.39
CA SER C 67 0.34 7.09 -44.80
C SER C 67 0.99 8.23 -45.58
N PRO C 68 0.22 8.92 -46.43
CA PRO C 68 0.81 10.03 -47.18
C PRO C 68 1.39 11.13 -46.30
N ARG C 69 0.85 11.31 -45.10
CA ARG C 69 1.41 12.34 -44.22
C ARG C 69 2.81 11.93 -43.76
N TRP C 70 3.00 10.66 -43.42
CA TRP C 70 4.33 10.21 -43.01
C TRP C 70 5.30 10.25 -44.17
N ARG C 71 4.88 9.89 -45.37
CA ARG C 71 5.82 9.89 -46.48
C ARG C 71 6.29 11.30 -46.79
N GLU C 72 5.36 12.27 -46.75
CA GLU C 72 5.78 13.65 -46.96
C GLU C 72 6.65 14.15 -45.81
N SER C 73 6.44 13.63 -44.60
CA SER C 73 7.33 13.98 -43.50
C SER C 73 8.74 13.44 -43.73
N ALA C 74 8.84 12.18 -44.14
CA ALA C 74 10.16 11.64 -44.46
C ALA C 74 10.72 12.24 -45.74
N ALA C 75 9.86 12.71 -46.64
CA ALA C 75 10.36 13.32 -47.88
C ALA C 75 11.12 14.60 -47.58
N GLU C 76 10.49 15.53 -46.86
CA GLU C 76 11.16 16.77 -46.50
C GLU C 76 12.23 16.58 -45.44
N ARG C 77 12.24 15.45 -44.72
CA ARG C 77 13.30 15.23 -43.75
C ARG C 77 14.64 14.93 -44.40
N GLY C 78 14.68 14.70 -45.70
CA GLY C 78 15.92 14.36 -46.36
C GLY C 78 16.06 12.87 -46.59
N ASP C 79 15.14 12.07 -46.07
CA ASP C 79 15.26 10.62 -46.14
C ASP C 79 15.37 10.15 -47.58
N VAL C 80 16.10 9.05 -47.75
CA VAL C 80 16.31 8.38 -49.02
C VAL C 80 15.83 6.94 -48.91
N ASN C 81 14.88 6.57 -49.77
CA ASN C 81 14.20 5.29 -49.75
C ASN C 81 13.59 4.96 -48.38
N PRO C 82 12.59 5.71 -47.94
CA PRO C 82 11.90 5.37 -46.69
C PRO C 82 10.99 4.17 -46.91
N VAL C 83 10.69 3.49 -45.81
CA VAL C 83 9.92 2.25 -45.87
C VAL C 83 8.85 2.26 -44.79
N GLY C 84 7.60 2.03 -45.18
CA GLY C 84 6.55 1.96 -44.21
C GLY C 84 6.64 0.68 -43.41
N GLY C 85 5.81 0.57 -42.37
CA GLY C 85 5.90 -0.58 -41.50
C GLY C 85 5.48 -1.87 -42.16
N LEU C 86 4.44 -1.84 -42.98
CA LEU C 86 4.02 -3.03 -43.68
C LEU C 86 4.97 -3.39 -44.81
N GLU C 87 5.41 -2.39 -45.56
CA GLU C 87 6.35 -2.63 -46.65
C GLU C 87 7.64 -3.25 -46.16
N GLU C 88 8.11 -2.87 -44.97
CA GLU C 88 9.34 -3.48 -44.49
C GLU C 88 9.16 -4.94 -44.14
N VAL C 89 8.00 -5.35 -43.64
CA VAL C 89 7.80 -6.75 -43.31
C VAL C 89 7.64 -7.58 -44.57
N LEU C 90 6.93 -7.03 -45.57
CA LEU C 90 6.69 -7.76 -46.81
C LEU C 90 7.96 -7.89 -47.65
N TYR C 91 8.87 -6.92 -47.59
CA TYR C 91 10.08 -7.01 -48.39
C TYR C 91 11.04 -8.03 -47.80
N GLU C 92 11.13 -8.08 -46.48
CA GLU C 92 11.95 -9.09 -45.83
C GLU C 92 11.41 -10.48 -46.12
N LEU C 93 10.10 -10.61 -46.28
CA LEU C 93 9.50 -11.91 -46.55
C LEU C 93 9.70 -12.32 -48.00
N SER C 94 9.49 -11.38 -48.93
CA SER C 94 9.61 -11.73 -50.33
C SER C 94 11.08 -11.99 -50.67
N PRO C 95 11.37 -13.01 -51.48
CA PRO C 95 10.38 -13.92 -52.04
C PRO C 95 10.32 -15.23 -51.24
N ILE C 96 9.32 -16.05 -51.50
CA ILE C 96 9.17 -17.34 -50.84
C ILE C 96 9.52 -18.44 -51.83
N GLU C 97 10.51 -19.25 -51.47
CA GLU C 97 11.00 -20.31 -52.35
C GLU C 97 11.17 -21.58 -51.54
N ASP C 98 11.00 -22.71 -52.21
CA ASP C 98 11.21 -24.01 -51.60
C ASP C 98 12.71 -24.31 -51.61
N PHE C 99 13.08 -25.55 -51.30
CA PHE C 99 14.50 -25.88 -51.29
C PHE C 99 15.08 -25.85 -52.69
N SER C 100 14.27 -26.15 -53.71
CA SER C 100 14.78 -26.24 -55.07
C SER C 100 14.85 -24.87 -55.72
N GLY C 101 13.84 -24.03 -55.50
CA GLY C 101 13.74 -22.77 -56.21
C GLY C 101 12.88 -22.79 -57.45
N SER C 102 12.09 -23.83 -57.67
CA SER C 102 11.24 -23.88 -58.85
C SER C 102 9.98 -23.03 -58.72
N MET C 103 9.53 -22.74 -57.50
CA MET C 103 8.32 -21.99 -57.27
C MET C 103 8.63 -20.79 -56.39
N SER C 104 7.97 -19.67 -56.65
CA SER C 104 8.25 -18.45 -55.91
C SER C 104 6.97 -17.64 -55.72
N LEU C 105 6.84 -17.05 -54.54
CA LEU C 105 5.72 -16.19 -54.18
C LEU C 105 6.27 -14.91 -53.57
N SER C 106 5.62 -13.78 -53.87
CA SER C 106 6.07 -12.48 -53.43
C SER C 106 4.87 -11.62 -53.10
N PHE C 107 5.06 -10.63 -52.23
CA PHE C 107 3.99 -9.75 -51.80
C PHE C 107 4.42 -8.30 -52.01
N SER C 108 3.46 -7.45 -52.31
CA SER C 108 3.76 -6.04 -52.51
C SER C 108 2.48 -5.23 -52.48
N ASP C 109 2.65 -3.91 -52.31
CA ASP C 109 1.59 -2.91 -52.33
C ASP C 109 0.46 -3.24 -51.36
N PRO C 110 0.65 -3.00 -50.06
CA PRO C 110 -0.46 -3.16 -49.11
C PRO C 110 -1.33 -1.91 -49.08
N ARG C 111 -2.65 -2.13 -49.10
CA ARG C 111 -3.58 -1.02 -49.12
C ARG C 111 -4.79 -1.38 -48.25
N PHE C 112 -5.52 -0.36 -47.84
CA PHE C 112 -6.64 -0.52 -46.92
C PHE C 112 -7.93 -0.04 -47.56
N ASP C 113 -9.00 -0.82 -47.36
CA ASP C 113 -10.34 -0.36 -47.69
C ASP C 113 -10.87 0.50 -46.55
N ASP C 114 -12.07 1.06 -46.74
CA ASP C 114 -12.64 1.88 -45.69
C ASP C 114 -12.86 1.05 -44.43
N VAL C 115 -12.99 1.75 -43.30
CA VAL C 115 -13.13 1.08 -42.02
C VAL C 115 -14.44 0.31 -41.96
N LYS C 116 -14.42 -0.80 -41.21
CA LYS C 116 -15.58 -1.68 -41.17
C LYS C 116 -16.75 -1.01 -40.48
N ALA C 117 -16.53 -0.42 -39.32
CA ALA C 117 -17.56 0.26 -38.55
C ALA C 117 -16.95 1.49 -37.89
N PRO C 118 -17.72 2.56 -37.71
CA PRO C 118 -17.16 3.75 -37.08
C PRO C 118 -16.71 3.48 -35.66
N VAL C 119 -16.01 4.47 -35.09
CA VAL C 119 -15.39 4.27 -33.79
C VAL C 119 -16.42 4.10 -32.70
N ASP C 120 -17.42 5.00 -32.65
CA ASP C 120 -18.37 4.96 -31.54
C ASP C 120 -19.30 3.76 -31.62
N GLU C 121 -19.59 3.29 -32.84
CA GLU C 121 -20.41 2.10 -32.99
C GLU C 121 -19.68 0.85 -32.50
N CYS C 122 -18.36 0.81 -32.61
CA CYS C 122 -17.61 -0.35 -32.13
C CYS C 122 -17.67 -0.47 -30.61
N LYS C 123 -17.60 0.65 -29.90
CA LYS C 123 -17.69 0.59 -28.44
C LYS C 123 -19.02 0.01 -28.00
N ASP C 124 -20.08 0.30 -28.75
CA ASP C 124 -21.41 -0.08 -28.35
C ASP C 124 -21.67 -1.56 -28.59
N LYS C 125 -21.26 -2.08 -29.73
CA LYS C 125 -21.54 -3.47 -30.10
C LYS C 125 -20.43 -4.43 -29.70
N ASP C 126 -19.43 -3.96 -28.96
CA ASP C 126 -18.37 -4.84 -28.44
C ASP C 126 -17.61 -5.53 -29.57
N MET C 127 -17.29 -4.78 -30.61
CA MET C 127 -16.43 -5.27 -31.68
C MET C 127 -15.10 -4.53 -31.68
N THR C 128 -14.27 -4.84 -32.66
CA THR C 128 -12.90 -4.31 -32.74
C THR C 128 -12.80 -3.30 -33.88
N TYR C 129 -12.20 -2.16 -33.58
CA TYR C 129 -11.96 -1.13 -34.60
C TYR C 129 -10.85 -1.60 -35.53
N ALA C 130 -11.19 -1.84 -36.79
CA ALA C 130 -10.21 -2.41 -37.72
C ALA C 130 -10.55 -2.01 -39.14
N ALA C 131 -9.55 -2.11 -40.01
CA ALA C 131 -9.71 -1.88 -41.43
C ALA C 131 -9.15 -3.07 -42.19
N PRO C 132 -9.81 -3.48 -43.28
CA PRO C 132 -9.31 -4.64 -44.04
C PRO C 132 -8.03 -4.32 -44.78
N LEU C 133 -7.08 -5.25 -44.69
CA LEU C 133 -5.75 -5.08 -45.27
C LEU C 133 -5.62 -5.88 -46.54
N PHE C 134 -5.32 -5.22 -47.65
CA PHE C 134 -5.11 -5.86 -48.93
C PHE C 134 -3.65 -5.78 -49.34
N VAL C 135 -3.15 -6.86 -49.93
CA VAL C 135 -1.81 -6.90 -50.50
C VAL C 135 -1.92 -7.49 -51.91
N THR C 136 -0.86 -7.32 -52.68
CA THR C 136 -0.78 -7.83 -54.03
C THR C 136 0.27 -8.93 -54.09
N ALA C 137 -0.18 -10.16 -54.33
CA ALA C 137 0.68 -11.32 -54.39
C ALA C 137 0.60 -11.96 -55.76
N GLU C 138 1.69 -12.62 -56.17
CA GLU C 138 1.75 -13.27 -57.46
C GLU C 138 2.59 -14.52 -57.33
N PHE C 139 2.25 -15.53 -58.12
CA PHE C 139 2.94 -16.82 -58.06
C PHE C 139 3.83 -16.95 -59.29
N ILE C 140 5.12 -17.12 -59.04
CA ILE C 140 6.13 -17.25 -60.09
C ILE C 140 6.50 -18.72 -60.17
N ASN C 141 6.27 -19.33 -61.34
CA ASN C 141 6.55 -20.74 -61.57
C ASN C 141 7.77 -20.86 -62.47
N ASN C 142 8.85 -21.41 -61.92
CA ASN C 142 10.09 -21.50 -62.69
C ASN C 142 10.04 -22.61 -63.72
N ASN C 143 9.29 -23.68 -63.47
CA ASN C 143 9.25 -24.80 -64.40
C ASN C 143 8.23 -24.61 -65.51
N THR C 144 7.41 -23.55 -65.45
CA THR C 144 6.46 -23.26 -66.50
C THR C 144 6.62 -21.87 -67.08
N GLY C 145 7.32 -20.98 -66.40
CA GLY C 145 7.58 -19.68 -66.96
C GLY C 145 6.30 -18.89 -67.13
N GLU C 146 5.45 -18.88 -66.09
CA GLU C 146 4.22 -18.11 -66.14
C GLU C 146 3.82 -17.76 -64.71
N ILE C 147 3.26 -16.56 -64.55
CA ILE C 147 2.99 -16.01 -63.23
C ILE C 147 1.55 -15.51 -63.17
N LYS C 148 0.88 -15.79 -62.05
CA LYS C 148 -0.46 -15.28 -61.80
C LYS C 148 -0.42 -14.38 -60.57
N SER C 149 -0.75 -13.11 -60.78
CA SER C 149 -0.74 -12.09 -59.74
C SER C 149 -2.17 -11.65 -59.47
N GLN C 150 -2.48 -11.40 -58.21
CA GLN C 150 -3.84 -11.02 -57.84
C GLN C 150 -3.82 -10.34 -56.48
N THR C 151 -4.99 -9.92 -56.02
CA THR C 151 -5.15 -9.27 -54.74
C THR C 151 -5.68 -10.26 -53.71
N VAL C 152 -5.01 -10.33 -52.57
CA VAL C 152 -5.33 -11.27 -51.50
C VAL C 152 -5.69 -10.49 -50.24
N PHE C 153 -6.86 -10.75 -49.68
CA PHE C 153 -7.23 -10.14 -48.41
C PHE C 153 -6.47 -10.83 -47.31
N MET C 154 -5.72 -10.05 -46.53
CA MET C 154 -4.84 -10.60 -45.51
C MET C 154 -5.52 -10.71 -44.15
N GLY C 155 -6.21 -9.66 -43.72
CA GLY C 155 -6.86 -9.69 -42.43
C GLY C 155 -7.38 -8.35 -41.95
N ASP C 156 -8.29 -8.38 -40.97
CA ASP C 156 -8.79 -7.16 -40.37
C ASP C 156 -7.71 -6.48 -39.55
N PHE C 157 -7.32 -5.27 -39.96
CA PHE C 157 -6.15 -4.63 -39.38
C PHE C 157 -6.59 -3.57 -38.36
N PRO C 158 -6.22 -3.70 -37.09
CA PRO C 158 -6.66 -2.72 -36.09
C PRO C 158 -6.16 -1.34 -36.43
N MET C 159 -7.07 -0.37 -36.43
CA MET C 159 -6.74 1.01 -36.78
C MET C 159 -6.67 1.89 -35.55
N MET C 160 -5.82 2.91 -35.63
CA MET C 160 -5.59 3.86 -34.56
C MET C 160 -6.57 5.02 -34.67
N THR C 161 -7.18 5.39 -33.57
CA THR C 161 -8.10 6.51 -33.59
C THR C 161 -7.33 7.81 -33.81
N GLU C 162 -8.07 8.88 -34.06
CA GLU C 162 -7.40 10.16 -34.22
C GLU C 162 -6.73 10.59 -32.93
N LYS C 163 -7.23 10.11 -31.79
CA LYS C 163 -6.66 10.38 -30.47
C LYS C 163 -5.53 9.43 -30.10
N GLY C 164 -5.06 8.60 -31.03
CA GLY C 164 -3.96 7.71 -30.70
C GLY C 164 -4.33 6.47 -29.93
N THR C 165 -5.59 6.04 -29.97
CA THR C 165 -6.03 4.88 -29.21
C THR C 165 -6.52 3.79 -30.16
N PHE C 166 -6.51 2.57 -29.64
CA PHE C 166 -7.12 1.43 -30.32
C PHE C 166 -8.39 1.04 -29.59
N ILE C 167 -9.27 0.35 -30.30
CA ILE C 167 -10.53 -0.11 -29.74
C ILE C 167 -10.59 -1.61 -29.93
N ILE C 168 -10.34 -2.34 -28.85
CA ILE C 168 -10.37 -3.81 -28.85
C ILE C 168 -11.61 -4.27 -28.12
N ASN C 169 -12.54 -4.90 -28.84
CA ASN C 169 -13.76 -5.42 -28.25
C ASN C 169 -14.50 -4.36 -27.44
N GLY C 170 -14.57 -3.16 -27.98
CA GLY C 170 -15.34 -2.10 -27.37
C GLY C 170 -14.68 -1.42 -26.19
N THR C 171 -13.37 -1.55 -26.03
CA THR C 171 -12.65 -0.90 -24.94
C THR C 171 -11.48 -0.14 -25.52
N GLU C 172 -11.42 1.16 -25.24
CA GLU C 172 -10.30 1.96 -25.72
C GLU C 172 -9.02 1.53 -25.04
N ARG C 173 -8.01 1.18 -25.84
CA ARG C 173 -6.72 0.80 -25.29
C ARG C 173 -5.64 1.70 -25.87
N VAL C 174 -4.51 1.74 -25.18
CA VAL C 174 -3.38 2.59 -25.56
C VAL C 174 -2.13 1.74 -25.56
N VAL C 175 -1.47 1.67 -26.71
CA VAL C 175 -0.21 0.96 -26.84
C VAL C 175 0.92 1.85 -26.36
N VAL C 176 1.60 1.44 -25.32
CA VAL C 176 2.58 2.26 -24.63
C VAL C 176 3.95 2.05 -25.24
N SER C 177 4.67 3.14 -25.46
CA SER C 177 6.03 3.05 -25.97
C SER C 177 6.93 2.31 -24.97
N GLN C 178 7.81 1.46 -25.49
CA GLN C 178 8.63 0.59 -24.67
C GLN C 178 10.10 0.99 -24.77
N LEU C 179 10.75 1.12 -23.62
CA LEU C 179 12.18 1.33 -23.55
C LEU C 179 12.88 -0.03 -23.63
N VAL C 180 13.62 -0.26 -24.71
CA VAL C 180 14.34 -1.52 -24.85
C VAL C 180 15.83 -1.23 -25.03
N ARG C 181 16.64 -2.26 -24.78
CA ARG C 181 18.07 -2.15 -24.99
C ARG C 181 18.40 -2.12 -26.47
N SER C 182 19.06 -1.06 -26.91
CA SER C 182 19.32 -0.90 -28.33
C SER C 182 20.25 -2.00 -28.85
N PRO C 183 20.03 -2.43 -30.09
CA PRO C 183 20.94 -3.41 -30.70
C PRO C 183 22.31 -2.79 -30.91
N GLY C 184 23.32 -3.62 -30.85
CA GLY C 184 24.67 -3.14 -31.03
C GLY C 184 25.64 -3.98 -30.23
N VAL C 185 26.84 -3.43 -30.06
CA VAL C 185 27.91 -4.07 -29.30
C VAL C 185 28.15 -3.26 -28.04
N TYR C 186 28.16 -3.94 -26.90
CA TYR C 186 28.29 -3.28 -25.61
C TYR C 186 29.36 -3.99 -24.79
N PHE C 187 30.14 -3.22 -24.03
CA PHE C 187 31.25 -3.75 -23.26
C PHE C 187 31.02 -3.42 -21.79
N ASP C 188 31.40 -4.34 -20.90
CA ASP C 188 31.16 -4.18 -19.48
C ASP C 188 32.42 -4.49 -18.68
N GLU C 189 32.66 -3.70 -17.64
CA GLU C 189 33.79 -3.88 -16.73
C GLU C 189 33.29 -4.34 -15.38
N THR C 190 33.31 -5.65 -15.14
CA THR C 190 32.86 -6.16 -13.86
C THR C 190 34.06 -6.40 -12.93
N ILE C 191 33.79 -6.38 -11.63
CA ILE C 191 34.80 -6.57 -10.60
C ILE C 191 34.55 -7.89 -9.90
N ASP C 192 35.58 -8.73 -9.82
CA ASP C 192 35.40 -10.04 -9.20
C ASP C 192 35.24 -9.91 -7.70
N LYS C 193 34.56 -10.89 -7.11
CA LYS C 193 34.28 -10.87 -5.68
C LYS C 193 35.43 -11.45 -4.87
N SER C 194 35.96 -12.59 -5.29
CA SER C 194 36.95 -13.35 -4.55
C SER C 194 38.38 -12.94 -4.88
N THR C 195 38.68 -12.73 -6.17
CA THR C 195 40.04 -12.44 -6.58
C THR C 195 40.33 -10.94 -6.66
N ASP C 196 39.29 -10.11 -6.64
CA ASP C 196 39.44 -8.65 -6.61
C ASP C 196 40.19 -8.15 -7.83
N LYS C 197 39.96 -8.78 -8.97
CA LYS C 197 40.53 -8.31 -10.23
C LYS C 197 39.44 -7.80 -11.15
N THR C 198 39.82 -6.84 -11.99
CA THR C 198 38.89 -6.20 -12.92
C THR C 198 38.66 -7.11 -14.13
N LEU C 199 37.42 -7.58 -14.30
CA LEU C 199 37.07 -8.39 -15.45
C LEU C 199 36.32 -7.54 -16.47
N HIS C 200 36.19 -8.08 -17.68
CA HIS C 200 35.51 -7.37 -18.75
C HIS C 200 34.69 -8.34 -19.58
N SER C 201 33.58 -7.86 -20.11
CA SER C 201 32.69 -8.69 -20.91
C SER C 201 32.11 -7.87 -22.05
N VAL C 202 31.72 -8.56 -23.12
CA VAL C 202 31.17 -7.94 -24.32
C VAL C 202 29.87 -8.63 -24.69
N LYS C 203 28.90 -7.86 -25.17
CA LYS C 203 27.66 -8.39 -25.68
C LYS C 203 27.35 -7.76 -27.03
N VAL C 204 27.00 -8.59 -28.00
CA VAL C 204 26.61 -8.15 -29.33
C VAL C 204 25.14 -8.50 -29.47
N ILE C 205 24.28 -7.52 -29.20
CA ILE C 205 22.84 -7.75 -29.10
C ILE C 205 22.20 -7.44 -30.44
N PRO C 206 21.73 -8.43 -31.18
CA PRO C 206 21.05 -8.18 -32.45
C PRO C 206 19.58 -7.84 -32.25
N SER C 207 18.98 -7.28 -33.29
CA SER C 207 17.54 -7.05 -33.27
C SER C 207 16.75 -8.33 -33.32
N ARG C 208 17.37 -9.43 -33.74
CA ARG C 208 16.73 -10.73 -33.75
C ARG C 208 17.79 -11.79 -34.00
N GLY C 209 17.63 -12.94 -33.36
CA GLY C 209 18.52 -14.07 -33.56
C GLY C 209 19.26 -14.50 -32.31
N ALA C 210 20.38 -15.17 -32.47
CA ALA C 210 21.14 -15.70 -31.34
C ALA C 210 22.08 -14.66 -30.75
N TRP C 211 22.37 -14.83 -29.47
CA TRP C 211 23.23 -13.90 -28.74
C TRP C 211 24.63 -14.44 -28.64
N LEU C 212 25.58 -13.53 -28.47
CA LEU C 212 27.00 -13.85 -28.50
C LEU C 212 27.72 -12.91 -27.53
N GLU C 213 28.27 -13.46 -26.46
CA GLU C 213 28.91 -12.66 -25.42
C GLU C 213 30.29 -13.22 -25.14
N PHE C 214 31.31 -12.38 -25.28
CA PHE C 214 32.68 -12.72 -24.92
C PHE C 214 33.00 -12.22 -23.52
N ASP C 215 33.97 -12.87 -22.89
CA ASP C 215 34.33 -12.52 -21.54
C ASP C 215 35.75 -12.94 -21.25
N VAL C 216 36.34 -12.31 -20.25
CA VAL C 216 37.66 -12.65 -19.74
C VAL C 216 37.49 -13.12 -18.31
N ASP C 217 37.72 -14.40 -18.06
CA ASP C 217 37.54 -14.96 -16.74
C ASP C 217 38.67 -14.49 -15.84
N LYS C 218 38.77 -15.08 -14.65
CA LYS C 218 39.82 -14.62 -13.74
C LYS C 218 41.16 -15.28 -14.00
N ARG C 219 41.24 -16.14 -15.02
CA ARG C 219 42.49 -16.79 -15.39
C ARG C 219 43.14 -16.15 -16.60
N ASP C 220 42.78 -14.91 -16.91
CA ASP C 220 43.38 -14.19 -18.03
C ASP C 220 43.25 -14.97 -19.34
N THR C 221 42.09 -15.58 -19.54
CA THR C 221 41.78 -16.26 -20.79
C THR C 221 40.49 -15.69 -21.34
N VAL C 222 40.33 -15.79 -22.66
CA VAL C 222 39.19 -15.22 -23.37
C VAL C 222 38.31 -16.33 -23.90
N GLY C 223 37.01 -16.19 -23.71
CA GLY C 223 36.05 -17.17 -24.18
C GLY C 223 34.87 -16.48 -24.82
N VAL C 224 33.91 -17.30 -25.24
CA VAL C 224 32.71 -16.81 -25.92
C VAL C 224 31.59 -17.79 -25.67
N ARG C 225 30.46 -17.29 -25.20
CA ARG C 225 29.25 -18.08 -25.04
C ARG C 225 28.32 -17.79 -26.21
N ILE C 226 27.91 -18.84 -26.91
CA ILE C 226 27.10 -18.74 -28.11
C ILE C 226 25.68 -19.14 -27.72
N ASP C 227 24.79 -18.15 -27.67
CA ASP C 227 23.38 -18.39 -27.37
C ASP C 227 23.20 -19.03 -25.99
N ARG C 228 23.74 -18.36 -24.97
CA ARG C 228 23.57 -18.81 -23.60
C ARG C 228 24.33 -20.09 -23.31
N LYS C 229 24.79 -20.77 -24.36
CA LYS C 229 25.40 -22.08 -24.22
C LYS C 229 26.73 -21.99 -23.46
N ARG C 230 27.43 -23.12 -23.42
CA ARG C 230 28.66 -23.24 -22.65
C ARG C 230 29.70 -22.23 -23.12
N ARG C 231 30.60 -21.87 -22.23
CA ARG C 231 31.62 -20.85 -22.53
C ARG C 231 32.78 -21.56 -23.21
N GLN C 232 32.90 -21.36 -24.52
CA GLN C 232 33.97 -21.89 -25.35
C GLN C 232 35.15 -20.92 -25.40
N PRO C 233 36.36 -21.44 -25.57
CA PRO C 233 37.50 -20.54 -25.78
C PRO C 233 37.31 -19.69 -27.02
N VAL C 234 37.79 -18.45 -26.96
CA VAL C 234 37.54 -17.50 -28.03
C VAL C 234 38.18 -17.95 -29.33
N THR C 235 39.19 -18.81 -29.27
CA THR C 235 39.83 -19.29 -30.48
C THR C 235 39.05 -20.38 -31.18
N VAL C 236 38.13 -21.06 -30.48
CA VAL C 236 37.29 -22.06 -31.13
C VAL C 236 36.48 -21.45 -32.24
N LEU C 237 36.02 -20.21 -32.05
CA LEU C 237 35.27 -19.54 -33.10
C LEU C 237 36.16 -19.18 -34.27
N LEU C 238 37.39 -18.76 -34.00
CA LEU C 238 38.30 -18.40 -35.08
C LEU C 238 38.66 -19.63 -35.90
N LYS C 239 38.86 -20.77 -35.25
CA LYS C 239 39.19 -21.99 -35.99
C LYS C 239 38.01 -22.45 -36.83
N ALA C 240 36.79 -22.23 -36.36
CA ALA C 240 35.63 -22.65 -37.13
C ALA C 240 35.44 -21.80 -38.38
N LEU C 241 35.94 -20.56 -38.36
CA LEU C 241 35.80 -19.69 -39.52
C LEU C 241 36.86 -19.90 -40.58
N GLY C 242 37.86 -20.73 -40.31
CA GLY C 242 38.92 -20.96 -41.26
C GLY C 242 40.21 -20.20 -40.99
N TRP C 243 40.40 -19.71 -39.78
CA TRP C 243 41.60 -18.95 -39.43
C TRP C 243 42.63 -19.90 -38.83
N THR C 244 43.87 -19.84 -39.35
CA THR C 244 44.90 -20.72 -38.84
C THR C 244 45.34 -20.29 -37.44
N SER C 245 45.89 -21.25 -36.70
CA SER C 245 46.36 -20.94 -35.35
C SER C 245 47.53 -19.98 -35.37
N GLU C 246 48.25 -19.90 -36.49
CA GLU C 246 49.37 -18.97 -36.56
C GLU C 246 48.86 -17.56 -36.85
N GLN C 247 47.93 -17.42 -37.78
CA GLN C 247 47.39 -16.11 -38.08
C GLN C 247 46.62 -15.55 -36.88
N ILE C 248 46.13 -16.43 -36.01
CA ILE C 248 45.46 -15.98 -34.78
C ILE C 248 46.47 -15.37 -33.83
N VAL C 249 47.63 -16.03 -33.67
CA VAL C 249 48.70 -15.47 -32.86
C VAL C 249 49.20 -14.18 -33.48
N GLU C 250 49.06 -14.06 -34.80
CA GLU C 250 49.51 -12.84 -35.48
C GLU C 250 48.67 -11.64 -35.08
N ARG C 251 47.37 -11.83 -34.87
CA ARG C 251 46.49 -10.71 -34.56
C ARG C 251 46.42 -10.38 -33.08
N PHE C 252 46.37 -11.39 -32.21
CA PHE C 252 46.17 -11.19 -30.79
C PHE C 252 47.43 -11.50 -29.99
N GLY C 253 48.59 -11.28 -30.60
CA GLY C 253 49.84 -11.62 -29.94
C GLY C 253 50.26 -10.63 -28.88
N PHE C 254 49.76 -9.40 -28.98
CA PHE C 254 50.16 -8.35 -28.05
C PHE C 254 49.63 -8.59 -26.65
N SER C 255 48.77 -9.58 -26.45
CA SER C 255 48.20 -9.87 -25.14
C SER C 255 48.61 -11.27 -24.73
N GLU C 256 48.98 -11.40 -23.46
CA GLU C 256 49.34 -12.72 -22.95
C GLU C 256 48.12 -13.56 -22.61
N ILE C 257 46.96 -12.92 -22.42
CA ILE C 257 45.75 -13.66 -22.10
C ILE C 257 45.16 -14.35 -23.32
N MET C 258 45.48 -13.87 -24.52
CA MET C 258 45.07 -14.56 -25.73
C MET C 258 46.05 -15.63 -26.15
N ARG C 259 47.34 -15.41 -25.88
CA ARG C 259 48.32 -16.46 -26.12
C ARG C 259 48.08 -17.65 -25.21
N SER C 260 47.69 -17.40 -23.96
CA SER C 260 47.37 -18.49 -23.05
C SER C 260 46.07 -19.18 -23.39
N THR C 261 45.22 -18.57 -24.21
CA THR C 261 43.96 -19.20 -24.56
C THR C 261 44.19 -20.24 -25.65
N LEU C 262 44.96 -19.88 -26.67
CA LEU C 262 45.28 -20.85 -27.70
C LEU C 262 46.14 -21.98 -27.16
N GLU C 263 46.88 -21.75 -26.07
CA GLU C 263 47.68 -22.81 -25.48
C GLU C 263 46.83 -23.74 -24.63
N LYS C 264 46.02 -23.18 -23.73
CA LYS C 264 45.12 -23.99 -22.91
C LYS C 264 44.02 -24.62 -23.74
N ASP C 265 43.96 -24.32 -25.04
CA ASP C 265 42.95 -24.88 -25.91
C ASP C 265 43.03 -26.40 -25.90
N ASN C 266 41.88 -27.05 -26.09
CA ASN C 266 41.84 -28.50 -26.04
C ASN C 266 42.12 -29.08 -27.41
N THR C 267 41.29 -28.74 -28.39
CA THR C 267 41.40 -29.29 -29.72
C THR C 267 41.86 -28.20 -30.68
N VAL C 268 42.59 -28.59 -31.71
CA VAL C 268 43.07 -27.65 -32.72
C VAL C 268 42.72 -28.24 -34.08
N GLY C 269 42.40 -27.37 -35.02
CA GLY C 269 42.02 -27.82 -36.34
C GLY C 269 40.73 -27.16 -36.77
N THR C 270 40.65 -26.77 -38.03
CA THR C 270 39.47 -26.07 -38.50
C THR C 270 38.25 -26.98 -38.48
N ASP C 271 38.42 -28.24 -38.87
CA ASP C 271 37.31 -29.18 -38.83
C ASP C 271 37.11 -29.84 -37.48
N GLU C 272 37.89 -29.44 -36.46
CA GLU C 272 37.77 -30.02 -35.13
C GLU C 272 36.96 -29.15 -34.17
N ALA C 273 37.31 -27.88 -34.03
CA ALA C 273 36.51 -26.98 -33.20
C ALA C 273 35.16 -26.69 -33.82
N LEU C 274 35.02 -26.91 -35.12
CA LEU C 274 33.71 -26.73 -35.77
C LEU C 274 32.73 -27.79 -35.32
N LEU C 275 33.20 -29.01 -35.08
CA LEU C 275 32.32 -30.04 -34.53
C LEU C 275 32.13 -29.86 -33.03
N ASP C 276 33.12 -29.28 -32.35
CA ASP C 276 32.98 -28.97 -30.94
C ASP C 276 31.83 -28.01 -30.69
N ILE C 277 31.68 -27.02 -31.56
CA ILE C 277 30.57 -26.08 -31.44
C ILE C 277 29.24 -26.77 -31.72
N TYR C 278 29.22 -27.68 -32.69
CA TYR C 278 27.95 -28.30 -33.07
C TYR C 278 27.37 -29.14 -31.94
N ARG C 279 28.20 -29.94 -31.27
CA ARG C 279 27.66 -30.82 -30.25
C ARG C 279 27.28 -30.08 -28.97
N LYS C 280 27.79 -28.86 -28.78
CA LYS C 280 27.36 -28.05 -27.65
C LYS C 280 26.19 -27.15 -27.99
N LEU C 281 26.00 -26.85 -29.27
CA LEU C 281 24.92 -25.97 -29.69
C LEU C 281 23.66 -26.78 -29.97
N ARG C 282 23.80 -27.86 -30.73
CA ARG C 282 22.70 -28.77 -31.07
C ARG C 282 23.12 -30.17 -30.66
N PRO C 283 23.06 -30.49 -29.37
CA PRO C 283 23.50 -31.81 -28.91
C PRO C 283 22.55 -32.89 -29.35
N GLY C 284 23.05 -34.12 -29.34
CA GLY C 284 22.22 -35.27 -29.69
C GLY C 284 22.08 -35.56 -31.16
N GLU C 285 22.77 -34.83 -32.03
CA GLU C 285 22.62 -35.03 -33.47
C GLU C 285 23.94 -35.44 -34.10
N PRO C 286 23.90 -36.20 -35.18
CA PRO C 286 25.13 -36.58 -35.86
C PRO C 286 25.80 -35.35 -36.46
N PRO C 287 27.08 -35.14 -36.16
CA PRO C 287 27.76 -33.93 -36.62
C PRO C 287 28.36 -34.06 -38.01
N THR C 288 27.78 -33.37 -38.99
CA THR C 288 28.34 -33.36 -40.33
C THR C 288 29.15 -32.08 -40.54
N LYS C 289 30.23 -32.21 -41.29
CA LYS C 289 31.09 -31.05 -41.54
C LYS C 289 30.33 -29.93 -42.25
N GLU C 290 29.30 -30.27 -43.02
CA GLU C 290 28.51 -29.27 -43.73
C GLU C 290 27.18 -28.98 -43.05
N SER C 291 26.75 -29.80 -42.10
CA SER C 291 25.59 -29.45 -41.29
C SER C 291 25.91 -28.44 -40.22
N ALA C 292 27.16 -28.40 -39.76
CA ALA C 292 27.61 -27.34 -38.86
C ALA C 292 28.12 -26.12 -39.62
N GLN C 293 28.75 -26.33 -40.78
CA GLN C 293 29.14 -25.20 -41.62
C GLN C 293 27.94 -24.41 -42.13
N THR C 294 26.76 -25.03 -42.20
CA THR C 294 25.60 -24.32 -42.72
C THR C 294 25.01 -23.40 -41.67
N LEU C 295 24.85 -23.89 -40.44
CA LEU C 295 24.18 -23.08 -39.44
C LEU C 295 25.12 -22.03 -38.86
N LEU C 296 26.40 -22.35 -38.71
CA LEU C 296 27.35 -21.36 -38.22
C LEU C 296 27.55 -20.21 -39.19
N GLU C 297 27.09 -20.35 -40.42
CA GLU C 297 27.02 -19.24 -41.35
C GLU C 297 25.64 -18.58 -41.35
N ASN C 298 24.60 -19.37 -41.11
CA ASN C 298 23.24 -18.87 -41.11
C ASN C 298 22.88 -18.14 -39.83
N LEU C 299 23.44 -18.57 -38.69
CA LEU C 299 23.07 -17.98 -37.42
C LEU C 299 23.67 -16.59 -37.24
N PHE C 300 24.68 -16.22 -38.04
CA PHE C 300 25.33 -14.95 -37.80
C PHE C 300 25.61 -14.17 -39.08
N PHE C 301 25.49 -14.78 -40.26
CA PHE C 301 25.85 -14.11 -41.49
C PHE C 301 24.81 -14.25 -42.59
N LYS C 302 23.80 -15.10 -42.42
CA LYS C 302 22.68 -15.15 -43.34
C LYS C 302 21.47 -14.42 -42.78
N GLU C 303 20.80 -13.66 -43.64
CA GLU C 303 19.71 -12.79 -43.23
C GLU C 303 18.46 -13.56 -42.80
N LYS C 304 18.48 -14.90 -42.83
CA LYS C 304 17.28 -15.65 -42.48
C LYS C 304 17.01 -15.64 -40.98
N ARG C 305 17.98 -16.06 -40.18
CA ARG C 305 17.78 -16.20 -38.74
C ARG C 305 18.58 -15.18 -37.93
N TYR C 306 19.05 -14.11 -38.57
CA TYR C 306 19.78 -13.08 -37.87
C TYR C 306 19.68 -11.79 -38.67
N ASP C 307 19.51 -10.67 -37.96
CA ASP C 307 19.36 -9.38 -38.61
C ASP C 307 19.52 -8.27 -37.60
N LEU C 308 20.48 -7.37 -37.83
CA LEU C 308 20.52 -6.11 -37.13
C LEU C 308 19.75 -5.08 -37.96
N ALA C 309 18.81 -4.40 -37.33
CA ALA C 309 18.06 -3.41 -38.08
C ALA C 309 19.00 -2.33 -38.59
N ARG C 310 18.46 -1.45 -39.42
CA ARG C 310 19.26 -0.36 -39.94
C ARG C 310 19.88 0.45 -38.81
N VAL C 311 19.25 0.44 -37.64
CA VAL C 311 19.85 1.08 -36.47
C VAL C 311 20.88 0.19 -35.80
N GLY C 312 20.69 -1.13 -35.83
CA GLY C 312 21.67 -2.00 -35.20
C GLY C 312 22.98 -2.03 -35.95
N ARG C 313 22.93 -1.96 -37.28
CA ARG C 313 24.17 -1.87 -38.04
C ARG C 313 24.89 -0.55 -37.78
N TYR C 314 24.14 0.55 -37.78
CA TYR C 314 24.76 1.86 -37.56
C TYR C 314 25.36 1.99 -36.17
N LYS C 315 24.74 1.37 -35.16
CA LYS C 315 25.29 1.47 -33.82
C LYS C 315 26.57 0.67 -33.69
N VAL C 316 26.72 -0.40 -34.45
CA VAL C 316 27.96 -1.16 -34.40
C VAL C 316 29.05 -0.47 -35.20
N ASN C 317 28.71 0.11 -36.34
CA ASN C 317 29.70 0.75 -37.19
C ASN C 317 30.37 1.95 -36.53
N LYS C 318 29.78 2.53 -35.49
CA LYS C 318 30.51 3.57 -34.79
C LYS C 318 31.35 3.03 -33.65
N LYS C 319 30.84 2.05 -32.92
CA LYS C 319 31.59 1.55 -31.76
C LYS C 319 32.89 0.91 -32.19
N LEU C 320 32.87 0.22 -33.33
CA LEU C 320 34.10 -0.38 -33.85
C LEU C 320 34.84 0.55 -34.80
N GLY C 321 34.14 1.52 -35.39
CA GLY C 321 34.78 2.44 -36.29
C GLY C 321 35.07 1.83 -37.64
N LEU C 322 34.06 1.20 -38.23
CA LEU C 322 34.20 0.58 -39.54
C LEU C 322 32.95 0.84 -40.34
N HIS C 323 33.11 0.94 -41.65
CA HIS C 323 32.00 1.27 -42.55
C HIS C 323 31.38 2.60 -42.17
N VAL C 324 32.16 3.54 -41.65
CA VAL C 324 31.61 4.79 -41.18
C VAL C 324 31.17 5.66 -42.36
N GLY C 325 31.45 5.21 -43.57
CA GLY C 325 30.98 5.95 -44.73
C GLY C 325 30.02 5.16 -45.61
N GLU C 326 29.95 3.86 -45.41
CA GLU C 326 29.09 3.04 -46.24
C GLU C 326 27.63 3.33 -45.94
N PRO C 327 26.77 3.39 -46.96
CA PRO C 327 25.33 3.48 -46.71
C PRO C 327 24.83 2.24 -46.00
N ILE C 328 23.91 2.44 -45.06
CA ILE C 328 23.45 1.32 -44.27
C ILE C 328 22.68 0.36 -45.16
N THR C 329 23.39 -0.60 -45.73
CA THR C 329 22.77 -1.65 -46.54
C THR C 329 22.94 -3.04 -45.98
N SER C 330 24.01 -3.31 -45.25
CA SER C 330 24.26 -4.63 -44.67
C SER C 330 23.41 -4.76 -43.41
N SER C 331 22.38 -5.60 -43.46
CA SER C 331 21.57 -5.88 -42.28
C SER C 331 22.05 -7.09 -41.51
N THR C 332 23.35 -7.40 -41.57
CA THR C 332 23.84 -8.64 -40.99
C THR C 332 25.22 -8.41 -40.39
N LEU C 333 25.60 -9.31 -39.49
CA LEU C 333 26.94 -9.32 -38.93
C LEU C 333 27.93 -9.96 -39.90
N THR C 334 29.17 -9.46 -39.86
CA THR C 334 30.23 -9.96 -40.72
C THR C 334 31.38 -10.49 -39.88
N GLU C 335 32.22 -11.32 -40.50
CA GLU C 335 33.38 -11.82 -39.78
C GLU C 335 34.33 -10.70 -39.42
N GLU C 336 34.38 -9.67 -40.25
CA GLU C 336 35.24 -8.52 -39.94
C GLU C 336 34.81 -7.88 -38.63
N ASP C 337 33.51 -7.81 -38.38
CA ASP C 337 33.04 -7.20 -37.14
C ASP C 337 33.48 -8.03 -35.94
N VAL C 338 33.41 -9.37 -36.07
CA VAL C 338 33.79 -10.23 -34.97
C VAL C 338 35.27 -10.08 -34.64
N VAL C 339 36.12 -9.97 -35.65
CA VAL C 339 37.55 -9.85 -35.38
C VAL C 339 37.83 -8.50 -34.73
N ALA C 340 37.29 -7.43 -35.30
CA ALA C 340 37.51 -6.10 -34.72
C ALA C 340 36.89 -6.01 -33.33
N THR C 341 35.83 -6.77 -33.09
CA THR C 341 35.21 -6.77 -31.77
C THR C 341 36.13 -7.41 -30.75
N ILE C 342 36.68 -8.59 -31.07
CA ILE C 342 37.60 -9.24 -30.15
C ILE C 342 38.84 -8.38 -29.93
N GLU C 343 39.28 -7.67 -30.96
CA GLU C 343 40.40 -6.75 -30.76
C GLU C 343 40.00 -5.61 -29.83
N TYR C 344 38.77 -5.11 -29.97
CA TYR C 344 38.31 -4.07 -29.07
C TYR C 344 38.22 -4.56 -27.63
N LEU C 345 37.85 -5.81 -27.43
CA LEU C 345 37.70 -6.33 -26.08
C LEU C 345 39.06 -6.52 -25.42
N VAL C 346 39.97 -7.21 -26.11
CA VAL C 346 41.23 -7.60 -25.50
C VAL C 346 42.07 -6.38 -25.15
N ARG C 347 41.97 -5.31 -25.95
CA ARG C 347 42.70 -4.10 -25.60
C ARG C 347 42.11 -3.43 -24.38
N LEU C 348 40.78 -3.43 -24.26
CA LEU C 348 40.19 -2.78 -23.10
C LEU C 348 40.59 -3.49 -21.83
N HIS C 349 40.84 -4.80 -21.89
CA HIS C 349 41.15 -5.53 -20.66
C HIS C 349 42.51 -5.10 -20.12
N GLU C 350 43.46 -4.81 -21.00
CA GLU C 350 44.82 -4.49 -20.58
C GLU C 350 45.09 -2.99 -20.68
N GLY C 351 44.10 -2.17 -20.36
CA GLY C 351 44.31 -0.77 -20.14
C GLY C 351 44.37 0.09 -21.38
N GLN C 352 44.23 -0.48 -22.57
CA GLN C 352 44.26 0.37 -23.75
C GLN C 352 43.05 1.29 -23.79
N THR C 353 43.26 2.47 -24.37
CA THR C 353 42.25 3.51 -24.43
C THR C 353 41.98 3.99 -25.85
N THR C 354 42.63 3.38 -26.84
CA THR C 354 42.47 3.79 -28.22
C THR C 354 42.72 2.59 -29.11
N MET C 355 41.96 2.50 -30.20
CA MET C 355 42.08 1.37 -31.10
C MET C 355 41.58 1.78 -32.47
N THR C 356 42.27 1.34 -33.51
CA THR C 356 41.82 1.49 -34.89
C THR C 356 41.73 0.11 -35.52
N VAL C 357 40.55 -0.21 -36.05
CA VAL C 357 40.40 -1.50 -36.73
C VAL C 357 41.24 -1.50 -38.00
N PRO C 358 41.86 -2.62 -38.35
CA PRO C 358 42.60 -2.68 -39.62
C PRO C 358 41.76 -2.16 -40.77
N GLY C 359 42.09 -0.96 -41.25
CA GLY C 359 41.30 -0.32 -42.25
C GLY C 359 40.14 0.47 -41.70
N GLY C 360 40.24 0.98 -40.48
CA GLY C 360 39.14 1.70 -39.87
C GLY C 360 39.63 2.93 -39.13
N VAL C 361 38.68 3.82 -38.89
CA VAL C 361 39.00 5.08 -38.23
C VAL C 361 39.34 4.84 -36.76
N GLU C 362 39.97 5.84 -36.15
CA GLU C 362 40.32 5.74 -34.74
C GLU C 362 39.06 5.89 -33.91
N VAL C 363 39.00 5.15 -32.81
CA VAL C 363 37.81 5.14 -31.98
C VAL C 363 38.19 4.93 -30.52
N PRO C 364 37.56 5.61 -29.58
CA PRO C 364 37.91 5.42 -28.17
C PRO C 364 37.44 4.07 -27.67
N VAL C 365 38.12 3.60 -26.64
CA VAL C 365 37.88 2.31 -26.02
C VAL C 365 37.26 2.55 -24.65
N GLU C 366 35.99 2.20 -24.48
CA GLU C 366 35.32 2.46 -23.23
C GLU C 366 34.18 1.48 -23.07
N THR C 367 33.56 1.50 -21.90
CA THR C 367 32.41 0.67 -21.62
C THR C 367 31.14 1.48 -21.80
N ASP C 368 30.05 0.77 -22.06
CA ASP C 368 28.80 1.47 -22.35
C ASP C 368 27.86 1.40 -21.16
N ASP C 369 26.90 2.33 -21.14
CA ASP C 369 26.04 2.52 -19.98
C ASP C 369 24.86 1.57 -20.00
N ILE C 370 24.29 1.33 -21.19
CA ILE C 370 23.06 0.56 -21.37
C ILE C 370 21.89 1.26 -20.70
N ASP C 371 22.18 2.25 -19.86
CA ASP C 371 21.16 3.17 -19.38
C ASP C 371 21.14 4.48 -20.13
N HIS C 372 22.24 4.83 -20.80
CA HIS C 372 22.28 6.04 -21.60
C HIS C 372 21.19 5.99 -22.66
N PHE C 373 20.49 7.11 -22.86
CA PHE C 373 19.40 7.07 -23.83
C PHE C 373 19.89 6.97 -25.25
N GLY C 374 21.19 6.82 -25.46
CA GLY C 374 21.74 6.53 -26.76
C GLY C 374 21.90 5.04 -26.95
N ASN C 375 21.97 4.30 -25.84
CA ASN C 375 21.96 2.84 -25.88
C ASN C 375 20.65 2.25 -25.38
N ARG C 376 19.75 3.06 -24.85
CA ARG C 376 18.45 2.61 -24.41
C ARG C 376 17.46 3.12 -25.43
N ARG C 377 16.81 2.21 -26.14
CA ARG C 377 16.03 2.58 -27.29
C ARG C 377 14.55 2.54 -26.95
N LEU C 378 13.78 3.39 -27.64
CA LEU C 378 12.34 3.45 -27.46
C LEU C 378 11.66 2.98 -28.73
N ARG C 379 10.90 1.90 -28.64
CA ARG C 379 10.11 1.45 -29.76
C ARG C 379 8.64 1.68 -29.47
N THR C 380 7.94 2.32 -30.39
CA THR C 380 6.59 2.79 -30.14
C THR C 380 5.59 1.83 -30.75
N VAL C 381 4.41 2.32 -31.10
CA VAL C 381 3.33 1.43 -31.49
C VAL C 381 3.68 0.72 -32.78
N GLY C 382 4.13 1.47 -33.79
CA GLY C 382 4.36 0.86 -35.08
C GLY C 382 5.38 -0.27 -35.02
N GLU C 383 6.48 -0.04 -34.30
CA GLU C 383 7.49 -1.07 -34.22
C GLU C 383 6.97 -2.25 -33.40
N LEU C 384 6.30 -1.97 -32.29
CA LEU C 384 5.77 -3.05 -31.46
C LEU C 384 4.76 -3.89 -32.22
N ILE C 385 3.97 -3.26 -33.10
CA ILE C 385 3.02 -4.01 -33.91
C ILE C 385 3.75 -4.76 -35.01
N GLN C 386 4.75 -4.13 -35.62
CA GLN C 386 5.44 -4.78 -36.73
C GLN C 386 5.97 -6.14 -36.32
N ASN C 387 6.54 -6.24 -35.13
CA ASN C 387 7.05 -7.53 -34.67
C ASN C 387 5.94 -8.56 -34.58
N GLN C 388 4.74 -8.14 -34.16
CA GLN C 388 3.66 -9.11 -34.09
C GLN C 388 3.16 -9.48 -35.47
N ILE C 389 3.20 -8.57 -36.44
CA ILE C 389 2.88 -8.96 -37.80
C ILE C 389 3.97 -9.87 -38.34
N ARG C 390 5.22 -9.55 -38.03
CA ARG C 390 6.33 -10.37 -38.49
C ARG C 390 6.20 -11.81 -37.99
N VAL C 391 5.80 -11.98 -36.73
CA VAL C 391 5.61 -13.33 -36.23
C VAL C 391 4.46 -14.02 -36.94
N GLY C 392 3.37 -13.28 -37.19
CA GLY C 392 2.27 -13.87 -37.92
C GLY C 392 2.59 -14.23 -39.35
N MET C 393 3.40 -13.39 -40.02
CA MET C 393 3.79 -13.72 -41.39
C MET C 393 4.71 -14.93 -41.43
N SER C 394 5.67 -15.00 -40.51
CA SER C 394 6.60 -16.12 -40.54
C SER C 394 5.86 -17.42 -40.27
N ARG C 395 4.86 -17.39 -39.40
CA ARG C 395 4.06 -18.58 -39.18
C ARG C 395 3.29 -18.97 -40.44
N MET C 396 2.86 -17.98 -41.23
CA MET C 396 2.20 -18.32 -42.49
C MET C 396 3.20 -18.76 -43.54
N GLU C 397 4.40 -18.17 -43.53
CA GLU C 397 5.40 -18.53 -44.52
C GLU C 397 5.74 -20.02 -44.46
N ARG C 398 5.86 -20.56 -43.25
CA ARG C 398 6.16 -21.98 -43.14
C ARG C 398 5.00 -22.83 -43.64
N VAL C 399 3.76 -22.38 -43.40
CA VAL C 399 2.62 -23.09 -43.96
C VAL C 399 2.61 -22.99 -45.48
N VAL C 400 3.07 -21.86 -46.03
CA VAL C 400 3.08 -21.68 -47.47
C VAL C 400 4.02 -22.68 -48.12
N ARG C 401 5.25 -22.76 -47.63
CA ARG C 401 6.21 -23.67 -48.25
C ARG C 401 5.74 -25.11 -48.21
N GLU C 402 4.99 -25.48 -47.17
CA GLU C 402 4.47 -26.84 -47.13
C GLU C 402 3.29 -27.01 -48.10
N ARG C 403 2.41 -26.01 -48.18
CA ARG C 403 1.30 -26.10 -49.10
C ARG C 403 1.73 -25.98 -50.55
N MET C 404 2.94 -25.50 -50.81
CA MET C 404 3.41 -25.42 -52.18
C MET C 404 3.72 -26.82 -52.72
N THR C 405 4.50 -27.59 -51.97
CA THR C 405 4.94 -28.91 -52.39
C THR C 405 3.85 -29.96 -52.31
N THR C 406 2.65 -29.60 -51.85
CA THR C 406 1.54 -30.53 -51.77
C THR C 406 0.54 -30.39 -52.92
N GLN C 407 0.11 -29.17 -53.24
CA GLN C 407 -0.83 -28.98 -54.33
C GLN C 407 -0.10 -29.08 -55.67
N ASP C 408 -0.87 -29.13 -56.75
CA ASP C 408 -0.25 -29.23 -58.06
C ASP C 408 0.40 -27.91 -58.46
N VAL C 409 1.29 -27.98 -59.44
CA VAL C 409 2.11 -26.83 -59.77
C VAL C 409 1.49 -26.08 -60.94
N GLU C 410 0.17 -26.21 -61.09
CA GLU C 410 -0.52 -25.45 -62.13
C GLU C 410 -1.89 -24.96 -61.70
N ALA C 411 -2.52 -25.54 -60.69
CA ALA C 411 -3.75 -25.03 -60.13
C ALA C 411 -3.53 -24.25 -58.85
N ILE C 412 -2.28 -23.90 -58.54
CA ILE C 412 -1.97 -23.16 -57.33
C ILE C 412 -2.17 -21.67 -57.60
N THR C 413 -2.91 -21.01 -56.73
CA THR C 413 -3.10 -19.58 -56.74
C THR C 413 -2.68 -18.99 -55.41
N PRO C 414 -2.49 -17.68 -55.36
CA PRO C 414 -2.23 -17.05 -54.05
C PRO C 414 -3.31 -17.36 -53.04
N GLN C 415 -4.54 -17.61 -53.48
CA GLN C 415 -5.59 -17.92 -52.53
C GLN C 415 -5.36 -19.29 -51.89
N THR C 416 -4.70 -20.20 -52.61
CA THR C 416 -4.48 -21.53 -52.07
C THR C 416 -3.25 -21.64 -51.19
N LEU C 417 -2.25 -20.80 -51.42
CA LEU C 417 -1.02 -20.80 -50.64
C LEU C 417 -1.09 -20.01 -49.34
N ILE C 418 -2.08 -19.14 -49.17
CA ILE C 418 -2.07 -18.16 -48.10
C ILE C 418 -3.06 -18.59 -47.02
N ASN C 419 -2.58 -18.75 -45.79
CA ASN C 419 -3.44 -19.02 -44.65
C ASN C 419 -3.25 -17.91 -43.62
N ILE C 420 -4.22 -17.00 -43.58
CA ILE C 420 -4.13 -15.78 -42.80
C ILE C 420 -4.52 -16.02 -41.35
N ARG C 421 -4.73 -17.29 -40.99
CA ARG C 421 -5.14 -17.59 -39.62
C ARG C 421 -4.11 -17.13 -38.60
N PRO C 422 -2.82 -17.44 -38.76
CA PRO C 422 -1.84 -17.02 -37.76
C PRO C 422 -1.60 -15.53 -37.74
N VAL C 423 -1.99 -14.81 -38.79
CA VAL C 423 -1.78 -13.37 -38.80
C VAL C 423 -2.81 -12.68 -37.92
N VAL C 424 -4.09 -12.95 -38.18
CA VAL C 424 -5.13 -12.32 -37.37
C VAL C 424 -5.03 -12.78 -35.93
N ALA C 425 -4.56 -14.01 -35.70
CA ALA C 425 -4.34 -14.46 -34.35
C ALA C 425 -3.12 -13.82 -33.72
N ALA C 426 -2.24 -13.24 -34.52
CA ALA C 426 -1.08 -12.58 -33.92
C ALA C 426 -1.39 -11.18 -33.44
N ILE C 427 -2.15 -10.40 -34.21
CA ILE C 427 -2.53 -9.08 -33.73
C ILE C 427 -3.60 -9.18 -32.65
N LYS C 428 -4.45 -10.19 -32.70
CA LYS C 428 -5.40 -10.39 -31.62
C LYS C 428 -4.68 -10.79 -30.34
N GLU C 429 -3.71 -11.71 -30.44
CA GLU C 429 -2.93 -12.09 -29.27
C GLU C 429 -2.22 -10.89 -28.66
N PHE C 430 -1.77 -9.95 -29.49
CA PHE C 430 -1.07 -8.80 -28.95
C PHE C 430 -2.02 -7.85 -28.23
N PHE C 431 -2.95 -7.26 -28.97
CA PHE C 431 -3.86 -6.31 -28.35
C PHE C 431 -4.67 -6.95 -27.24
N GLY C 432 -4.98 -8.23 -27.38
CA GLY C 432 -5.77 -8.89 -26.35
C GLY C 432 -4.95 -9.17 -25.12
N THR C 433 -3.72 -9.63 -25.31
CA THR C 433 -2.86 -10.02 -24.21
C THR C 433 -1.47 -9.47 -24.49
N SER C 434 -1.12 -8.40 -23.78
CA SER C 434 0.21 -7.80 -23.87
C SER C 434 0.32 -6.79 -22.74
N GLN C 435 1.47 -6.76 -22.10
CA GLN C 435 1.72 -5.75 -21.08
C GLN C 435 1.73 -4.34 -21.64
N LEU C 436 1.85 -4.17 -22.96
CA LEU C 436 1.84 -2.86 -23.59
C LEU C 436 0.47 -2.41 -24.05
N SER C 437 -0.45 -3.33 -24.30
CA SER C 437 -1.81 -2.94 -24.64
C SER C 437 -2.51 -2.74 -23.31
N GLN C 438 -2.61 -1.49 -22.89
CA GLN C 438 -3.04 -1.13 -21.55
C GLN C 438 -4.40 -0.46 -21.61
N PHE C 439 -5.25 -0.81 -20.65
CA PHE C 439 -6.52 -0.14 -20.49
C PHE C 439 -6.29 1.35 -20.29
N MET C 440 -6.83 2.14 -21.21
CA MET C 440 -6.51 3.55 -21.26
C MET C 440 -6.97 4.26 -20.00
N ASP C 441 -6.12 5.10 -19.45
CA ASP C 441 -6.52 5.97 -18.35
C ASP C 441 -7.48 7.02 -18.86
N GLN C 442 -8.69 7.06 -18.30
CA GLN C 442 -9.68 8.02 -18.80
C GLN C 442 -10.39 8.68 -17.64
N ASN C 443 -9.64 9.06 -16.59
CA ASN C 443 -10.23 9.85 -15.53
C ASN C 443 -10.52 11.27 -16.00
N ASN C 444 -9.51 11.93 -16.54
CA ASN C 444 -9.63 13.25 -17.12
C ASN C 444 -8.72 13.33 -18.33
N PRO C 445 -8.92 14.30 -19.22
CA PRO C 445 -8.10 14.37 -20.43
C PRO C 445 -6.61 14.37 -20.18
N LEU C 446 -6.13 14.97 -19.11
CA LEU C 446 -4.69 14.94 -18.87
C LEU C 446 -4.23 13.52 -18.57
N SER C 447 -5.06 12.77 -17.83
CA SER C 447 -4.68 11.40 -17.54
C SER C 447 -4.59 10.56 -18.81
N GLY C 448 -5.44 10.84 -19.79
CA GLY C 448 -5.37 10.13 -21.05
C GLY C 448 -4.18 10.53 -21.89
N LEU C 449 -3.91 11.83 -21.98
CA LEU C 449 -2.77 12.30 -22.76
C LEU C 449 -1.45 11.76 -22.24
N THR C 450 -1.26 11.74 -20.92
CA THR C 450 0.00 11.22 -20.40
C THR C 450 0.16 9.74 -20.72
N HIS C 451 -0.93 8.98 -20.73
CA HIS C 451 -0.83 7.55 -20.97
C HIS C 451 -0.30 7.26 -22.36
N LYS C 452 -0.74 8.02 -23.35
CA LYS C 452 -0.26 7.83 -24.71
C LYS C 452 1.19 8.26 -24.89
N ARG C 453 1.76 8.98 -23.93
CA ARG C 453 3.15 9.42 -24.00
C ARG C 453 4.04 8.67 -23.02
N ARG C 454 3.58 7.55 -22.49
CA ARG C 454 4.34 6.79 -21.51
C ARG C 454 5.53 6.06 -22.11
N LEU C 455 6.56 5.87 -21.29
CA LEU C 455 7.74 5.10 -21.63
C LEU C 455 7.89 3.99 -20.60
N SER C 456 7.62 2.75 -20.99
CA SER C 456 7.58 1.62 -20.08
C SER C 456 8.83 0.79 -20.28
N ALA C 457 9.55 0.51 -19.19
CA ALA C 457 10.71 -0.36 -19.28
C ALA C 457 10.37 -1.84 -19.19
N LEU C 458 9.23 -2.18 -18.61
CA LEU C 458 8.81 -3.57 -18.45
C LEU C 458 8.29 -4.14 -19.75
N GLY C 459 8.24 -5.47 -19.80
CA GLY C 459 7.68 -6.15 -20.94
C GLY C 459 8.60 -7.14 -21.62
N PRO C 460 8.08 -7.80 -22.65
CA PRO C 460 8.88 -8.76 -23.42
C PRO C 460 10.02 -8.10 -24.13
N GLY C 461 11.17 -8.78 -24.09
CA GLY C 461 12.40 -8.27 -24.66
C GLY C 461 13.10 -7.23 -23.81
N GLY C 462 12.41 -6.66 -22.85
CA GLY C 462 13.00 -5.69 -21.94
C GLY C 462 13.55 -6.38 -20.72
N LEU C 463 12.83 -6.28 -19.60
CA LEU C 463 13.26 -6.89 -18.36
C LEU C 463 12.06 -7.20 -17.49
N SER C 464 12.27 -8.07 -16.52
CA SER C 464 11.31 -8.41 -15.50
C SER C 464 11.40 -7.44 -14.33
N ARG C 465 10.29 -7.26 -13.62
CA ARG C 465 10.31 -6.34 -12.49
C ARG C 465 11.28 -6.83 -11.43
N GLU C 466 11.37 -8.14 -11.23
CA GLU C 466 12.41 -8.61 -10.32
C GLU C 466 13.80 -8.37 -10.87
N ARG C 467 13.92 -7.99 -12.14
CA ARG C 467 15.25 -7.76 -12.71
C ARG C 467 15.44 -6.28 -13.01
N ALA C 468 15.37 -5.44 -11.96
CA ALA C 468 15.52 -4.00 -12.11
C ALA C 468 16.10 -3.47 -10.82
N GLY C 469 17.40 -3.20 -10.81
CA GLY C 469 18.06 -2.70 -9.63
C GLY C 469 17.82 -1.22 -9.40
N LEU C 470 18.45 -0.71 -8.35
CA LEU C 470 18.29 0.69 -8.02
C LEU C 470 18.93 1.61 -9.04
N GLU C 471 19.57 1.03 -10.06
CA GLU C 471 20.26 1.80 -11.07
C GLU C 471 19.43 2.03 -12.33
N VAL C 472 18.52 1.12 -12.67
CA VAL C 472 17.67 1.35 -13.82
C VAL C 472 16.62 2.41 -13.54
N ARG C 473 16.36 2.68 -12.27
CA ARG C 473 15.22 3.49 -11.89
C ARG C 473 15.57 4.95 -11.65
N ASP C 474 16.81 5.25 -11.26
CA ASP C 474 17.10 6.62 -10.91
C ASP C 474 17.34 7.44 -12.18
N VAL C 475 17.40 8.76 -12.00
CA VAL C 475 17.50 9.67 -13.12
C VAL C 475 18.89 9.60 -13.74
N HIS C 476 18.94 9.57 -15.04
CA HIS C 476 20.19 9.55 -15.76
C HIS C 476 20.42 10.91 -16.42
N PRO C 477 21.66 11.37 -16.47
CA PRO C 477 21.92 12.71 -17.04
C PRO C 477 21.49 12.84 -18.48
N SER C 478 21.32 11.74 -19.20
CA SER C 478 20.85 11.80 -20.58
C SER C 478 19.35 12.00 -20.69
N HIS C 479 18.61 11.97 -19.58
CA HIS C 479 17.18 12.19 -19.67
C HIS C 479 16.82 13.64 -19.90
N TYR C 480 17.79 14.55 -19.87
CA TYR C 480 17.48 15.96 -20.04
C TYR C 480 16.80 16.22 -21.38
N GLY C 481 15.63 16.85 -21.33
CA GLY C 481 14.87 17.17 -22.52
C GLY C 481 14.29 15.99 -23.25
N ARG C 482 14.42 14.78 -22.70
CA ARG C 482 13.89 13.58 -23.33
C ARG C 482 12.85 12.89 -22.46
N MET C 483 13.22 12.40 -21.28
CA MET C 483 12.28 11.81 -20.35
C MET C 483 12.22 12.64 -19.08
N CYS C 484 11.03 12.87 -18.57
CA CYS C 484 10.87 13.69 -17.39
C CYS C 484 11.45 12.99 -16.17
N PRO C 485 12.19 13.70 -15.32
CA PRO C 485 12.69 13.11 -14.08
C PRO C 485 11.73 13.19 -12.91
N ILE C 486 10.54 13.77 -13.09
CA ILE C 486 9.61 13.96 -12.00
C ILE C 486 8.47 12.96 -12.11
N GLU C 487 7.75 12.99 -13.21
CA GLU C 487 6.53 12.18 -13.35
C GLU C 487 6.93 10.72 -13.42
N THR C 488 6.72 10.00 -12.33
CA THR C 488 6.97 8.57 -12.26
C THR C 488 6.22 8.02 -11.07
N PRO C 489 5.64 6.83 -11.16
CA PRO C 489 4.91 6.30 -10.02
C PRO C 489 5.83 6.13 -8.82
N GLU C 490 5.22 6.18 -7.64
CA GLU C 490 5.97 6.00 -6.40
C GLU C 490 5.76 4.62 -5.80
N GLY C 491 5.04 3.75 -6.49
CA GLY C 491 4.81 2.42 -5.99
C GLY C 491 5.96 1.51 -6.38
N PRO C 492 5.68 0.24 -6.60
CA PRO C 492 6.74 -0.68 -7.02
C PRO C 492 7.22 -0.42 -8.43
N ASN C 493 6.52 0.41 -9.19
CA ASN C 493 6.89 0.74 -10.56
C ASN C 493 7.61 2.07 -10.68
N ILE C 494 8.27 2.53 -9.61
CA ILE C 494 8.96 3.81 -9.65
C ILE C 494 10.18 3.69 -10.53
N GLY C 495 10.35 4.66 -11.44
CA GLY C 495 11.49 4.64 -12.32
C GLY C 495 11.33 3.79 -13.55
N LEU C 496 10.46 2.78 -13.49
CA LEU C 496 10.24 1.95 -14.65
C LEU C 496 9.28 2.57 -15.65
N ILE C 497 8.50 3.57 -15.23
CA ILE C 497 7.55 4.22 -16.11
C ILE C 497 7.79 5.72 -16.07
N GLY C 498 8.12 6.30 -17.23
CA GLY C 498 8.32 7.72 -17.35
C GLY C 498 7.39 8.32 -18.40
N SER C 499 7.39 9.64 -18.48
CA SER C 499 6.60 10.37 -19.46
C SER C 499 7.53 11.08 -20.43
N LEU C 500 7.13 11.12 -21.70
CA LEU C 500 7.99 11.74 -22.69
C LEU C 500 8.06 13.23 -22.41
N SER C 501 9.25 13.80 -22.59
CA SER C 501 9.41 15.23 -22.40
C SER C 501 8.58 15.99 -23.43
N VAL C 502 8.41 17.29 -23.17
CA VAL C 502 7.48 18.08 -23.97
C VAL C 502 7.95 18.15 -25.41
N TYR C 503 9.13 18.72 -25.64
CA TYR C 503 9.61 18.92 -27.00
C TYR C 503 10.25 17.68 -27.60
N ALA C 504 10.35 16.58 -26.86
CA ALA C 504 11.04 15.41 -27.35
C ALA C 504 10.29 14.77 -28.52
N ARG C 505 11.02 14.03 -29.34
CA ARG C 505 10.44 13.29 -30.44
C ARG C 505 11.28 12.04 -30.65
N VAL C 506 10.76 11.12 -31.46
CA VAL C 506 11.39 9.84 -31.70
C VAL C 506 11.84 9.79 -33.15
N ASN C 507 13.08 9.40 -33.36
CA ASN C 507 13.60 9.24 -34.70
C ASN C 507 13.26 7.87 -35.26
N PRO C 508 13.37 7.70 -36.57
CA PRO C 508 13.04 6.39 -37.15
C PRO C 508 13.89 5.27 -36.62
N PHE C 509 14.99 5.59 -35.95
CA PHE C 509 15.83 4.55 -35.35
C PHE C 509 15.26 4.06 -34.03
N GLY C 510 14.64 4.94 -33.26
CA GLY C 510 14.06 4.57 -32.00
C GLY C 510 14.52 5.40 -30.83
N PHE C 511 15.57 6.20 -31.03
CA PHE C 511 16.05 7.06 -29.96
C PHE C 511 15.19 8.32 -29.88
N ILE C 512 15.37 9.06 -28.79
CA ILE C 512 14.53 10.21 -28.48
C ILE C 512 15.34 11.47 -28.76
N GLU C 513 14.83 12.31 -29.65
CA GLU C 513 15.50 13.57 -29.97
C GLU C 513 14.83 14.74 -29.26
N THR C 514 15.64 15.75 -28.94
CA THR C 514 15.21 16.98 -28.30
C THR C 514 15.86 18.18 -28.96
N PRO C 515 15.12 19.28 -29.11
CA PRO C 515 15.64 20.42 -29.86
C PRO C 515 16.64 21.25 -29.06
N TYR C 516 17.58 21.87 -29.77
CA TYR C 516 18.56 22.76 -29.17
C TYR C 516 18.83 23.93 -30.12
N ARG C 517 19.23 25.06 -29.55
CA ARG C 517 19.55 26.24 -30.33
C ARG C 517 21.05 26.31 -30.65
N LYS C 518 21.39 26.30 -31.93
CA LYS C 518 22.77 26.29 -32.36
C LYS C 518 23.40 27.67 -32.13
N VAL C 519 24.47 27.72 -31.34
CA VAL C 519 25.18 28.96 -31.10
C VAL C 519 26.39 29.01 -32.04
N VAL C 520 26.39 29.99 -32.93
CA VAL C 520 27.44 30.12 -33.94
C VAL C 520 28.74 30.58 -33.30
N ASP C 521 28.82 31.88 -33.02
CA ASP C 521 30.01 32.50 -32.43
C ASP C 521 29.59 33.31 -31.21
N GLY C 522 29.27 32.63 -30.11
CA GLY C 522 28.77 33.36 -28.96
C GLY C 522 27.47 34.07 -29.24
N VAL C 523 26.77 33.65 -30.29
CA VAL C 523 25.54 34.29 -30.73
C VAL C 523 24.43 33.26 -30.75
N VAL C 524 23.32 33.55 -30.08
CA VAL C 524 22.19 32.65 -30.07
C VAL C 524 21.50 32.73 -31.42
N SER C 525 21.25 31.58 -32.04
CA SER C 525 20.60 31.53 -33.33
C SER C 525 19.24 30.87 -33.21
N ASP C 526 18.33 31.27 -34.11
CA ASP C 526 17.02 30.67 -34.17
C ASP C 526 17.04 29.35 -34.92
N GLU C 527 18.21 28.89 -35.34
CA GLU C 527 18.32 27.58 -35.97
C GLU C 527 18.21 26.50 -34.91
N ILE C 528 17.30 25.56 -35.12
CA ILE C 528 16.99 24.54 -34.14
C ILE C 528 17.29 23.20 -34.77
N VAL C 529 18.02 22.36 -34.05
CA VAL C 529 18.39 21.04 -34.54
C VAL C 529 18.15 20.04 -33.42
N TYR C 530 17.64 18.88 -33.78
CA TYR C 530 17.34 17.84 -32.81
C TYR C 530 18.55 16.94 -32.66
N LEU C 531 18.95 16.67 -31.42
CA LEU C 531 20.10 15.84 -31.13
C LEU C 531 19.68 14.64 -30.31
N THR C 532 20.32 13.50 -30.60
CA THR C 532 20.08 12.28 -29.84
C THR C 532 20.87 12.35 -28.55
N ALA C 533 20.91 11.24 -27.82
CA ALA C 533 21.60 11.24 -26.54
C ALA C 533 23.10 11.35 -26.76
N ASP C 534 23.66 10.46 -27.60
CA ASP C 534 25.09 10.50 -27.85
C ASP C 534 25.49 11.70 -28.69
N GLU C 535 24.61 12.15 -29.60
CA GLU C 535 24.91 13.36 -30.36
C GLU C 535 24.98 14.57 -29.45
N GLU C 536 24.15 14.61 -28.41
CA GLU C 536 24.21 15.71 -27.48
C GLU C 536 25.50 15.71 -26.66
N ASP C 537 26.04 14.55 -26.35
CA ASP C 537 27.27 14.52 -25.55
C ASP C 537 28.47 15.02 -26.33
N ARG C 538 28.45 14.90 -27.65
CA ARG C 538 29.58 15.38 -28.42
C ARG C 538 29.66 16.88 -28.50
N HIS C 539 28.80 17.62 -27.80
CA HIS C 539 28.86 19.06 -27.76
C HIS C 539 28.63 19.50 -26.32
N VAL C 540 28.55 20.81 -26.10
CA VAL C 540 28.20 21.38 -24.81
C VAL C 540 27.09 22.39 -25.01
N VAL C 541 26.10 22.35 -24.12
CA VAL C 541 24.88 23.14 -24.25
C VAL C 541 24.72 23.99 -23.00
N ALA C 542 24.20 25.20 -23.17
CA ALA C 542 23.97 26.13 -22.08
C ALA C 542 22.56 25.98 -21.52
N GLN C 543 22.42 26.29 -20.24
CA GLN C 543 21.10 26.24 -19.62
C GLN C 543 20.19 27.26 -20.29
N ALA C 544 18.89 27.00 -20.24
CA ALA C 544 17.95 27.84 -20.97
C ALA C 544 17.90 29.27 -20.45
N ASN C 545 17.96 29.45 -19.14
CA ASN C 545 17.84 30.80 -18.57
C ASN C 545 19.18 31.53 -18.51
N SER C 546 19.90 31.53 -19.63
CA SER C 546 21.14 32.31 -19.69
C SER C 546 20.84 33.71 -20.19
N PRO C 547 21.47 34.73 -19.61
CA PRO C 547 21.29 36.11 -20.09
C PRO C 547 21.83 36.31 -21.50
N ILE C 548 20.96 36.74 -22.41
CA ILE C 548 21.26 36.83 -23.83
C ILE C 548 21.02 38.26 -24.29
N ASP C 549 21.94 38.78 -25.11
CA ASP C 549 21.73 40.07 -25.74
C ASP C 549 20.56 40.05 -26.69
N ALA C 550 19.98 41.23 -26.92
CA ALA C 550 18.90 41.34 -27.91
C ALA C 550 19.36 40.93 -29.29
N ASP C 551 20.67 41.01 -29.57
CA ASP C 551 21.21 40.52 -30.84
C ASP C 551 21.53 39.04 -30.80
N GLY C 552 21.96 38.53 -29.64
CA GLY C 552 22.21 37.11 -29.51
C GLY C 552 23.48 36.78 -28.76
N ARG C 553 24.25 37.80 -28.41
CA ARG C 553 25.50 37.59 -27.70
C ARG C 553 25.22 37.42 -26.21
N PHE C 554 25.90 36.47 -25.58
CA PHE C 554 25.69 36.26 -24.15
C PHE C 554 26.21 37.43 -23.34
N VAL C 555 25.46 37.78 -22.30
CA VAL C 555 25.87 38.90 -21.45
C VAL C 555 27.04 38.50 -20.55
N GLU C 556 26.94 37.35 -19.88
CA GLU C 556 28.10 37.00 -19.07
C GLU C 556 29.08 36.12 -19.84
N PRO C 557 30.38 36.30 -19.60
CA PRO C 557 31.36 35.38 -20.18
C PRO C 557 31.20 33.94 -19.71
N ARG C 558 30.88 33.74 -18.44
CA ARG C 558 30.71 32.41 -17.88
C ARG C 558 29.23 32.04 -17.84
N VAL C 559 28.91 30.87 -18.40
CA VAL C 559 27.52 30.43 -18.44
C VAL C 559 27.45 28.98 -17.99
N LEU C 560 26.33 28.63 -17.37
CA LEU C 560 26.05 27.27 -16.95
C LEU C 560 25.98 26.33 -18.13
N VAL C 561 26.82 25.32 -18.15
CA VAL C 561 26.92 24.44 -19.32
C VAL C 561 26.90 22.99 -18.88
N ARG C 562 26.15 22.18 -19.61
CA ARG C 562 26.07 20.75 -19.33
C ARG C 562 27.11 20.07 -20.22
N ARG C 563 27.88 19.16 -19.64
CA ARG C 563 28.95 18.52 -20.38
C ARG C 563 28.77 17.01 -20.44
N LYS C 564 29.60 16.37 -21.27
CA LYS C 564 29.56 14.93 -21.44
C LYS C 564 29.64 14.21 -20.10
N ALA C 565 29.05 13.03 -20.05
CA ALA C 565 29.02 12.22 -18.85
C ALA C 565 28.24 12.90 -17.73
N GLY C 566 27.33 13.80 -18.07
CA GLY C 566 26.51 14.44 -17.07
C GLY C 566 27.33 15.28 -16.13
N GLU C 567 28.18 16.13 -16.69
CA GLU C 567 29.02 17.03 -15.92
C GLU C 567 28.48 18.44 -16.09
N VAL C 568 28.29 19.14 -14.98
CA VAL C 568 27.77 20.50 -14.99
C VAL C 568 28.83 21.44 -14.45
N GLU C 569 29.17 22.47 -15.22
CA GLU C 569 30.19 23.42 -14.82
C GLU C 569 30.06 24.67 -15.66
N TYR C 570 30.65 25.75 -15.17
CA TYR C 570 30.73 26.98 -15.95
C TYR C 570 31.79 26.86 -17.04
N VAL C 571 31.63 27.66 -18.08
CA VAL C 571 32.50 27.60 -19.25
C VAL C 571 32.41 28.91 -20.00
N PRO C 572 33.45 29.31 -20.72
CA PRO C 572 33.43 30.59 -21.42
C PRO C 572 32.32 30.65 -22.47
N SER C 573 31.86 31.86 -22.73
CA SER C 573 30.79 32.07 -23.70
C SER C 573 31.23 31.67 -25.10
N SER C 574 32.52 31.70 -25.37
CA SER C 574 33.01 31.28 -26.68
C SER C 574 33.10 29.77 -26.81
N GLU C 575 32.62 29.02 -25.82
CA GLU C 575 32.64 27.57 -25.88
C GLU C 575 31.27 26.95 -26.10
N VAL C 576 30.19 27.68 -25.81
CA VAL C 576 28.85 27.16 -25.92
C VAL C 576 28.54 26.85 -27.38
N ASP C 577 28.22 25.58 -27.68
CA ASP C 577 27.86 25.19 -29.03
C ASP C 577 26.35 25.28 -29.28
N TYR C 578 25.55 24.81 -28.33
CA TYR C 578 24.10 24.88 -28.43
C TYR C 578 23.55 25.32 -27.09
N MET C 579 22.25 25.53 -27.03
CA MET C 579 21.63 25.85 -25.75
C MET C 579 20.19 25.37 -25.77
N ASP C 580 19.60 25.29 -24.58
CA ASP C 580 18.27 24.71 -24.47
C ASP C 580 17.26 25.58 -25.18
N VAL C 581 16.19 24.95 -25.66
CA VAL C 581 15.15 25.67 -26.38
C VAL C 581 14.33 26.51 -25.40
N SER C 582 13.71 25.85 -24.43
CA SER C 582 12.85 26.52 -23.46
C SER C 582 13.23 26.03 -22.07
N PRO C 583 12.98 26.82 -21.04
CA PRO C 583 13.25 26.35 -19.68
C PRO C 583 12.55 25.05 -19.33
N ARG C 584 11.29 24.90 -19.69
CA ARG C 584 10.51 23.71 -19.38
C ARG C 584 10.87 22.52 -20.28
N GLN C 585 12.03 22.56 -20.91
CA GLN C 585 12.41 21.51 -21.85
C GLN C 585 12.57 20.15 -21.20
N MET C 586 12.86 20.09 -19.91
CA MET C 586 13.17 18.80 -19.28
C MET C 586 11.98 18.13 -18.63
N VAL C 587 10.85 18.81 -18.50
CA VAL C 587 9.73 18.28 -17.74
C VAL C 587 8.69 17.68 -18.67
N SER C 588 7.73 16.97 -18.08
CA SER C 588 6.62 16.35 -18.78
C SER C 588 5.45 17.31 -18.91
N VAL C 589 4.42 16.88 -19.61
CA VAL C 589 3.25 17.73 -19.82
C VAL C 589 2.60 18.07 -18.49
N ALA C 590 2.38 17.06 -17.65
CA ALA C 590 1.75 17.33 -16.36
C ALA C 590 2.65 18.18 -15.46
N THR C 591 3.95 17.91 -15.46
CA THR C 591 4.85 18.70 -14.62
C THR C 591 4.89 20.15 -15.07
N ALA C 592 4.85 20.39 -16.37
CA ALA C 592 4.84 21.77 -16.84
C ALA C 592 3.57 22.50 -16.46
N MET C 593 2.63 21.82 -15.80
CA MET C 593 1.38 22.41 -15.37
C MET C 593 1.38 22.81 -13.90
N ILE C 594 2.53 22.72 -13.23
CA ILE C 594 2.63 23.07 -11.81
C ILE C 594 3.14 24.51 -11.73
N PRO C 595 2.33 25.46 -11.30
CA PRO C 595 2.83 26.82 -11.16
C PRO C 595 3.84 26.89 -10.04
N PHE C 596 4.82 27.78 -10.21
CA PHE C 596 5.91 27.91 -9.25
C PHE C 596 6.56 26.56 -9.00
N LEU C 597 6.74 25.79 -10.07
CA LEU C 597 7.36 24.48 -9.95
C LEU C 597 8.78 24.57 -9.43
N GLU C 598 9.49 25.66 -9.72
CA GLU C 598 10.86 25.76 -9.27
C GLU C 598 10.98 25.85 -7.76
N HIS C 599 9.88 26.03 -7.03
CA HIS C 599 9.92 26.09 -5.58
C HIS C 599 9.40 24.85 -4.86
N ASP C 600 9.11 23.75 -5.56
CA ASP C 600 8.60 22.55 -4.93
C ASP C 600 9.60 21.42 -5.09
N ASP C 601 9.84 20.69 -4.00
CA ASP C 601 10.76 19.57 -4.05
C ASP C 601 10.22 18.47 -4.95
N ALA C 602 11.12 17.62 -5.42
CA ALA C 602 10.72 16.60 -6.38
C ALA C 602 9.72 15.64 -5.78
N ASN C 603 9.79 15.41 -4.47
CA ASN C 603 8.87 14.47 -3.84
C ASN C 603 7.44 14.95 -3.95
N ARG C 604 7.17 16.17 -3.46
CA ARG C 604 5.81 16.69 -3.56
C ARG C 604 5.44 17.05 -4.98
N ALA C 605 6.44 17.37 -5.82
CA ALA C 605 6.16 17.61 -7.23
C ALA C 605 5.74 16.34 -7.94
N LEU C 606 6.37 15.21 -7.61
CA LEU C 606 5.95 13.95 -8.19
C LEU C 606 4.49 13.68 -7.88
N MET C 607 4.10 13.84 -6.61
CA MET C 607 2.70 13.65 -6.27
C MET C 607 1.83 14.69 -6.93
N GLY C 608 2.33 15.91 -7.09
CA GLY C 608 1.52 16.93 -7.72
C GLY C 608 1.17 16.58 -9.15
N ALA C 609 2.16 16.07 -9.89
CA ALA C 609 1.88 15.69 -11.27
C ALA C 609 1.12 14.37 -11.35
N ASN C 610 1.42 13.43 -10.47
CA ASN C 610 0.71 12.15 -10.54
C ASN C 610 -0.74 12.29 -10.12
N MET C 611 -1.05 13.24 -9.26
CA MET C 611 -2.44 13.39 -8.83
C MET C 611 -3.27 14.24 -9.78
N GLN C 612 -2.63 15.06 -10.62
CA GLN C 612 -3.42 15.74 -11.64
C GLN C 612 -4.04 14.72 -12.59
N ARG C 613 -3.36 13.62 -12.85
CA ARG C 613 -3.95 12.59 -13.70
C ARG C 613 -5.10 11.87 -13.01
N GLN C 614 -5.29 12.08 -11.72
CA GLN C 614 -6.37 11.49 -10.94
C GLN C 614 -7.52 12.45 -10.75
N ALA C 615 -7.49 13.61 -11.39
CA ALA C 615 -8.55 14.58 -11.23
C ALA C 615 -9.87 14.05 -11.76
N VAL C 616 -10.95 14.45 -11.10
CA VAL C 616 -12.30 14.03 -11.43
C VAL C 616 -12.98 15.14 -12.21
N PRO C 617 -13.60 14.84 -13.36
CA PRO C 617 -14.31 15.88 -14.11
C PRO C 617 -15.52 16.36 -13.32
N LEU C 618 -15.55 17.67 -13.07
CA LEU C 618 -16.63 18.24 -12.27
C LEU C 618 -17.84 18.52 -13.14
N VAL C 619 -18.95 18.86 -12.50
CA VAL C 619 -20.17 19.15 -13.24
C VAL C 619 -19.92 20.32 -14.18
N ARG C 620 -19.52 21.45 -13.61
CA ARG C 620 -19.05 22.59 -14.37
C ARG C 620 -17.57 22.78 -14.08
N SER C 621 -16.83 23.30 -15.05
CA SER C 621 -15.39 23.41 -14.92
C SER C 621 -14.99 24.86 -14.95
N GLU C 622 -14.03 25.22 -14.10
CA GLU C 622 -13.47 26.56 -14.04
C GLU C 622 -11.99 26.48 -14.34
N ALA C 623 -11.53 27.27 -15.30
CA ALA C 623 -10.11 27.34 -15.56
C ALA C 623 -9.40 27.99 -14.38
N PRO C 624 -8.19 27.56 -14.06
CA PRO C 624 -7.50 28.11 -12.89
C PRO C 624 -7.06 29.55 -13.14
N LEU C 625 -7.09 30.34 -12.07
CA LEU C 625 -6.58 31.70 -12.15
C LEU C 625 -5.08 31.72 -12.38
N VAL C 626 -4.33 30.97 -11.58
CA VAL C 626 -2.88 30.87 -11.72
C VAL C 626 -2.54 29.66 -12.57
N GLY C 627 -2.08 29.89 -13.79
CA GLY C 627 -1.72 28.81 -14.68
C GLY C 627 -0.27 28.76 -15.05
N THR C 628 0.07 27.90 -16.02
CA THR C 628 1.44 27.77 -16.49
C THR C 628 1.59 27.95 -17.99
N GLY C 629 0.51 28.03 -18.74
CA GLY C 629 0.55 28.11 -20.19
C GLY C 629 0.38 26.78 -20.89
N MET C 630 0.69 25.68 -20.21
CA MET C 630 0.52 24.37 -20.82
C MET C 630 -0.94 23.96 -20.86
N GLU C 631 -1.80 24.61 -20.08
CA GLU C 631 -3.18 24.16 -19.98
C GLU C 631 -3.88 24.17 -21.31
N LEU C 632 -3.49 25.07 -22.21
CA LEU C 632 -4.16 25.14 -23.51
C LEU C 632 -3.77 23.96 -24.40
N ARG C 633 -2.47 23.79 -24.66
CA ARG C 633 -2.05 22.72 -25.54
C ARG C 633 -2.28 21.34 -24.93
N ALA C 634 -2.26 21.23 -23.60
CA ALA C 634 -2.53 19.94 -22.99
C ALA C 634 -3.97 19.52 -23.22
N ALA C 635 -4.89 20.49 -23.21
CA ALA C 635 -6.29 20.17 -23.42
C ALA C 635 -6.57 19.89 -24.89
N ILE C 636 -6.02 20.72 -25.78
CA ILE C 636 -6.30 20.59 -27.20
C ILE C 636 -5.69 19.32 -27.77
N ASP C 637 -4.42 19.07 -27.48
CA ASP C 637 -3.76 17.88 -28.01
C ASP C 637 -4.28 16.61 -27.36
N ALA C 638 -5.00 16.71 -26.23
CA ALA C 638 -5.54 15.52 -25.61
C ALA C 638 -6.57 14.85 -26.49
N GLY C 639 -7.43 15.63 -27.14
CA GLY C 639 -8.42 15.08 -28.03
C GLY C 639 -9.80 14.90 -27.45
N ASP C 640 -10.05 15.41 -26.25
CA ASP C 640 -11.36 15.32 -25.64
C ASP C 640 -12.15 16.62 -25.80
N VAL C 641 -11.67 17.54 -26.63
CA VAL C 641 -12.42 18.72 -27.00
C VAL C 641 -12.79 18.61 -28.48
N VAL C 642 -13.48 19.62 -29.01
CA VAL C 642 -13.91 19.64 -30.40
C VAL C 642 -13.30 20.86 -31.07
N VAL C 643 -12.31 20.64 -31.91
CA VAL C 643 -11.64 21.72 -32.64
C VAL C 643 -12.10 21.71 -34.08
N ALA C 644 -12.29 22.91 -34.63
CA ALA C 644 -12.70 23.04 -36.03
C ALA C 644 -11.56 22.69 -36.96
N GLU C 645 -11.81 21.80 -37.92
CA GLU C 645 -10.75 21.46 -38.88
C GLU C 645 -10.51 22.60 -39.85
N GLU C 646 -11.57 23.15 -40.42
CA GLU C 646 -11.43 24.25 -41.37
C GLU C 646 -12.25 25.44 -40.92
N SER C 647 -11.75 26.62 -41.26
CA SER C 647 -12.41 27.86 -40.88
C SER C 647 -13.77 28.00 -41.54
N GLY C 648 -14.65 28.74 -40.88
CA GLY C 648 -15.98 28.98 -41.40
C GLY C 648 -16.83 29.65 -40.35
N VAL C 649 -18.14 29.65 -40.60
CA VAL C 649 -19.09 30.23 -39.67
C VAL C 649 -20.01 29.11 -39.17
N ILE C 650 -20.60 29.36 -38.01
CA ILE C 650 -21.50 28.39 -37.38
C ILE C 650 -22.89 28.60 -37.96
N GLU C 651 -23.38 27.60 -38.70
CA GLU C 651 -24.70 27.73 -39.31
C GLU C 651 -25.80 27.43 -38.31
N GLU C 652 -25.70 26.30 -37.62
CA GLU C 652 -26.67 25.93 -36.60
C GLU C 652 -25.94 25.19 -35.49
N VAL C 653 -26.22 25.58 -34.25
CA VAL C 653 -25.59 25.01 -33.07
C VAL C 653 -26.66 24.54 -32.11
N SER C 654 -26.51 23.32 -31.61
CA SER C 654 -27.43 22.77 -30.63
C SER C 654 -26.60 22.05 -29.58
N ALA C 655 -27.24 21.73 -28.46
CA ALA C 655 -26.57 20.93 -27.46
C ALA C 655 -26.19 19.55 -27.98
N ASP C 656 -26.81 19.11 -29.07
CA ASP C 656 -26.55 17.79 -29.63
C ASP C 656 -25.41 17.80 -30.64
N TYR C 657 -25.36 18.80 -31.51
CA TYR C 657 -24.33 18.85 -32.53
C TYR C 657 -24.05 20.29 -32.92
N ILE C 658 -22.92 20.50 -33.59
CA ILE C 658 -22.53 21.79 -34.11
C ILE C 658 -22.23 21.63 -35.59
N THR C 659 -22.85 22.48 -36.42
CA THR C 659 -22.64 22.47 -37.85
C THR C 659 -21.90 23.73 -38.25
N VAL C 660 -20.83 23.57 -39.01
CA VAL C 660 -19.99 24.69 -39.43
C VAL C 660 -20.08 24.85 -40.94
N MET C 661 -20.43 26.06 -41.38
CA MET C 661 -20.49 26.37 -42.80
C MET C 661 -19.19 27.02 -43.22
N HIS C 662 -18.41 26.32 -44.02
CA HIS C 662 -17.10 26.83 -44.38
C HIS C 662 -17.24 27.97 -45.38
N ASP C 663 -16.11 28.61 -45.70
CA ASP C 663 -16.14 29.71 -46.64
C ASP C 663 -16.34 29.20 -48.06
N ASN C 664 -15.73 28.07 -48.40
CA ASN C 664 -15.88 27.53 -49.75
C ASN C 664 -17.32 27.09 -50.02
N GLY C 665 -18.02 26.62 -48.99
CA GLY C 665 -19.40 26.22 -49.20
C GLY C 665 -19.73 24.88 -48.58
N THR C 666 -18.70 24.12 -48.19
CA THR C 666 -18.95 22.83 -47.60
C THR C 666 -19.39 22.99 -46.15
N ARG C 667 -19.99 21.93 -45.62
CA ARG C 667 -20.46 21.92 -44.24
C ARG C 667 -19.86 20.74 -43.49
N ARG C 668 -19.38 21.00 -42.28
CA ARG C 668 -18.98 19.98 -41.34
C ARG C 668 -19.79 20.14 -40.06
N THR C 669 -20.29 19.03 -39.54
CA THR C 669 -21.08 19.02 -38.34
C THR C 669 -20.38 18.15 -37.31
N TYR C 670 -20.11 18.71 -36.14
CA TYR C 670 -19.44 17.99 -35.08
C TYR C 670 -20.46 17.61 -34.02
N ARG C 671 -20.49 16.33 -33.67
CA ARG C 671 -21.46 15.83 -32.70
C ARG C 671 -20.82 15.82 -31.32
N MET C 672 -21.55 16.34 -30.34
CA MET C 672 -21.06 16.41 -28.98
C MET C 672 -21.26 15.08 -28.26
N ARG C 673 -20.26 14.67 -27.49
CA ARG C 673 -20.36 13.49 -26.65
C ARG C 673 -20.95 13.90 -25.31
N LYS C 674 -22.17 13.46 -25.03
CA LYS C 674 -22.94 13.92 -23.88
C LYS C 674 -23.09 12.77 -22.88
N PHE C 675 -22.66 13.01 -21.65
CA PHE C 675 -22.89 12.07 -20.55
C PHE C 675 -22.40 10.67 -20.90
N ALA C 676 -21.21 10.61 -21.48
CA ALA C 676 -20.62 9.33 -21.85
C ALA C 676 -19.85 8.77 -20.66
N ARG C 677 -19.90 7.46 -20.51
CA ARG C 677 -19.15 6.80 -19.44
C ARG C 677 -17.69 6.67 -19.84
N SER C 678 -16.80 7.16 -18.98
CA SER C 678 -15.40 6.98 -19.25
C SER C 678 -14.98 5.58 -18.82
N ASN C 679 -13.70 5.26 -19.04
CA ASN C 679 -13.23 3.96 -18.63
C ASN C 679 -13.26 3.81 -17.11
N HIS C 680 -13.15 4.94 -16.41
CA HIS C 680 -13.07 4.94 -14.95
C HIS C 680 -14.30 5.55 -14.30
N GLY C 681 -15.41 5.62 -15.01
CA GLY C 681 -16.64 6.10 -14.42
C GLY C 681 -16.81 7.60 -14.39
N THR C 682 -15.84 8.37 -14.86
CA THR C 682 -16.07 9.81 -14.90
C THR C 682 -17.00 10.14 -16.06
N CYS C 683 -17.48 11.37 -16.08
CA CYS C 683 -18.45 11.83 -17.06
C CYS C 683 -17.74 12.64 -18.13
N ALA C 684 -17.67 12.08 -19.35
CA ALA C 684 -17.13 12.80 -20.49
C ALA C 684 -18.29 13.48 -21.20
N ASN C 685 -18.39 14.79 -21.04
CA ASN C 685 -19.51 15.58 -21.52
C ASN C 685 -18.97 16.80 -22.24
N GLN C 686 -19.27 16.92 -23.52
CA GLN C 686 -18.81 18.06 -24.29
C GLN C 686 -19.91 19.10 -24.39
N CYS C 687 -19.53 20.36 -24.34
CA CYS C 687 -20.49 21.44 -24.46
C CYS C 687 -19.98 22.44 -25.49
N PRO C 688 -20.84 22.89 -26.39
CA PRO C 688 -20.43 23.91 -27.35
C PRO C 688 -20.13 25.22 -26.65
N ILE C 689 -19.14 25.94 -27.19
CA ILE C 689 -18.76 27.24 -26.68
C ILE C 689 -19.25 28.35 -27.59
N VAL C 690 -19.07 28.20 -28.90
CA VAL C 690 -19.45 29.24 -29.85
C VAL C 690 -20.97 29.29 -29.92
N ASP C 691 -21.51 30.35 -30.51
CA ASP C 691 -22.95 30.48 -30.66
C ASP C 691 -23.33 30.46 -32.15
N ALA C 692 -24.61 30.70 -32.41
CA ALA C 692 -25.09 30.65 -33.78
C ALA C 692 -24.58 31.85 -34.56
N GLY C 693 -24.00 31.60 -35.73
CA GLY C 693 -23.54 32.69 -36.54
C GLY C 693 -22.26 33.29 -36.00
N ASP C 694 -21.38 32.46 -35.45
CA ASP C 694 -20.12 32.93 -34.90
C ASP C 694 -18.99 32.58 -35.86
N ARG C 695 -18.23 33.61 -36.24
CA ARG C 695 -17.04 33.41 -37.06
C ARG C 695 -15.98 32.71 -36.23
N VAL C 696 -15.50 31.57 -36.73
CA VAL C 696 -14.52 30.77 -36.02
C VAL C 696 -13.40 30.41 -36.99
N GLU C 697 -12.16 30.66 -36.56
CA GLU C 697 -10.98 30.40 -37.38
C GLU C 697 -10.63 28.91 -37.32
N ALA C 698 -9.70 28.52 -38.17
CA ALA C 698 -9.30 27.12 -38.21
C ALA C 698 -8.45 26.79 -37.00
N GLY C 699 -8.69 25.63 -36.41
CA GLY C 699 -7.96 25.25 -35.22
C GLY C 699 -8.47 25.87 -33.92
N GLN C 700 -9.65 26.47 -33.93
CA GLN C 700 -10.18 27.11 -32.74
C GLN C 700 -11.11 26.15 -32.02
N VAL C 701 -11.09 26.21 -30.69
CA VAL C 701 -11.94 25.35 -29.90
C VAL C 701 -13.38 25.85 -29.98
N ILE C 702 -14.26 25.02 -30.55
CA ILE C 702 -15.68 25.37 -30.62
C ILE C 702 -16.49 24.66 -29.56
N ALA C 703 -15.90 23.72 -28.83
CA ALA C 703 -16.60 23.04 -27.76
C ALA C 703 -15.57 22.32 -26.92
N ASP C 704 -15.72 22.39 -25.61
CA ASP C 704 -14.75 21.82 -24.69
C ASP C 704 -15.44 20.79 -23.81
N GLY C 705 -14.68 19.78 -23.41
CA GLY C 705 -15.25 18.66 -22.70
C GLY C 705 -14.94 18.70 -21.23
N PRO C 706 -14.69 17.54 -20.65
CA PRO C 706 -14.48 17.48 -19.20
C PRO C 706 -13.16 18.13 -18.82
N CYS C 707 -13.16 18.81 -17.68
CA CYS C 707 -11.96 19.48 -17.19
C CYS C 707 -11.43 20.45 -18.24
N THR C 708 -12.32 21.19 -18.87
CA THR C 708 -11.93 22.16 -19.89
C THR C 708 -12.77 23.42 -19.79
N ASP C 709 -12.14 24.57 -19.99
CA ASP C 709 -12.83 25.86 -19.97
C ASP C 709 -12.26 26.72 -21.09
N ASP C 710 -13.05 26.96 -22.14
CA ASP C 710 -12.60 27.78 -23.25
C ASP C 710 -11.31 27.24 -23.86
N GLY C 711 -11.10 25.96 -23.71
CA GLY C 711 -9.95 25.30 -24.30
C GLY C 711 -8.79 25.04 -23.38
N GLU C 712 -8.94 25.31 -22.09
CA GLU C 712 -7.85 25.09 -21.14
C GLU C 712 -8.24 24.01 -20.15
N MET C 713 -7.24 23.26 -19.70
CA MET C 713 -7.48 22.20 -18.74
C MET C 713 -7.95 22.80 -17.42
N ALA C 714 -9.16 22.45 -17.00
CA ALA C 714 -9.74 22.95 -15.75
C ALA C 714 -9.93 21.74 -14.85
N LEU C 715 -8.86 21.29 -14.23
CA LEU C 715 -8.91 20.09 -13.41
C LEU C 715 -9.51 20.33 -12.03
N GLY C 716 -9.83 21.57 -11.69
CA GLY C 716 -10.35 21.86 -10.38
C GLY C 716 -11.07 23.18 -10.32
N LYS C 717 -11.11 23.77 -9.13
CA LYS C 717 -11.82 25.00 -8.89
C LYS C 717 -10.93 25.96 -8.13
N ASN C 718 -11.21 27.24 -8.27
CA ASN C 718 -10.51 28.28 -7.53
C ASN C 718 -11.22 28.46 -6.20
N LEU C 719 -10.54 28.15 -5.11
CA LEU C 719 -11.16 28.18 -3.80
C LEU C 719 -10.47 29.21 -2.92
N LEU C 720 -11.27 29.93 -2.15
CA LEU C 720 -10.77 30.91 -1.20
C LEU C 720 -10.22 30.14 0.00
N VAL C 721 -8.91 30.21 0.21
CA VAL C 721 -8.23 29.37 1.17
C VAL C 721 -7.74 30.23 2.33
N ALA C 722 -7.78 29.67 3.53
CA ALA C 722 -7.16 30.28 4.70
C ALA C 722 -6.23 29.26 5.31
N ILE C 723 -5.03 29.69 5.67
CA ILE C 723 -4.00 28.79 6.19
C ILE C 723 -3.97 28.98 7.71
N MET C 724 -4.74 28.15 8.42
CA MET C 724 -4.81 28.28 9.86
C MET C 724 -5.34 26.97 10.46
N PRO C 725 -4.89 26.61 11.65
CA PRO C 725 -5.51 25.48 12.35
C PRO C 725 -6.88 25.86 12.86
N TRP C 726 -7.81 24.92 12.81
CA TRP C 726 -9.19 25.23 13.17
C TRP C 726 -9.75 24.10 14.03
N GLU C 727 -9.58 24.21 15.35
CA GLU C 727 -10.25 23.35 16.29
C GLU C 727 -9.92 21.88 16.08
N GLY C 728 -8.80 21.59 15.43
CA GLY C 728 -8.35 20.23 15.27
C GLY C 728 -9.01 19.43 14.16
N HIS C 729 -9.94 20.02 13.42
CA HIS C 729 -10.58 19.27 12.35
C HIS C 729 -9.68 19.14 11.12
N ASN C 730 -8.73 20.05 10.93
CA ASN C 730 -7.74 19.98 9.86
C ASN C 730 -6.41 19.41 10.32
N TYR C 731 -6.41 18.58 11.35
CA TYR C 731 -5.15 18.20 12.00
C TYR C 731 -4.33 17.27 11.12
N GLU C 732 -3.06 17.61 10.96
CA GLU C 732 -2.14 17.01 10.00
C GLU C 732 -2.83 16.51 8.74
N ASP C 733 -2.99 17.41 7.78
CA ASP C 733 -3.38 17.17 6.40
C ASP C 733 -4.86 16.90 6.19
N ALA C 734 -5.70 16.91 7.22
CA ALA C 734 -7.13 16.90 6.96
C ALA C 734 -7.57 18.26 6.42
N ILE C 735 -8.72 18.28 5.75
CA ILE C 735 -9.21 19.48 5.10
C ILE C 735 -10.61 19.78 5.59
N ILE C 736 -10.88 21.06 5.84
CA ILE C 736 -12.20 21.56 6.20
C ILE C 736 -12.74 22.38 5.04
N LEU C 737 -13.97 22.11 4.64
CA LEU C 737 -14.56 22.80 3.51
C LEU C 737 -15.83 23.53 3.93
N SER C 738 -16.12 24.62 3.23
CA SER C 738 -17.38 25.33 3.41
C SER C 738 -18.52 24.62 2.71
N ASN C 739 -19.67 24.59 3.36
CA ASN C 739 -20.85 23.97 2.76
C ASN C 739 -21.30 24.71 1.52
N ARG C 740 -20.74 25.88 1.24
CA ARG C 740 -21.06 26.56 -0.01
C ARG C 740 -20.70 25.67 -1.19
N LEU C 741 -19.61 24.91 -1.08
CA LEU C 741 -19.23 24.00 -2.14
C LEU C 741 -20.22 22.86 -2.35
N VAL C 742 -21.01 22.55 -1.33
CA VAL C 742 -22.09 21.57 -1.48
C VAL C 742 -23.35 22.22 -2.01
N GLU C 743 -23.72 23.38 -1.48
CA GLU C 743 -24.95 24.03 -1.89
C GLU C 743 -24.91 24.47 -3.35
N GLU C 744 -23.73 24.86 -3.84
CA GLU C 744 -23.62 25.42 -5.17
C GLU C 744 -22.94 24.46 -6.13
N ASP C 745 -22.79 23.19 -5.75
CA ASP C 745 -22.28 22.17 -6.65
C ASP C 745 -20.93 22.59 -7.22
N VAL C 746 -20.12 23.23 -6.38
CA VAL C 746 -18.80 23.69 -6.80
C VAL C 746 -17.88 22.50 -7.04
N LEU C 747 -17.98 21.49 -6.18
CA LEU C 747 -17.16 20.29 -6.28
C LEU C 747 -18.03 19.06 -6.51
N THR C 748 -19.15 19.22 -7.19
CA THR C 748 -19.98 18.09 -7.54
C THR C 748 -19.51 17.46 -8.83
N SER C 749 -19.46 16.13 -8.85
CA SER C 749 -18.98 15.38 -10.00
C SER C 749 -19.96 14.28 -10.35
N ILE C 750 -20.02 13.94 -11.63
CA ILE C 750 -20.87 12.90 -12.16
C ILE C 750 -20.08 11.62 -12.38
N HIS C 751 -20.64 10.49 -11.97
CA HIS C 751 -20.02 9.19 -12.16
C HIS C 751 -21.08 8.24 -12.73
N ILE C 752 -20.66 7.38 -13.65
CA ILE C 752 -21.55 6.45 -14.33
C ILE C 752 -21.02 5.05 -14.23
N GLU C 753 -21.88 4.11 -13.83
CA GLU C 753 -21.55 2.70 -13.74
C GLU C 753 -22.32 1.94 -14.80
N GLU C 754 -21.73 0.87 -15.30
CA GLU C 754 -22.34 0.02 -16.31
C GLU C 754 -22.72 -1.29 -15.65
N HIS C 755 -23.99 -1.68 -15.80
CA HIS C 755 -24.45 -2.94 -15.25
C HIS C 755 -24.91 -3.85 -16.38
N GLU C 756 -24.61 -5.14 -16.25
CA GLU C 756 -24.75 -6.07 -17.36
C GLU C 756 -25.28 -7.41 -16.87
N ILE C 757 -26.12 -8.05 -17.69
CA ILE C 757 -26.60 -9.40 -17.40
C ILE C 757 -26.99 -10.04 -18.72
N ASP C 758 -26.93 -11.37 -18.75
CA ASP C 758 -27.19 -12.13 -19.97
C ASP C 758 -28.12 -13.29 -19.67
N ALA C 759 -28.87 -13.72 -20.67
CA ALA C 759 -29.78 -14.85 -20.56
C ALA C 759 -29.20 -16.02 -21.34
N ARG C 760 -28.82 -17.08 -20.65
CA ARG C 760 -28.15 -18.21 -21.26
C ARG C 760 -29.11 -19.40 -21.37
N ASP C 761 -28.63 -20.45 -22.03
CA ASP C 761 -29.30 -21.74 -22.09
C ASP C 761 -28.72 -22.62 -21.00
N THR C 762 -29.59 -23.15 -20.15
CA THR C 762 -29.14 -23.99 -19.04
C THR C 762 -29.44 -25.45 -19.34
N LYS C 763 -29.04 -26.31 -18.41
CA LYS C 763 -29.20 -27.75 -18.62
C LYS C 763 -30.66 -28.17 -18.56
N LEU C 764 -31.49 -27.44 -17.81
CA LEU C 764 -32.87 -27.83 -17.60
C LEU C 764 -33.84 -26.93 -18.34
N GLY C 765 -33.34 -26.14 -19.26
CA GLY C 765 -34.15 -25.25 -20.04
C GLY C 765 -33.32 -24.05 -20.44
N ALA C 766 -33.93 -22.87 -20.31
CA ALA C 766 -33.26 -21.62 -20.64
C ALA C 766 -33.68 -20.56 -19.66
N GLU C 767 -32.72 -19.79 -19.15
CA GLU C 767 -33.05 -18.65 -18.32
C GLU C 767 -33.83 -17.63 -19.12
N GLU C 768 -34.89 -17.08 -18.52
CA GLU C 768 -35.71 -16.09 -19.19
C GLU C 768 -35.77 -14.84 -18.33
N ILE C 769 -35.71 -13.69 -19.00
CA ILE C 769 -35.79 -12.38 -18.36
C ILE C 769 -37.24 -11.94 -18.34
N THR C 770 -37.86 -11.95 -17.17
CA THR C 770 -39.28 -11.64 -17.10
C THR C 770 -39.57 -10.78 -15.89
N ARG C 771 -40.65 -9.99 -16.02
CA ARG C 771 -41.15 -9.19 -14.91
C ARG C 771 -41.79 -10.09 -13.87
N ASP C 772 -42.27 -11.25 -14.29
CA ASP C 772 -42.90 -12.23 -13.41
C ASP C 772 -41.79 -12.95 -12.66
N ILE C 773 -41.63 -12.62 -11.39
CA ILE C 773 -40.60 -13.20 -10.53
C ILE C 773 -41.29 -13.88 -9.36
N PRO C 774 -40.94 -15.11 -9.03
CA PRO C 774 -41.67 -15.83 -7.97
C PRO C 774 -41.45 -15.16 -6.63
N ASN C 775 -42.56 -14.97 -5.90
CA ASN C 775 -42.52 -14.51 -4.51
C ASN C 775 -41.87 -13.13 -4.42
N ILE C 776 -42.24 -12.23 -5.32
CA ILE C 776 -41.77 -10.86 -5.29
C ILE C 776 -43.00 -9.95 -5.34
N SER C 777 -43.03 -8.95 -4.47
CA SER C 777 -44.21 -8.11 -4.39
C SER C 777 -44.35 -7.24 -5.64
N ASP C 778 -45.54 -6.70 -5.82
CA ASP C 778 -45.79 -5.74 -6.89
C ASP C 778 -45.22 -4.36 -6.60
N GLU C 779 -44.63 -4.15 -5.42
CA GLU C 779 -44.12 -2.83 -5.07
C GLU C 779 -42.67 -2.68 -5.48
N VAL C 780 -41.87 -3.74 -5.35
CA VAL C 780 -40.51 -3.70 -5.84
C VAL C 780 -40.49 -3.70 -7.37
N LEU C 781 -41.40 -4.47 -7.97
CA LEU C 781 -41.52 -4.55 -9.42
C LEU C 781 -42.28 -3.39 -10.02
N ALA C 782 -42.54 -2.32 -9.26
CA ALA C 782 -43.35 -1.24 -9.81
C ALA C 782 -42.58 -0.40 -10.81
N ASP C 783 -41.26 -0.34 -10.69
CA ASP C 783 -40.44 0.46 -11.57
C ASP C 783 -39.99 -0.27 -12.83
N LEU C 784 -40.38 -1.52 -13.03
CA LEU C 784 -39.94 -2.28 -14.20
C LEU C 784 -40.96 -2.18 -15.33
N ASP C 785 -40.46 -2.24 -16.56
CA ASP C 785 -41.35 -2.27 -17.70
C ASP C 785 -41.91 -3.69 -17.85
N GLU C 786 -42.54 -3.97 -18.99
CA GLU C 786 -43.15 -5.29 -19.14
C GLU C 786 -42.11 -6.37 -19.38
N ARG C 787 -40.86 -6.01 -19.63
CA ARG C 787 -39.80 -6.97 -19.90
C ARG C 787 -39.03 -7.37 -18.67
N GLY C 788 -39.21 -6.67 -17.56
CA GLY C 788 -38.36 -6.86 -16.41
C GLY C 788 -37.21 -5.90 -16.34
N ILE C 789 -37.17 -4.90 -17.22
CA ILE C 789 -36.09 -3.92 -17.26
C ILE C 789 -36.56 -2.65 -16.58
N VAL C 790 -35.66 -2.04 -15.81
CA VAL C 790 -35.97 -0.76 -15.20
C VAL C 790 -36.21 0.28 -16.27
N ARG C 791 -37.11 1.21 -15.99
CA ARG C 791 -37.47 2.23 -16.97
C ARG C 791 -36.51 3.40 -16.84
N ILE C 792 -36.36 4.14 -17.93
CA ILE C 792 -35.44 5.27 -17.93
C ILE C 792 -35.93 6.33 -16.95
N GLY C 793 -35.03 6.85 -16.13
CA GLY C 793 -35.35 7.89 -15.18
C GLY C 793 -35.61 7.42 -13.76
N ALA C 794 -35.78 6.13 -13.56
CA ALA C 794 -36.08 5.65 -12.22
C ALA C 794 -34.85 5.74 -11.32
N GLU C 795 -35.07 6.15 -10.08
CA GLU C 795 -34.00 6.17 -9.09
C GLU C 795 -33.98 4.83 -8.37
N VAL C 796 -32.81 4.20 -8.35
CA VAL C 796 -32.65 2.84 -7.86
C VAL C 796 -31.66 2.87 -6.72
N ARG C 797 -32.07 2.38 -5.56
CA ARG C 797 -31.14 2.20 -4.46
C ARG C 797 -30.42 0.87 -4.62
N ASP C 798 -29.55 0.56 -3.66
CA ASP C 798 -28.83 -0.69 -3.68
C ASP C 798 -29.76 -1.82 -3.25
N GLY C 799 -29.69 -2.93 -3.98
CA GLY C 799 -30.55 -4.06 -3.76
C GLY C 799 -31.79 -4.08 -4.63
N ASP C 800 -32.15 -2.95 -5.22
CA ASP C 800 -33.31 -2.90 -6.09
C ASP C 800 -33.07 -3.69 -7.36
N ILE C 801 -34.16 -4.20 -7.93
CA ILE C 801 -34.08 -5.02 -9.14
C ILE C 801 -33.95 -4.11 -10.35
N LEU C 802 -32.96 -4.39 -11.20
CA LEU C 802 -32.79 -3.71 -12.47
C LEU C 802 -33.28 -4.52 -13.65
N VAL C 803 -32.95 -5.82 -13.67
CA VAL C 803 -33.38 -6.74 -14.72
C VAL C 803 -33.78 -8.03 -14.06
N GLY C 804 -35.04 -8.43 -14.21
CA GLY C 804 -35.54 -9.64 -13.62
C GLY C 804 -35.27 -10.90 -14.42
N LYS C 805 -34.34 -11.72 -13.96
CA LYS C 805 -33.99 -12.96 -14.63
C LYS C 805 -34.19 -14.10 -13.65
N VAL C 806 -34.85 -15.15 -14.11
CA VAL C 806 -35.08 -16.36 -13.32
C VAL C 806 -34.48 -17.53 -14.08
N THR C 807 -33.85 -18.43 -13.34
CA THR C 807 -33.25 -19.60 -13.94
C THR C 807 -33.90 -20.84 -13.36
N PRO C 808 -34.27 -21.81 -14.19
CA PRO C 808 -34.95 -23.01 -13.68
C PRO C 808 -33.96 -23.90 -12.95
N LYS C 809 -34.34 -24.33 -11.74
CA LYS C 809 -33.53 -25.20 -10.92
C LYS C 809 -34.16 -26.59 -10.82
N GLY C 810 -33.32 -27.62 -10.91
CA GLY C 810 -33.81 -28.98 -10.86
C GLY C 810 -34.32 -29.36 -9.48
N GLU C 811 -35.14 -30.41 -9.46
CA GLU C 811 -35.69 -30.90 -8.20
C GLU C 811 -34.65 -31.59 -7.33
N THR C 812 -33.68 -32.27 -7.94
CA THR C 812 -32.68 -32.98 -7.15
C THR C 812 -31.67 -32.07 -6.48
N GLU C 813 -31.82 -30.75 -6.60
CA GLU C 813 -30.90 -29.81 -5.98
C GLU C 813 -31.54 -29.06 -4.81
N LEU C 814 -32.61 -29.60 -4.25
CA LEU C 814 -33.40 -28.89 -3.25
C LEU C 814 -33.06 -29.39 -1.84
N THR C 815 -32.96 -28.46 -0.91
CA THR C 815 -32.78 -28.79 0.49
C THR C 815 -33.98 -29.57 1.03
N PRO C 816 -33.74 -30.52 1.94
CA PRO C 816 -34.88 -31.18 2.60
C PRO C 816 -35.83 -30.18 3.23
N GLU C 817 -35.31 -29.16 3.92
CA GLU C 817 -36.19 -28.13 4.43
C GLU C 817 -36.79 -27.34 3.28
N GLU C 818 -36.01 -27.10 2.23
CA GLU C 818 -36.51 -26.38 1.09
C GLU C 818 -37.56 -27.21 0.36
N ARG C 819 -37.42 -28.53 0.39
CA ARG C 819 -38.43 -29.40 -0.18
C ARG C 819 -39.65 -29.51 0.72
N LEU C 820 -39.43 -29.55 2.04
CA LEU C 820 -40.58 -29.51 2.94
C LEU C 820 -41.26 -28.15 2.88
N LEU C 821 -40.48 -27.07 2.84
CA LEU C 821 -41.14 -25.77 2.72
C LEU C 821 -41.87 -25.68 1.40
N ARG C 822 -41.37 -26.39 0.38
CA ARG C 822 -42.09 -26.44 -0.89
C ARG C 822 -43.31 -27.33 -0.81
N ALA C 823 -43.25 -28.38 0.02
CA ALA C 823 -44.41 -29.25 0.20
C ALA C 823 -45.44 -28.64 1.13
N ILE C 824 -44.98 -27.91 2.15
CA ILE C 824 -45.89 -27.30 3.13
C ILE C 824 -46.50 -26.01 2.66
N PHE C 825 -46.24 -25.58 1.43
CA PHE C 825 -46.91 -24.41 0.87
C PHE C 825 -47.67 -24.72 -0.40
N GLU C 831 -40.32 -24.17 -10.22
CA GLU C 831 -38.99 -24.75 -10.41
C GLU C 831 -37.93 -23.72 -10.73
N VAL C 832 -38.26 -22.43 -10.69
CA VAL C 832 -37.29 -21.39 -10.99
C VAL C 832 -36.88 -20.67 -9.70
N ARG C 833 -35.64 -20.22 -9.69
CA ARG C 833 -35.05 -19.45 -8.60
C ARG C 833 -34.74 -18.04 -9.09
N ASP C 834 -34.44 -17.16 -8.15
CA ASP C 834 -34.21 -15.76 -8.49
C ASP C 834 -32.76 -15.54 -8.86
N THR C 835 -32.55 -15.00 -10.05
CA THR C 835 -31.24 -14.59 -10.52
C THR C 835 -31.35 -13.21 -11.15
N SER C 836 -32.13 -12.35 -10.51
CA SER C 836 -32.41 -11.04 -11.06
C SER C 836 -31.18 -10.16 -10.92
N LEU C 837 -31.08 -9.17 -11.81
CA LEU C 837 -30.00 -8.21 -11.69
C LEU C 837 -30.39 -7.16 -10.68
N LYS C 838 -29.70 -7.14 -9.55
CA LYS C 838 -29.99 -6.18 -8.51
C LYS C 838 -28.86 -5.17 -8.46
N VAL C 839 -29.12 -4.05 -7.78
CA VAL C 839 -28.12 -3.00 -7.71
C VAL C 839 -27.11 -3.37 -6.61
N PRO C 840 -25.82 -3.31 -6.88
CA PRO C 840 -24.86 -3.72 -5.87
C PRO C 840 -24.87 -2.74 -4.71
N HIS C 841 -24.31 -3.21 -3.59
CA HIS C 841 -24.23 -2.38 -2.40
C HIS C 841 -23.37 -1.16 -2.64
N GLY C 842 -23.88 0.00 -2.27
CA GLY C 842 -23.14 1.24 -2.43
C GLY C 842 -23.35 1.99 -3.72
N GLU C 843 -24.19 1.49 -4.61
CA GLU C 843 -24.49 2.17 -5.87
C GLU C 843 -25.84 2.85 -5.78
N SER C 844 -25.96 4.01 -6.41
CA SER C 844 -27.23 4.71 -6.44
C SER C 844 -27.20 5.86 -7.45
N GLY C 845 -28.25 5.98 -8.24
CA GLY C 845 -28.31 7.03 -9.23
C GLY C 845 -29.55 6.91 -10.08
N LYS C 846 -29.59 7.70 -11.15
CA LYS C 846 -30.71 7.69 -12.08
C LYS C 846 -30.36 6.79 -13.25
N VAL C 847 -31.31 5.95 -13.65
CA VAL C 847 -31.09 5.11 -14.82
C VAL C 847 -31.21 5.98 -16.06
N ILE C 848 -30.13 6.11 -16.81
CA ILE C 848 -30.08 7.01 -17.95
C ILE C 848 -30.13 6.30 -19.29
N GLY C 849 -29.75 5.03 -19.37
CA GLY C 849 -29.73 4.34 -20.65
C GLY C 849 -29.88 2.84 -20.49
N ILE C 850 -30.50 2.22 -21.50
CA ILE C 850 -30.64 0.77 -21.57
C ILE C 850 -30.26 0.31 -22.97
N ARG C 851 -29.56 -0.83 -23.03
CA ARG C 851 -29.18 -1.46 -24.29
C ARG C 851 -29.51 -2.94 -24.23
N VAL C 852 -30.31 -3.41 -25.18
CA VAL C 852 -30.78 -4.80 -25.19
C VAL C 852 -30.32 -5.49 -26.47
N PHE C 853 -29.75 -6.68 -26.32
CA PHE C 853 -29.30 -7.51 -27.43
C PHE C 853 -29.95 -8.88 -27.33
N SER C 854 -30.64 -9.30 -28.38
CA SER C 854 -31.38 -10.56 -28.37
C SER C 854 -30.94 -11.40 -29.57
N ARG C 855 -30.65 -12.67 -29.31
CA ARG C 855 -30.34 -13.59 -30.40
C ARG C 855 -31.52 -13.73 -31.35
N GLU C 856 -32.73 -13.71 -30.80
CA GLU C 856 -33.92 -13.77 -31.66
C GLU C 856 -33.95 -12.62 -32.65
N ASP C 857 -33.38 -11.48 -32.28
CA ASP C 857 -33.43 -10.30 -33.13
C ASP C 857 -32.06 -10.03 -33.76
N GLU C 858 -31.49 -11.05 -34.38
CA GLU C 858 -30.29 -10.86 -35.20
C GLU C 858 -29.07 -10.42 -34.41
N ASP C 859 -29.23 -10.16 -33.12
CA ASP C 859 -28.09 -9.75 -32.32
C ASP C 859 -27.14 -10.93 -32.12
N GLU C 860 -25.89 -10.77 -32.51
CA GLU C 860 -24.92 -11.86 -32.45
C GLU C 860 -24.35 -11.93 -31.04
N LEU C 861 -24.84 -12.86 -30.26
CA LEU C 861 -24.31 -13.12 -28.94
C LEU C 861 -23.37 -14.31 -28.96
N PRO C 862 -22.53 -14.46 -27.92
CA PRO C 862 -21.72 -15.68 -27.83
C PRO C 862 -22.64 -16.90 -27.79
N ALA C 863 -22.12 -18.01 -28.29
CA ALA C 863 -22.94 -19.20 -28.39
C ALA C 863 -23.42 -19.64 -27.02
N GLY C 864 -24.73 -19.81 -26.90
CA GLY C 864 -25.36 -20.16 -25.63
C GLY C 864 -26.06 -19.03 -24.94
N VAL C 865 -26.07 -17.83 -25.53
CA VAL C 865 -26.72 -16.67 -24.96
C VAL C 865 -27.87 -16.27 -25.86
N ASN C 866 -29.02 -15.97 -25.27
CA ASN C 866 -30.19 -15.57 -26.05
C ASN C 866 -30.52 -14.09 -25.92
N GLU C 867 -30.15 -13.44 -24.83
CA GLU C 867 -30.48 -12.04 -24.67
C GLU C 867 -29.47 -11.41 -23.74
N LEU C 868 -29.14 -10.15 -23.99
CA LEU C 868 -28.17 -9.42 -23.19
C LEU C 868 -28.65 -8.00 -22.95
N VAL C 869 -28.61 -7.56 -21.70
CA VAL C 869 -29.10 -6.25 -21.31
C VAL C 869 -28.02 -5.54 -20.51
N ARG C 870 -27.75 -4.29 -20.87
CA ARG C 870 -26.85 -3.43 -20.12
C ARG C 870 -27.61 -2.20 -19.65
N VAL C 871 -27.52 -1.91 -18.36
CA VAL C 871 -28.23 -0.80 -17.75
C VAL C 871 -27.19 0.19 -17.25
N TYR C 872 -27.33 1.44 -17.67
CA TYR C 872 -26.42 2.50 -17.27
C TYR C 872 -27.05 3.33 -16.17
N VAL C 873 -26.38 3.43 -15.04
CA VAL C 873 -26.84 4.20 -13.89
C VAL C 873 -25.88 5.35 -13.66
N ALA C 874 -26.42 6.57 -13.54
CA ALA C 874 -25.64 7.76 -13.30
C ALA C 874 -25.94 8.30 -11.91
N GLN C 875 -24.90 8.61 -11.16
CA GLN C 875 -25.03 9.23 -9.85
C GLN C 875 -24.40 10.61 -9.84
N LYS C 876 -25.03 11.53 -9.13
CA LYS C 876 -24.52 12.89 -8.97
C LYS C 876 -23.92 12.97 -7.58
N ARG C 877 -22.59 12.96 -7.50
CA ARG C 877 -21.88 12.83 -6.24
C ARG C 877 -21.47 14.22 -5.75
N LYS C 878 -22.12 14.70 -4.72
CA LYS C 878 -21.67 15.89 -4.03
C LYS C 878 -20.46 15.58 -3.18
N ILE C 879 -19.74 16.62 -2.75
CA ILE C 879 -18.55 16.40 -1.95
C ILE C 879 -18.97 15.95 -0.56
N SER C 880 -18.30 14.92 -0.03
CA SER C 880 -18.72 14.29 1.21
C SER C 880 -17.55 14.23 2.17
N ASP C 881 -17.87 13.98 3.45
CA ASP C 881 -16.83 13.78 4.45
C ASP C 881 -15.97 12.60 4.05
N GLY C 882 -14.67 12.84 3.85
CA GLY C 882 -13.75 11.79 3.50
C GLY C 882 -13.30 11.79 2.05
N ASP C 883 -13.98 12.51 1.18
CA ASP C 883 -13.50 12.63 -0.19
C ASP C 883 -12.15 13.31 -0.22
N LYS C 884 -11.30 12.88 -1.14
CA LYS C 884 -9.92 13.33 -1.19
C LYS C 884 -9.75 14.49 -2.14
N LEU C 885 -9.31 15.63 -1.62
CA LEU C 885 -8.94 16.78 -2.43
C LEU C 885 -7.43 16.94 -2.45
N ALA C 886 -6.94 17.70 -3.42
CA ALA C 886 -5.50 17.89 -3.53
C ALA C 886 -5.21 19.07 -4.45
N GLY C 887 -4.03 19.64 -4.28
CA GLY C 887 -3.54 20.69 -5.15
C GLY C 887 -2.57 20.16 -6.17
N ARG C 888 -1.84 21.08 -6.78
CA ARG C 888 -0.88 20.73 -7.83
C ARG C 888 0.52 20.47 -7.29
N HIS C 889 0.75 20.65 -5.99
CA HIS C 889 2.08 20.51 -5.40
C HIS C 889 2.15 19.31 -4.46
N GLY C 890 1.42 18.25 -4.75
CA GLY C 890 1.49 17.14 -3.83
C GLY C 890 0.87 17.47 -2.49
N ASN C 891 0.10 18.53 -2.41
CA ASN C 891 -0.59 18.90 -1.17
C ASN C 891 -1.96 18.24 -1.23
N LYS C 892 -2.08 17.09 -0.58
CA LYS C 892 -3.27 16.28 -0.61
C LYS C 892 -3.91 16.22 0.77
N GLY C 893 -5.17 15.85 0.80
CA GLY C 893 -5.86 15.69 2.06
C GLY C 893 -7.31 15.31 1.88
N VAL C 894 -7.87 14.64 2.87
CA VAL C 894 -9.26 14.25 2.83
C VAL C 894 -10.11 15.32 3.51
N ILE C 895 -11.42 15.25 3.34
CA ILE C 895 -12.33 16.24 3.89
C ILE C 895 -12.72 15.79 5.29
N GLY C 896 -12.33 16.54 6.30
CA GLY C 896 -12.59 16.10 7.65
C GLY C 896 -13.88 16.62 8.23
N LYS C 897 -14.36 17.73 7.70
CA LYS C 897 -15.56 18.39 8.21
C LYS C 897 -16.00 19.41 7.18
N ILE C 898 -17.29 19.48 6.93
CA ILE C 898 -17.86 20.46 6.01
C ILE C 898 -18.74 21.37 6.86
N LEU C 899 -18.19 22.51 7.28
CA LEU C 899 -18.94 23.40 8.13
C LEU C 899 -19.99 24.17 7.34
N PRO C 900 -21.03 24.64 8.02
CA PRO C 900 -21.96 25.56 7.36
C PRO C 900 -21.28 26.86 7.00
N VAL C 901 -21.89 27.56 6.04
CA VAL C 901 -21.28 28.76 5.50
C VAL C 901 -21.08 29.82 6.58
N GLU C 902 -21.89 29.80 7.63
CA GLU C 902 -21.74 30.82 8.65
C GLU C 902 -20.64 30.49 9.65
N ASP C 903 -20.32 29.22 9.86
CA ASP C 903 -19.25 28.88 10.78
C ASP C 903 -17.87 29.20 10.25
N MET C 904 -17.71 29.32 8.94
CA MET C 904 -16.37 29.48 8.39
C MET C 904 -15.80 30.84 8.76
N PRO C 905 -14.51 30.92 9.07
CA PRO C 905 -13.86 32.22 9.24
C PRO C 905 -13.99 33.06 7.99
N PHE C 906 -14.60 34.23 8.13
CA PHE C 906 -14.90 35.08 6.99
C PHE C 906 -14.02 36.32 7.02
N LEU C 907 -13.79 36.88 5.84
CA LEU C 907 -12.91 38.03 5.68
C LEU C 907 -13.59 39.27 6.25
N ALA C 908 -12.97 40.42 6.04
CA ALA C 908 -13.46 41.66 6.62
C ALA C 908 -14.81 42.06 6.02
N ASP C 909 -15.01 41.80 4.73
CA ASP C 909 -16.22 42.22 4.04
C ASP C 909 -17.33 41.19 4.13
N GLY C 910 -17.18 40.17 4.96
CA GLY C 910 -18.24 39.22 5.18
C GLY C 910 -18.17 37.98 4.34
N THR C 911 -17.29 37.93 3.36
CA THR C 911 -17.16 36.75 2.51
C THR C 911 -16.44 35.65 3.29
N PRO C 912 -17.10 34.53 3.57
CA PRO C 912 -16.42 33.46 4.30
C PRO C 912 -15.46 32.69 3.41
N VAL C 913 -14.43 32.13 4.03
CA VAL C 913 -13.49 31.31 3.30
C VAL C 913 -14.13 29.99 2.90
N ASP C 914 -13.52 29.32 1.94
CA ASP C 914 -14.05 28.05 1.43
C ASP C 914 -13.33 26.83 1.98
N ILE C 915 -12.03 26.92 2.26
CA ILE C 915 -11.25 25.76 2.66
C ILE C 915 -10.18 26.22 3.65
N ILE C 916 -9.97 25.41 4.69
CA ILE C 916 -8.98 25.70 5.72
C ILE C 916 -7.93 24.62 5.71
N LEU C 917 -6.66 24.99 5.54
CA LEU C 917 -5.56 24.04 5.50
C LEU C 917 -4.70 24.21 6.74
N ASN C 918 -4.39 23.11 7.40
CA ASN C 918 -3.57 23.18 8.60
C ASN C 918 -2.17 23.68 8.23
N THR C 919 -1.63 24.57 9.06
CA THR C 919 -0.33 25.15 8.77
C THR C 919 0.82 24.20 9.05
N HIS C 920 0.65 23.27 10.00
CA HIS C 920 1.77 22.42 10.40
C HIS C 920 2.22 21.51 9.27
N GLY C 921 1.31 21.12 8.39
CA GLY C 921 1.65 20.22 7.31
C GLY C 921 2.09 20.96 6.07
N VAL C 922 2.64 22.16 6.25
CA VAL C 922 3.06 22.97 5.11
C VAL C 922 4.57 23.11 5.02
N PRO C 923 5.25 23.57 6.07
CA PRO C 923 6.69 23.84 5.95
C PRO C 923 7.56 22.61 6.07
N ARG C 924 7.00 21.46 6.44
CA ARG C 924 7.78 20.23 6.45
C ARG C 924 8.00 19.73 5.03
N ARG C 925 6.93 19.71 4.22
CA ARG C 925 6.99 19.10 2.91
C ARG C 925 7.80 19.89 1.90
N MET C 926 8.19 21.12 2.22
CA MET C 926 8.97 21.95 1.30
C MET C 926 8.23 22.24 0.00
N ASN C 927 6.92 22.46 0.08
CA ASN C 927 6.12 22.80 -1.10
C ASN C 927 5.70 24.26 -1.01
N ILE C 928 6.70 25.15 -1.09
CA ILE C 928 6.45 26.57 -1.01
C ILE C 928 5.61 27.06 -2.18
N GLY C 929 5.53 26.30 -3.25
CA GLY C 929 4.72 26.73 -4.38
C GLY C 929 3.30 27.08 -4.00
N GLN C 930 2.73 26.35 -3.04
CA GLN C 930 1.38 26.70 -2.62
C GLN C 930 1.35 28.06 -1.96
N ILE C 931 2.43 28.44 -1.28
CA ILE C 931 2.45 29.75 -0.65
C ILE C 931 2.55 30.83 -1.71
N LEU C 932 3.45 30.66 -2.68
CA LEU C 932 3.53 31.63 -3.76
C LEU C 932 2.28 31.60 -4.62
N GLU C 933 1.72 30.41 -4.82
CA GLU C 933 0.46 30.31 -5.56
C GLU C 933 -0.68 30.95 -4.80
N THR C 934 -0.72 30.78 -3.49
CA THR C 934 -1.80 31.37 -2.73
C THR C 934 -1.79 32.89 -2.83
N HIS C 935 -0.59 33.48 -2.78
CA HIS C 935 -0.47 34.92 -2.88
C HIS C 935 -0.86 35.43 -4.27
N LEU C 936 -0.22 34.89 -5.30
CA LEU C 936 -0.56 35.28 -6.67
C LEU C 936 -2.03 35.03 -6.97
N GLY C 937 -2.60 33.98 -6.40
CA GLY C 937 -4.00 33.70 -6.65
C GLY C 937 -4.91 34.82 -6.19
N TRP C 938 -4.59 35.43 -5.04
CA TRP C 938 -5.38 36.55 -4.56
C TRP C 938 -5.20 37.76 -5.46
N CYS C 939 -3.95 38.07 -5.82
CA CYS C 939 -3.72 39.20 -6.69
C CYS C 939 -4.46 39.04 -8.01
N ALA C 940 -4.60 37.80 -8.48
CA ALA C 940 -5.39 37.57 -9.69
C ALA C 940 -6.86 37.79 -9.40
N HIS C 941 -7.35 37.37 -8.23
CA HIS C 941 -8.77 37.52 -7.95
C HIS C 941 -9.15 38.99 -7.79
N SER C 942 -8.28 39.79 -7.16
CA SER C 942 -8.63 41.17 -6.90
C SER C 942 -8.16 42.09 -8.00
N GLY C 943 -7.01 41.80 -8.59
CA GLY C 943 -6.42 42.69 -9.57
C GLY C 943 -5.47 43.66 -8.92
N TRP C 944 -4.67 44.33 -9.75
CA TRP C 944 -3.68 45.23 -9.20
C TRP C 944 -3.46 46.36 -10.18
N LYS C 945 -2.75 47.38 -9.71
CA LYS C 945 -2.45 48.56 -10.50
C LYS C 945 -1.12 49.07 -9.97
N VAL C 946 -0.08 48.99 -10.78
CA VAL C 946 1.24 49.42 -10.35
C VAL C 946 1.37 50.92 -10.53
N ASP C 947 2.00 51.57 -9.56
CA ASP C 947 2.18 53.01 -9.66
C ASP C 947 3.05 53.35 -10.86
N ALA C 948 2.44 53.84 -11.92
CA ALA C 948 3.21 54.16 -13.12
C ALA C 948 3.84 55.54 -13.01
N ALA C 949 3.23 56.43 -12.24
CA ALA C 949 3.75 57.78 -12.11
C ALA C 949 5.11 57.76 -11.45
N LYS C 950 5.93 58.75 -11.77
CA LYS C 950 7.28 58.80 -11.27
C LYS C 950 8.02 57.54 -11.69
N GLY C 951 7.77 57.12 -12.93
CA GLY C 951 8.47 56.01 -13.54
C GLY C 951 7.93 54.66 -13.12
N VAL C 952 8.50 53.63 -13.74
CA VAL C 952 8.19 52.25 -13.39
C VAL C 952 9.00 51.86 -12.17
N PRO C 953 8.38 51.33 -11.12
CA PRO C 953 9.16 50.96 -9.93
C PRO C 953 10.26 49.98 -10.27
N ASP C 954 11.21 49.84 -9.35
CA ASP C 954 12.41 49.09 -9.63
C ASP C 954 12.21 47.58 -9.60
N TRP C 955 11.13 47.10 -8.98
CA TRP C 955 10.92 45.66 -8.96
C TRP C 955 10.21 45.17 -10.21
N ALA C 956 9.31 45.99 -10.75
CA ALA C 956 8.54 45.62 -11.93
C ALA C 956 9.21 46.07 -13.22
N ALA C 957 10.52 46.30 -13.19
CA ALA C 957 11.20 46.72 -14.41
C ALA C 957 11.28 45.56 -15.38
N ARG C 958 11.36 44.35 -14.87
CA ARG C 958 11.44 43.15 -15.68
C ARG C 958 10.08 42.64 -16.09
N LEU C 959 9.01 43.10 -15.42
CA LEU C 959 7.68 42.63 -15.77
C LEU C 959 7.25 43.22 -17.10
N PRO C 960 6.54 42.46 -17.93
CA PRO C 960 5.97 43.04 -19.14
C PRO C 960 4.94 44.10 -18.78
N ASP C 961 4.75 45.03 -19.71
CA ASP C 961 3.80 46.11 -19.47
C ASP C 961 2.37 45.61 -19.31
N GLU C 962 2.08 44.41 -19.80
CA GLU C 962 0.73 43.88 -19.67
C GLU C 962 0.37 43.49 -18.25
N LEU C 963 1.34 43.43 -17.33
CA LEU C 963 1.07 43.02 -15.97
C LEU C 963 0.96 44.17 -14.99
N LEU C 964 1.30 45.39 -15.40
CA LEU C 964 1.24 46.50 -14.47
C LEU C 964 -0.18 46.82 -14.05
N GLU C 965 -1.18 46.37 -14.82
CA GLU C 965 -2.57 46.57 -14.47
C GLU C 965 -3.33 45.28 -14.74
N ALA C 966 -4.22 44.92 -13.83
CA ALA C 966 -4.99 43.69 -13.96
C ALA C 966 -6.37 43.90 -13.35
N GLN C 967 -7.39 43.45 -14.06
CA GLN C 967 -8.74 43.48 -13.52
C GLN C 967 -9.00 42.25 -12.66
N PRO C 968 -9.99 42.33 -11.78
CA PRO C 968 -10.32 41.16 -10.94
C PRO C 968 -10.65 39.96 -11.81
N ASN C 969 -10.36 38.78 -11.29
CA ASN C 969 -10.56 37.55 -12.05
C ASN C 969 -9.73 37.58 -13.33
N ALA C 970 -8.47 37.99 -13.19
CA ALA C 970 -7.55 37.98 -14.31
C ALA C 970 -6.81 36.65 -14.35
N ILE C 971 -6.43 36.25 -15.55
CA ILE C 971 -5.74 35.00 -15.75
C ILE C 971 -4.27 35.31 -15.98
N VAL C 972 -3.39 34.53 -15.35
CA VAL C 972 -1.96 34.78 -15.41
C VAL C 972 -1.21 33.47 -15.61
N SER C 973 0.03 33.60 -16.06
CA SER C 973 0.89 32.46 -16.34
C SER C 973 2.17 32.59 -15.55
N THR C 974 2.55 31.52 -14.84
CA THR C 974 3.84 31.42 -14.18
C THR C 974 4.54 30.24 -14.84
N PRO C 975 5.24 30.46 -15.94
CA PRO C 975 5.91 29.33 -16.60
C PRO C 975 6.88 28.67 -15.64
N VAL C 976 7.09 27.38 -15.85
CA VAL C 976 7.99 26.62 -15.00
C VAL C 976 9.41 27.14 -15.16
N PHE C 977 10.09 27.32 -14.03
CA PHE C 977 11.47 27.79 -14.02
C PHE C 977 11.61 29.18 -14.60
N ASP C 978 10.52 29.73 -15.12
CA ASP C 978 10.47 31.14 -15.49
C ASP C 978 9.35 31.74 -14.65
N GLY C 979 8.69 32.76 -15.15
CA GLY C 979 7.50 33.20 -14.46
C GLY C 979 7.81 34.12 -13.30
N ALA C 980 6.83 34.19 -12.39
CA ALA C 980 6.87 35.19 -11.35
C ALA C 980 8.03 34.91 -10.41
N GLN C 981 8.79 35.95 -10.10
CA GLN C 981 9.85 35.87 -9.12
C GLN C 981 9.33 36.41 -7.79
N GLU C 982 9.96 35.99 -6.70
CA GLU C 982 9.42 36.37 -5.40
C GLU C 982 9.49 37.88 -5.21
N ALA C 983 10.45 38.53 -5.86
CA ALA C 983 10.52 39.98 -5.78
C ALA C 983 9.31 40.62 -6.44
N GLU C 984 8.96 40.15 -7.64
CA GLU C 984 7.81 40.70 -8.33
C GLU C 984 6.51 40.34 -7.63
N LEU C 985 6.45 39.18 -7.00
CA LEU C 985 5.23 38.82 -6.27
C LEU C 985 5.03 39.73 -5.08
N GLN C 986 6.10 40.05 -4.37
CA GLN C 986 6.02 40.98 -3.24
C GLN C 986 5.46 42.33 -3.67
N GLY C 987 5.84 42.81 -4.84
CA GLY C 987 5.35 44.10 -5.28
C GLY C 987 3.88 44.10 -5.64
N LEU C 988 3.38 42.98 -6.17
CA LEU C 988 1.98 42.96 -6.55
C LEU C 988 1.08 43.01 -5.33
N LEU C 989 1.48 42.35 -4.24
CA LEU C 989 0.69 42.40 -3.02
C LEU C 989 0.58 43.82 -2.48
N SER C 990 1.54 44.67 -2.81
CA SER C 990 1.52 46.04 -2.31
C SER C 990 0.54 46.89 -3.08
N CYS C 991 0.19 46.49 -4.30
CA CYS C 991 -0.69 47.25 -5.17
C CYS C 991 -1.90 46.41 -5.55
N THR C 992 -2.36 45.58 -4.61
CA THR C 992 -3.56 44.80 -4.86
C THR C 992 -4.76 45.73 -4.95
N LEU C 993 -5.70 45.40 -5.82
CA LEU C 993 -6.87 46.24 -5.99
C LEU C 993 -7.78 46.18 -4.76
N PRO C 994 -8.44 47.27 -4.44
CA PRO C 994 -9.41 47.26 -3.35
C PRO C 994 -10.71 46.62 -3.80
N ASN C 995 -11.55 46.29 -2.83
CA ASN C 995 -12.83 45.68 -3.15
C ASN C 995 -13.86 46.70 -3.62
N ARG C 996 -15.13 46.30 -3.65
CA ARG C 996 -16.18 47.18 -4.14
C ARG C 996 -16.46 48.32 -3.17
N ASP C 997 -16.17 48.13 -1.89
CA ASP C 997 -16.36 49.18 -0.90
C ASP C 997 -15.17 50.12 -0.81
N GLY C 998 -14.08 49.79 -1.50
CA GLY C 998 -12.87 50.60 -1.48
C GLY C 998 -11.83 50.17 -0.47
N ASP C 999 -12.01 49.03 0.18
CA ASP C 999 -11.11 48.56 1.24
C ASP C 999 -10.19 47.47 0.71
N VAL C 1000 -8.93 47.55 1.11
CA VAL C 1000 -7.93 46.53 0.79
C VAL C 1000 -7.95 45.52 1.93
N LEU C 1001 -8.26 44.26 1.60
CA LEU C 1001 -8.47 43.27 2.65
C LEU C 1001 -7.20 42.57 3.10
N VAL C 1002 -6.28 42.29 2.19
CA VAL C 1002 -5.05 41.59 2.52
C VAL C 1002 -3.90 42.58 2.62
N ASP C 1003 -2.92 42.26 3.45
CA ASP C 1003 -1.79 43.13 3.67
C ASP C 1003 -0.69 42.86 2.64
N ALA C 1004 0.33 43.71 2.65
CA ALA C 1004 1.46 43.49 1.75
C ALA C 1004 2.17 42.18 2.06
N ASP C 1005 2.09 41.71 3.29
CA ASP C 1005 2.62 40.39 3.61
C ASP C 1005 1.79 39.30 2.96
N GLY C 1006 0.56 39.60 2.57
CA GLY C 1006 -0.35 38.64 2.01
C GLY C 1006 -1.38 38.09 2.97
N LYS C 1007 -1.29 38.45 4.24
CA LYS C 1007 -2.22 37.96 5.24
C LYS C 1007 -3.36 38.95 5.43
N ALA C 1008 -4.47 38.46 5.98
CA ALA C 1008 -5.65 39.27 6.18
C ALA C 1008 -6.30 38.91 7.50
N MET C 1009 -7.12 39.83 8.00
CA MET C 1009 -7.77 39.66 9.30
C MET C 1009 -9.10 38.94 9.11
N LEU C 1010 -9.27 37.82 9.80
CA LEU C 1010 -10.45 36.99 9.65
C LEU C 1010 -11.27 37.01 10.95
N PHE C 1011 -12.57 36.78 10.81
CA PHE C 1011 -13.48 36.74 11.95
C PHE C 1011 -13.97 35.31 12.15
N ASP C 1012 -13.95 34.85 13.39
CA ASP C 1012 -14.46 33.53 13.72
C ASP C 1012 -15.98 33.55 13.65
N GLY C 1013 -16.54 32.84 12.69
CA GLY C 1013 -17.98 32.82 12.52
C GLY C 1013 -18.74 32.16 13.65
N ARG C 1014 -18.05 31.40 14.49
CA ARG C 1014 -18.74 30.71 15.58
C ARG C 1014 -18.90 31.58 16.81
N SER C 1015 -17.90 32.39 17.14
CA SER C 1015 -17.94 33.26 18.31
C SER C 1015 -18.14 34.72 17.96
N GLY C 1016 -17.55 35.19 16.87
CA GLY C 1016 -17.63 36.55 16.45
C GLY C 1016 -16.37 37.35 16.69
N GLU C 1017 -15.59 36.99 17.69
CA GLU C 1017 -14.35 37.70 17.97
C GLU C 1017 -13.37 37.51 16.81
N PRO C 1018 -12.73 38.56 16.34
CA PRO C 1018 -11.74 38.40 15.27
C PRO C 1018 -10.55 37.60 15.76
N PHE C 1019 -9.96 36.84 14.85
CA PHE C 1019 -8.81 36.03 15.23
C PHE C 1019 -7.64 36.94 15.60
N PRO C 1020 -6.88 36.58 16.64
CA PRO C 1020 -5.89 37.52 17.19
C PRO C 1020 -4.83 37.95 16.20
N TYR C 1021 -4.49 37.11 15.23
CA TYR C 1021 -3.37 37.43 14.37
C TYR C 1021 -3.79 37.35 12.91
N PRO C 1022 -3.14 38.12 12.04
CA PRO C 1022 -3.44 38.04 10.63
C PRO C 1022 -3.11 36.68 10.07
N VAL C 1023 -3.86 36.26 9.06
CA VAL C 1023 -3.76 34.93 8.50
C VAL C 1023 -3.54 35.02 7.00
N THR C 1024 -2.65 34.17 6.48
CA THR C 1024 -2.45 34.10 5.05
C THR C 1024 -3.76 33.71 4.38
N VAL C 1025 -4.22 34.53 3.44
CA VAL C 1025 -5.48 34.29 2.76
C VAL C 1025 -5.28 34.48 1.27
N GLY C 1026 -5.84 33.58 0.48
CA GLY C 1026 -5.77 33.70 -0.96
C GLY C 1026 -6.64 32.66 -1.62
N TYR C 1027 -6.37 32.45 -2.91
CA TYR C 1027 -7.12 31.51 -3.72
C TYR C 1027 -6.17 30.44 -4.23
N MET C 1028 -6.54 29.19 -4.04
CA MET C 1028 -5.73 28.07 -4.50
C MET C 1028 -6.58 27.16 -5.38
N TYR C 1029 -5.93 26.58 -6.39
CA TYR C 1029 -6.60 25.67 -7.30
C TYR C 1029 -6.58 24.29 -6.68
N ILE C 1030 -7.75 23.80 -6.30
CA ILE C 1030 -7.90 22.51 -5.63
C ILE C 1030 -8.63 21.57 -6.58
N MET C 1031 -8.13 20.35 -6.69
CA MET C 1031 -8.74 19.34 -7.54
C MET C 1031 -9.40 18.28 -6.67
N LYS C 1032 -10.49 17.72 -7.19
CA LYS C 1032 -11.18 16.63 -6.51
C LYS C 1032 -10.63 15.33 -7.08
N LEU C 1033 -9.90 14.59 -6.26
CA LEU C 1033 -9.25 13.37 -6.72
C LEU C 1033 -10.22 12.20 -6.75
N HIS C 1034 -9.87 11.20 -7.54
CA HIS C 1034 -10.71 10.02 -7.71
C HIS C 1034 -10.44 9.01 -6.61
N HIS C 1035 -10.65 9.45 -5.38
CA HIS C 1035 -10.58 8.57 -4.21
C HIS C 1035 -11.69 9.04 -3.27
N LEU C 1036 -12.90 8.57 -3.53
CA LEU C 1036 -14.08 9.05 -2.82
C LEU C 1036 -14.61 7.96 -1.90
N VAL C 1037 -15.10 8.35 -0.73
CA VAL C 1037 -15.60 7.35 0.21
C VAL C 1037 -16.81 6.62 -0.35
N ASP C 1038 -17.55 7.24 -1.26
CA ASP C 1038 -18.68 6.55 -1.85
C ASP C 1038 -18.27 5.27 -2.53
N ASP C 1039 -17.04 5.21 -3.04
CA ASP C 1039 -16.54 3.99 -3.66
C ASP C 1039 -15.71 3.14 -2.69
N LYS C 1040 -14.98 3.76 -1.78
CA LYS C 1040 -14.02 3.06 -0.95
C LYS C 1040 -14.59 2.56 0.36
N ILE C 1041 -15.83 2.86 0.68
CA ILE C 1041 -16.43 2.32 1.90
C ILE C 1041 -16.87 0.89 1.67
N HIS C 1042 -16.68 0.04 2.68
CA HIS C 1042 -17.07 -1.36 2.55
C HIS C 1042 -17.21 -2.00 3.92
N ALA C 1043 -18.13 -2.95 4.01
CA ALA C 1043 -18.38 -3.71 5.21
C ALA C 1043 -19.03 -5.02 4.84
N ARG C 1044 -18.82 -6.04 5.67
CA ARG C 1044 -19.34 -7.36 5.39
C ARG C 1044 -19.60 -8.10 6.69
N SER C 1045 -20.81 -8.64 6.80
CA SER C 1045 -21.15 -9.57 7.88
C SER C 1045 -20.79 -10.98 7.43
N THR C 1046 -21.54 -11.51 6.47
CA THR C 1046 -21.20 -12.75 5.80
C THR C 1046 -21.28 -12.54 4.30
N GLY C 1047 -20.98 -13.58 3.55
CA GLY C 1047 -21.02 -13.52 2.12
C GLY C 1047 -20.38 -14.72 1.46
N PRO C 1048 -19.91 -14.56 0.23
CA PRO C 1048 -19.34 -15.70 -0.49
C PRO C 1048 -18.05 -16.17 0.14
N TYR C 1049 -17.78 -17.45 -0.04
CA TYR C 1049 -16.53 -18.05 0.42
C TYR C 1049 -15.87 -18.82 -0.71
N SER C 1050 -14.54 -18.73 -0.79
CA SER C 1050 -13.79 -19.46 -1.80
C SER C 1050 -13.96 -20.96 -1.63
N MET C 1051 -14.25 -21.66 -2.73
CA MET C 1051 -14.62 -23.07 -2.60
C MET C 1051 -13.49 -23.91 -2.05
N ILE C 1052 -12.25 -23.63 -2.47
CA ILE C 1052 -11.16 -24.51 -2.08
C ILE C 1052 -10.77 -24.28 -0.64
N THR C 1053 -10.46 -23.04 -0.28
CA THR C 1053 -9.96 -22.73 1.05
C THR C 1053 -11.07 -22.44 2.04
N GLN C 1054 -12.30 -22.25 1.57
CA GLN C 1054 -13.44 -21.94 2.44
C GLN C 1054 -13.20 -20.67 3.24
N GLN C 1055 -12.39 -19.82 2.74
CA GLN C 1055 -12.25 -18.54 3.39
C GLN C 1055 -13.05 -17.47 2.65
N PRO C 1056 -13.45 -16.42 3.34
CA PRO C 1056 -14.25 -15.37 2.69
C PRO C 1056 -13.54 -14.78 1.49
N LEU C 1057 -14.34 -14.33 0.52
CA LEU C 1057 -13.81 -13.73 -0.68
C LEU C 1057 -13.10 -12.43 -0.35
N GLY C 1058 -12.47 -11.86 -1.36
CA GLY C 1058 -11.78 -10.59 -1.19
C GLY C 1058 -12.32 -9.50 -2.08
N GLY C 1059 -12.07 -8.25 -1.72
CA GLY C 1059 -12.52 -7.16 -2.54
C GLY C 1059 -13.94 -6.72 -2.26
N LYS C 1060 -14.20 -5.43 -2.45
CA LYS C 1060 -15.55 -4.91 -2.27
C LYS C 1060 -16.50 -5.44 -3.33
N ALA C 1061 -16.04 -5.52 -4.58
CA ALA C 1061 -16.94 -5.91 -5.65
C ALA C 1061 -17.50 -7.31 -5.43
N GLN C 1062 -16.74 -8.19 -4.79
CA GLN C 1062 -17.19 -9.52 -4.46
C GLN C 1062 -17.81 -9.62 -3.07
N PHE C 1063 -18.05 -8.50 -2.40
CA PHE C 1063 -18.63 -8.51 -1.06
C PHE C 1063 -17.73 -9.28 -0.09
N GLY C 1064 -16.43 -9.12 -0.22
CA GLY C 1064 -15.50 -9.87 0.59
C GLY C 1064 -15.21 -9.21 1.91
N GLY C 1065 -14.44 -9.91 2.72
CA GLY C 1065 -14.02 -9.42 4.01
C GLY C 1065 -12.60 -8.91 3.97
N GLN C 1066 -12.19 -8.30 5.08
CA GLN C 1066 -10.83 -7.81 5.20
C GLN C 1066 -9.91 -8.97 5.59
N ARG C 1067 -8.64 -8.82 5.26
CA ARG C 1067 -7.66 -9.87 5.48
C ARG C 1067 -6.91 -9.63 6.77
N PHE C 1068 -7.16 -10.46 7.77
CA PHE C 1068 -6.35 -10.46 8.99
C PHE C 1068 -5.06 -11.19 8.69
N GLY C 1069 -4.06 -10.43 8.27
CA GLY C 1069 -2.82 -10.98 7.77
C GLY C 1069 -1.92 -11.51 8.86
N GLU C 1070 -0.69 -11.80 8.46
CA GLU C 1070 0.26 -12.35 9.42
C GLU C 1070 0.65 -11.32 10.46
N MET C 1071 0.96 -10.10 10.05
CA MET C 1071 1.35 -9.11 11.05
C MET C 1071 0.22 -8.80 12.01
N GLU C 1072 -1.02 -8.86 11.55
CA GLU C 1072 -2.13 -8.58 12.44
C GLU C 1072 -2.34 -9.71 13.45
N CYS C 1073 -2.03 -10.95 13.07
CA CYS C 1073 -2.11 -12.03 14.05
C CYS C 1073 -1.04 -11.86 15.11
N TRP C 1074 0.11 -11.32 14.74
CA TRP C 1074 1.13 -11.04 15.75
C TRP C 1074 0.61 -10.02 16.75
N ALA C 1075 -0.23 -9.10 16.31
CA ALA C 1075 -0.77 -8.09 17.21
C ALA C 1075 -1.69 -8.72 18.24
N MET C 1076 -2.58 -9.62 17.82
CA MET C 1076 -3.43 -10.29 18.79
C MET C 1076 -2.56 -11.08 19.77
N GLN C 1077 -1.59 -11.82 19.26
CA GLN C 1077 -0.72 -12.58 20.17
C GLN C 1077 0.03 -11.64 21.08
N ALA C 1078 0.44 -10.48 20.57
CA ALA C 1078 1.13 -9.51 21.40
C ALA C 1078 0.22 -9.00 22.50
N TYR C 1079 -1.06 -8.81 22.19
CA TYR C 1079 -2.00 -8.41 23.22
C TYR C 1079 -2.33 -9.55 24.17
N GLY C 1080 -2.09 -10.78 23.77
CA GLY C 1080 -2.56 -11.92 24.50
C GLY C 1080 -4.03 -12.25 24.32
N ALA C 1081 -4.69 -11.64 23.34
CA ALA C 1081 -6.10 -11.91 23.09
C ALA C 1081 -6.20 -13.24 22.36
N ALA C 1082 -6.02 -14.32 23.12
CA ALA C 1082 -6.01 -15.63 22.50
C ALA C 1082 -7.37 -15.97 21.92
N TYR C 1083 -8.43 -15.71 22.66
CA TYR C 1083 -9.76 -16.11 22.19
C TYR C 1083 -10.15 -15.32 20.97
N THR C 1084 -9.80 -14.04 20.93
CA THR C 1084 -10.10 -13.25 19.73
C THR C 1084 -9.37 -13.82 18.54
N LEU C 1085 -8.14 -14.28 18.74
CA LEU C 1085 -7.39 -14.82 17.61
C LEU C 1085 -8.02 -16.11 17.10
N GLN C 1086 -8.41 -17.00 18.02
CA GLN C 1086 -9.08 -18.23 17.59
C GLN C 1086 -10.40 -17.89 16.92
N GLU C 1087 -11.11 -16.90 17.45
CA GLU C 1087 -12.37 -16.49 16.83
C GLU C 1087 -12.14 -16.00 15.42
N LEU C 1088 -11.03 -15.30 15.20
CA LEU C 1088 -10.78 -14.75 13.87
C LEU C 1088 -10.48 -15.87 12.88
N LEU C 1089 -9.72 -16.86 13.31
CA LEU C 1089 -9.25 -17.91 12.42
C LEU C 1089 -10.18 -19.11 12.37
N THR C 1090 -11.24 -19.12 13.17
CA THR C 1090 -12.13 -20.26 13.19
C THR C 1090 -13.56 -19.87 12.84
N ILE C 1091 -14.35 -19.48 13.84
CA ILE C 1091 -15.77 -19.25 13.58
C ILE C 1091 -15.98 -18.10 12.62
N LYS C 1092 -15.12 -17.07 12.67
CA LYS C 1092 -15.35 -15.97 11.75
C LYS C 1092 -14.79 -16.21 10.37
N SER C 1093 -14.04 -17.29 10.17
CA SER C 1093 -13.45 -17.53 8.86
C SER C 1093 -13.87 -18.85 8.25
N ASP C 1094 -13.14 -19.93 8.54
CA ASP C 1094 -13.24 -21.15 7.76
C ASP C 1094 -13.73 -22.35 8.57
N ASP C 1095 -14.35 -22.11 9.72
CA ASP C 1095 -15.03 -23.18 10.43
C ASP C 1095 -16.37 -23.39 9.74
N THR C 1096 -16.54 -24.55 9.10
CA THR C 1096 -17.73 -24.75 8.29
C THR C 1096 -18.98 -24.85 9.15
N VAL C 1097 -18.87 -25.50 10.30
CA VAL C 1097 -20.02 -25.68 11.17
C VAL C 1097 -20.01 -24.59 12.22
N GLY C 1098 -18.82 -24.07 12.53
CA GLY C 1098 -18.72 -23.06 13.57
C GLY C 1098 -19.30 -21.73 13.15
N ARG C 1099 -19.11 -21.33 11.89
CA ARG C 1099 -19.63 -20.04 11.46
C ARG C 1099 -21.14 -20.06 11.39
N VAL C 1100 -21.73 -21.20 11.05
CA VAL C 1100 -23.18 -21.27 10.97
C VAL C 1100 -23.77 -21.24 12.37
N LYS C 1101 -23.17 -21.98 13.30
CA LYS C 1101 -23.70 -21.99 14.65
C LYS C 1101 -23.55 -20.64 15.32
N VAL C 1102 -22.60 -19.83 14.84
CA VAL C 1102 -22.51 -18.45 15.31
C VAL C 1102 -23.66 -17.63 14.75
N TYR C 1103 -23.97 -17.83 13.47
CA TYR C 1103 -25.08 -17.09 12.88
C TYR C 1103 -26.39 -17.48 13.56
N GLU C 1104 -26.57 -18.77 13.84
CA GLU C 1104 -27.75 -19.21 14.57
C GLU C 1104 -27.76 -18.68 16.00
N ALA C 1105 -26.61 -18.73 16.67
CA ALA C 1105 -26.53 -18.30 18.05
C ALA C 1105 -26.81 -16.81 18.21
N ILE C 1106 -26.58 -16.02 17.17
CA ILE C 1106 -26.83 -14.58 17.27
C ILE C 1106 -28.30 -14.27 17.16
N VAL C 1107 -28.98 -14.84 16.17
CA VAL C 1107 -30.41 -14.58 16.03
C VAL C 1107 -31.23 -15.22 17.13
N LYS C 1108 -30.69 -16.25 17.79
CA LYS C 1108 -31.39 -16.85 18.92
C LYS C 1108 -31.14 -16.10 20.22
N GLY C 1109 -30.11 -15.27 20.28
CA GLY C 1109 -29.71 -14.66 21.52
C GLY C 1109 -28.89 -15.54 22.44
N GLU C 1110 -28.59 -16.77 22.01
CA GLU C 1110 -27.75 -17.65 22.81
C GLU C 1110 -26.31 -17.14 22.79
N ASN C 1111 -25.44 -17.88 23.45
CA ASN C 1111 -24.02 -17.55 23.49
C ASN C 1111 -23.29 -18.13 22.28
N ILE C 1112 -22.09 -17.63 22.06
CA ILE C 1112 -21.29 -18.06 20.90
C ILE C 1112 -20.77 -19.47 21.13
N PRO C 1113 -20.99 -20.40 20.21
CA PRO C 1113 -20.55 -21.78 20.44
C PRO C 1113 -19.04 -21.93 20.38
N GLU C 1114 -18.57 -23.15 20.51
CA GLU C 1114 -17.12 -23.38 20.54
C GLU C 1114 -16.59 -23.54 19.13
N PRO C 1115 -15.49 -22.88 18.78
CA PRO C 1115 -14.97 -22.97 17.42
C PRO C 1115 -14.48 -24.37 17.09
N GLY C 1116 -14.66 -24.76 15.84
CA GLY C 1116 -14.21 -26.04 15.34
C GLY C 1116 -12.85 -25.97 14.68
N ILE C 1117 -12.62 -26.85 13.72
CA ILE C 1117 -11.33 -26.98 13.05
C ILE C 1117 -11.44 -26.28 11.69
N PRO C 1118 -10.47 -25.45 11.32
CA PRO C 1118 -10.58 -24.74 10.04
C PRO C 1118 -10.55 -25.71 8.88
N GLU C 1119 -11.49 -25.53 7.95
CA GLU C 1119 -11.51 -26.39 6.77
C GLU C 1119 -10.24 -26.22 5.96
N SER C 1120 -9.61 -25.04 6.04
CA SER C 1120 -8.38 -24.82 5.30
C SER C 1120 -7.25 -25.70 5.82
N PHE C 1121 -7.22 -25.97 7.12
CA PHE C 1121 -6.23 -26.89 7.65
C PHE C 1121 -6.50 -28.31 7.22
N LYS C 1122 -7.76 -28.68 7.04
CA LYS C 1122 -8.06 -30.00 6.50
C LYS C 1122 -7.47 -30.13 5.10
N VAL C 1123 -7.47 -29.04 4.34
CA VAL C 1123 -6.91 -29.07 3.01
C VAL C 1123 -5.40 -29.23 3.06
N LEU C 1124 -4.77 -28.59 4.05
CA LEU C 1124 -3.32 -28.74 4.18
C LEU C 1124 -2.92 -30.19 4.34
N LEU C 1125 -3.60 -30.92 5.21
CA LEU C 1125 -3.23 -32.31 5.39
C LEU C 1125 -3.39 -33.07 4.09
N LYS C 1126 -4.49 -32.83 3.38
CA LYS C 1126 -4.70 -33.51 2.13
C LYS C 1126 -3.70 -33.07 1.07
N GLU C 1127 -3.01 -31.95 1.28
CA GLU C 1127 -1.99 -31.58 0.31
C GLU C 1127 -0.63 -32.19 0.62
N LEU C 1128 -0.29 -32.30 1.91
CA LEU C 1128 0.92 -33.00 2.29
C LEU C 1128 0.87 -34.47 1.89
N GLN C 1129 -0.32 -35.07 1.94
CA GLN C 1129 -0.47 -36.45 1.49
C GLN C 1129 -0.17 -36.56 0.01
N SER C 1130 -0.62 -35.60 -0.78
CA SER C 1130 -0.39 -35.66 -2.22
C SER C 1130 1.07 -35.60 -2.59
N LEU C 1131 1.95 -35.24 -1.63
CA LEU C 1131 3.39 -35.28 -1.84
C LEU C 1131 4.02 -36.54 -1.25
N CYS C 1132 3.24 -37.58 -1.02
CA CYS C 1132 3.76 -38.80 -0.45
C CYS C 1132 4.35 -38.56 0.93
N LEU C 1133 3.63 -37.80 1.76
CA LEU C 1133 3.97 -37.58 3.15
C LEU C 1133 2.80 -38.03 4.01
N ASN C 1134 3.07 -38.93 4.96
CA ASN C 1134 2.01 -39.50 5.81
C ASN C 1134 1.87 -38.67 7.08
N VAL C 1135 0.91 -37.76 7.08
CA VAL C 1135 0.65 -36.90 8.23
C VAL C 1135 -0.53 -37.48 8.97
N GLU C 1136 -0.42 -37.54 10.30
CA GLU C 1136 -1.47 -38.12 11.12
C GLU C 1136 -1.60 -37.34 12.41
N VAL C 1137 -2.84 -37.24 12.89
CA VAL C 1137 -3.13 -36.59 14.16
C VAL C 1137 -3.30 -37.66 15.22
N LEU C 1138 -2.51 -37.58 16.29
CA LEU C 1138 -2.55 -38.56 17.36
C LEU C 1138 -3.24 -37.99 18.58
N SER C 1139 -3.97 -38.84 19.30
CA SER C 1139 -4.62 -38.41 20.51
C SER C 1139 -3.64 -38.53 21.68
N SER C 1140 -4.12 -38.25 22.89
CA SER C 1140 -3.26 -38.35 24.06
C SER C 1140 -2.83 -39.78 24.31
N ASP C 1141 -3.67 -40.74 23.94
CA ASP C 1141 -3.34 -42.15 24.12
C ASP C 1141 -2.37 -42.67 23.08
N GLY C 1142 -2.42 -42.15 21.86
CA GLY C 1142 -1.52 -42.56 20.79
C GLY C 1142 -2.23 -43.04 19.56
N ALA C 1143 -3.54 -43.21 19.61
CA ALA C 1143 -4.31 -43.68 18.46
C ALA C 1143 -4.51 -42.55 17.46
N ALA C 1144 -4.34 -42.87 16.18
CA ALA C 1144 -4.59 -41.90 15.14
C ALA C 1144 -6.08 -41.64 15.07
N ILE C 1145 -6.46 -40.37 14.92
CA ILE C 1145 -7.86 -39.99 14.86
C ILE C 1145 -8.17 -39.46 13.48
N GLU C 1146 -9.30 -39.89 12.94
CA GLU C 1146 -9.75 -39.44 11.64
C GLU C 1146 -10.61 -38.19 11.79
N PHE D 6 -9.18 -31.21 20.29
CA PHE D 6 -8.05 -31.62 21.12
C PHE D 6 -7.40 -32.89 20.57
N PHE D 7 -6.27 -32.73 19.90
CA PHE D 7 -5.43 -33.87 19.53
C PHE D 7 -3.99 -33.44 19.74
N ASP D 8 -3.22 -34.29 20.42
CA ASP D 8 -1.92 -33.84 20.92
C ASP D 8 -0.93 -33.63 19.79
N GLU D 9 -0.45 -34.73 19.22
CA GLU D 9 0.69 -34.73 18.32
C GLU D 9 0.25 -34.78 16.87
N LEU D 10 1.11 -34.25 16.00
CA LEU D 10 0.91 -34.33 14.56
C LEU D 10 2.13 -35.03 13.96
N ARG D 11 1.96 -36.29 13.58
CA ARG D 11 3.06 -37.12 13.11
C ARG D 11 3.17 -37.00 11.60
N ILE D 12 4.39 -36.92 11.10
CA ILE D 12 4.64 -36.90 9.67
C ILE D 12 5.70 -37.94 9.35
N GLY D 13 5.58 -38.57 8.19
CA GLY D 13 6.55 -39.58 7.82
C GLY D 13 6.49 -39.92 6.35
N LEU D 14 7.42 -40.78 5.94
CA LEU D 14 7.46 -41.27 4.59
C LEU D 14 6.25 -42.15 4.33
N ALA D 15 5.62 -41.96 3.18
CA ALA D 15 4.44 -42.73 2.81
C ALA D 15 4.89 -44.00 2.10
N THR D 16 4.66 -45.13 2.76
CA THR D 16 4.94 -46.42 2.14
C THR D 16 4.04 -46.60 0.93
N ALA D 17 4.55 -47.34 -0.07
CA ALA D 17 3.71 -47.65 -1.21
C ALA D 17 2.44 -48.37 -0.77
N GLU D 18 2.46 -49.05 0.37
CA GLU D 18 1.23 -49.64 0.87
C GLU D 18 0.29 -48.59 1.43
N ASP D 19 0.83 -47.54 2.05
CA ASP D 19 -0.04 -46.45 2.49
C ASP D 19 -0.65 -45.71 1.31
N ILE D 20 0.13 -45.51 0.25
CA ILE D 20 -0.40 -44.81 -0.92
C ILE D 20 -1.57 -45.57 -1.51
N ARG D 21 -1.50 -46.90 -1.50
CA ARG D 21 -2.63 -47.70 -1.97
C ARG D 21 -3.73 -47.79 -0.94
N GLN D 22 -3.38 -47.75 0.35
CA GLN D 22 -4.41 -47.79 1.38
C GLN D 22 -5.23 -46.52 1.39
N TRP D 23 -4.66 -45.38 0.96
CA TRP D 23 -5.47 -44.18 0.88
C TRP D 23 -6.37 -44.17 -0.34
N SER D 24 -5.86 -44.67 -1.46
CA SER D 24 -6.53 -44.41 -2.73
C SER D 24 -7.79 -45.25 -2.83
N TYR D 25 -8.88 -44.60 -3.21
CA TYR D 25 -10.15 -45.26 -3.46
C TYR D 25 -10.22 -45.88 -4.84
N GLY D 26 -9.09 -46.02 -5.50
CA GLY D 26 -9.03 -46.61 -6.82
C GLY D 26 -7.89 -46.02 -7.61
N GLU D 27 -7.48 -46.75 -8.63
CA GLU D 27 -6.37 -46.35 -9.49
C GLU D 27 -6.91 -45.56 -10.68
N VAL D 28 -6.18 -44.52 -11.06
CA VAL D 28 -6.54 -43.69 -12.20
C VAL D 28 -5.90 -44.29 -13.44
N LYS D 29 -6.69 -45.07 -14.18
CA LYS D 29 -6.16 -45.76 -15.35
C LYS D 29 -6.17 -44.84 -16.56
N LYS D 30 -7.34 -44.39 -16.97
CA LYS D 30 -7.45 -43.59 -18.17
C LYS D 30 -6.92 -42.18 -17.95
N PRO D 31 -6.40 -41.54 -18.99
CA PRO D 31 -5.92 -40.16 -18.88
C PRO D 31 -6.96 -39.09 -19.13
N GLU D 32 -8.18 -39.45 -19.53
CA GLU D 32 -9.18 -38.46 -19.84
C GLU D 32 -9.58 -37.69 -18.60
N THR D 33 -10.19 -36.52 -18.83
CA THR D 33 -10.64 -35.67 -17.73
C THR D 33 -12.16 -35.77 -17.61
N ILE D 34 -12.88 -35.02 -18.45
CA ILE D 34 -14.33 -35.03 -18.46
C ILE D 34 -14.79 -35.13 -19.91
N ASN D 35 -16.10 -35.12 -20.09
CA ASN D 35 -16.68 -34.94 -21.41
C ASN D 35 -17.02 -33.47 -21.60
N TYR D 36 -16.74 -32.95 -22.79
CA TYR D 36 -16.90 -31.53 -23.03
C TYR D 36 -18.28 -31.21 -23.55
N ARG D 37 -19.15 -32.21 -23.67
CA ARG D 37 -20.56 -32.04 -23.99
C ARG D 37 -21.49 -32.33 -22.82
N THR D 38 -21.33 -33.48 -22.16
CA THR D 38 -22.22 -33.87 -21.09
C THR D 38 -21.79 -33.38 -19.70
N LEU D 39 -20.60 -32.78 -19.58
CA LEU D 39 -20.04 -32.38 -18.30
C LEU D 39 -19.87 -33.54 -17.33
N LYS D 40 -20.09 -34.75 -17.77
CA LYS D 40 -19.90 -35.94 -16.94
C LYS D 40 -18.44 -36.34 -16.89
N PRO D 41 -17.87 -36.58 -15.71
CA PRO D 41 -16.47 -37.01 -15.67
C PRO D 41 -16.37 -38.41 -16.23
N GLU D 42 -15.30 -38.66 -16.97
CA GLU D 42 -15.11 -39.98 -17.56
C GLU D 42 -14.76 -41.01 -16.51
N LYS D 43 -15.21 -42.25 -16.76
CA LYS D 43 -14.94 -43.34 -15.84
C LYS D 43 -13.45 -43.62 -15.80
N ASP D 44 -12.93 -43.91 -14.62
CA ASP D 44 -11.52 -44.22 -14.44
C ASP D 44 -10.62 -43.07 -14.85
N GLY D 45 -11.20 -41.89 -15.06
CA GLY D 45 -10.43 -40.69 -15.37
C GLY D 45 -9.99 -39.96 -14.13
N LEU D 46 -9.45 -38.76 -14.34
CA LEU D 46 -8.98 -37.98 -13.21
C LEU D 46 -10.13 -37.50 -12.33
N PHE D 47 -11.38 -37.71 -12.74
CA PHE D 47 -12.54 -37.32 -11.96
C PHE D 47 -13.50 -38.48 -11.75
N CYS D 48 -13.01 -39.72 -11.82
CA CYS D 48 -13.88 -40.88 -11.79
C CYS D 48 -14.75 -40.85 -10.54
N GLU D 49 -16.06 -41.01 -10.74
CA GLU D 49 -16.99 -40.97 -9.64
C GLU D 49 -16.92 -42.23 -8.79
N LYS D 50 -16.50 -43.35 -9.38
CA LYS D 50 -16.26 -44.55 -8.58
C LYS D 50 -15.12 -44.34 -7.60
N ILE D 51 -14.14 -43.52 -7.97
CA ILE D 51 -12.95 -43.30 -7.15
C ILE D 51 -13.17 -42.13 -6.21
N PHE D 52 -13.35 -40.94 -6.79
CA PHE D 52 -13.32 -39.73 -5.98
C PHE D 52 -14.70 -39.40 -5.40
N GLY D 53 -15.76 -39.52 -6.20
CA GLY D 53 -17.08 -39.25 -5.69
C GLY D 53 -18.04 -38.62 -6.66
N PRO D 54 -19.31 -38.55 -6.27
CA PRO D 54 -20.35 -38.04 -7.19
C PRO D 54 -20.24 -36.54 -7.37
N THR D 55 -20.49 -36.08 -8.60
CA THR D 55 -20.49 -34.64 -8.85
C THR D 55 -21.55 -33.93 -8.00
N ARG D 56 -22.77 -34.45 -8.02
CA ARG D 56 -23.86 -33.90 -7.23
C ARG D 56 -24.20 -34.85 -6.09
N ASP D 57 -24.87 -34.32 -5.08
CA ASP D 57 -25.14 -35.11 -3.89
C ASP D 57 -26.12 -36.24 -4.21
N TRP D 58 -25.74 -37.45 -3.81
CA TRP D 58 -26.58 -38.63 -3.96
C TRP D 58 -26.97 -38.92 -5.40
N GLU D 59 -26.23 -38.39 -6.37
CA GLU D 59 -26.47 -38.64 -7.79
C GLU D 59 -25.31 -39.46 -8.34
N CYS D 60 -25.63 -40.63 -8.89
CA CYS D 60 -24.60 -41.48 -9.47
C CYS D 60 -24.39 -41.11 -10.94
N TYR D 61 -23.42 -41.78 -11.58
CA TYR D 61 -23.11 -41.45 -12.96
C TYR D 61 -24.18 -41.98 -13.91
N CYS D 62 -24.51 -43.28 -13.80
CA CYS D 62 -25.46 -43.89 -14.71
C CYS D 62 -26.88 -43.39 -14.51
N GLY D 63 -27.15 -42.68 -13.41
CA GLY D 63 -28.44 -42.10 -13.17
C GLY D 63 -29.46 -43.00 -12.52
N LYS D 64 -29.05 -44.16 -12.01
CA LYS D 64 -30.03 -45.04 -11.41
C LYS D 64 -30.45 -44.56 -10.02
N TYR D 65 -29.52 -44.04 -9.24
CA TYR D 65 -29.80 -43.58 -7.88
C TYR D 65 -29.59 -42.07 -7.81
N LYS D 66 -30.69 -41.34 -7.76
CA LYS D 66 -30.69 -39.88 -7.68
C LYS D 66 -31.38 -39.35 -6.44
N ARG D 67 -31.81 -40.22 -5.53
CA ARG D 67 -32.59 -39.84 -4.37
C ARG D 67 -31.81 -40.13 -3.10
N VAL D 68 -32.27 -39.51 -2.01
CA VAL D 68 -31.57 -39.62 -0.74
C VAL D 68 -31.81 -40.97 -0.08
N ARG D 69 -32.88 -41.67 -0.46
CA ARG D 69 -33.26 -42.90 0.22
C ARG D 69 -32.16 -43.95 0.09
N PHE D 70 -31.36 -43.87 -0.96
CA PHE D 70 -30.26 -44.82 -1.20
C PHE D 70 -28.97 -44.32 -0.56
N LYS D 71 -28.96 -44.31 0.77
CA LYS D 71 -27.80 -43.82 1.50
C LYS D 71 -26.86 -45.00 1.70
N GLY D 72 -25.70 -44.95 1.07
CA GLY D 72 -24.70 -45.98 1.22
C GLY D 72 -24.75 -47.08 0.19
N ILE D 73 -25.51 -46.92 -0.87
CA ILE D 73 -25.65 -47.96 -1.89
C ILE D 73 -24.59 -47.79 -2.95
N ILE D 74 -23.85 -48.86 -3.22
CA ILE D 74 -22.89 -48.88 -4.31
C ILE D 74 -23.66 -49.23 -5.58
N CYS D 75 -23.81 -48.27 -6.48
CA CYS D 75 -24.55 -48.52 -7.70
C CYS D 75 -23.88 -49.64 -8.49
N GLU D 76 -24.69 -50.55 -9.02
CA GLU D 76 -24.13 -51.69 -9.72
C GLU D 76 -23.81 -51.39 -11.17
N ARG D 77 -24.48 -50.41 -11.78
CA ARG D 77 -24.27 -50.13 -13.19
C ARG D 77 -23.19 -49.08 -13.42
N CYS D 78 -22.96 -48.21 -12.44
CA CYS D 78 -21.94 -47.18 -12.55
C CYS D 78 -20.91 -47.20 -11.44
N GLY D 79 -21.14 -47.92 -10.35
CA GLY D 79 -20.13 -48.09 -9.32
C GLY D 79 -19.90 -46.89 -8.44
N VAL D 80 -20.79 -45.92 -8.46
CA VAL D 80 -20.59 -44.69 -7.70
C VAL D 80 -21.29 -44.80 -6.35
N GLU D 81 -20.60 -44.36 -5.30
CA GLU D 81 -21.25 -44.26 -4.01
C GLU D 81 -22.19 -43.06 -3.99
N VAL D 82 -23.06 -43.03 -2.97
CA VAL D 82 -24.04 -41.96 -2.83
C VAL D 82 -23.88 -41.30 -1.46
N THR D 83 -22.94 -40.38 -1.36
CA THR D 83 -22.85 -39.50 -0.19
C THR D 83 -22.85 -38.07 -0.72
N ARG D 84 -22.47 -37.12 0.12
CA ARG D 84 -22.43 -35.75 -0.34
C ARG D 84 -21.20 -35.51 -1.21
N ALA D 85 -21.28 -34.49 -2.04
CA ALA D 85 -20.14 -34.13 -2.87
C ALA D 85 -18.98 -33.58 -2.07
N LYS D 86 -19.10 -33.53 -0.74
CA LYS D 86 -17.98 -33.10 0.09
C LYS D 86 -16.83 -34.08 0.04
N VAL D 87 -17.09 -35.35 -0.29
CA VAL D 87 -16.01 -36.31 -0.35
C VAL D 87 -15.09 -36.04 -1.52
N ARG D 88 -15.58 -35.34 -2.55
CA ARG D 88 -14.61 -35.04 -3.57
C ARG D 88 -13.55 -34.07 -3.11
N ARG D 89 -13.58 -33.71 -1.82
CA ARG D 89 -12.53 -32.90 -1.23
C ARG D 89 -11.62 -33.70 -0.33
N GLU D 90 -11.83 -35.01 -0.20
CA GLU D 90 -11.04 -35.80 0.73
C GLU D 90 -10.68 -37.19 0.24
N ARG D 91 -11.32 -37.71 -0.80
CA ARG D 91 -10.97 -39.04 -1.30
C ARG D 91 -9.80 -38.93 -2.24
N MET D 92 -8.71 -39.62 -1.92
CA MET D 92 -7.50 -39.57 -2.71
C MET D 92 -7.55 -40.63 -3.81
N GLY D 93 -6.90 -40.35 -4.94
CA GLY D 93 -6.67 -41.35 -5.95
C GLY D 93 -5.19 -41.71 -6.05
N HIS D 94 -4.89 -42.62 -6.97
CA HIS D 94 -3.51 -43.02 -7.17
C HIS D 94 -3.30 -43.64 -8.54
N ILE D 95 -2.05 -43.58 -9.00
CA ILE D 95 -1.60 -44.21 -10.24
C ILE D 95 -0.58 -45.26 -9.88
N GLU D 96 -0.81 -46.49 -10.32
CA GLU D 96 0.12 -47.59 -10.07
C GLU D 96 1.15 -47.58 -11.18
N LEU D 97 2.41 -47.35 -10.84
CA LEU D 97 3.44 -47.18 -11.85
C LEU D 97 3.96 -48.51 -12.35
N ALA D 98 4.20 -48.59 -13.66
CA ALA D 98 4.78 -49.80 -14.24
C ALA D 98 6.28 -49.90 -14.02
N ALA D 99 6.91 -48.83 -13.53
CA ALA D 99 8.32 -48.85 -13.24
C ALA D 99 8.55 -47.92 -12.06
N PRO D 100 9.34 -48.31 -11.07
CA PRO D 100 9.57 -47.43 -9.93
C PRO D 100 10.18 -46.11 -10.37
N VAL D 101 9.96 -45.10 -9.54
CA VAL D 101 10.37 -43.73 -9.82
C VAL D 101 10.85 -43.11 -8.52
N THR D 102 11.74 -42.13 -8.63
CA THR D 102 12.33 -41.49 -7.45
C THR D 102 11.67 -40.17 -7.12
N HIS D 103 11.57 -39.90 -5.83
CA HIS D 103 11.03 -38.64 -5.31
C HIS D 103 12.08 -37.54 -5.44
N ILE D 104 11.78 -36.52 -6.25
CA ILE D 104 12.77 -35.50 -6.51
C ILE D 104 13.16 -34.76 -5.23
N TRP D 105 12.30 -34.78 -4.21
CA TRP D 105 12.63 -34.06 -2.98
C TRP D 105 13.84 -34.66 -2.29
N TYR D 106 14.07 -35.95 -2.44
CA TYR D 106 15.17 -36.61 -1.75
C TYR D 106 16.36 -36.84 -2.65
N PHE D 107 16.23 -36.61 -3.95
CA PHE D 107 17.36 -36.70 -4.86
C PHE D 107 18.02 -35.35 -5.13
N LYS D 108 17.25 -34.38 -5.63
CA LYS D 108 17.83 -33.11 -6.02
C LYS D 108 17.88 -32.10 -4.90
N GLY D 109 17.06 -32.24 -3.87
CA GLY D 109 17.14 -31.31 -2.76
C GLY D 109 18.49 -31.40 -2.09
N VAL D 110 19.11 -30.24 -1.85
CA VAL D 110 20.46 -30.22 -1.30
C VAL D 110 20.38 -30.20 0.21
N PRO D 111 21.13 -31.06 0.90
CA PRO D 111 21.99 -32.07 0.29
C PRO D 111 21.22 -33.29 -0.18
N SER D 112 21.70 -33.93 -1.24
CA SER D 112 21.00 -35.06 -1.82
C SER D 112 20.89 -36.17 -0.78
N ARG D 113 19.68 -36.44 -0.33
CA ARG D 113 19.48 -37.42 0.73
C ARG D 113 19.86 -38.82 0.27
N LEU D 114 19.54 -39.17 -0.96
CA LEU D 114 19.94 -40.49 -1.45
C LEU D 114 21.45 -40.60 -1.55
N GLY D 115 22.10 -39.56 -2.07
CA GLY D 115 23.55 -39.58 -2.17
C GLY D 115 24.25 -39.69 -0.84
N TYR D 116 23.62 -39.18 0.23
CA TYR D 116 24.13 -39.34 1.57
C TYR D 116 23.87 -40.74 2.11
N LEU D 117 22.77 -41.37 1.68
CA LEU D 117 22.44 -42.69 2.17
C LEU D 117 23.30 -43.78 1.54
N LEU D 118 23.46 -43.73 0.22
CA LEU D 118 24.18 -44.75 -0.52
C LEU D 118 25.61 -44.34 -0.82
N ASP D 119 26.07 -43.22 -0.26
CA ASP D 119 27.42 -42.71 -0.48
C ASP D 119 27.71 -42.48 -1.96
N LEU D 120 26.66 -42.23 -2.75
CA LEU D 120 26.82 -41.98 -4.18
C LEU D 120 26.84 -40.48 -4.42
N ALA D 121 27.73 -40.05 -5.31
CA ALA D 121 27.81 -38.64 -5.63
C ALA D 121 26.50 -38.20 -6.27
N PRO D 122 26.12 -36.95 -6.10
CA PRO D 122 24.87 -36.48 -6.71
C PRO D 122 24.92 -36.59 -8.21
N LYS D 123 26.03 -36.22 -8.83
CA LYS D 123 26.11 -36.29 -10.28
C LYS D 123 26.12 -37.74 -10.74
N ASP D 124 26.80 -38.62 -10.00
CA ASP D 124 26.75 -40.03 -10.34
C ASP D 124 25.34 -40.55 -10.17
N LEU D 125 24.64 -40.10 -9.13
CA LEU D 125 23.25 -40.49 -8.93
C LEU D 125 22.35 -39.91 -10.01
N GLU D 126 22.68 -38.72 -10.51
CA GLU D 126 21.86 -38.16 -11.58
C GLU D 126 21.97 -38.99 -12.84
N LYS D 127 23.16 -39.51 -13.14
CA LYS D 127 23.30 -40.33 -14.33
C LYS D 127 22.52 -41.62 -14.23
N ILE D 128 22.43 -42.19 -13.03
CA ILE D 128 21.76 -43.48 -12.88
C ILE D 128 20.25 -43.31 -13.09
N ILE D 129 19.66 -42.34 -12.39
CA ILE D 129 18.20 -42.25 -12.38
C ILE D 129 17.67 -41.95 -13.77
N TYR D 130 18.35 -41.07 -14.52
CA TYR D 130 17.86 -40.61 -15.81
C TYR D 130 18.50 -41.35 -16.97
N PHE D 131 18.97 -42.57 -16.74
CA PHE D 131 19.36 -43.47 -17.81
C PHE D 131 20.51 -42.87 -18.63
N ALA D 132 21.56 -42.45 -17.92
CA ALA D 132 22.80 -42.03 -18.54
C ALA D 132 23.98 -42.93 -18.20
N ALA D 133 23.82 -43.84 -17.23
CA ALA D 133 24.91 -44.72 -16.84
C ALA D 133 24.33 -45.93 -16.13
N TYR D 134 24.84 -47.11 -16.45
CA TYR D 134 24.45 -48.29 -15.71
C TYR D 134 25.11 -48.28 -14.34
N VAL D 135 24.56 -49.07 -13.42
CA VAL D 135 25.12 -49.24 -12.10
C VAL D 135 25.11 -50.71 -11.71
N ILE D 136 26.16 -51.15 -11.03
CA ILE D 136 26.29 -52.54 -10.63
C ILE D 136 25.48 -52.76 -9.36
N THR D 137 24.53 -53.69 -9.41
CA THR D 137 23.74 -53.96 -8.22
C THR D 137 24.35 -55.05 -7.36
N SER D 138 24.90 -56.09 -7.99
CA SER D 138 25.48 -57.20 -7.26
C SER D 138 26.51 -57.87 -8.15
N VAL D 139 27.51 -58.49 -7.52
CA VAL D 139 28.54 -59.20 -8.26
C VAL D 139 28.97 -60.41 -7.44
N ASP D 140 28.95 -61.59 -8.05
CA ASP D 140 29.34 -62.82 -7.37
C ASP D 140 30.85 -62.89 -7.30
N GLU D 141 31.42 -62.30 -6.25
CA GLU D 141 32.86 -62.17 -6.18
C GLU D 141 33.55 -63.50 -5.96
N GLU D 142 32.86 -64.46 -5.33
CA GLU D 142 33.47 -65.75 -5.08
C GLU D 142 33.53 -66.61 -6.33
N MET D 143 32.47 -66.64 -7.12
CA MET D 143 32.53 -67.36 -8.38
C MET D 143 33.60 -66.76 -9.28
N ARG D 144 33.76 -65.43 -9.22
CA ARG D 144 34.80 -64.78 -10.00
C ARG D 144 36.19 -65.22 -9.56
N HIS D 145 36.38 -65.43 -8.25
CA HIS D 145 37.69 -65.82 -7.76
C HIS D 145 38.02 -67.24 -8.18
N ASN D 146 37.03 -68.12 -8.20
CA ASN D 146 37.25 -69.50 -8.58
C ASN D 146 37.41 -69.65 -10.09
N GLU D 147 37.20 -68.58 -10.85
CA GLU D 147 37.36 -68.62 -12.30
C GLU D 147 38.29 -67.53 -12.81
N LEU D 148 39.06 -66.87 -11.94
CA LEU D 148 39.89 -65.78 -12.40
C LEU D 148 41.03 -66.28 -13.28
N SER D 149 41.63 -67.42 -12.92
CA SER D 149 42.76 -67.91 -13.68
C SER D 149 42.36 -68.26 -15.12
N THR D 150 41.18 -68.84 -15.29
CA THR D 150 40.75 -69.23 -16.63
C THR D 150 40.36 -68.02 -17.46
N LEU D 151 39.63 -67.07 -16.86
CA LEU D 151 39.25 -65.88 -17.62
C LEU D 151 40.45 -65.02 -17.96
N GLU D 152 41.50 -65.09 -17.16
CA GLU D 152 42.71 -64.30 -17.46
C GLU D 152 43.42 -64.85 -18.69
N ALA D 153 43.50 -66.16 -18.82
CA ALA D 153 44.17 -66.76 -19.97
C ALA D 153 43.39 -66.52 -21.24
N GLU D 154 42.06 -66.62 -21.17
CA GLU D 154 41.25 -66.37 -22.35
C GLU D 154 41.39 -64.93 -22.82
N MET D 155 41.47 -63.98 -21.90
CA MET D 155 41.68 -62.60 -22.27
C MET D 155 43.07 -62.37 -22.86
N ALA D 156 44.07 -63.06 -22.31
CA ALA D 156 45.43 -62.91 -22.85
C ALA D 156 45.53 -63.45 -24.27
N VAL D 157 44.87 -64.59 -24.54
CA VAL D 157 44.88 -65.14 -25.89
C VAL D 157 44.15 -64.21 -26.84
N GLU D 158 43.08 -63.56 -26.38
CA GLU D 158 42.36 -62.64 -27.24
C GLU D 158 43.22 -61.43 -27.57
N ARG D 159 43.98 -60.95 -26.59
CA ARG D 159 44.89 -59.84 -26.86
C ARG D 159 45.98 -60.27 -27.82
N LYS D 160 46.46 -61.51 -27.68
CA LYS D 160 47.49 -62.01 -28.60
C LYS D 160 46.94 -62.13 -30.01
N ALA D 161 45.71 -62.62 -30.14
CA ALA D 161 45.14 -62.79 -31.47
C ALA D 161 44.97 -61.45 -32.17
N VAL D 162 44.81 -60.36 -31.43
CA VAL D 162 44.74 -59.06 -32.06
C VAL D 162 46.13 -58.64 -32.54
N GLU D 163 47.15 -58.94 -31.75
CA GLU D 163 48.52 -58.59 -32.14
C GLU D 163 49.00 -59.46 -33.29
N ASP D 164 48.67 -60.75 -33.27
CA ASP D 164 49.10 -61.65 -34.34
C ASP D 164 48.45 -61.27 -35.66
N GLN D 165 47.19 -60.86 -35.63
CA GLN D 165 46.51 -60.43 -36.85
C GLN D 165 47.05 -59.10 -37.32
N ARG D 166 47.41 -58.23 -36.39
CA ARG D 166 47.96 -56.93 -36.75
C ARG D 166 49.30 -57.08 -37.46
N ASP D 167 50.23 -57.84 -36.88
CA ASP D 167 51.54 -57.93 -37.49
C ASP D 167 51.49 -58.55 -38.87
N GLY D 168 50.57 -59.49 -39.09
CA GLY D 168 50.42 -60.03 -40.43
C GLY D 168 49.81 -59.03 -41.39
N GLU D 169 48.81 -58.29 -40.92
CA GLU D 169 48.18 -57.29 -41.78
C GLU D 169 49.15 -56.17 -42.11
N LEU D 170 50.01 -55.79 -41.16
CA LEU D 170 50.99 -54.74 -41.44
C LEU D 170 52.02 -55.21 -42.45
N GLU D 171 52.39 -56.49 -42.42
CA GLU D 171 53.40 -56.98 -43.34
C GLU D 171 52.91 -56.96 -44.79
N ALA D 172 51.68 -57.41 -45.02
CA ALA D 172 51.18 -57.43 -46.39
C ALA D 172 51.20 -56.03 -46.97
N ARG D 173 50.92 -55.02 -46.16
CA ARG D 173 50.96 -53.66 -46.67
C ARG D 173 52.40 -53.22 -46.90
N ALA D 174 53.30 -53.57 -45.98
CA ALA D 174 54.68 -53.13 -46.15
C ALA D 174 55.33 -53.81 -47.34
N GLN D 175 54.96 -55.05 -47.64
CA GLN D 175 55.55 -55.69 -48.82
C GLN D 175 54.93 -55.18 -50.11
N LYS D 176 53.63 -54.87 -50.11
CA LYS D 176 53.05 -54.26 -51.30
C LYS D 176 53.66 -52.90 -51.52
N LEU D 177 54.01 -52.21 -50.43
CA LEU D 177 54.67 -50.91 -50.55
C LEU D 177 56.01 -51.05 -51.23
N GLU D 178 56.83 -52.01 -50.79
CA GLU D 178 58.14 -52.15 -51.40
C GLU D 178 58.03 -52.63 -52.84
N ALA D 179 56.99 -53.40 -53.16
CA ALA D 179 56.80 -53.86 -54.53
C ALA D 179 56.21 -52.76 -55.42
N ASP D 180 55.32 -51.94 -54.87
CA ASP D 180 54.76 -50.85 -55.66
C ASP D 180 55.80 -49.79 -55.96
N LEU D 181 56.65 -49.48 -54.99
CA LEU D 181 57.70 -48.50 -55.23
C LEU D 181 58.69 -49.00 -56.30
N ALA D 182 59.02 -50.29 -56.26
CA ALA D 182 59.88 -50.82 -57.31
C ALA D 182 59.16 -50.89 -58.64
N GLU D 183 57.85 -51.06 -58.63
CA GLU D 183 57.10 -51.09 -59.87
C GLU D 183 56.93 -49.68 -60.44
N LEU D 184 56.69 -48.70 -59.57
CA LEU D 184 56.63 -47.32 -60.02
C LEU D 184 58.00 -46.78 -60.36
N GLU D 185 59.07 -47.47 -59.99
CA GLU D 185 60.41 -47.09 -60.43
C GLU D 185 60.72 -47.64 -61.81
N ALA D 186 60.23 -48.85 -62.12
CA ALA D 186 60.36 -49.39 -63.46
C ALA D 186 59.57 -48.57 -64.46
N GLU D 187 58.44 -47.99 -64.05
CA GLU D 187 57.71 -47.06 -64.88
C GLU D 187 58.45 -45.74 -65.04
N GLY D 188 59.45 -45.49 -64.19
CA GLY D 188 60.28 -44.32 -64.32
C GLY D 188 59.71 -43.05 -63.74
N ALA D 189 58.71 -43.16 -62.87
CA ALA D 189 58.13 -41.96 -62.30
C ALA D 189 59.16 -41.19 -61.47
N LYS D 190 58.92 -39.88 -61.37
CA LYS D 190 59.80 -39.00 -60.63
C LYS D 190 59.77 -39.34 -59.15
N ALA D 191 60.90 -39.13 -58.48
CA ALA D 191 61.01 -39.53 -57.07
C ALA D 191 59.99 -38.82 -56.20
N ASP D 192 59.49 -37.67 -56.63
CA ASP D 192 58.47 -36.98 -55.85
C ASP D 192 57.16 -37.75 -55.87
N ALA D 193 56.84 -38.43 -56.98
CA ALA D 193 55.64 -39.26 -57.02
C ALA D 193 55.77 -40.48 -56.11
N ARG D 194 56.97 -41.05 -56.00
CA ARG D 194 57.18 -42.17 -55.08
C ARG D 194 57.00 -41.73 -53.64
N ARG D 195 57.48 -40.52 -53.31
CA ARG D 195 57.33 -40.02 -51.95
C ARG D 195 55.87 -39.89 -51.59
N LYS D 196 55.00 -39.66 -52.57
CA LYS D 196 53.58 -39.61 -52.30
C LYS D 196 53.05 -41.01 -52.00
N VAL D 197 53.47 -42.00 -52.79
CA VAL D 197 53.08 -43.38 -52.51
C VAL D 197 53.75 -43.89 -51.25
N ARG D 198 54.95 -43.39 -50.95
CA ARG D 198 55.62 -43.80 -49.71
C ARG D 198 54.84 -43.34 -48.49
N ASP D 199 54.51 -42.04 -48.45
CA ASP D 199 53.76 -41.51 -47.31
C ASP D 199 52.37 -42.09 -47.24
N GLY D 200 51.80 -42.49 -48.37
CA GLY D 200 50.49 -43.12 -48.34
C GLY D 200 50.52 -44.50 -47.72
N GLY D 201 51.59 -45.26 -47.98
CA GLY D 201 51.68 -46.56 -47.34
C GLY D 201 51.84 -46.42 -45.83
N GLU D 202 52.72 -45.52 -45.40
CA GLU D 202 52.88 -45.28 -43.97
C GLU D 202 51.59 -44.76 -43.36
N ARG D 203 50.79 -44.02 -44.13
CA ARG D 203 49.52 -43.55 -43.62
C ARG D 203 48.53 -44.69 -43.47
N GLU D 204 48.55 -45.65 -44.39
CA GLU D 204 47.63 -46.77 -44.31
C GLU D 204 48.02 -47.71 -43.16
N MET D 205 49.32 -47.93 -42.97
CA MET D 205 49.77 -48.81 -41.90
C MET D 205 49.45 -48.24 -40.53
N ARG D 206 49.56 -46.92 -40.37
CA ARG D 206 49.22 -46.31 -39.09
C ARG D 206 47.76 -46.54 -38.75
N GLN D 207 46.88 -46.47 -39.75
CA GLN D 207 45.47 -46.72 -39.47
C GLN D 207 45.29 -48.14 -39.00
N ILE D 208 45.98 -49.09 -39.65
CA ILE D 208 45.85 -50.49 -39.28
C ILE D 208 46.33 -50.71 -37.86
N ARG D 209 47.46 -50.09 -37.50
CA ARG D 209 47.97 -50.25 -36.14
C ARG D 209 47.01 -49.64 -35.12
N ASP D 210 46.37 -48.52 -35.47
CA ASP D 210 45.45 -47.88 -34.55
C ASP D 210 44.17 -48.68 -34.42
N ARG D 211 43.67 -49.23 -35.53
CA ARG D 211 42.48 -50.07 -35.42
C ARG D 211 42.73 -51.19 -34.45
N ALA D 212 43.98 -51.64 -34.36
CA ALA D 212 44.33 -52.67 -33.39
C ALA D 212 44.55 -52.08 -32.01
N GLN D 213 45.14 -50.88 -31.93
CA GLN D 213 45.39 -50.29 -30.62
C GLN D 213 44.10 -49.92 -29.92
N ARG D 214 43.11 -49.42 -30.66
CA ARG D 214 41.84 -49.13 -30.02
C ARG D 214 41.18 -50.42 -29.55
N GLU D 215 41.29 -51.47 -30.35
CA GLU D 215 40.77 -52.77 -29.95
C GLU D 215 41.57 -53.35 -28.80
N LEU D 216 42.89 -53.14 -28.79
CA LEU D 216 43.69 -53.63 -27.67
C LEU D 216 43.38 -52.87 -26.38
N ASP D 217 43.09 -51.58 -26.49
CA ASP D 217 42.79 -50.83 -25.27
C ASP D 217 41.39 -51.13 -24.78
N ARG D 218 40.46 -51.43 -25.68
CA ARG D 218 39.14 -51.86 -25.24
C ARG D 218 39.27 -53.13 -24.42
N LEU D 219 40.02 -54.11 -24.94
CA LEU D 219 40.26 -55.33 -24.21
C LEU D 219 41.01 -55.09 -22.90
N GLU D 220 41.79 -54.01 -22.80
CA GLU D 220 42.43 -53.68 -21.54
C GLU D 220 41.46 -53.07 -20.54
N ASP D 221 40.54 -52.24 -21.00
CA ASP D 221 39.56 -51.64 -20.10
C ASP D 221 38.54 -52.65 -19.65
N ILE D 222 38.14 -53.56 -20.54
CA ILE D 222 37.16 -54.57 -20.19
C ILE D 222 37.69 -55.45 -19.06
N TRP D 223 38.94 -55.88 -19.18
CA TRP D 223 39.53 -56.73 -18.14
C TRP D 223 39.80 -55.95 -16.86
N SER D 224 40.24 -54.71 -16.99
CA SER D 224 40.50 -53.92 -15.79
C SER D 224 39.22 -53.68 -15.01
N THR D 225 38.13 -53.38 -15.72
CA THR D 225 36.88 -53.10 -15.02
C THR D 225 36.33 -54.36 -14.36
N PHE D 226 36.35 -55.49 -15.06
CA PHE D 226 35.81 -56.71 -14.47
C PHE D 226 36.66 -57.19 -13.30
N THR D 227 37.97 -56.96 -13.33
CA THR D 227 38.80 -57.39 -12.21
C THR D 227 38.49 -56.58 -10.97
N LYS D 228 38.33 -55.26 -11.14
CA LYS D 228 38.06 -54.34 -10.04
C LYS D 228 36.61 -53.92 -10.07
N LEU D 229 35.70 -54.88 -10.07
CA LEU D 229 34.27 -54.64 -10.18
C LEU D 229 33.65 -54.69 -8.79
N ALA D 230 33.00 -53.60 -8.40
CA ALA D 230 32.37 -53.53 -7.09
C ALA D 230 30.98 -52.91 -7.23
N PRO D 231 30.12 -53.12 -6.25
CA PRO D 231 28.80 -52.49 -6.28
C PRO D 231 28.90 -50.98 -6.20
N LYS D 232 27.84 -50.31 -6.66
CA LYS D 232 27.76 -48.86 -6.70
C LYS D 232 28.72 -48.26 -7.72
N GLN D 233 29.31 -49.07 -8.59
CA GLN D 233 30.16 -48.53 -9.64
C GLN D 233 29.32 -48.08 -10.82
N LEU D 234 29.79 -47.03 -11.50
CA LEU D 234 29.10 -46.46 -12.64
C LEU D 234 29.86 -46.77 -13.92
N ILE D 235 29.12 -47.07 -14.98
CA ILE D 235 29.68 -47.37 -16.28
C ILE D 235 29.01 -46.46 -17.30
N VAL D 236 29.65 -45.34 -17.62
CA VAL D 236 29.01 -44.38 -18.51
C VAL D 236 29.04 -44.87 -19.95
N ASP D 237 30.03 -45.66 -20.34
CA ASP D 237 30.11 -46.16 -21.71
C ASP D 237 29.12 -47.30 -21.90
N GLU D 238 28.19 -47.12 -22.83
CA GLU D 238 27.16 -48.14 -23.04
C GLU D 238 27.70 -49.35 -23.76
N ASN D 239 28.67 -49.16 -24.66
CA ASN D 239 29.26 -50.30 -25.33
C ASN D 239 30.07 -51.14 -24.36
N LEU D 240 30.74 -50.50 -23.41
CA LEU D 240 31.49 -51.23 -22.40
C LEU D 240 30.57 -52.12 -21.57
N TYR D 241 29.47 -51.56 -21.07
CA TYR D 241 28.54 -52.38 -20.30
C TYR D 241 27.94 -53.50 -21.15
N ARG D 242 27.71 -53.24 -22.43
CA ARG D 242 27.20 -54.32 -23.28
C ARG D 242 28.23 -55.43 -23.40
N GLU D 243 29.51 -55.07 -23.46
CA GLU D 243 30.55 -56.08 -23.54
C GLU D 243 30.63 -56.86 -22.23
N LEU D 244 30.50 -56.16 -21.11
CA LEU D 244 30.57 -56.84 -19.82
C LEU D 244 29.47 -57.88 -19.67
N VAL D 245 28.25 -57.55 -20.09
CA VAL D 245 27.19 -58.53 -20.00
C VAL D 245 27.40 -59.63 -21.03
N ASP D 246 27.86 -59.26 -22.22
CA ASP D 246 28.07 -60.26 -23.26
C ASP D 246 29.16 -61.25 -22.87
N ARG D 247 30.14 -60.83 -22.07
CA ARG D 247 31.26 -61.69 -21.69
C ARG D 247 31.07 -62.30 -20.30
N TYR D 248 31.06 -61.46 -19.27
CA TYR D 248 31.06 -61.91 -17.88
C TYR D 248 29.71 -61.66 -17.21
N GLY D 249 28.63 -61.80 -17.97
CA GLY D 249 27.32 -61.56 -17.40
C GLY D 249 26.96 -62.53 -16.29
N GLU D 250 27.52 -63.73 -16.33
CA GLU D 250 27.23 -64.72 -15.30
C GLU D 250 27.73 -64.34 -13.92
N TYR D 251 28.59 -63.31 -13.80
CA TYR D 251 29.28 -63.08 -12.54
C TYR D 251 28.74 -61.87 -11.77
N PHE D 252 28.11 -60.91 -12.44
CA PHE D 252 27.61 -59.71 -11.77
C PHE D 252 26.21 -59.44 -12.29
N THR D 253 25.52 -58.51 -11.62
CA THR D 253 24.19 -58.11 -12.05
C THR D 253 24.11 -56.59 -11.96
N GLY D 254 23.81 -55.95 -13.09
CA GLY D 254 23.67 -54.51 -13.13
C GLY D 254 22.33 -54.10 -13.72
N ALA D 255 22.01 -52.83 -13.54
CA ALA D 255 20.74 -52.28 -13.99
C ALA D 255 20.87 -50.77 -14.09
N MET D 256 19.83 -50.14 -14.61
CA MET D 256 19.75 -48.70 -14.81
C MET D 256 18.52 -48.12 -14.13
N GLY D 257 18.43 -46.80 -14.19
CA GLY D 257 17.27 -46.05 -13.76
C GLY D 257 17.00 -46.08 -12.27
N ALA D 258 15.73 -45.81 -11.95
CA ALA D 258 15.34 -45.74 -10.56
C ALA D 258 15.16 -47.12 -9.96
N GLU D 259 14.71 -48.08 -10.76
CA GLU D 259 14.54 -49.42 -10.24
C GLU D 259 15.86 -49.97 -9.73
N SER D 260 16.97 -49.53 -10.29
CA SER D 260 18.27 -49.96 -9.79
C SER D 260 18.53 -49.42 -8.39
N ILE D 261 18.29 -48.12 -8.18
CA ILE D 261 18.49 -47.57 -6.85
C ILE D 261 17.56 -48.23 -5.85
N GLN D 262 16.33 -48.55 -6.28
CA GLN D 262 15.46 -49.32 -5.41
C GLN D 262 16.12 -50.62 -4.99
N LYS D 263 16.93 -51.20 -5.87
CA LYS D 263 17.66 -52.42 -5.56
C LYS D 263 18.86 -52.14 -4.69
N LEU D 264 19.49 -50.98 -4.86
CA LEU D 264 20.63 -50.63 -4.02
C LEU D 264 20.20 -50.40 -2.58
N ILE D 265 19.04 -49.78 -2.39
CA ILE D 265 18.52 -49.62 -1.03
C ILE D 265 18.16 -50.95 -0.41
N GLU D 266 17.66 -51.89 -1.20
CA GLU D 266 17.30 -53.19 -0.65
C GLU D 266 18.52 -53.96 -0.18
N ASN D 267 19.59 -53.98 -0.97
CA ASN D 267 20.82 -54.65 -0.56
C ASN D 267 21.71 -53.70 0.25
N PHE D 268 21.14 -53.15 1.32
CA PHE D 268 21.85 -52.17 2.13
C PHE D 268 21.59 -52.46 3.60
N ASP D 269 22.67 -52.65 4.36
CA ASP D 269 22.58 -52.86 5.80
C ASP D 269 22.62 -51.49 6.47
N ILE D 270 21.48 -51.05 6.98
CA ILE D 270 21.42 -49.72 7.59
C ILE D 270 22.24 -49.66 8.86
N ASP D 271 22.12 -50.68 9.72
CA ASP D 271 22.79 -50.66 11.01
C ASP D 271 24.30 -50.74 10.84
N ALA D 272 24.76 -51.55 9.89
CA ALA D 272 26.20 -51.71 9.68
C ALA D 272 26.83 -50.42 9.19
N GLU D 273 26.21 -49.80 8.18
CA GLU D 273 26.73 -48.53 7.67
C GLU D 273 26.66 -47.44 8.73
N ALA D 274 25.73 -47.54 9.66
CA ALA D 274 25.69 -46.57 10.76
C ALA D 274 26.90 -46.68 11.68
N GLU D 275 27.23 -47.89 12.11
CA GLU D 275 28.38 -48.06 13.01
C GLU D 275 29.68 -47.79 12.30
N SER D 276 29.74 -48.01 10.99
CA SER D 276 30.94 -47.65 10.26
C SER D 276 31.16 -46.14 10.28
N LEU D 277 30.08 -45.36 10.22
CA LEU D 277 30.23 -43.92 10.32
C LEU D 277 30.61 -43.47 11.73
N ARG D 278 30.08 -44.12 12.77
CA ARG D 278 30.47 -43.72 14.11
C ARG D 278 31.94 -44.00 14.36
N ASP D 279 32.44 -45.13 13.85
CA ASP D 279 33.86 -45.44 14.02
C ASP D 279 34.72 -44.36 13.36
N VAL D 280 34.27 -43.84 12.22
CA VAL D 280 34.99 -42.73 11.60
C VAL D 280 34.86 -41.47 12.44
N ILE D 281 33.74 -41.32 13.14
CA ILE D 281 33.50 -40.11 13.91
C ILE D 281 34.32 -40.10 15.19
N ARG D 282 34.46 -41.26 15.84
CA ARG D 282 35.18 -41.30 17.11
C ARG D 282 36.61 -40.82 16.96
N ASN D 283 37.29 -41.26 15.91
CA ASN D 283 38.68 -40.89 15.65
C ASN D 283 38.82 -40.58 14.17
N GLY D 284 38.93 -39.30 13.83
CA GLY D 284 39.02 -38.94 12.42
C GLY D 284 39.46 -37.52 12.20
N LYS D 285 39.79 -37.22 10.95
CA LYS D 285 40.21 -35.89 10.55
C LYS D 285 38.99 -35.06 10.22
N GLY D 286 38.93 -33.84 10.76
CA GLY D 286 37.75 -33.02 10.55
C GLY D 286 37.43 -32.82 9.08
N GLN D 287 38.45 -32.86 8.22
CA GLN D 287 38.21 -32.75 6.79
C GLN D 287 37.32 -33.89 6.31
N LYS D 288 37.58 -35.10 6.79
CA LYS D 288 36.82 -36.28 6.42
C LYS D 288 35.85 -36.71 7.51
N LYS D 289 35.78 -35.95 8.60
CA LYS D 289 34.83 -36.24 9.67
C LYS D 289 33.52 -35.50 9.46
N LEU D 290 33.56 -34.24 9.03
CA LEU D 290 32.31 -33.53 8.74
C LEU D 290 31.48 -34.26 7.69
N ARG D 291 32.12 -34.77 6.64
CA ARG D 291 31.38 -35.54 5.64
C ARG D 291 30.86 -36.85 6.19
N ALA D 292 31.47 -37.40 7.23
CA ALA D 292 30.92 -38.59 7.84
C ALA D 292 29.90 -38.25 8.91
N LEU D 293 30.03 -37.09 9.54
CA LEU D 293 29.03 -36.67 10.51
C LEU D 293 27.69 -36.44 9.83
N LYS D 294 27.69 -35.66 8.75
CA LYS D 294 26.45 -35.32 8.08
C LYS D 294 25.78 -36.54 7.47
N ARG D 295 26.56 -37.53 7.04
CA ARG D 295 25.94 -38.76 6.57
C ARG D 295 25.23 -39.49 7.70
N LEU D 296 25.86 -39.54 8.87
CA LEU D 296 25.23 -40.18 10.01
C LEU D 296 23.93 -39.49 10.37
N LYS D 297 23.86 -38.17 10.19
CA LYS D 297 22.62 -37.47 10.52
C LYS D 297 21.46 -38.03 9.73
N VAL D 298 21.70 -38.44 8.49
CA VAL D 298 20.65 -39.01 7.65
C VAL D 298 20.46 -40.50 7.90
N VAL D 299 21.55 -41.24 8.06
CA VAL D 299 21.42 -42.70 8.17
C VAL D 299 20.83 -43.09 9.52
N ALA D 300 21.25 -42.44 10.59
CA ALA D 300 20.72 -42.81 11.89
C ALA D 300 19.23 -42.55 11.97
N ALA D 301 18.71 -41.63 11.16
CA ALA D 301 17.28 -41.37 11.17
C ALA D 301 16.49 -42.57 10.69
N PHE D 302 16.98 -43.25 9.65
CA PHE D 302 16.30 -44.46 9.20
C PHE D 302 16.51 -45.62 10.15
N GLN D 303 17.57 -45.58 10.95
CA GLN D 303 17.87 -46.68 11.86
C GLN D 303 16.89 -46.68 13.03
N GLN D 304 16.82 -45.58 13.77
CA GLN D 304 16.01 -45.57 14.99
C GLN D 304 14.52 -45.60 14.66
N SER D 305 14.08 -44.78 13.71
CA SER D 305 12.66 -44.53 13.54
C SER D 305 11.91 -45.80 13.15
N GLY D 306 12.55 -46.70 12.41
CA GLY D 306 11.88 -47.90 11.98
C GLY D 306 11.19 -47.81 10.63
N ASN D 307 11.36 -46.70 9.91
CA ASN D 307 10.87 -46.58 8.55
C ASN D 307 11.97 -46.93 7.56
N SER D 308 11.59 -47.63 6.50
CA SER D 308 12.56 -48.11 5.54
C SER D 308 12.95 -46.99 4.57
N PRO D 309 14.22 -46.89 4.18
CA PRO D 309 14.60 -45.92 3.16
C PRO D 309 13.99 -46.19 1.81
N MET D 310 13.34 -47.34 1.63
CA MET D 310 12.72 -47.66 0.36
C MET D 310 11.61 -46.69 0.00
N GLY D 311 11.05 -45.98 0.97
CA GLY D 311 10.00 -45.03 0.70
C GLY D 311 10.41 -43.89 -0.22
N MET D 312 11.70 -43.61 -0.31
CA MET D 312 12.15 -42.56 -1.20
C MET D 312 11.99 -42.95 -2.67
N VAL D 313 11.74 -44.22 -2.95
CA VAL D 313 11.44 -44.69 -4.30
C VAL D 313 9.97 -45.13 -4.33
N LEU D 314 9.22 -44.59 -5.28
CA LEU D 314 7.78 -44.78 -5.31
C LEU D 314 7.39 -45.82 -6.35
N ASP D 315 6.46 -46.68 -5.97
CA ASP D 315 5.81 -47.57 -6.91
C ASP D 315 4.44 -47.06 -7.33
N ALA D 316 3.81 -46.24 -6.49
CA ALA D 316 2.52 -45.62 -6.82
C ALA D 316 2.52 -44.17 -6.37
N VAL D 317 1.88 -43.32 -7.16
CA VAL D 317 1.78 -41.89 -6.89
C VAL D 317 0.33 -41.58 -6.54
N PRO D 318 0.07 -40.79 -5.49
CA PRO D 318 -1.32 -40.49 -5.12
C PRO D 318 -1.90 -39.40 -6.01
N VAL D 319 -3.22 -39.43 -6.12
CA VAL D 319 -3.97 -38.44 -6.90
C VAL D 319 -4.71 -37.54 -5.94
N ILE D 320 -4.51 -36.25 -6.08
CA ILE D 320 -5.12 -35.25 -5.19
C ILE D 320 -6.61 -35.12 -5.49
N PRO D 321 -7.46 -34.93 -4.47
CA PRO D 321 -8.89 -34.90 -4.71
C PRO D 321 -9.26 -33.83 -5.73
N PRO D 322 -10.38 -34.01 -6.43
CA PRO D 322 -10.69 -33.10 -7.54
C PRO D 322 -10.99 -31.68 -7.10
N GLU D 323 -11.62 -31.49 -5.94
CA GLU D 323 -11.95 -30.13 -5.54
C GLU D 323 -10.70 -29.29 -5.30
N LEU D 324 -9.58 -29.93 -5.02
CA LEU D 324 -8.31 -29.23 -4.88
C LEU D 324 -7.60 -29.02 -6.21
N ARG D 325 -8.13 -29.53 -7.32
CA ARG D 325 -7.58 -29.30 -8.65
C ARG D 325 -8.72 -29.00 -9.61
N PRO D 326 -9.54 -28.02 -9.29
CA PRO D 326 -10.84 -27.90 -9.94
C PRO D 326 -10.70 -27.41 -11.36
N MET D 327 -11.71 -27.73 -12.16
CA MET D 327 -11.80 -27.27 -13.54
C MET D 327 -13.01 -26.37 -13.65
N VAL D 328 -12.77 -25.10 -13.99
CA VAL D 328 -13.82 -24.08 -14.01
C VAL D 328 -14.16 -23.72 -15.44
N GLN D 329 -15.43 -23.37 -15.66
CA GLN D 329 -15.95 -22.95 -16.94
C GLN D 329 -15.87 -21.44 -17.14
N LEU D 330 -15.61 -21.03 -18.38
CA LEU D 330 -15.46 -19.63 -18.75
C LEU D 330 -16.76 -19.12 -19.36
N ASP D 331 -16.97 -17.80 -19.26
CA ASP D 331 -18.20 -17.21 -19.77
C ASP D 331 -18.30 -17.27 -21.28
N GLY D 332 -17.24 -17.67 -21.97
CA GLY D 332 -17.29 -17.88 -23.39
C GLY D 332 -17.60 -19.29 -23.83
N GLY D 333 -17.93 -20.19 -22.91
CA GLY D 333 -18.16 -21.57 -23.25
C GLY D 333 -16.93 -22.45 -23.16
N ARG D 334 -15.74 -21.88 -23.18
CA ARG D 334 -14.53 -22.67 -23.10
C ARG D 334 -14.24 -23.02 -21.64
N PHE D 335 -13.18 -23.78 -21.42
CA PHE D 335 -12.83 -24.27 -20.09
C PHE D 335 -11.45 -23.81 -19.65
N ALA D 336 -11.32 -23.61 -18.35
CA ALA D 336 -10.04 -23.32 -17.72
C ALA D 336 -9.84 -24.34 -16.61
N THR D 337 -8.65 -24.93 -16.55
CA THR D 337 -8.37 -25.99 -15.60
C THR D 337 -7.15 -25.65 -14.77
N SER D 338 -6.95 -26.44 -13.72
CA SER D 338 -5.79 -26.24 -12.86
C SER D 338 -4.57 -26.84 -13.54
N ASP D 339 -3.41 -26.29 -13.20
CA ASP D 339 -2.18 -26.80 -13.78
C ASP D 339 -1.94 -28.23 -13.37
N LEU D 340 -2.34 -28.61 -12.15
CA LEU D 340 -2.12 -29.96 -11.68
C LEU D 340 -2.80 -30.99 -12.56
N ASN D 341 -3.95 -30.66 -13.14
CA ASN D 341 -4.58 -31.63 -14.03
C ASN D 341 -3.70 -31.90 -15.24
N ASP D 342 -3.06 -30.86 -15.78
CA ASP D 342 -2.12 -31.09 -16.86
C ASP D 342 -0.94 -31.91 -16.38
N LEU D 343 -0.42 -31.59 -15.19
CA LEU D 343 0.72 -32.32 -14.67
C LEU D 343 0.36 -33.77 -14.38
N TYR D 344 -0.77 -34.00 -13.71
CA TYR D 344 -1.23 -35.36 -13.53
C TYR D 344 -1.52 -36.04 -14.86
N ARG D 345 -2.12 -35.30 -15.78
CA ARG D 345 -2.49 -35.89 -17.06
C ARG D 345 -1.26 -36.31 -17.86
N ARG D 346 -0.22 -35.50 -17.82
CA ARG D 346 0.99 -35.85 -18.58
C ARG D 346 1.71 -37.04 -17.97
N VAL D 347 1.62 -37.21 -16.65
CA VAL D 347 2.18 -38.42 -16.03
C VAL D 347 1.38 -39.64 -16.43
N ILE D 348 0.06 -39.53 -16.49
CA ILE D 348 -0.74 -40.71 -16.83
C ILE D 348 -0.47 -41.15 -18.25
N ASN D 349 -0.36 -40.18 -19.18
CA ASN D 349 -0.11 -40.55 -20.56
C ASN D 349 1.18 -41.33 -20.68
N ARG D 350 2.23 -40.90 -19.98
CA ARG D 350 3.51 -41.59 -20.11
C ARG D 350 3.49 -42.90 -19.34
N ASN D 351 2.72 -42.98 -18.27
CA ASN D 351 2.61 -44.23 -17.52
C ASN D 351 1.84 -45.27 -18.32
N ASN D 352 0.80 -44.85 -19.04
CA ASN D 352 0.05 -45.78 -19.87
C ASN D 352 0.87 -46.21 -21.08
N ARG D 353 1.71 -45.31 -21.61
CA ARG D 353 2.58 -45.69 -22.71
C ARG D 353 3.60 -46.73 -22.27
N LEU D 354 4.07 -46.66 -21.03
CA LEU D 354 5.00 -47.66 -20.54
C LEU D 354 4.37 -49.04 -20.49
N LYS D 355 3.11 -49.14 -20.10
CA LYS D 355 2.47 -50.44 -20.13
C LYS D 355 2.36 -51.00 -21.54
N ARG D 356 2.17 -50.13 -22.54
CA ARG D 356 2.15 -50.61 -23.91
C ARG D 356 3.51 -51.14 -24.34
N LEU D 357 4.56 -50.38 -24.06
CA LEU D 357 5.90 -50.78 -24.49
C LEU D 357 6.32 -52.08 -23.81
N ILE D 358 5.99 -52.24 -22.53
CA ILE D 358 6.35 -53.50 -21.87
C ILE D 358 5.59 -54.67 -22.48
N ASP D 359 4.31 -54.49 -22.78
CA ASP D 359 3.54 -55.59 -23.36
C ASP D 359 4.02 -55.88 -24.78
N LEU D 360 4.29 -54.83 -25.55
CA LEU D 360 4.69 -54.99 -26.95
C LEU D 360 6.12 -55.45 -27.12
N GLY D 361 6.90 -55.54 -26.04
CA GLY D 361 8.30 -55.90 -26.18
C GLY D 361 9.11 -54.92 -27.00
N ALA D 362 8.82 -53.62 -26.87
CA ALA D 362 9.53 -52.62 -27.64
C ALA D 362 11.02 -52.70 -27.34
N PRO D 363 11.84 -52.15 -28.22
CA PRO D 363 13.30 -52.21 -27.99
C PRO D 363 13.66 -51.63 -26.64
N GLU D 364 14.72 -52.19 -26.05
CA GLU D 364 15.12 -51.73 -24.73
C GLU D 364 15.44 -50.25 -24.71
N ILE D 365 15.78 -49.68 -25.87
CA ILE D 365 16.08 -48.25 -25.92
C ILE D 365 14.83 -47.41 -25.74
N ILE D 366 13.69 -47.87 -26.24
CA ILE D 366 12.46 -47.12 -26.06
C ILE D 366 11.90 -47.29 -24.66
N VAL D 367 11.99 -48.49 -24.10
CA VAL D 367 11.46 -48.69 -22.75
C VAL D 367 12.29 -47.91 -21.76
N ASN D 368 13.61 -47.96 -21.89
CA ASN D 368 14.45 -47.21 -20.97
C ASN D 368 14.30 -45.71 -21.20
N ASN D 369 14.29 -45.27 -22.46
CA ASN D 369 14.13 -43.84 -22.72
C ASN D 369 12.73 -43.36 -22.39
N GLU D 370 11.75 -44.27 -22.25
CA GLU D 370 10.45 -43.84 -21.78
C GLU D 370 10.40 -43.73 -20.26
N LYS D 371 11.01 -44.69 -19.55
CA LYS D 371 11.00 -44.62 -18.09
C LYS D 371 11.62 -43.32 -17.60
N ARG D 372 12.66 -42.84 -18.27
CA ARG D 372 13.22 -41.55 -17.89
C ARG D 372 12.19 -40.46 -17.99
N MET D 373 11.38 -40.47 -19.05
CA MET D 373 10.38 -39.43 -19.18
C MET D 373 9.35 -39.56 -18.09
N LEU D 374 9.01 -40.79 -17.69
CA LEU D 374 8.11 -40.96 -16.56
C LEU D 374 8.75 -40.44 -15.28
N GLN D 375 10.06 -40.61 -15.14
CA GLN D 375 10.74 -40.06 -13.97
C GLN D 375 10.72 -38.53 -14.02
N GLU D 376 10.97 -37.95 -15.19
CA GLU D 376 10.97 -36.49 -15.29
C GLU D 376 9.57 -35.93 -15.14
N SER D 377 8.55 -36.67 -15.55
CA SER D 377 7.19 -36.21 -15.43
C SER D 377 6.74 -36.21 -13.97
N VAL D 378 7.03 -37.31 -13.26
CA VAL D 378 6.71 -37.38 -11.85
C VAL D 378 7.54 -36.39 -11.05
N ASP D 379 8.76 -36.09 -11.50
CA ASP D 379 9.53 -35.06 -10.82
C ASP D 379 8.86 -33.70 -10.93
N ALA D 380 8.17 -33.43 -12.03
CA ALA D 380 7.46 -32.17 -12.17
C ALA D 380 6.17 -32.13 -11.34
N LEU D 381 5.49 -33.26 -11.19
CA LEU D 381 4.25 -33.26 -10.44
C LEU D 381 4.47 -32.83 -9.00
N PHE D 382 5.60 -33.22 -8.42
CA PHE D 382 5.86 -32.94 -7.02
C PHE D 382 6.51 -31.57 -6.82
N ASP D 383 7.41 -31.19 -7.71
CA ASP D 383 8.17 -29.95 -7.59
C ASP D 383 8.68 -29.56 -8.97
N ASN D 384 7.81 -29.02 -9.81
CA ASN D 384 8.20 -28.63 -11.15
C ASN D 384 9.25 -27.53 -11.11
N GLY D 385 10.28 -27.70 -11.93
CA GLY D 385 11.37 -26.75 -11.97
C GLY D 385 12.52 -27.07 -11.05
N ARG D 386 12.37 -28.05 -10.15
CA ARG D 386 13.43 -28.34 -9.20
C ARG D 386 14.70 -28.80 -9.90
N ARG D 387 14.58 -29.65 -10.91
CA ARG D 387 15.73 -30.13 -11.66
C ARG D 387 15.63 -29.64 -13.09
N GLY D 388 16.66 -28.92 -13.54
CA GLY D 388 16.59 -28.53 -14.93
C GLY D 388 15.60 -27.42 -15.21
N ARG D 389 15.08 -27.44 -16.42
CA ARG D 389 14.17 -26.48 -17.02
C ARG D 389 12.73 -26.84 -16.66
N PRO D 390 11.93 -25.85 -16.30
CA PRO D 390 10.56 -26.13 -15.85
C PRO D 390 9.67 -26.53 -17.01
N VAL D 391 8.62 -27.28 -16.68
CA VAL D 391 7.62 -27.67 -17.67
C VAL D 391 6.86 -26.42 -18.07
N THR D 392 7.02 -25.97 -19.30
CA THR D 392 6.35 -24.76 -19.74
C THR D 392 4.93 -25.07 -20.18
N GLY D 393 4.01 -24.19 -19.78
CA GLY D 393 2.65 -24.24 -20.25
C GLY D 393 2.48 -23.37 -21.48
N PRO D 394 1.23 -22.99 -21.76
CA PRO D 394 0.98 -22.06 -22.88
C PRO D 394 1.54 -20.69 -22.54
N GLY D 395 2.41 -20.19 -23.42
CA GLY D 395 3.03 -18.89 -23.19
C GLY D 395 4.36 -18.95 -22.48
N ASN D 396 5.05 -20.09 -22.52
CA ASN D 396 6.34 -20.23 -21.85
C ASN D 396 6.24 -19.85 -20.38
N ARG D 397 5.16 -20.31 -19.74
CA ARG D 397 4.90 -20.06 -18.35
C ARG D 397 5.13 -21.33 -17.54
N PRO D 398 6.03 -21.33 -16.55
CA PRO D 398 6.27 -22.55 -15.78
C PRO D 398 5.05 -22.95 -14.98
N LEU D 399 4.64 -24.21 -15.14
CA LEU D 399 3.47 -24.71 -14.44
C LEU D 399 3.73 -24.85 -12.95
N LYS D 400 2.69 -24.58 -12.15
CA LYS D 400 2.82 -24.75 -10.71
C LYS D 400 2.78 -26.22 -10.34
N SER D 401 3.60 -26.59 -9.36
CA SER D 401 3.66 -27.96 -8.89
C SER D 401 3.03 -28.05 -7.52
N LEU D 402 2.88 -29.29 -7.03
CA LEU D 402 2.33 -29.47 -5.70
C LEU D 402 3.15 -28.72 -4.66
N SER D 403 4.49 -28.76 -4.79
CA SER D 403 5.32 -28.07 -3.83
C SER D 403 5.24 -26.56 -3.97
N ASP D 404 4.84 -26.06 -5.13
CA ASP D 404 4.62 -24.61 -5.28
C ASP D 404 3.39 -24.15 -4.54
N LEU D 405 2.51 -25.07 -4.13
CA LEU D 405 1.33 -24.71 -3.37
C LEU D 405 1.64 -24.31 -1.93
N LEU D 406 2.86 -24.49 -1.47
CA LEU D 406 3.17 -24.21 -0.08
C LEU D 406 4.26 -23.17 0.11
N LYS D 407 4.94 -22.75 -0.94
CA LYS D 407 6.10 -21.88 -0.82
C LYS D 407 5.71 -20.41 -0.83
N GLY D 408 6.41 -19.64 -0.01
CA GLY D 408 6.38 -18.19 -0.11
C GLY D 408 5.05 -17.59 0.32
N LYS D 409 4.85 -16.33 -0.09
CA LYS D 409 3.67 -15.61 0.38
C LYS D 409 2.39 -16.20 -0.18
N GLN D 410 2.43 -16.79 -1.36
CA GLN D 410 1.22 -17.37 -1.94
C GLN D 410 1.01 -18.82 -1.54
N GLY D 411 1.93 -19.42 -0.78
CA GLY D 411 1.77 -20.81 -0.40
C GLY D 411 0.66 -20.98 0.61
N ARG D 412 0.36 -22.25 0.91
CA ARG D 412 -0.73 -22.53 1.82
C ARG D 412 -0.43 -22.05 3.24
N PHE D 413 0.82 -22.10 3.66
CA PHE D 413 1.14 -21.76 5.04
C PHE D 413 0.94 -20.28 5.32
N ARG D 414 1.63 -19.43 4.57
CA ARG D 414 1.59 -18.00 4.88
C ARG D 414 0.31 -17.32 4.40
N GLN D 415 -0.27 -17.79 3.30
CA GLN D 415 -1.41 -17.09 2.73
C GLN D 415 -2.75 -17.55 3.31
N ASN D 416 -2.87 -18.82 3.68
CA ASN D 416 -4.14 -19.38 4.07
C ASN D 416 -4.15 -20.03 5.45
N LEU D 417 -3.03 -20.00 6.17
CA LEU D 417 -2.96 -20.58 7.50
C LEU D 417 -2.55 -19.59 8.57
N LEU D 418 -1.47 -18.86 8.35
CA LEU D 418 -1.07 -17.84 9.31
C LEU D 418 -2.01 -16.63 9.29
N GLY D 419 -2.73 -16.42 8.20
CA GLY D 419 -3.68 -15.34 8.17
C GLY D 419 -4.90 -15.64 7.32
N LYS D 420 -6.03 -15.70 7.91
CA LYS D 420 -7.09 -15.95 7.02
C LYS D 420 -7.69 -14.62 6.70
N ARG D 421 -8.85 -14.61 6.07
CA ARG D 421 -9.55 -13.40 5.73
C ARG D 421 -10.82 -13.56 6.45
N VAL D 422 -11.30 -12.60 7.18
CA VAL D 422 -12.44 -12.85 8.00
C VAL D 422 -13.78 -12.23 7.77
N ASP D 423 -14.84 -12.88 8.25
CA ASP D 423 -16.16 -12.28 8.21
C ASP D 423 -16.26 -11.15 9.25
N TYR D 424 -17.39 -10.47 9.26
CA TYR D 424 -17.65 -9.41 10.23
C TYR D 424 -16.50 -8.39 10.26
N SER D 425 -16.26 -7.76 9.11
CA SER D 425 -15.15 -6.83 9.03
C SER D 425 -15.41 -5.80 7.94
N GLY D 426 -14.71 -4.68 8.03
CA GLY D 426 -14.89 -3.63 7.05
C GLY D 426 -13.71 -2.67 7.05
N ARG D 427 -13.79 -1.69 6.16
CA ARG D 427 -12.73 -0.73 5.96
C ARG D 427 -13.31 0.51 5.30
N SER D 428 -12.75 1.68 5.60
CA SER D 428 -13.19 2.92 4.99
C SER D 428 -12.14 3.99 5.20
N VAL D 429 -12.38 5.17 4.63
CA VAL D 429 -11.46 6.27 4.78
C VAL D 429 -11.53 6.79 6.21
N ILE D 430 -10.41 7.24 6.73
CA ILE D 430 -10.33 7.75 8.09
C ILE D 430 -10.32 9.27 8.07
N VAL D 431 -10.97 9.86 9.07
CA VAL D 431 -11.06 11.31 9.20
C VAL D 431 -10.89 11.64 10.67
N VAL D 432 -10.19 12.74 10.95
CA VAL D 432 -9.92 13.10 12.33
C VAL D 432 -11.20 13.57 12.99
N GLY D 433 -11.40 13.16 14.23
CA GLY D 433 -12.54 13.60 14.99
C GLY D 433 -12.11 14.18 16.32
N PRO D 434 -11.93 15.49 16.38
CA PRO D 434 -11.38 16.09 17.59
C PRO D 434 -12.30 15.95 18.78
N GLN D 435 -13.61 16.01 18.55
CA GLN D 435 -14.55 15.94 19.67
C GLN D 435 -14.58 14.57 20.31
N LEU D 436 -14.11 13.54 19.61
CA LEU D 436 -14.18 12.18 20.14
C LEU D 436 -13.31 12.06 21.38
N LYS D 437 -13.74 11.22 22.31
CA LYS D 437 -12.89 10.88 23.43
C LYS D 437 -11.89 9.81 23.00
N LEU D 438 -10.86 9.61 23.82
CA LEU D 438 -9.81 8.67 23.43
C LEU D 438 -10.34 7.26 23.25
N HIS D 439 -11.36 6.87 24.01
CA HIS D 439 -11.92 5.54 23.89
C HIS D 439 -13.00 5.42 22.82
N GLN D 440 -13.23 6.46 22.04
CA GLN D 440 -14.32 6.48 21.07
C GLN D 440 -13.78 6.45 19.66
N CYS D 441 -14.58 5.92 18.74
CA CYS D 441 -14.33 6.02 17.32
C CYS D 441 -15.66 6.15 16.61
N GLY D 442 -15.62 6.74 15.41
CA GLY D 442 -16.85 6.90 14.66
C GLY D 442 -16.93 6.05 13.43
N LEU D 443 -17.89 5.13 13.37
CA LEU D 443 -18.00 4.44 12.10
C LEU D 443 -19.28 4.85 11.39
N PRO D 444 -19.27 4.82 10.07
CA PRO D 444 -20.47 5.20 9.32
C PRO D 444 -21.65 4.31 9.65
N LYS D 445 -22.85 4.84 9.45
CA LYS D 445 -24.04 4.06 9.72
C LYS D 445 -24.13 2.86 8.78
N LEU D 446 -23.79 3.05 7.51
CA LEU D 446 -23.91 1.94 6.56
C LEU D 446 -22.88 0.85 6.84
N MET D 447 -21.76 1.20 7.45
CA MET D 447 -20.80 0.18 7.83
C MET D 447 -21.30 -0.62 9.02
N ALA D 448 -21.84 0.07 10.03
CA ALA D 448 -22.28 -0.63 11.23
C ALA D 448 -23.48 -1.51 10.96
N LEU D 449 -24.35 -1.11 10.04
CA LEU D 449 -25.54 -1.91 9.74
C LEU D 449 -25.16 -3.27 9.19
N GLU D 450 -24.23 -3.31 8.22
CA GLU D 450 -23.84 -4.60 7.67
C GLU D 450 -23.04 -5.42 8.67
N LEU D 451 -22.20 -4.77 9.47
CA LEU D 451 -21.42 -5.49 10.46
C LEU D 451 -22.31 -6.15 11.50
N PHE D 452 -23.32 -5.43 11.99
CA PHE D 452 -24.23 -5.95 12.99
C PHE D 452 -25.52 -6.50 12.40
N LYS D 453 -25.49 -6.89 11.13
CA LYS D 453 -26.72 -7.31 10.46
C LYS D 453 -27.48 -8.37 11.23
N PRO D 454 -26.86 -9.46 11.67
CA PRO D 454 -27.64 -10.46 12.42
C PRO D 454 -28.14 -9.94 13.76
N PHE D 455 -27.35 -9.08 14.43
CA PHE D 455 -27.82 -8.51 15.67
C PHE D 455 -29.03 -7.61 15.45
N VAL D 456 -29.04 -6.86 14.34
CA VAL D 456 -30.19 -6.03 14.05
C VAL D 456 -31.40 -6.89 13.72
N MET D 457 -31.19 -7.97 12.96
CA MET D 457 -32.30 -8.85 12.64
C MET D 457 -32.92 -9.43 13.91
N LYS D 458 -32.09 -9.80 14.88
CA LYS D 458 -32.64 -10.33 16.12
C LYS D 458 -33.50 -9.31 16.85
N ARG D 459 -33.04 -8.07 16.94
CA ARG D 459 -33.83 -7.13 17.72
C ARG D 459 -35.03 -6.63 16.93
N LEU D 460 -34.91 -6.52 15.60
CA LEU D 460 -36.07 -6.13 14.81
C LEU D 460 -37.21 -7.13 14.95
N VAL D 461 -36.88 -8.41 15.16
CA VAL D 461 -37.91 -9.41 15.30
C VAL D 461 -38.38 -9.53 16.74
N ASP D 462 -37.60 -9.03 17.70
CA ASP D 462 -38.04 -9.06 19.09
C ASP D 462 -39.06 -7.96 19.36
N LEU D 463 -38.74 -6.73 18.98
CA LEU D 463 -39.60 -5.57 19.14
C LEU D 463 -40.78 -5.56 18.19
N ASN D 464 -40.97 -6.64 17.46
CA ASN D 464 -42.11 -6.81 16.54
C ASN D 464 -42.14 -5.75 15.45
N HIS D 465 -40.98 -5.23 15.04
CA HIS D 465 -40.94 -4.46 13.80
C HIS D 465 -41.04 -5.38 12.58
N ALA D 466 -40.68 -6.64 12.75
CA ALA D 466 -40.74 -7.63 11.68
C ALA D 466 -41.41 -8.89 12.21
N GLN D 467 -42.16 -9.55 11.34
CA GLN D 467 -42.91 -10.74 11.75
C GLN D 467 -41.96 -11.86 12.16
N ASN D 468 -41.06 -12.26 11.26
CA ASN D 468 -40.13 -13.35 11.54
C ASN D 468 -38.71 -12.87 11.24
N ILE D 469 -37.75 -13.69 11.64
CA ILE D 469 -36.35 -13.36 11.42
C ILE D 469 -36.03 -13.30 9.94
N LYS D 470 -36.78 -14.03 9.12
CA LYS D 470 -36.56 -14.01 7.67
C LYS D 470 -36.87 -12.63 7.10
N SER D 471 -38.04 -12.08 7.47
CA SER D 471 -38.40 -10.76 7.00
C SER D 471 -37.54 -9.68 7.63
N ALA D 472 -36.99 -9.93 8.81
CA ALA D 472 -36.07 -8.95 9.39
C ALA D 472 -34.86 -8.76 8.50
N LYS D 473 -34.43 -9.80 7.79
CA LYS D 473 -33.32 -9.65 6.86
C LYS D 473 -33.71 -8.79 5.66
N ARG D 474 -34.90 -9.01 5.11
CA ARG D 474 -35.33 -8.18 3.98
C ARG D 474 -35.46 -6.72 4.38
N MET D 475 -35.72 -6.45 5.65
CA MET D 475 -35.82 -5.06 6.08
C MET D 475 -34.46 -4.39 6.11
N VAL D 476 -33.43 -5.09 6.57
CA VAL D 476 -32.10 -4.51 6.61
C VAL D 476 -31.52 -4.37 5.22
N GLU D 477 -31.76 -5.36 4.36
CA GLU D 477 -31.24 -5.31 2.99
C GLU D 477 -31.89 -4.18 2.21
N ARG D 478 -33.14 -3.86 2.51
CA ARG D 478 -33.83 -2.76 1.86
C ARG D 478 -33.63 -1.46 2.61
N GLN D 479 -33.02 -1.52 3.80
CA GLN D 479 -32.70 -0.34 4.60
C GLN D 479 -33.96 0.44 4.98
N ARG D 480 -34.92 -0.26 5.58
CA ARG D 480 -36.10 0.40 6.09
C ARG D 480 -35.75 1.31 7.27
N PRO D 481 -36.44 2.43 7.42
CA PRO D 481 -36.04 3.43 8.41
C PRO D 481 -36.07 2.95 9.85
N GLN D 482 -36.70 1.81 10.14
CA GLN D 482 -36.77 1.36 11.53
C GLN D 482 -35.41 0.94 12.08
N VAL D 483 -34.48 0.53 11.23
CA VAL D 483 -33.23 -0.04 11.73
C VAL D 483 -32.32 0.99 12.36
N TRP D 484 -32.41 2.25 11.93
CA TRP D 484 -31.46 3.24 12.45
C TRP D 484 -31.71 3.55 13.92
N ASP D 485 -32.96 3.54 14.36
CA ASP D 485 -33.21 3.66 15.79
C ASP D 485 -32.89 2.35 16.52
N VAL D 486 -33.11 1.21 15.85
CA VAL D 486 -32.84 -0.08 16.47
C VAL D 486 -31.34 -0.34 16.56
N LEU D 487 -30.60 0.09 15.54
CA LEU D 487 -29.16 -0.18 15.50
C LEU D 487 -28.44 0.40 16.70
N GLU D 488 -28.88 1.56 17.20
CA GLU D 488 -28.21 2.15 18.35
C GLU D 488 -28.29 1.26 19.58
N GLU D 489 -29.40 0.57 19.79
CA GLU D 489 -29.42 -0.33 20.94
C GLU D 489 -28.41 -1.45 20.76
N VAL D 490 -28.17 -1.87 19.53
CA VAL D 490 -27.32 -3.04 19.31
C VAL D 490 -25.87 -2.67 19.57
N ILE D 491 -25.40 -1.58 18.96
CA ILE D 491 -23.99 -1.23 19.03
C ILE D 491 -23.63 -0.61 20.37
N ALA D 492 -24.57 -0.54 21.29
CA ALA D 492 -24.35 0.14 22.55
C ALA D 492 -23.26 -0.56 23.34
N GLU D 493 -22.16 0.17 23.58
CA GLU D 493 -21.06 -0.37 24.37
C GLU D 493 -20.54 -1.66 23.79
N HIS D 494 -20.65 -1.85 22.48
CA HIS D 494 -20.07 -3.01 21.84
C HIS D 494 -18.79 -2.61 21.13
N PRO D 495 -17.62 -2.87 21.71
CA PRO D 495 -16.39 -2.32 21.15
C PRO D 495 -16.03 -2.96 19.81
N VAL D 496 -15.25 -2.23 19.02
CA VAL D 496 -14.76 -2.73 17.75
C VAL D 496 -13.25 -2.50 17.71
N LEU D 497 -12.59 -3.19 16.78
CA LEU D 497 -11.15 -3.13 16.63
C LEU D 497 -10.83 -2.38 15.34
N LEU D 498 -9.90 -1.45 15.42
CA LEU D 498 -9.42 -0.74 14.26
C LEU D 498 -7.98 -1.13 13.96
N ASN D 499 -7.69 -1.31 12.67
CA ASN D 499 -6.39 -1.80 12.24
C ASN D 499 -5.98 -0.99 11.02
N ARG D 500 -4.73 -0.53 11.01
CA ARG D 500 -4.17 0.15 9.86
C ARG D 500 -2.88 -0.53 9.46
N ALA D 501 -2.84 -1.04 8.26
CA ALA D 501 -1.61 -1.64 7.77
C ALA D 501 -0.65 -0.55 7.31
N PRO D 502 0.65 -0.75 7.49
CA PRO D 502 1.21 -1.97 8.08
C PRO D 502 1.06 -2.05 9.59
N THR D 503 0.71 -3.24 10.09
CA THR D 503 0.60 -3.46 11.52
C THR D 503 2.01 -3.78 12.02
N LEU D 504 2.75 -2.73 12.39
CA LEU D 504 4.14 -2.90 12.78
C LEU D 504 4.26 -3.39 14.21
N HIS D 505 3.61 -2.72 15.15
CA HIS D 505 3.58 -3.16 16.53
C HIS D 505 2.14 -3.37 16.98
N ARG D 506 1.98 -3.81 18.23
CA ARG D 506 0.65 -4.17 18.70
C ARG D 506 -0.24 -2.96 18.86
N LEU D 507 0.32 -1.77 19.01
CA LEU D 507 -0.51 -0.58 19.06
C LEU D 507 -1.05 -0.23 17.69
N GLY D 508 -0.69 -0.98 16.67
CA GLY D 508 -1.33 -0.87 15.38
C GLY D 508 -2.77 -1.35 15.37
N ILE D 509 -3.19 -2.05 16.42
CA ILE D 509 -4.58 -2.44 16.60
C ILE D 509 -5.03 -2.05 18.00
N GLN D 510 -6.10 -1.27 18.07
CA GLN D 510 -6.67 -0.84 19.35
C GLN D 510 -8.19 -0.97 19.26
N ALA D 511 -8.81 -1.08 20.41
CA ALA D 511 -10.26 -1.25 20.51
C ALA D 511 -10.93 0.08 20.82
N PHE D 512 -12.14 0.25 20.29
CA PHE D 512 -12.86 1.49 20.49
C PHE D 512 -14.33 1.20 20.71
N GLU D 513 -15.02 2.17 21.30
CA GLU D 513 -16.48 2.12 21.39
C GLU D 513 -17.06 2.81 20.17
N PRO D 514 -17.80 2.11 19.32
CA PRO D 514 -18.28 2.73 18.08
C PRO D 514 -19.34 3.77 18.36
N MET D 515 -19.33 4.83 17.55
CA MET D 515 -20.32 5.90 17.64
C MET D 515 -20.90 6.11 16.25
N LEU D 516 -22.21 5.90 16.12
CA LEU D 516 -22.87 6.06 14.85
C LEU D 516 -22.74 7.49 14.34
N VAL D 517 -22.09 7.64 13.20
CA VAL D 517 -21.93 8.93 12.56
C VAL D 517 -22.51 8.86 11.17
N GLU D 518 -23.00 10.00 10.69
CA GLU D 518 -23.43 10.08 9.31
C GLU D 518 -22.19 10.11 8.42
N GLY D 519 -22.40 10.03 7.12
CA GLY D 519 -21.27 9.97 6.22
C GLY D 519 -20.75 8.55 6.10
N LYS D 520 -19.66 8.43 5.35
CA LYS D 520 -19.11 7.11 5.03
C LYS D 520 -17.65 6.96 5.45
N ALA D 521 -17.13 7.85 6.29
CA ALA D 521 -15.75 7.76 6.75
C ALA D 521 -15.69 7.40 8.22
N ILE D 522 -14.58 6.75 8.60
CA ILE D 522 -14.33 6.41 9.99
C ILE D 522 -13.72 7.62 10.70
N GLN D 523 -14.23 7.95 11.87
CA GLN D 523 -13.74 9.06 12.66
C GLN D 523 -12.78 8.53 13.72
N LEU D 524 -11.53 8.97 13.66
CA LEU D 524 -10.46 8.50 14.53
C LEU D 524 -10.02 9.60 15.47
N HIS D 525 -9.63 9.21 16.68
CA HIS D 525 -9.17 10.17 17.66
C HIS D 525 -7.81 10.72 17.26
N PRO D 526 -7.58 12.02 17.43
CA PRO D 526 -6.32 12.61 16.96
C PRO D 526 -5.11 12.15 17.76
N LEU D 527 -5.30 11.61 18.95
CA LEU D 527 -4.15 11.25 19.77
C LEU D 527 -3.59 9.89 19.41
N VAL D 528 -4.40 8.99 18.85
CA VAL D 528 -3.90 7.69 18.44
C VAL D 528 -3.27 7.69 17.06
N CYS D 529 -3.14 8.85 16.41
CA CYS D 529 -2.52 8.86 15.10
C CYS D 529 -1.07 8.44 15.17
N GLU D 530 -0.37 8.76 16.26
CA GLU D 530 1.03 8.40 16.37
C GLU D 530 1.22 6.89 16.42
N ALA D 531 0.40 6.18 17.20
CA ALA D 531 0.56 4.74 17.29
C ALA D 531 0.33 4.09 15.93
N PHE D 532 -0.76 4.46 15.27
CA PHE D 532 -1.05 3.91 13.96
C PHE D 532 -0.11 4.47 12.90
N ASN D 533 0.62 5.52 13.23
CA ASN D 533 1.44 6.24 12.26
C ASN D 533 0.57 6.61 11.07
N ALA D 534 -0.61 7.14 11.38
CA ALA D 534 -1.69 7.34 10.41
C ALA D 534 -1.89 8.83 10.22
N ASP D 535 -1.45 9.35 9.09
CA ASP D 535 -1.87 10.66 8.65
C ASP D 535 -3.22 10.56 7.94
N PHE D 536 -3.77 11.72 7.57
CA PHE D 536 -5.08 11.80 6.96
C PHE D 536 -5.00 12.38 5.56
N ASP D 537 -4.32 11.69 4.64
CA ASP D 537 -4.24 12.11 3.26
C ASP D 537 -4.73 10.99 2.37
N GLY D 538 -5.73 10.27 2.85
CA GLY D 538 -6.31 9.16 2.15
C GLY D 538 -6.04 7.82 2.79
N ASP D 539 -5.63 7.79 4.06
CA ASP D 539 -5.32 6.53 4.71
C ASP D 539 -6.62 5.77 4.94
N GLN D 540 -6.55 4.44 4.94
CA GLN D 540 -7.69 3.60 5.22
C GLN D 540 -7.42 2.71 6.41
N MET D 541 -8.46 2.43 7.19
CA MET D 541 -8.37 1.53 8.33
C MET D 541 -9.45 0.46 8.21
N ALA D 542 -9.16 -0.71 8.78
CA ALA D 542 -10.10 -1.81 8.77
C ALA D 542 -10.77 -1.91 10.14
N VAL D 543 -12.03 -2.34 10.14
CA VAL D 543 -12.80 -2.50 11.37
C VAL D 543 -13.20 -3.96 11.51
N HIS D 544 -13.02 -4.50 12.70
CA HIS D 544 -13.37 -5.88 13.01
C HIS D 544 -14.26 -5.91 14.25
N LEU D 545 -15.31 -6.70 14.18
CA LEU D 545 -16.32 -6.76 15.22
C LEU D 545 -16.09 -7.99 16.06
N PRO D 546 -15.69 -7.86 17.33
CA PRO D 546 -15.57 -9.05 18.17
C PRO D 546 -16.95 -9.61 18.46
N LEU D 547 -17.08 -10.92 18.36
CA LEU D 547 -18.37 -11.58 18.50
C LEU D 547 -18.52 -12.26 19.87
N SER D 548 -17.63 -13.19 20.19
CA SER D 548 -17.83 -13.94 21.42
C SER D 548 -17.71 -13.01 22.64
N ALA D 549 -18.28 -13.47 23.76
CA ALA D 549 -18.18 -12.70 24.98
C ALA D 549 -16.74 -12.54 25.41
N GLU D 550 -15.94 -13.58 25.24
CA GLU D 550 -14.53 -13.48 25.59
C GLU D 550 -13.84 -12.49 24.68
N ALA D 551 -14.23 -12.46 23.41
CA ALA D 551 -13.60 -11.53 22.47
C ALA D 551 -13.93 -10.10 22.82
N GLN D 552 -15.16 -9.82 23.23
CA GLN D 552 -15.49 -8.47 23.66
C GLN D 552 -14.70 -8.10 24.91
N ALA D 553 -14.55 -9.04 25.84
CA ALA D 553 -13.77 -8.75 27.04
C ALA D 553 -12.31 -8.50 26.70
N GLU D 554 -11.76 -9.25 25.73
CA GLU D 554 -10.38 -9.00 25.36
C GLU D 554 -10.21 -7.64 24.71
N ALA D 555 -11.22 -7.16 23.98
CA ALA D 555 -11.12 -5.84 23.38
C ALA D 555 -11.38 -4.75 24.40
N ARG D 556 -12.29 -4.98 25.33
CA ARG D 556 -12.65 -3.96 26.29
C ARG D 556 -11.53 -3.67 27.27
N ILE D 557 -10.74 -4.66 27.62
CA ILE D 557 -9.76 -4.55 28.68
C ILE D 557 -8.33 -4.48 28.13
N LEU D 558 -7.99 -5.41 27.24
CA LEU D 558 -6.62 -5.50 26.77
C LEU D 558 -6.32 -4.51 25.64
N MET D 559 -7.29 -4.28 24.77
CA MET D 559 -7.04 -3.55 23.53
C MET D 559 -7.71 -2.19 23.45
N LEU D 560 -8.41 -1.77 24.49
CA LEU D 560 -9.06 -0.47 24.45
C LEU D 560 -7.99 0.62 24.34
N SER D 561 -8.28 1.65 23.55
CA SER D 561 -7.26 2.66 23.29
C SER D 561 -6.82 3.38 24.56
N SER D 562 -7.72 3.51 25.54
CA SER D 562 -7.34 4.24 26.75
C SER D 562 -6.39 3.43 27.64
N ASN D 563 -6.39 2.12 27.52
CA ASN D 563 -5.50 1.28 28.31
C ASN D 563 -4.14 1.07 27.66
N ASN D 564 -3.86 1.74 26.55
CA ASN D 564 -2.60 1.57 25.84
C ASN D 564 -2.07 2.95 25.45
N ILE D 565 -1.76 3.74 26.47
CA ILE D 565 -1.26 5.07 26.21
C ILE D 565 0.25 5.06 25.99
N LEU D 566 0.94 4.13 26.64
CA LEU D 566 2.38 4.09 26.62
C LEU D 566 2.91 3.19 25.52
N SER D 567 4.09 3.54 25.01
CA SER D 567 4.74 2.71 24.02
C SER D 567 5.34 1.48 24.69
N PRO D 568 5.02 0.28 24.25
CA PRO D 568 5.63 -0.91 24.85
C PRO D 568 7.12 -1.02 24.59
N ALA D 569 7.63 -0.28 23.61
CA ALA D 569 9.05 -0.40 23.30
C ALA D 569 9.90 0.46 24.23
N SER D 570 9.45 1.66 24.57
CA SER D 570 10.28 2.59 25.31
C SER D 570 9.67 3.05 26.62
N GLY D 571 8.37 2.85 26.84
CA GLY D 571 7.73 3.32 28.03
C GLY D 571 7.34 4.77 28.00
N ARG D 572 7.74 5.50 26.99
CA ARG D 572 7.34 6.88 26.89
C ARG D 572 5.97 6.97 26.24
N PRO D 573 5.20 8.00 26.57
CA PRO D 573 3.81 8.05 26.10
C PRO D 573 3.74 8.23 24.59
N LEU D 574 2.62 7.76 24.04
CA LEU D 574 2.29 7.96 22.63
C LEU D 574 1.02 8.78 22.45
N ALA D 575 -0.05 8.44 23.16
CA ALA D 575 -1.27 9.24 23.10
C ALA D 575 -1.07 10.49 23.94
N MET D 576 -0.36 11.44 23.37
CA MET D 576 -0.05 12.71 24.01
C MET D 576 -0.19 13.81 22.98
N PRO D 577 -0.27 15.06 23.41
CA PRO D 577 -0.26 16.17 22.45
C PRO D 577 0.94 16.03 21.53
N ARG D 578 0.70 16.13 20.24
CA ARG D 578 1.84 15.84 19.38
C ARG D 578 2.13 16.89 18.33
N LEU D 579 1.12 17.43 17.66
CA LEU D 579 1.42 18.38 16.59
C LEU D 579 0.79 19.74 16.85
N ASP D 580 -0.43 19.96 16.35
CA ASP D 580 -1.08 21.23 16.63
C ASP D 580 -1.29 21.40 18.12
N MET D 581 -1.55 20.30 18.83
CA MET D 581 -1.88 20.41 20.25
C MET D 581 -0.72 20.99 21.04
N VAL D 582 0.51 20.55 20.76
CA VAL D 582 1.64 21.07 21.50
C VAL D 582 1.88 22.53 21.18
N THR D 583 1.62 22.95 19.94
CA THR D 583 1.79 24.35 19.61
C THR D 583 0.82 25.23 20.39
N GLY D 584 -0.43 24.78 20.52
CA GLY D 584 -1.37 25.56 21.30
C GLY D 584 -0.95 25.72 22.74
N LEU D 585 -0.43 24.64 23.33
CA LEU D 585 0.03 24.73 24.71
C LEU D 585 1.31 25.53 24.80
N TYR D 586 2.25 25.30 23.88
CA TYR D 586 3.44 26.14 23.87
C TYR D 586 3.08 27.60 23.72
N TYR D 587 1.92 27.90 23.14
CA TYR D 587 1.53 29.29 22.99
C TYR D 587 1.11 29.85 24.34
N LEU D 588 0.01 29.35 24.92
CA LEU D 588 -0.51 29.98 26.12
C LEU D 588 0.44 29.82 27.29
N THR D 589 1.32 28.83 27.26
CA THR D 589 2.31 28.67 28.31
C THR D 589 3.62 29.36 27.93
N THR D 590 3.49 30.58 27.43
CA THR D 590 4.64 31.39 27.05
C THR D 590 4.60 32.70 27.81
N GLU D 591 5.76 33.10 28.32
CA GLU D 591 5.86 34.38 29.03
C GLU D 591 6.29 35.45 28.06
N VAL D 592 5.51 36.51 27.95
CA VAL D 592 5.80 37.65 27.09
C VAL D 592 6.16 38.81 28.00
N PRO D 593 7.34 39.41 27.84
CA PRO D 593 7.73 40.45 28.80
C PRO D 593 6.91 41.72 28.69
N GLY D 594 6.62 42.17 27.47
CA GLY D 594 5.93 43.42 27.29
C GLY D 594 4.43 43.33 27.09
N ASP D 595 3.84 42.16 27.33
CA ASP D 595 2.43 42.00 26.99
C ASP D 595 1.57 42.87 27.88
N THR D 596 0.41 43.24 27.35
CA THR D 596 -0.50 44.13 28.06
C THR D 596 -1.06 43.44 29.29
N GLY D 597 -1.33 44.24 30.33
CA GLY D 597 -1.78 43.66 31.57
C GLY D 597 -0.66 43.12 32.43
N GLU D 598 0.58 43.38 32.08
CA GLU D 598 1.68 42.82 32.84
C GLU D 598 1.72 43.38 34.25
N TYR D 599 2.23 42.58 35.17
CA TYR D 599 2.32 43.01 36.55
C TYR D 599 3.29 44.19 36.66
N GLN D 600 2.88 45.19 37.43
CA GLN D 600 3.75 46.33 37.64
C GLN D 600 3.99 46.55 39.13
N PRO D 601 5.23 46.78 39.54
CA PRO D 601 5.50 47.03 40.95
C PRO D 601 4.98 48.39 41.38
N ALA D 602 4.62 48.47 42.66
CA ALA D 602 4.08 49.72 43.20
C ALA D 602 5.16 50.79 43.17
N SER D 603 4.90 51.88 42.46
CA SER D 603 5.87 52.96 42.34
C SER D 603 5.14 54.27 42.16
N GLY D 604 5.58 55.31 42.87
CA GLY D 604 4.93 56.60 42.71
C GLY D 604 3.57 56.60 43.39
N ASP D 605 2.61 57.22 42.74
CA ASP D 605 1.28 57.30 43.32
C ASP D 605 0.48 56.02 43.11
N HIS D 606 0.82 55.22 42.10
CA HIS D 606 0.02 54.01 41.97
C HIS D 606 0.68 52.85 42.70
N PRO D 607 -0.09 51.99 43.35
CA PRO D 607 0.48 50.81 44.00
C PRO D 607 0.88 49.77 42.97
N GLU D 608 0.79 48.49 43.30
CA GLU D 608 1.16 47.45 42.34
C GLU D 608 0.06 47.32 41.29
N THR D 609 0.46 47.42 40.03
CA THR D 609 -0.45 47.26 38.91
C THR D 609 -0.34 45.83 38.40
N GLY D 610 -1.48 45.20 38.15
CA GLY D 610 -1.43 43.88 37.58
C GLY D 610 -1.37 42.82 38.66
N VAL D 611 -2.22 42.94 39.66
CA VAL D 611 -2.33 41.94 40.72
C VAL D 611 -3.81 41.61 40.87
N TYR D 612 -4.18 40.39 40.51
CA TYR D 612 -5.58 39.98 40.46
C TYR D 612 -5.92 39.08 41.63
N SER D 613 -7.14 39.24 42.13
CA SER D 613 -7.57 38.51 43.32
C SER D 613 -7.91 37.07 42.97
N SER D 614 -8.49 36.85 41.80
CA SER D 614 -8.93 35.54 41.36
C SER D 614 -8.53 35.32 39.91
N PRO D 615 -8.28 34.08 39.52
CA PRO D 615 -8.13 33.78 38.09
C PRO D 615 -9.38 34.15 37.32
N ALA D 616 -10.54 34.07 37.97
CA ALA D 616 -11.77 34.52 37.33
C ALA D 616 -11.72 36.02 37.03
N GLU D 617 -11.05 36.79 37.88
CA GLU D 617 -10.88 38.20 37.58
C GLU D 617 -9.96 38.40 36.38
N ALA D 618 -8.86 37.66 36.34
CA ALA D 618 -7.96 37.76 35.20
C ALA D 618 -8.68 37.43 33.90
N ILE D 619 -9.64 36.51 33.95
CA ILE D 619 -10.39 36.20 32.74
C ILE D 619 -11.24 37.38 32.32
N MET D 620 -11.93 38.02 33.27
CA MET D 620 -12.69 39.21 32.91
C MET D 620 -11.79 40.32 32.40
N ALA D 621 -10.57 40.44 32.94
CA ALA D 621 -9.67 41.45 32.40
C ALA D 621 -9.26 41.11 30.97
N ALA D 622 -9.02 39.83 30.69
CA ALA D 622 -8.66 39.45 29.34
C ALA D 622 -9.85 39.55 28.40
N ASP D 623 -11.07 39.44 28.93
CA ASP D 623 -12.25 39.56 28.07
C ASP D 623 -12.41 40.99 27.59
N ARG D 624 -12.27 41.96 28.50
CA ARG D 624 -12.38 43.35 28.11
C ARG D 624 -11.26 43.74 27.16
N GLY D 625 -10.07 43.20 27.37
CA GLY D 625 -8.97 43.48 26.47
C GLY D 625 -7.81 44.13 27.19
N VAL D 626 -7.84 44.13 28.51
CA VAL D 626 -6.77 44.72 29.31
C VAL D 626 -5.63 43.75 29.53
N LEU D 627 -5.92 42.49 29.84
CA LEU D 627 -4.89 41.52 30.15
C LEU D 627 -4.64 40.58 28.98
N SER D 628 -3.37 40.27 28.74
CA SER D 628 -2.99 39.27 27.78
C SER D 628 -2.76 37.96 28.49
N VAL D 629 -3.11 36.86 27.83
CA VAL D 629 -3.02 35.55 28.44
C VAL D 629 -1.59 35.18 28.76
N ARG D 630 -0.62 35.76 28.06
CA ARG D 630 0.78 35.40 28.21
C ARG D 630 1.55 36.39 29.08
N ALA D 631 0.88 37.39 29.65
CA ALA D 631 1.53 38.35 30.51
C ALA D 631 1.82 37.77 31.88
N LYS D 632 2.95 38.16 32.45
CA LYS D 632 3.33 37.69 33.78
C LYS D 632 2.56 38.47 34.82
N ILE D 633 1.90 37.78 35.74
CA ILE D 633 1.10 38.43 36.77
C ILE D 633 1.24 37.66 38.06
N LYS D 634 0.52 38.13 39.08
CA LYS D 634 0.38 37.46 40.36
C LYS D 634 -1.09 37.13 40.56
N VAL D 635 -1.38 35.87 40.79
CA VAL D 635 -2.76 35.41 40.93
C VAL D 635 -2.92 34.64 42.23
N ARG D 636 -4.01 34.90 42.94
CA ARG D 636 -4.36 34.12 44.12
C ARG D 636 -5.07 32.85 43.68
N LEU D 637 -4.42 31.72 43.85
CA LEU D 637 -5.01 30.44 43.48
C LEU D 637 -5.60 29.78 44.72
N THR D 638 -6.72 29.10 44.53
CA THR D 638 -7.41 28.45 45.62
C THR D 638 -7.77 27.01 45.31
N GLN D 639 -7.57 26.56 44.08
CA GLN D 639 -7.92 25.19 43.69
C GLN D 639 -6.77 24.48 42.98
N LEU D 640 -5.53 24.94 43.18
CA LEU D 640 -4.36 24.29 42.60
C LEU D 640 -3.29 24.11 43.67
N ARG D 641 -2.81 22.90 43.82
CA ARG D 641 -1.74 22.67 44.79
C ARG D 641 -0.49 23.41 44.36
N PRO D 642 0.12 24.19 45.24
CA PRO D 642 1.37 24.87 44.92
C PRO D 642 2.51 23.89 44.73
N PRO D 643 3.62 24.34 44.17
CA PRO D 643 4.78 23.46 44.04
C PRO D 643 5.23 22.95 45.39
N VAL D 644 5.77 21.73 45.39
CA VAL D 644 6.28 21.13 46.61
C VAL D 644 7.39 21.99 47.21
N GLU D 645 8.06 22.80 46.39
CA GLU D 645 9.02 23.75 46.94
C GLU D 645 8.33 24.74 47.88
N ILE D 646 7.30 25.42 47.37
CA ILE D 646 6.65 26.47 48.12
C ILE D 646 5.52 25.98 49.01
N GLU D 647 4.98 24.79 48.74
CA GLU D 647 3.97 24.26 49.65
C GLU D 647 4.54 24.01 51.03
N ALA D 648 5.83 23.65 51.11
CA ALA D 648 6.39 23.34 52.42
C ALA D 648 6.57 24.59 53.27
N GLU D 649 7.11 25.67 52.69
CA GLU D 649 7.36 26.85 53.49
C GLU D 649 6.09 27.62 53.77
N LEU D 650 5.12 27.53 52.87
CA LEU D 650 3.84 28.20 53.07
C LEU D 650 2.98 27.36 54.02
N PHE D 651 2.83 26.07 53.70
CA PHE D 651 2.09 25.16 54.55
C PHE D 651 3.08 24.17 55.15
N GLY D 652 3.47 23.15 54.39
CA GLY D 652 4.49 22.27 54.90
C GLY D 652 4.03 21.34 55.99
N HIS D 653 3.59 21.92 57.11
CA HIS D 653 3.09 21.11 58.22
C HIS D 653 1.91 20.26 57.79
N SER D 654 1.00 20.83 57.02
CA SER D 654 -0.14 20.14 56.45
C SER D 654 -0.13 20.38 54.95
N GLY D 655 -0.59 19.36 54.21
CA GLY D 655 -0.62 19.51 52.77
C GLY D 655 -1.54 20.65 52.37
N TRP D 656 -1.22 21.26 51.24
CA TRP D 656 -2.11 22.27 50.70
C TRP D 656 -3.50 21.67 50.59
N GLN D 657 -4.51 22.48 50.90
CA GLN D 657 -5.85 21.96 50.90
C GLN D 657 -6.68 22.66 49.83
N PRO D 658 -7.54 21.94 49.13
CA PRO D 658 -8.43 22.60 48.17
C PRO D 658 -9.25 23.68 48.84
N GLY D 659 -8.86 24.93 48.63
CA GLY D 659 -9.49 26.03 49.33
C GLY D 659 -8.47 27.00 49.87
N ASP D 660 -7.30 26.49 50.20
CA ASP D 660 -6.23 27.34 50.66
C ASP D 660 -5.73 28.21 49.53
N ALA D 661 -5.31 29.43 49.88
CA ALA D 661 -4.89 30.42 48.92
C ALA D 661 -3.37 30.57 48.97
N TRP D 662 -2.83 31.10 47.88
CA TRP D 662 -1.41 31.42 47.81
C TRP D 662 -1.19 32.26 46.57
N MET D 663 -0.15 33.09 46.61
CA MET D 663 0.12 33.95 45.47
C MET D 663 1.12 33.26 44.55
N ALA D 664 0.97 33.52 43.26
CA ALA D 664 1.84 32.91 42.27
C ALA D 664 2.17 33.98 41.23
N GLU D 665 3.34 33.83 40.62
CA GLU D 665 3.79 34.76 39.61
C GLU D 665 3.82 34.06 38.25
N THR D 666 2.64 33.73 37.75
CA THR D 666 2.53 33.05 36.47
C THR D 666 1.80 33.92 35.47
N THR D 667 1.28 33.31 34.41
CA THR D 667 0.36 33.97 33.51
C THR D 667 -1.00 33.31 33.58
N LEU D 668 -2.01 34.03 33.10
CA LEU D 668 -3.35 33.45 33.08
C LEU D 668 -3.38 32.19 32.24
N GLY D 669 -2.61 32.16 31.15
CA GLY D 669 -2.60 30.98 30.31
C GLY D 669 -2.04 29.76 31.03
N ARG D 670 -0.94 29.95 31.76
CA ARG D 670 -0.39 28.83 32.50
C ARG D 670 -1.37 28.33 33.54
N VAL D 671 -2.17 29.23 34.10
CA VAL D 671 -3.21 28.81 35.03
C VAL D 671 -4.27 28.00 34.32
N MET D 672 -4.68 28.44 33.12
CA MET D 672 -5.66 27.67 32.38
C MET D 672 -5.11 26.29 32.06
N PHE D 673 -3.80 26.21 31.83
CA PHE D 673 -3.17 24.92 31.58
C PHE D 673 -3.18 24.02 32.81
N ASN D 674 -2.86 24.55 33.97
CA ASN D 674 -2.81 23.70 35.16
C ASN D 674 -4.20 23.21 35.60
N GLU D 675 -5.27 23.86 35.16
CA GLU D 675 -6.59 23.30 35.45
C GLU D 675 -6.84 22.02 34.68
N LEU D 676 -6.15 21.82 33.55
CA LEU D 676 -6.39 20.64 32.74
C LEU D 676 -5.84 19.38 33.42
N LEU D 677 -4.58 19.40 33.84
CA LEU D 677 -4.04 18.27 34.57
C LEU D 677 -4.79 18.11 35.90
N PRO D 678 -4.80 16.90 36.46
CA PRO D 678 -5.69 16.63 37.59
C PRO D 678 -5.39 17.49 38.82
N LEU D 679 -6.40 17.57 39.68
CA LEU D 679 -6.25 18.35 40.90
C LEU D 679 -5.19 17.71 41.78
N GLY D 680 -4.40 18.53 42.43
CA GLY D 680 -3.34 18.03 43.26
C GLY D 680 -2.02 17.86 42.54
N TYR D 681 -1.99 18.07 41.25
CA TYR D 681 -0.67 17.98 40.67
C TYR D 681 0.06 19.29 40.94
N PRO D 682 1.33 19.23 41.34
CA PRO D 682 2.04 20.46 41.63
C PRO D 682 2.03 21.39 40.43
N PHE D 683 1.69 22.65 40.69
CA PHE D 683 1.64 23.64 39.63
C PHE D 683 3.01 23.70 38.97
N VAL D 684 3.01 23.78 37.65
CA VAL D 684 4.24 23.86 36.88
C VAL D 684 4.23 25.18 36.14
N ASN D 685 5.16 26.06 36.50
CA ASN D 685 5.29 27.40 35.94
C ASN D 685 6.26 27.45 34.77
N LYS D 686 6.43 26.35 34.06
CA LYS D 686 7.35 26.25 32.96
C LYS D 686 6.67 26.67 31.66
N GLN D 687 7.47 26.74 30.59
CA GLN D 687 6.94 26.91 29.25
C GLN D 687 6.75 25.52 28.65
N MET D 688 5.53 25.23 28.22
CA MET D 688 5.21 23.86 27.84
C MET D 688 5.78 23.54 26.47
N HIS D 689 7.04 23.14 26.46
CA HIS D 689 7.59 22.51 25.28
C HIS D 689 7.03 21.09 25.17
N LYS D 690 7.24 20.46 24.01
CA LYS D 690 6.78 19.09 23.88
C LYS D 690 7.47 18.17 24.89
N LYS D 691 8.77 18.39 25.10
CA LYS D 691 9.48 17.56 26.08
C LYS D 691 8.87 17.69 27.46
N VAL D 692 8.46 18.91 27.82
CA VAL D 692 7.86 19.11 29.14
C VAL D 692 6.53 18.37 29.24
N GLN D 693 5.70 18.42 28.20
CA GLN D 693 4.42 17.74 28.30
C GLN D 693 4.61 16.24 28.38
N ALA D 694 5.57 15.69 27.64
CA ALA D 694 5.81 14.25 27.78
C ALA D 694 6.29 13.93 29.18
N ALA D 695 7.13 14.81 29.75
CA ALA D 695 7.61 14.59 31.10
C ALA D 695 6.47 14.65 32.09
N ILE D 696 5.53 15.59 31.90
CA ILE D 696 4.40 15.69 32.80
C ILE D 696 3.53 14.46 32.69
N ILE D 697 3.19 14.08 31.46
CA ILE D 697 2.31 12.93 31.27
C ILE D 697 3.01 11.66 31.73
N ASN D 698 4.32 11.57 31.57
CA ASN D 698 5.05 10.42 32.09
C ASN D 698 4.97 10.36 33.60
N ASP D 699 5.11 11.50 34.28
CA ASP D 699 4.95 11.49 35.73
C ASP D 699 3.51 11.19 36.13
N LEU D 700 2.54 11.62 35.33
CA LEU D 700 1.16 11.30 35.66
C LEU D 700 0.90 9.81 35.50
N ALA D 701 1.54 9.18 34.51
CA ALA D 701 1.33 7.76 34.30
C ALA D 701 1.98 6.93 35.40
N GLU D 702 3.10 7.42 35.94
CA GLU D 702 3.79 6.69 37.01
C GLU D 702 3.00 6.74 38.30
N ARG D 703 2.49 7.92 38.66
CA ARG D 703 1.87 8.12 39.96
C ARG D 703 0.36 7.89 39.91
N TYR D 704 -0.32 8.60 39.05
CA TYR D 704 -1.76 8.53 38.95
C TYR D 704 -2.21 7.30 38.16
N PRO D 705 -3.41 6.83 38.41
CA PRO D 705 -3.88 5.61 37.78
C PRO D 705 -4.09 5.78 36.28
N MET D 706 -4.53 4.72 35.60
CA MET D 706 -4.61 4.77 34.14
C MET D 706 -5.67 5.77 33.70
N ILE D 707 -6.89 5.64 34.22
CA ILE D 707 -8.01 6.43 33.72
C ILE D 707 -7.77 7.91 33.90
N VAL D 708 -7.00 8.33 34.90
CA VAL D 708 -6.74 9.75 35.03
C VAL D 708 -5.91 10.26 33.86
N VAL D 709 -4.89 9.50 33.46
CA VAL D 709 -4.09 9.92 32.32
C VAL D 709 -4.92 9.96 31.06
N ALA D 710 -5.83 9.00 30.91
CA ALA D 710 -6.63 8.96 29.69
C ALA D 710 -7.52 10.20 29.59
N GLN D 711 -8.08 10.65 30.71
CA GLN D 711 -8.93 11.83 30.65
C GLN D 711 -8.13 13.11 30.62
N THR D 712 -6.98 13.15 31.30
CA THR D 712 -6.18 14.37 31.30
C THR D 712 -5.65 14.68 29.91
N VAL D 713 -5.25 13.66 29.15
CA VAL D 713 -4.67 13.92 27.85
C VAL D 713 -5.76 14.31 26.85
N ASP D 714 -6.99 13.88 27.08
CA ASP D 714 -8.10 14.39 26.29
C ASP D 714 -8.35 15.87 26.58
N LYS D 715 -8.19 16.28 27.83
CA LYS D 715 -8.34 17.70 28.14
C LYS D 715 -7.24 18.53 27.49
N LEU D 716 -6.01 18.02 27.50
CA LEU D 716 -4.94 18.75 26.83
C LEU D 716 -5.23 18.90 25.34
N LYS D 717 -5.88 17.89 24.76
CA LYS D 717 -6.20 17.98 23.34
C LYS D 717 -7.16 19.13 23.07
N ASP D 718 -8.26 19.20 23.81
CA ASP D 718 -9.22 20.26 23.58
C ASP D 718 -8.58 21.63 23.75
N ALA D 719 -7.71 21.78 24.74
CA ALA D 719 -7.08 23.07 24.94
C ALA D 719 -6.08 23.39 23.84
N GLY D 720 -5.34 22.38 23.37
CA GLY D 720 -4.37 22.64 22.33
C GLY D 720 -4.97 23.08 21.01
N PHE D 721 -6.03 22.40 20.58
CA PHE D 721 -6.66 22.79 19.32
C PHE D 721 -7.26 24.18 19.43
N TYR D 722 -7.77 24.54 20.60
CA TYR D 722 -8.35 25.86 20.78
C TYR D 722 -7.30 26.94 20.60
N TRP D 723 -6.18 26.80 21.28
CA TRP D 723 -5.17 27.84 21.22
C TRP D 723 -4.24 27.70 20.02
N ALA D 724 -4.11 26.52 19.42
CA ALA D 724 -3.40 26.45 18.16
C ALA D 724 -4.13 27.21 17.08
N THR D 725 -5.47 27.23 17.14
CA THR D 725 -6.26 28.00 16.20
C THR D 725 -6.01 29.49 16.37
N ARG D 726 -5.78 29.93 17.60
CA ARG D 726 -5.66 31.34 17.93
C ARG D 726 -4.21 31.72 18.22
N SER D 727 -3.28 30.87 17.79
CA SER D 727 -1.85 31.08 17.94
C SER D 727 -1.24 31.82 16.76
N GLY D 728 -2.05 32.25 15.80
CA GLY D 728 -1.50 33.02 14.70
C GLY D 728 -0.51 32.25 13.87
N VAL D 729 -0.49 30.92 14.00
CA VAL D 729 0.45 30.09 13.26
C VAL D 729 0.03 30.11 11.80
N THR D 730 0.87 30.70 10.95
CA THR D 730 0.54 30.87 9.54
C THR D 730 1.83 30.87 8.75
N VAL D 731 1.75 30.36 7.52
CA VAL D 731 2.89 30.36 6.61
C VAL D 731 2.65 31.42 5.55
N SER D 732 3.65 32.27 5.34
CA SER D 732 3.63 33.22 4.24
C SER D 732 5.03 33.34 3.66
N MET D 733 5.11 33.84 2.43
CA MET D 733 6.41 34.01 1.82
C MET D 733 7.27 34.99 2.60
N ALA D 734 6.64 35.97 3.24
CA ALA D 734 7.41 36.93 4.02
C ALA D 734 7.98 36.32 5.28
N ASP D 735 7.27 35.36 5.88
CA ASP D 735 7.76 34.79 7.13
C ASP D 735 8.90 33.81 6.92
N VAL D 736 9.18 33.42 5.68
CA VAL D 736 10.34 32.58 5.40
C VAL D 736 11.45 33.60 5.09
N LEU D 737 12.17 34.01 6.12
CA LEU D 737 13.22 35.00 5.91
C LEU D 737 14.51 34.33 5.48
N VAL D 738 15.13 34.91 4.47
CA VAL D 738 16.38 34.44 3.90
C VAL D 738 17.50 35.17 4.63
N PRO D 739 18.69 34.60 4.75
CA PRO D 739 19.76 35.30 5.44
C PRO D 739 20.01 36.64 4.77
N PRO D 740 20.23 37.71 5.55
CA PRO D 740 20.41 39.02 4.90
C PRO D 740 21.68 39.08 4.08
N ARG D 741 22.76 38.49 4.59
CA ARG D 741 24.03 38.46 3.89
C ARG D 741 24.16 37.18 3.08
N LYS D 742 23.06 36.71 2.48
CA LYS D 742 23.09 35.42 1.80
C LYS D 742 24.10 35.45 0.66
N LYS D 743 24.06 36.50 -0.16
CA LYS D 743 25.07 36.60 -1.21
C LYS D 743 26.42 36.79 -0.55
N GLU D 744 26.43 37.57 0.53
CA GLU D 744 27.64 37.84 1.30
C GLU D 744 28.18 36.54 1.86
N ILE D 745 27.27 35.65 2.28
CA ILE D 745 27.65 34.34 2.80
C ILE D 745 28.11 33.40 1.68
N LEU D 746 27.33 33.34 0.59
CA LEU D 746 27.51 32.38 -0.51
C LEU D 746 28.76 32.55 -1.38
N ASP D 747 29.25 33.77 -1.62
CA ASP D 747 30.41 33.93 -2.51
C ASP D 747 31.71 33.34 -1.97
N HIS D 748 31.89 33.25 -0.65
CA HIS D 748 33.10 32.65 -0.09
C HIS D 748 33.19 31.18 -0.36
N TYR D 749 32.08 30.48 -0.31
CA TYR D 749 32.17 29.06 -0.49
C TYR D 749 32.22 28.67 -1.96
N GLU D 750 31.66 29.50 -2.83
CA GLU D 750 31.95 29.37 -4.26
C GLU D 750 33.41 29.72 -4.52
N GLU D 751 33.94 30.61 -3.71
CA GLU D 751 35.35 30.99 -3.75
C GLU D 751 36.28 29.84 -3.42
N ARG D 752 36.04 29.15 -2.32
CA ARG D 752 36.93 28.04 -2.01
C ARG D 752 36.80 26.93 -3.05
N ALA D 753 35.62 26.80 -3.67
CA ALA D 753 35.48 25.79 -4.72
C ALA D 753 36.38 26.12 -5.90
N ASP D 754 36.54 27.41 -6.18
CA ASP D 754 37.46 27.87 -7.22
C ASP D 754 38.92 27.66 -6.83
N LYS D 755 39.19 27.58 -5.54
CA LYS D 755 40.55 27.45 -5.05
C LYS D 755 41.22 26.14 -5.43
N VAL D 756 40.46 25.05 -5.44
CA VAL D 756 40.99 23.76 -5.84
C VAL D 756 41.27 23.61 -7.34
N GLU D 757 40.59 24.35 -8.22
CA GLU D 757 40.83 24.11 -9.63
C GLU D 757 42.24 24.41 -10.13
N LYS D 758 42.90 25.50 -9.75
CA LYS D 758 44.30 25.57 -10.17
C LYS D 758 45.22 24.72 -9.33
N GLN D 759 44.87 24.44 -8.08
CA GLN D 759 45.74 23.44 -7.47
C GLN D 759 45.52 22.13 -8.19
N PHE D 760 44.45 22.03 -8.96
CA PHE D 760 44.24 20.95 -9.90
C PHE D 760 44.67 21.31 -11.31
N GLN D 761 44.73 22.61 -11.64
CA GLN D 761 45.15 23.01 -12.98
C GLN D 761 46.65 22.80 -13.17
N ARG D 762 47.43 23.11 -12.15
CA ARG D 762 48.87 22.87 -12.10
C ARG D 762 49.20 21.47 -11.60
N GLY D 763 48.19 20.65 -11.36
CA GLY D 763 48.36 19.29 -10.90
C GLY D 763 48.73 19.15 -9.44
N ALA D 764 48.64 20.20 -8.64
CA ALA D 764 49.02 20.05 -7.24
C ALA D 764 48.01 19.25 -6.44
N LEU D 765 46.77 19.13 -6.90
CA LEU D 765 45.74 18.34 -6.23
C LEU D 765 45.27 17.24 -7.17
N ASN D 766 45.16 16.02 -6.65
CA ASN D 766 44.58 14.95 -7.45
C ASN D 766 43.10 15.22 -7.69
N HIS D 767 42.59 14.72 -8.82
CA HIS D 767 41.19 14.95 -9.15
C HIS D 767 40.26 14.31 -8.12
N ASP D 768 40.65 13.14 -7.60
CA ASP D 768 39.86 12.49 -6.56
C ASP D 768 39.96 13.20 -5.21
N GLU D 769 41.06 13.91 -4.95
CA GLU D 769 41.21 14.60 -3.67
C GLU D 769 40.50 15.94 -3.69
N ARG D 770 40.34 16.52 -4.87
CA ARG D 770 39.65 17.79 -5.01
C ARG D 770 38.21 17.71 -4.54
N ASN D 771 37.54 16.59 -4.81
CA ASN D 771 36.15 16.43 -4.40
C ASN D 771 36.00 16.50 -2.88
N GLU D 772 36.84 15.77 -2.14
CA GLU D 772 36.77 15.84 -0.68
C GLU D 772 37.11 17.23 -0.17
N ALA D 773 37.97 17.97 -0.87
CA ALA D 773 38.28 19.33 -0.45
C ALA D 773 37.09 20.25 -0.65
N LEU D 774 36.44 20.17 -1.82
CA LEU D 774 35.30 21.05 -2.07
C LEU D 774 34.10 20.67 -1.21
N VAL D 775 33.95 19.39 -0.87
CA VAL D 775 32.86 18.99 0.02
C VAL D 775 32.99 19.71 1.35
N GLU D 776 34.19 19.71 1.91
CA GLU D 776 34.45 20.38 3.18
C GLU D 776 34.35 21.90 3.07
N ILE D 777 34.44 22.46 1.86
CA ILE D 777 34.27 23.89 1.69
C ILE D 777 32.81 24.29 1.86
N TRP D 778 31.90 23.54 1.25
CA TRP D 778 30.47 23.84 1.31
C TRP D 778 29.76 23.29 2.53
N LYS D 779 30.28 22.21 3.13
CA LYS D 779 29.73 21.74 4.39
C LYS D 779 29.89 22.76 5.52
N GLU D 780 31.01 23.48 5.54
CA GLU D 780 31.16 24.55 6.53
C GLU D 780 30.24 25.73 6.25
N ALA D 781 29.81 25.90 4.99
CA ALA D 781 28.94 27.01 4.65
C ALA D 781 27.55 26.83 5.25
N THR D 782 27.00 25.62 5.19
CA THR D 782 25.66 25.44 5.74
C THR D 782 25.66 25.60 7.25
N ASP D 783 26.77 25.26 7.92
CA ASP D 783 26.84 25.47 9.35
C ASP D 783 26.97 26.95 9.70
N GLU D 784 27.74 27.71 8.89
CA GLU D 784 27.86 29.14 9.11
C GLU D 784 26.58 29.86 8.70
N VAL D 785 25.91 29.35 7.66
CA VAL D 785 24.61 29.88 7.25
C VAL D 785 23.55 29.54 8.29
N GLY D 786 23.64 28.36 8.91
CA GLY D 786 22.68 28.03 9.95
C GLY D 786 22.75 28.99 11.13
N GLN D 787 23.97 29.41 11.51
CA GLN D 787 24.05 30.40 12.57
C GLN D 787 23.55 31.76 12.09
N ALA D 788 23.76 32.09 10.81
CA ALA D 788 23.23 33.33 10.26
C ALA D 788 21.72 33.29 10.11
N LEU D 789 21.12 32.10 10.19
CA LEU D 789 19.68 31.94 10.06
C LEU D 789 18.98 32.01 11.42
N ARG D 790 19.62 31.47 12.45
CA ARG D 790 19.02 31.47 13.78
C ARG D 790 18.81 32.88 14.29
N GLU D 791 19.83 33.73 14.14
CA GLU D 791 19.75 35.09 14.66
C GLU D 791 18.89 35.98 13.77
N HIS D 792 18.84 35.69 12.47
CA HIS D 792 18.03 36.51 11.57
C HIS D 792 16.55 36.23 11.76
N TYR D 793 16.19 35.01 12.10
CA TYR D 793 14.78 34.71 12.27
C TYR D 793 14.30 35.34 13.57
N PRO D 794 13.29 36.20 13.55
CA PRO D 794 12.68 36.65 14.79
C PRO D 794 11.92 35.52 15.45
N ASP D 795 11.45 35.77 16.67
CA ASP D 795 10.64 34.80 17.38
C ASP D 795 9.16 34.94 17.08
N ASP D 796 8.76 36.00 16.40
CA ASP D 796 7.39 36.14 15.91
C ASP D 796 7.14 35.26 14.71
N ASN D 797 8.19 34.81 14.04
CA ASN D 797 8.05 34.02 12.83
C ASN D 797 7.33 32.72 13.13
N PRO D 798 6.27 32.37 12.41
CA PRO D 798 5.52 31.16 12.75
C PRO D 798 6.32 29.90 12.54
N ILE D 799 7.25 29.90 11.60
CA ILE D 799 8.07 28.71 11.38
C ILE D 799 8.92 28.45 12.61
N ILE D 800 9.37 29.50 13.29
CA ILE D 800 10.13 29.30 14.52
C ILE D 800 9.22 28.82 15.63
N THR D 801 8.00 29.35 15.70
CA THR D 801 7.09 28.92 16.74
C THR D 801 6.77 27.44 16.55
N ILE D 802 6.66 27.02 15.30
CA ILE D 802 6.37 25.63 14.99
C ILE D 802 7.52 24.74 15.39
N VAL D 803 8.74 25.12 15.01
CA VAL D 803 9.91 24.28 15.25
C VAL D 803 10.34 24.34 16.71
N ASP D 804 10.41 25.55 17.27
CA ASP D 804 10.96 25.70 18.61
C ASP D 804 10.03 25.18 19.69
N SER D 805 8.77 24.93 19.36
CA SER D 805 7.82 24.41 20.33
C SER D 805 7.77 22.89 20.35
N GLY D 806 8.69 22.22 19.66
CA GLY D 806 8.67 20.78 19.63
C GLY D 806 7.50 20.15 18.89
N ALA D 807 6.77 20.91 18.08
CA ALA D 807 5.66 20.30 17.36
C ALA D 807 6.22 19.29 16.38
N THR D 808 6.96 19.75 15.38
CA THR D 808 7.56 18.85 14.42
C THR D 808 8.58 19.60 13.59
N GLY D 809 9.57 18.88 13.12
CA GLY D 809 10.55 19.40 12.18
C GLY D 809 11.83 19.83 12.87
N ASN D 810 12.92 19.80 12.11
CA ASN D 810 14.22 20.29 12.55
C ASN D 810 14.49 21.69 11.99
N PHE D 811 15.53 22.32 12.53
CA PHE D 811 16.07 23.54 11.94
C PHE D 811 16.90 23.29 10.68
N THR D 812 17.43 22.08 10.49
CA THR D 812 18.13 21.75 9.26
C THR D 812 17.21 21.91 8.05
N GLN D 813 15.94 21.51 8.22
CA GLN D 813 14.95 21.71 7.18
C GLN D 813 14.76 23.19 6.87
N THR D 814 14.72 24.02 7.90
CA THR D 814 14.59 25.46 7.71
C THR D 814 15.75 26.04 6.91
N ARG D 815 16.96 25.55 7.13
CA ARG D 815 18.09 26.06 6.35
C ARG D 815 17.91 25.85 4.86
N THR D 816 17.50 24.65 4.44
CA THR D 816 17.22 24.46 3.02
C THR D 816 16.07 25.36 2.59
N LEU D 817 15.05 25.47 3.45
CA LEU D 817 13.90 26.31 3.14
C LEU D 817 14.33 27.78 3.05
N ALA D 818 15.00 28.28 4.08
CA ALA D 818 15.29 29.70 4.23
C ALA D 818 16.74 30.06 3.96
N GLY D 819 17.66 29.12 4.11
CA GLY D 819 19.07 29.41 3.93
C GLY D 819 19.55 28.98 2.57
N MET D 820 19.89 27.69 2.44
CA MET D 820 20.36 27.14 1.18
C MET D 820 20.20 25.62 1.21
N LYS D 821 19.85 25.04 0.07
CA LYS D 821 19.74 23.58 0.00
C LYS D 821 21.10 22.95 0.28
N GLY D 822 22.15 23.48 -0.35
CA GLY D 822 23.50 23.02 -0.15
C GLY D 822 24.01 22.03 -1.18
N LEU D 823 25.04 21.29 -0.77
CA LEU D 823 25.66 20.27 -1.60
C LEU D 823 24.72 19.08 -1.73
N VAL D 824 24.40 18.71 -2.95
CA VAL D 824 23.56 17.55 -3.19
C VAL D 824 24.39 16.39 -3.67
N THR D 825 23.89 15.19 -3.41
CA THR D 825 24.56 13.95 -3.71
C THR D 825 24.01 13.34 -4.99
N ASN D 826 24.90 12.83 -5.83
CA ASN D 826 24.52 12.06 -7.01
C ASN D 826 24.28 10.61 -6.65
N PRO D 827 23.65 9.85 -7.55
CA PRO D 827 23.37 8.43 -7.27
C PRO D 827 24.60 7.59 -6.98
N LYS D 828 25.80 8.12 -7.21
CA LYS D 828 27.02 7.41 -6.82
C LYS D 828 27.14 7.31 -5.32
N GLY D 829 27.17 8.44 -4.62
CA GLY D 829 27.29 8.42 -3.18
C GLY D 829 28.10 9.58 -2.63
N GLU D 830 29.17 9.96 -3.32
CA GLU D 830 29.98 11.08 -2.87
C GLU D 830 29.25 12.40 -3.16
N PHE D 831 29.59 13.42 -2.39
CA PHE D 831 28.93 14.71 -2.58
C PHE D 831 29.41 15.37 -3.86
N ILE D 832 28.50 16.07 -4.53
CA ILE D 832 28.85 16.76 -5.78
C ILE D 832 29.80 17.91 -5.47
N PRO D 833 30.89 18.08 -6.22
CA PRO D 833 31.78 19.24 -5.99
C PRO D 833 31.10 20.56 -6.28
N ARG D 834 29.88 20.56 -6.79
CA ARG D 834 29.13 21.78 -7.10
C ARG D 834 27.87 21.75 -6.27
N PRO D 835 27.58 22.75 -5.45
CA PRO D 835 26.41 22.72 -4.58
C PRO D 835 25.16 23.32 -5.22
N VAL D 836 24.04 23.12 -4.52
CA VAL D 836 22.79 23.77 -4.88
C VAL D 836 22.78 25.08 -4.11
N LYS D 837 23.15 26.17 -4.79
CA LYS D 837 23.26 27.44 -4.09
C LYS D 837 21.89 28.02 -3.77
N SER D 838 20.92 27.83 -4.65
CA SER D 838 19.60 28.41 -4.45
C SER D 838 18.85 27.78 -3.28
N SER D 839 17.90 28.55 -2.77
CA SER D 839 16.92 28.14 -1.79
C SER D 839 15.58 27.98 -2.48
N PHE D 840 14.69 27.19 -1.88
CA PHE D 840 13.36 27.03 -2.48
C PHE D 840 12.58 28.34 -2.48
N ARG D 841 12.89 29.27 -1.58
CA ARG D 841 12.31 30.60 -1.67
C ARG D 841 12.88 31.38 -2.86
N GLU D 842 14.18 31.23 -3.12
CA GLU D 842 14.79 31.92 -4.25
C GLU D 842 14.37 31.31 -5.57
N GLY D 843 14.33 29.98 -5.66
CA GLY D 843 14.00 29.34 -6.91
C GLY D 843 15.14 28.61 -7.57
N LEU D 844 15.04 27.29 -7.65
CA LEU D 844 16.12 26.49 -8.19
C LEU D 844 16.30 26.77 -9.67
N THR D 845 17.52 26.58 -10.16
CA THR D 845 17.74 26.70 -11.59
C THR D 845 17.28 25.42 -12.28
N VAL D 846 17.31 25.42 -13.61
CA VAL D 846 16.84 24.26 -14.34
C VAL D 846 17.68 23.05 -14.00
N LEU D 847 19.01 23.22 -14.00
CA LEU D 847 19.91 22.12 -13.70
C LEU D 847 19.90 21.81 -12.22
N GLU D 848 19.67 22.81 -11.39
CA GLU D 848 19.57 22.57 -9.95
C GLU D 848 18.44 21.62 -9.62
N TYR D 849 17.28 21.81 -10.27
CA TYR D 849 16.19 20.89 -9.99
C TYR D 849 16.53 19.49 -10.49
N PHE D 850 17.14 19.41 -11.67
CA PHE D 850 17.48 18.11 -12.23
C PHE D 850 18.52 17.39 -11.39
N ILE D 851 19.54 18.11 -10.94
CA ILE D 851 20.58 17.50 -10.14
C ILE D 851 20.06 17.15 -8.76
N ASN D 852 18.98 17.80 -8.33
CA ASN D 852 18.37 17.46 -7.05
C ASN D 852 17.66 16.12 -7.14
N THR D 853 17.05 15.82 -8.28
CA THR D 853 16.29 14.59 -8.43
C THR D 853 17.13 13.34 -8.34
N HIS D 854 18.43 13.39 -8.62
CA HIS D 854 19.21 12.16 -8.50
C HIS D 854 19.08 11.59 -7.09
N GLY D 855 19.33 12.43 -6.09
CA GLY D 855 19.21 11.98 -4.71
C GLY D 855 17.77 11.84 -4.25
N ALA D 856 16.87 12.63 -4.83
CA ALA D 856 15.48 12.56 -4.38
C ALA D 856 14.82 11.26 -4.82
N ARG D 857 15.07 10.83 -6.05
CA ARG D 857 14.43 9.61 -6.52
C ARG D 857 15.06 8.41 -5.83
N LYS D 858 16.40 8.39 -5.75
CA LYS D 858 17.04 7.31 -5.03
C LYS D 858 16.68 7.37 -3.56
N GLY D 859 16.24 8.55 -3.08
CA GLY D 859 15.71 8.62 -1.74
C GLY D 859 14.42 7.83 -1.61
N LEU D 860 13.56 7.89 -2.63
CA LEU D 860 12.37 7.06 -2.60
C LEU D 860 12.68 5.63 -2.98
N ALA D 861 13.67 5.42 -3.85
CA ALA D 861 13.91 4.08 -4.34
C ALA D 861 14.43 3.20 -3.21
N ASP D 862 15.51 3.64 -2.56
CA ASP D 862 16.06 2.81 -1.50
C ASP D 862 15.17 2.79 -0.27
N THR D 863 14.25 3.76 -0.14
CA THR D 863 13.36 3.72 1.01
C THR D 863 12.43 2.53 0.94
N ALA D 864 12.06 2.14 -0.28
CA ALA D 864 11.24 0.95 -0.44
C ALA D 864 12.07 -0.30 -0.16
N LEU D 865 13.36 -0.25 -0.50
CA LEU D 865 14.22 -1.37 -0.23
C LEU D 865 14.59 -1.41 1.25
N ARG D 866 14.74 -0.24 1.88
CA ARG D 866 15.09 -0.22 3.28
C ARG D 866 13.94 -0.72 4.14
N THR D 867 12.70 -0.54 3.66
CA THR D 867 11.54 -1.09 4.34
C THR D 867 11.36 -2.58 4.08
N ALA D 868 11.80 -3.07 2.93
CA ALA D 868 11.67 -4.50 2.64
C ALA D 868 12.60 -5.32 3.51
N ASP D 869 13.86 -4.92 3.61
CA ASP D 869 14.77 -5.66 4.48
C ASP D 869 14.37 -5.51 5.95
N SER D 870 13.79 -4.38 6.32
CA SER D 870 13.32 -4.21 7.70
C SER D 870 12.19 -5.18 8.02
N GLY D 871 11.18 -5.24 7.17
CA GLY D 871 10.07 -6.13 7.44
C GLY D 871 10.47 -7.59 7.41
N TYR D 872 11.48 -7.93 6.62
CA TYR D 872 11.96 -9.31 6.61
C TYR D 872 12.69 -9.62 7.90
N LEU D 873 13.54 -8.70 8.36
CA LEU D 873 14.20 -8.91 9.65
C LEU D 873 13.19 -9.07 10.77
N THR D 874 12.08 -8.34 10.69
CA THR D 874 11.09 -8.41 11.75
C THR D 874 10.49 -9.80 11.85
N ARG D 875 10.14 -10.41 10.72
CA ARG D 875 9.53 -11.72 10.80
C ARG D 875 10.52 -12.80 11.19
N ARG D 876 11.81 -12.59 10.95
CA ARG D 876 12.78 -13.53 11.51
C ARG D 876 12.87 -13.38 13.02
N LEU D 877 12.85 -12.15 13.52
CA LEU D 877 12.86 -11.95 14.97
C LEU D 877 11.60 -12.46 15.62
N VAL D 878 10.47 -12.37 14.92
CA VAL D 878 9.22 -12.85 15.49
C VAL D 878 9.25 -14.35 15.68
N ASP D 879 9.70 -15.09 14.66
CA ASP D 879 9.66 -16.54 14.76
C ASP D 879 10.70 -17.09 15.73
N VAL D 880 11.83 -16.41 15.90
CA VAL D 880 12.86 -16.93 16.79
C VAL D 880 12.46 -16.75 18.24
N SER D 881 11.53 -15.84 18.52
CA SER D 881 11.13 -15.55 19.89
C SER D 881 9.62 -15.62 20.03
N GLN D 882 8.93 -16.33 19.14
CA GLN D 882 7.48 -16.34 19.21
C GLN D 882 6.99 -17.04 20.47
N ASP D 883 7.75 -18.02 20.96
CA ASP D 883 7.31 -18.84 22.08
C ASP D 883 7.95 -18.40 23.39
N VAL D 884 8.56 -17.22 23.43
CA VAL D 884 9.17 -16.71 24.65
C VAL D 884 8.05 -16.02 25.43
N ILE D 885 7.54 -16.70 26.44
CA ILE D 885 6.45 -16.19 27.25
C ILE D 885 6.92 -16.11 28.70
N VAL D 886 6.29 -15.23 29.45
CA VAL D 886 6.53 -15.13 30.89
C VAL D 886 5.70 -16.21 31.58
N ARG D 887 6.38 -17.27 32.06
CA ARG D 887 5.70 -18.41 32.65
C ARG D 887 5.88 -18.51 34.16
N GLU D 888 6.85 -17.81 34.74
CA GLU D 888 7.17 -17.90 36.15
C GLU D 888 7.26 -16.51 36.76
N HIS D 889 7.02 -16.43 38.07
CA HIS D 889 7.08 -15.15 38.76
C HIS D 889 8.51 -14.71 39.07
N ASP D 890 9.31 -15.58 39.69
CA ASP D 890 10.69 -15.21 40.02
C ASP D 890 11.57 -16.44 39.95
N CYS D 891 12.59 -16.40 39.10
CA CYS D 891 13.50 -17.52 38.98
C CYS D 891 14.58 -17.59 40.05
N GLN D 892 14.71 -16.58 40.93
CA GLN D 892 15.58 -16.67 42.09
C GLN D 892 17.06 -16.61 41.75
N THR D 893 17.41 -16.49 40.47
CA THR D 893 18.80 -16.48 40.05
C THR D 893 19.53 -15.21 40.45
N GLU D 894 20.66 -15.37 41.13
CA GLU D 894 21.43 -14.19 41.46
C GLU D 894 22.09 -13.63 40.25
N ARG D 895 21.97 -14.33 39.13
CA ARG D 895 22.59 -13.85 37.93
C ARG D 895 21.91 -12.54 37.54
N GLY D 896 22.69 -11.63 37.04
CA GLY D 896 22.18 -10.36 36.58
C GLY D 896 23.22 -9.80 35.68
N ILE D 897 23.34 -8.47 35.70
CA ILE D 897 24.38 -7.82 34.95
C ILE D 897 24.64 -6.47 35.59
N VAL D 898 25.88 -5.99 35.47
CA VAL D 898 26.26 -4.72 36.05
C VAL D 898 25.90 -3.62 35.07
N VAL D 899 25.24 -2.58 35.57
CA VAL D 899 24.84 -1.46 34.73
C VAL D 899 25.58 -0.21 35.19
N GLU D 900 26.28 0.43 34.26
CA GLU D 900 26.97 1.68 34.54
C GLU D 900 25.92 2.75 34.76
N LEU D 901 25.50 2.94 36.01
CA LEU D 901 24.47 3.92 36.29
C LEU D 901 24.94 5.33 35.97
N ALA D 902 26.14 5.68 36.43
CA ALA D 902 26.68 7.01 36.19
C ALA D 902 28.18 6.94 36.23
N GLU D 903 28.84 7.97 35.70
CA GLU D 903 30.29 8.06 35.74
C GLU D 903 30.65 9.28 36.57
N ARG D 904 31.71 9.16 37.36
CA ARG D 904 32.16 10.23 38.24
C ARG D 904 33.30 10.99 37.61
N ALA D 905 33.19 12.31 37.57
CA ALA D 905 34.26 13.11 36.99
C ALA D 905 35.42 13.20 37.97
N PRO D 906 36.60 13.58 37.49
CA PRO D 906 37.75 13.70 38.41
C PRO D 906 37.53 14.71 39.51
N ASP D 907 36.83 15.82 39.23
CA ASP D 907 36.61 16.84 40.23
C ASP D 907 35.70 16.33 41.35
N GLY D 908 34.78 15.42 41.02
CA GLY D 908 33.86 14.90 42.01
C GLY D 908 32.42 14.88 41.54
N THR D 909 32.12 15.65 40.49
CA THR D 909 30.80 15.63 39.89
C THR D 909 30.54 14.28 39.24
N LEU D 910 29.29 13.81 39.36
CA LEU D 910 28.85 12.57 38.75
C LEU D 910 28.17 12.89 37.42
N ILE D 911 28.62 12.26 36.36
CA ILE D 911 28.05 12.46 35.03
C ILE D 911 27.02 11.37 34.76
N ARG D 912 25.81 11.77 34.40
CA ARG D 912 24.78 10.81 34.06
C ARG D 912 25.20 10.00 32.84
N ASP D 913 25.06 8.69 32.95
CA ASP D 913 25.38 7.87 31.79
C ASP D 913 24.29 8.08 30.76
N PRO D 914 24.64 8.12 29.48
CA PRO D 914 23.59 8.27 28.46
C PRO D 914 22.70 7.06 28.37
N TYR D 915 23.16 5.89 28.82
CA TYR D 915 22.43 4.65 28.69
C TYR D 915 21.54 4.34 29.89
N ILE D 916 21.27 5.33 30.76
CA ILE D 916 20.46 5.04 31.94
C ILE D 916 19.04 4.72 31.51
N GLU D 917 18.53 5.48 30.54
CA GLU D 917 17.15 5.32 30.09
C GLU D 917 16.91 3.90 29.59
N THR D 918 17.83 3.39 28.78
CA THR D 918 17.66 2.12 28.09
C THR D 918 18.14 0.91 28.88
N SER D 919 19.00 1.11 29.88
CA SER D 919 19.60 0.03 30.63
C SER D 919 19.19 0.00 32.10
N ALA D 920 18.79 1.12 32.68
CA ALA D 920 18.48 1.21 34.09
C ALA D 920 17.00 1.22 34.38
N TYR D 921 16.21 1.97 33.61
CA TYR D 921 14.78 2.04 33.87
C TYR D 921 14.13 0.68 33.63
N ALA D 922 13.01 0.45 34.29
CA ALA D 922 12.23 -0.77 34.15
C ALA D 922 13.01 -2.02 34.52
N ARG D 923 14.18 -1.86 35.12
CA ARG D 923 14.94 -3.01 35.58
C ARG D 923 14.50 -3.40 36.99
N THR D 924 15.08 -4.47 37.48
CA THR D 924 14.94 -4.91 38.86
C THR D 924 16.34 -5.17 39.39
N LEU D 925 16.54 -4.93 40.68
CA LEU D 925 17.89 -4.99 41.19
C LEU D 925 18.35 -6.42 41.42
N GLY D 926 19.66 -6.61 41.24
CA GLY D 926 20.35 -7.85 41.49
C GLY D 926 21.44 -7.68 42.52
N THR D 927 21.57 -6.49 43.07
CA THR D 927 22.55 -6.23 44.11
C THR D 927 22.09 -5.02 44.91
N ASP D 928 22.16 -5.13 46.22
CA ASP D 928 21.68 -4.07 47.09
C ASP D 928 22.43 -2.78 46.81
N ALA D 929 21.71 -1.67 46.76
CA ALA D 929 22.38 -0.41 46.47
C ALA D 929 23.07 0.10 47.72
N VAL D 930 24.39 0.22 47.66
CA VAL D 930 25.20 0.66 48.79
C VAL D 930 25.91 1.95 48.43
N ASP D 931 25.76 2.96 49.27
CA ASP D 931 26.49 4.21 49.11
C ASP D 931 27.78 4.09 49.91
N GLU D 932 28.40 5.22 50.26
CA GLU D 932 29.57 5.13 51.13
C GLU D 932 29.18 4.72 52.54
N ALA D 933 27.98 5.13 52.95
CA ALA D 933 27.36 4.76 54.21
C ALA D 933 26.74 3.38 54.12
N GLY D 934 26.36 2.84 55.28
CA GLY D 934 25.75 1.54 55.36
C GLY D 934 24.34 1.48 54.84
N ASN D 935 23.73 2.64 54.58
CA ASN D 935 22.35 2.67 54.14
C ASN D 935 22.24 2.17 52.71
N VAL D 936 21.19 1.43 52.45
CA VAL D 936 20.89 0.93 51.11
C VAL D 936 19.92 1.90 50.45
N ILE D 937 20.20 2.27 49.20
CA ILE D 937 19.40 3.25 48.49
C ILE D 937 18.19 2.61 47.87
N VAL D 938 18.37 1.46 47.23
CA VAL D 938 17.25 0.76 46.63
C VAL D 938 17.35 -0.68 47.05
N GLU D 939 16.23 -1.23 47.51
CA GLU D 939 16.24 -2.59 47.97
C GLU D 939 16.33 -3.47 46.72
N ARG D 940 16.48 -4.77 46.94
CA ARG D 940 16.47 -5.71 45.84
C ARG D 940 15.06 -5.93 45.32
N GLY D 941 14.91 -5.94 44.01
CA GLY D 941 13.61 -6.23 43.45
C GLY D 941 12.67 -5.06 43.35
N GLN D 942 13.19 -3.85 43.26
CA GLN D 942 12.37 -2.66 43.18
C GLN D 942 12.56 -2.09 41.79
N ASP D 943 11.47 -1.83 41.10
CA ASP D 943 11.59 -1.36 39.73
C ASP D 943 12.25 0.00 39.72
N LEU D 944 13.37 0.11 39.01
CA LEU D 944 14.07 1.39 39.01
C LEU D 944 13.23 2.39 38.24
N GLY D 945 12.35 3.09 38.96
CA GLY D 945 11.55 4.12 38.37
C GLY D 945 12.36 5.38 38.15
N ASP D 946 11.65 6.44 37.75
CA ASP D 946 12.33 7.72 37.54
C ASP D 946 12.79 8.30 38.87
N PRO D 947 11.95 8.37 39.90
CA PRO D 947 12.45 8.90 41.18
C PRO D 947 13.36 7.94 41.89
N GLU D 948 13.19 6.63 41.69
CA GLU D 948 14.02 5.65 42.38
C GLU D 948 15.43 5.64 41.82
N ILE D 949 15.63 6.19 40.62
CA ILE D 949 16.97 6.39 40.08
C ILE D 949 17.62 7.61 40.69
N ASP D 950 16.85 8.68 40.91
CA ASP D 950 17.41 9.87 41.56
C ASP D 950 17.84 9.57 42.98
N ALA D 951 17.27 8.54 43.60
CA ALA D 951 17.73 8.15 44.92
C ALA D 951 19.14 7.58 44.85
N LEU D 952 19.41 6.71 43.88
CA LEU D 952 20.77 6.22 43.74
C LEU D 952 21.69 7.27 43.16
N LEU D 953 21.18 8.14 42.28
CA LEU D 953 22.06 9.13 41.71
C LEU D 953 22.50 10.13 42.77
N ALA D 954 21.57 10.58 43.61
CA ALA D 954 21.91 11.50 44.68
C ALA D 954 22.58 10.82 45.86
N ALA D 955 22.69 9.49 45.83
CA ALA D 955 23.33 8.76 46.92
C ALA D 955 24.82 8.51 46.69
N GLY D 956 25.36 8.85 45.52
CA GLY D 956 26.75 8.63 45.23
C GLY D 956 27.08 7.32 44.56
N ILE D 957 26.20 6.33 44.66
CA ILE D 957 26.47 5.03 44.04
C ILE D 957 26.35 5.14 42.53
N THR D 958 27.30 4.54 41.82
CA THR D 958 27.39 4.67 40.37
C THR D 958 27.31 3.34 39.64
N GLN D 959 27.02 2.23 40.31
CA GLN D 959 26.90 0.94 39.65
C GLN D 959 25.81 0.11 40.30
N VAL D 960 24.98 -0.52 39.48
CA VAL D 960 23.92 -1.38 39.97
C VAL D 960 23.99 -2.72 39.26
N LYS D 961 23.59 -3.77 39.95
CA LYS D 961 23.46 -5.11 39.39
C LYS D 961 21.97 -5.40 39.27
N VAL D 962 21.47 -5.44 38.04
CA VAL D 962 20.04 -5.53 37.79
C VAL D 962 19.69 -6.89 37.23
N ARG D 963 18.48 -7.34 37.53
CA ARG D 963 17.98 -8.57 36.95
C ARG D 963 17.77 -8.42 35.45
N SER D 964 18.17 -9.44 34.71
CA SER D 964 18.08 -9.46 33.27
C SER D 964 17.40 -10.74 32.82
N VAL D 965 16.76 -10.67 31.66
CA VAL D 965 16.17 -11.86 31.07
C VAL D 965 17.27 -12.80 30.60
N LEU D 966 18.50 -12.31 30.50
CA LEU D 966 19.62 -13.17 30.16
C LEU D 966 19.87 -14.17 31.27
N THR D 967 19.89 -13.68 32.51
CA THR D 967 20.22 -14.51 33.67
C THR D 967 19.04 -15.31 34.24
N CYS D 968 17.81 -15.07 33.82
CA CYS D 968 16.71 -15.84 34.40
C CYS D 968 16.92 -17.30 34.04
N ALA D 969 17.13 -18.14 35.04
CA ALA D 969 17.38 -19.56 34.81
C ALA D 969 16.05 -20.30 34.96
N THR D 970 15.30 -20.38 33.87
CA THR D 970 14.06 -21.13 33.85
C THR D 970 14.10 -22.12 32.70
N SER D 971 13.40 -23.24 32.90
CA SER D 971 13.49 -24.34 31.95
C SER D 971 13.05 -23.89 30.57
N THR D 972 11.85 -23.32 30.47
CA THR D 972 11.28 -22.92 29.18
C THR D 972 11.06 -21.42 29.09
N GLY D 973 10.11 -20.86 29.82
CA GLY D 973 9.83 -19.43 29.75
C GLY D 973 10.86 -18.58 30.45
N VAL D 974 10.42 -17.41 30.92
CA VAL D 974 11.28 -16.48 31.63
C VAL D 974 10.57 -16.04 32.90
N CYS D 975 11.36 -15.63 33.87
CA CYS D 975 10.79 -15.18 35.13
C CYS D 975 10.39 -13.72 35.05
N ALA D 976 9.40 -13.34 35.86
CA ALA D 976 8.94 -11.97 35.82
C ALA D 976 9.94 -11.03 36.47
N THR D 977 10.62 -11.49 37.50
CA THR D 977 11.58 -10.63 38.19
C THR D 977 12.74 -10.29 37.28
N CYS D 978 13.18 -11.26 36.48
CA CYS D 978 14.28 -11.01 35.56
C CYS D 978 13.87 -10.16 34.36
N TYR D 979 12.62 -10.26 33.93
CA TYR D 979 12.17 -9.44 32.81
C TYR D 979 12.11 -7.97 33.22
N GLY D 980 11.38 -7.67 34.28
CA GLY D 980 11.26 -6.31 34.77
C GLY D 980 9.87 -5.72 34.61
N ARG D 981 9.80 -4.41 34.41
CA ARG D 981 8.53 -3.72 34.30
C ARG D 981 7.99 -3.83 32.89
N SER D 982 6.71 -4.16 32.77
CA SER D 982 6.08 -4.11 31.45
C SER D 982 6.00 -2.66 31.02
N MET D 983 6.67 -2.35 29.91
CA MET D 983 6.79 -0.94 29.52
C MET D 983 5.44 -0.29 29.29
N ALA D 984 4.45 -1.06 28.84
CA ALA D 984 3.14 -0.46 28.61
C ALA D 984 2.33 -0.36 29.89
N THR D 985 2.33 -1.40 30.72
CA THR D 985 1.50 -1.40 31.92
C THR D 985 2.06 -0.57 33.04
N GLY D 986 3.35 -0.25 33.02
CA GLY D 986 3.94 0.47 34.13
C GLY D 986 4.09 -0.32 35.40
N LYS D 987 3.81 -1.62 35.39
CA LYS D 987 3.98 -2.45 36.56
C LYS D 987 4.66 -3.74 36.16
N LEU D 988 4.81 -4.65 37.12
CA LEU D 988 5.43 -5.92 36.82
C LEU D 988 4.60 -6.66 35.77
N VAL D 989 5.30 -7.31 34.84
CA VAL D 989 4.63 -8.01 33.76
C VAL D 989 3.79 -9.14 34.28
N ASP D 990 2.58 -9.28 33.73
CA ASP D 990 1.70 -10.35 34.14
C ASP D 990 2.18 -11.66 33.50
N ILE D 991 1.87 -12.76 34.16
CA ILE D 991 2.26 -14.07 33.65
C ILE D 991 1.42 -14.42 32.43
N GLY D 992 2.10 -14.76 31.33
CA GLY D 992 1.44 -15.11 30.10
C GLY D 992 1.62 -14.12 28.97
N GLU D 993 2.23 -12.97 29.22
CA GLU D 993 2.40 -11.97 28.18
C GLU D 993 3.51 -12.41 27.24
N ALA D 994 3.21 -12.45 25.95
CA ALA D 994 4.16 -12.90 24.92
C ALA D 994 5.22 -11.83 24.69
N VAL D 995 6.15 -11.75 25.64
CA VAL D 995 7.18 -10.73 25.58
C VAL D 995 8.12 -10.94 24.40
N GLY D 996 8.17 -12.15 23.85
CA GLY D 996 9.04 -12.38 22.71
C GLY D 996 8.60 -11.64 21.47
N ILE D 997 7.30 -11.70 21.16
CA ILE D 997 6.79 -10.97 20.00
C ILE D 997 6.87 -9.47 20.23
N VAL D 998 6.56 -9.02 21.45
CA VAL D 998 6.68 -7.60 21.75
C VAL D 998 8.09 -7.11 21.52
N ALA D 999 9.09 -7.91 21.90
CA ALA D 999 10.46 -7.50 21.64
C ALA D 999 10.75 -7.45 20.15
N ALA D 1000 10.29 -8.44 19.40
CA ALA D 1000 10.57 -8.43 17.97
C ALA D 1000 9.91 -7.25 17.29
N GLN D 1001 8.67 -6.93 17.67
CA GLN D 1001 8.01 -5.79 17.06
C GLN D 1001 8.67 -4.49 17.49
N SER D 1002 9.10 -4.39 18.75
CA SER D 1002 9.71 -3.15 19.23
C SER D 1002 10.99 -2.85 18.48
N ILE D 1003 11.73 -3.89 18.09
CA ILE D 1003 12.99 -3.71 17.38
C ILE D 1003 12.74 -3.48 15.90
N GLY D 1004 11.77 -4.18 15.33
CA GLY D 1004 11.54 -4.10 13.89
C GLY D 1004 10.75 -2.90 13.45
N GLU D 1005 10.10 -2.20 14.39
CA GLU D 1005 9.31 -1.02 14.02
C GLU D 1005 10.19 0.13 13.60
N PRO D 1006 11.25 0.50 14.33
CA PRO D 1006 12.09 1.61 13.90
C PRO D 1006 13.11 1.24 12.83
N GLY D 1007 13.16 -0.01 12.40
CA GLY D 1007 14.15 -0.38 11.39
C GLY D 1007 13.85 0.35 10.09
N THR D 1008 12.76 1.10 10.06
CA THR D 1008 12.39 1.86 8.88
C THR D 1008 13.34 3.01 8.62
N GLN D 1009 14.03 3.47 9.65
CA GLN D 1009 14.89 4.66 9.55
C GLN D 1009 16.28 4.22 9.98
N LEU D 1010 17.16 4.04 9.00
CA LEU D 1010 18.54 3.63 9.23
C LEU D 1010 19.39 4.10 8.06
N THR D 1011 20.65 3.74 8.09
CA THR D 1011 21.59 4.11 7.05
C THR D 1011 22.11 2.88 6.32
N GLY D 1026 28.74 0.53 9.75
CA GLY D 1026 27.56 0.09 10.47
C GLY D 1026 26.30 0.15 9.64
N GLY D 1027 25.19 0.49 10.27
CA GLY D 1027 23.92 0.59 9.59
C GLY D 1027 23.04 -0.60 9.90
N LEU D 1028 21.96 -0.70 9.13
CA LEU D 1028 21.06 -1.83 9.30
C LEU D 1028 21.71 -3.16 8.97
N PRO D 1029 22.54 -3.29 7.93
CA PRO D 1029 23.22 -4.56 7.70
C PRO D 1029 24.05 -5.00 8.88
N ARG D 1030 24.59 -4.06 9.66
CA ARG D 1030 25.33 -4.45 10.85
C ARG D 1030 24.41 -5.18 11.81
N VAL D 1031 23.15 -4.75 11.89
CA VAL D 1031 22.19 -5.43 12.74
C VAL D 1031 21.98 -6.85 12.24
N GLN D 1032 21.98 -7.05 10.93
CA GLN D 1032 21.87 -8.43 10.44
C GLN D 1032 23.15 -9.21 10.66
N GLU D 1033 24.30 -8.56 10.63
CA GLU D 1033 25.53 -9.28 10.93
C GLU D 1033 25.55 -9.75 12.37
N LEU D 1034 24.85 -9.04 13.25
CA LEU D 1034 24.88 -9.40 14.66
C LEU D 1034 23.86 -10.49 14.94
N PHE D 1035 22.65 -10.34 14.41
CA PHE D 1035 21.59 -11.31 14.71
C PHE D 1035 21.79 -12.63 13.99
N GLU D 1036 22.52 -12.66 12.89
CA GLU D 1036 22.75 -13.90 12.17
C GLU D 1036 24.06 -14.58 12.56
N ALA D 1037 24.80 -14.01 13.50
CA ALA D 1037 26.04 -14.61 13.99
C ALA D 1037 27.02 -14.83 12.84
N ARG D 1038 27.12 -13.85 11.95
CA ARG D 1038 28.05 -13.94 10.83
C ARG D 1038 29.46 -13.55 11.24
N VAL D 1039 30.41 -13.99 10.44
CA VAL D 1039 31.79 -13.54 10.58
C VAL D 1039 31.87 -12.10 10.06
N PRO D 1040 32.02 -11.12 10.94
CA PRO D 1040 31.73 -9.73 10.56
C PRO D 1040 32.73 -9.20 9.55
N ARG D 1041 32.40 -8.03 9.01
CA ARG D 1041 33.33 -7.35 8.11
C ARG D 1041 34.56 -6.86 8.85
N GLY D 1042 34.36 -6.31 10.05
CA GLY D 1042 35.50 -5.81 10.82
C GLY D 1042 36.50 -6.90 11.15
N LYS D 1043 36.01 -8.04 11.62
CA LYS D 1043 36.86 -9.18 11.93
C LYS D 1043 37.99 -8.78 12.87
N ALA D 1044 37.65 -7.99 13.87
CA ALA D 1044 38.68 -7.52 14.78
C ALA D 1044 39.19 -8.68 15.63
N PRO D 1045 40.49 -8.72 15.90
CA PRO D 1045 41.03 -9.77 16.76
C PRO D 1045 40.75 -9.44 18.22
N ILE D 1046 41.05 -10.42 19.08
CA ILE D 1046 40.82 -10.28 20.50
C ILE D 1046 42.00 -10.90 21.24
N ALA D 1047 42.13 -10.53 22.51
CA ALA D 1047 43.22 -11.03 23.34
C ALA D 1047 42.79 -12.34 23.98
N ASP D 1048 43.37 -13.44 23.50
CA ASP D 1048 43.01 -14.74 24.02
C ASP D 1048 43.48 -14.93 25.44
N VAL D 1049 44.62 -14.33 25.80
CA VAL D 1049 45.19 -14.43 27.14
C VAL D 1049 45.62 -13.05 27.60
N THR D 1050 45.35 -12.75 28.87
CA THR D 1050 45.75 -11.47 29.42
C THR D 1050 47.25 -11.45 29.67
N GLY D 1051 47.88 -10.32 29.39
CA GLY D 1051 49.32 -10.22 29.56
C GLY D 1051 49.91 -8.91 29.10
N ARG D 1052 51.06 -8.98 28.41
CA ARG D 1052 51.76 -7.80 27.94
C ARG D 1052 51.61 -7.69 26.44
N VAL D 1053 51.47 -6.46 25.97
CA VAL D 1053 51.27 -6.18 24.56
C VAL D 1053 52.60 -6.23 23.83
N ARG D 1054 52.61 -6.82 22.65
CA ARG D 1054 53.80 -6.94 21.83
C ARG D 1054 53.54 -6.25 20.49
N LEU D 1055 53.80 -4.95 20.45
CA LEU D 1055 53.54 -4.16 19.25
C LEU D 1055 54.71 -4.37 18.30
N GLU D 1056 54.46 -5.09 17.21
CA GLU D 1056 55.49 -5.31 16.21
C GLU D 1056 55.03 -4.73 14.88
N ASP D 1057 54.86 -3.43 14.80
CA ASP D 1057 54.30 -2.86 13.59
C ASP D 1057 55.39 -2.59 12.55
N GLY D 1058 55.02 -2.75 11.29
CA GLY D 1058 55.85 -2.39 10.17
C GLY D 1058 55.00 -1.72 9.11
N GLU D 1059 55.40 -1.86 7.85
CA GLU D 1059 54.62 -1.40 6.73
C GLU D 1059 54.22 -2.50 5.76
N ARG D 1060 55.02 -3.56 5.64
CA ARG D 1060 54.66 -4.70 4.81
C ARG D 1060 53.45 -5.45 5.34
N PHE D 1061 53.28 -5.49 6.65
CA PHE D 1061 52.21 -6.30 7.25
C PHE D 1061 52.14 -5.93 8.73
N TYR D 1062 51.26 -6.61 9.45
CA TYR D 1062 51.11 -6.42 10.89
C TYR D 1062 51.05 -7.77 11.58
N LYS D 1063 51.89 -7.95 12.58
CA LYS D 1063 51.88 -9.15 13.41
C LYS D 1063 51.95 -8.72 14.87
N ILE D 1064 51.11 -9.30 15.71
CA ILE D 1064 51.06 -8.95 17.12
C ILE D 1064 50.96 -10.22 17.95
N THR D 1065 51.82 -10.33 18.95
CA THR D 1065 51.82 -11.44 19.90
C THR D 1065 51.50 -10.91 21.29
N ILE D 1066 51.15 -11.81 22.19
CA ILE D 1066 50.85 -11.45 23.56
C ILE D 1066 51.56 -12.42 24.49
N VAL D 1067 52.40 -11.88 25.37
CA VAL D 1067 53.04 -12.65 26.43
C VAL D 1067 52.02 -12.80 27.54
N PRO D 1068 51.66 -14.03 27.91
CA PRO D 1068 50.63 -14.19 28.94
C PRO D 1068 51.10 -13.59 30.25
N ASP D 1069 50.22 -12.84 30.90
CA ASP D 1069 50.57 -12.19 32.14
C ASP D 1069 50.83 -13.20 33.25
N ASP D 1070 50.41 -14.44 33.06
CA ASP D 1070 50.62 -15.49 34.05
C ASP D 1070 50.75 -16.80 33.30
N GLY D 1071 51.97 -17.34 33.26
CA GLY D 1071 52.17 -18.61 32.59
C GLY D 1071 51.92 -18.46 31.10
N GLY D 1072 51.33 -19.50 30.52
CA GLY D 1072 50.98 -19.50 29.12
C GLY D 1072 52.17 -19.39 28.19
N GLU D 1073 51.84 -19.21 26.91
CA GLU D 1073 52.82 -19.05 25.85
C GLU D 1073 52.38 -17.93 24.91
N GLU D 1074 53.30 -17.50 24.06
CA GLU D 1074 53.03 -16.40 23.13
C GLU D 1074 51.96 -16.79 22.13
N VAL D 1075 51.04 -15.87 21.89
CA VAL D 1075 49.95 -16.05 20.94
C VAL D 1075 50.15 -15.08 19.77
N VAL D 1076 50.35 -15.63 18.57
CA VAL D 1076 50.73 -14.84 17.40
C VAL D 1076 49.50 -14.58 16.57
N TYR D 1077 49.37 -13.36 16.08
CA TYR D 1077 48.29 -12.95 15.20
C TYR D 1077 48.87 -12.43 13.89
N ASP D 1078 48.01 -12.27 12.88
CA ASP D 1078 48.45 -11.73 11.59
C ASP D 1078 47.33 -10.86 11.03
N LYS D 1079 47.59 -9.55 10.95
CA LYS D 1079 46.59 -8.58 10.52
C LYS D 1079 47.17 -7.66 9.46
N ILE D 1080 46.28 -7.12 8.64
CA ILE D 1080 46.66 -6.20 7.56
C ILE D 1080 46.89 -4.81 8.15
N SER D 1081 47.85 -4.08 7.58
CA SER D 1081 48.16 -2.75 8.09
C SER D 1081 47.04 -1.74 7.81
N LYS D 1082 46.00 -2.14 7.07
CA LYS D 1082 44.91 -1.26 6.69
C LYS D 1082 43.94 -0.99 7.83
N ARG D 1083 44.02 -1.74 8.92
CA ARG D 1083 43.19 -1.54 10.09
C ARG D 1083 43.87 -0.57 11.06
N GLN D 1084 43.18 -0.23 12.14
CA GLN D 1084 43.75 0.65 13.14
C GLN D 1084 43.37 0.17 14.53
N ARG D 1085 44.29 0.39 15.47
CA ARG D 1085 44.13 -0.08 16.84
C ARG D 1085 43.16 0.80 17.60
N LEU D 1086 42.28 0.19 18.39
CA LEU D 1086 41.38 0.96 19.24
C LEU D 1086 42.13 1.51 20.43
N ARG D 1087 41.87 2.77 20.75
CA ARG D 1087 42.44 3.39 21.94
C ARG D 1087 41.81 2.73 23.16
N VAL D 1088 42.50 1.76 23.73
CA VAL D 1088 41.96 0.97 24.82
C VAL D 1088 42.21 1.69 26.14
N PHE D 1089 41.20 1.71 27.00
CA PHE D 1089 41.36 2.28 28.33
C PHE D 1089 42.45 1.49 29.03
N LYS D 1090 43.69 1.87 28.81
CA LYS D 1090 44.82 1.20 29.39
C LYS D 1090 44.80 1.31 30.91
N HIS D 1091 45.63 0.48 31.55
CA HIS D 1091 45.74 0.50 33.00
C HIS D 1091 46.13 1.87 33.51
N GLU D 1092 46.67 2.74 32.64
CA GLU D 1092 47.05 4.09 33.04
C GLU D 1092 45.86 4.98 33.36
N ASP D 1093 44.63 4.47 33.22
CA ASP D 1093 43.41 5.25 33.39
C ASP D 1093 43.25 6.31 32.32
N GLY D 1094 44.10 6.31 31.29
CA GLY D 1094 43.97 7.21 30.15
C GLY D 1094 43.28 6.55 28.98
N SER D 1095 42.06 7.00 28.68
CA SER D 1095 41.27 6.33 27.65
C SER D 1095 41.90 6.46 26.26
N GLU D 1096 42.73 7.48 26.04
CA GLU D 1096 43.32 7.68 24.73
C GLU D 1096 44.65 6.96 24.59
N ARG D 1097 44.79 5.79 25.19
CA ARG D 1097 46.04 5.03 25.10
C ARG D 1097 46.00 4.16 23.86
N VAL D 1098 46.60 4.64 22.78
CA VAL D 1098 46.75 3.83 21.58
C VAL D 1098 47.59 2.60 21.88
N LEU D 1099 47.11 1.43 21.48
CA LEU D 1099 47.75 0.19 21.86
C LEU D 1099 49.17 0.09 21.33
N SER D 1100 50.15 0.42 22.15
CA SER D 1100 51.56 0.17 21.86
C SER D 1100 52.04 -1.01 22.70
N ASP D 1101 53.20 -1.53 22.32
CA ASP D 1101 53.77 -2.66 23.05
C ASP D 1101 54.11 -2.27 24.49
N GLY D 1102 53.83 -3.18 25.41
CA GLY D 1102 54.01 -2.93 26.83
C GLY D 1102 52.74 -2.71 27.60
N ASP D 1103 51.61 -2.52 26.92
CA ASP D 1103 50.36 -2.36 27.63
C ASP D 1103 49.93 -3.69 28.25
N HIS D 1104 49.17 -3.60 29.33
CA HIS D 1104 48.70 -4.79 30.04
C HIS D 1104 47.23 -4.95 29.70
N VAL D 1105 46.97 -5.70 28.63
CA VAL D 1105 45.61 -5.99 28.18
C VAL D 1105 45.12 -7.25 28.88
N GLU D 1106 43.82 -7.31 29.08
CA GLU D 1106 43.24 -8.48 29.73
C GLU D 1106 42.80 -9.47 28.66
N VAL D 1107 42.37 -10.65 29.10
CA VAL D 1107 41.93 -11.67 28.16
C VAL D 1107 40.64 -11.23 27.50
N GLY D 1108 40.54 -11.48 26.20
CA GLY D 1108 39.36 -11.06 25.45
C GLY D 1108 39.23 -9.57 25.21
N GLN D 1109 40.34 -8.87 25.02
CA GLN D 1109 40.31 -7.44 24.73
C GLN D 1109 40.45 -7.23 23.23
N GLN D 1110 39.60 -6.37 22.69
CA GLN D 1110 39.65 -6.06 21.26
C GLN D 1110 40.95 -5.35 20.93
N LEU D 1111 41.63 -5.82 19.89
CA LEU D 1111 42.92 -5.23 19.55
C LEU D 1111 42.79 -4.05 18.61
N MET D 1112 42.54 -4.29 17.32
CA MET D 1112 42.36 -3.19 16.37
C MET D 1112 40.88 -2.86 16.21
N GLU D 1113 40.63 -1.68 15.66
CA GLU D 1113 39.26 -1.21 15.52
C GLU D 1113 38.49 -2.09 14.54
N GLY D 1114 37.16 -1.96 14.62
CA GLY D 1114 36.26 -2.72 13.79
C GLY D 1114 35.17 -3.42 14.59
N SER D 1115 34.81 -4.64 14.18
CA SER D 1115 33.78 -5.41 14.86
C SER D 1115 34.32 -6.80 15.15
N ALA D 1116 34.48 -7.12 16.43
CA ALA D 1116 35.00 -8.41 16.84
C ALA D 1116 34.05 -9.55 16.53
N ASP D 1117 34.62 -10.68 16.11
CA ASP D 1117 33.86 -11.89 15.81
C ASP D 1117 33.15 -12.44 17.03
N PRO D 1118 31.83 -12.38 17.09
CA PRO D 1118 31.12 -12.91 18.26
C PRO D 1118 31.31 -14.41 18.46
N HIS D 1119 31.58 -15.16 17.39
CA HIS D 1119 31.88 -16.58 17.56
C HIS D 1119 33.12 -16.81 18.43
N GLU D 1120 34.15 -15.98 18.27
CA GLU D 1120 35.35 -16.18 19.07
C GLU D 1120 35.19 -15.62 20.48
N VAL D 1121 34.33 -14.62 20.66
CA VAL D 1121 34.10 -14.10 22.00
C VAL D 1121 33.43 -15.15 22.87
N LEU D 1122 32.60 -16.01 22.28
CA LEU D 1122 31.95 -17.04 23.08
C LEU D 1122 32.96 -18.02 23.65
N ARG D 1123 33.89 -18.48 22.81
CA ARG D 1123 34.86 -19.47 23.26
C ARG D 1123 36.04 -18.79 23.95
N VAL D 1124 35.79 -17.62 24.55
CA VAL D 1124 36.86 -16.92 25.25
C VAL D 1124 36.36 -16.43 26.60
N GLN D 1125 35.31 -15.60 26.58
CA GLN D 1125 34.82 -14.98 27.81
C GLN D 1125 33.60 -15.68 28.38
N GLY D 1126 32.84 -16.40 27.55
CA GLY D 1126 31.72 -17.14 28.04
C GLY D 1126 30.42 -16.62 27.47
N PRO D 1127 29.34 -17.38 27.63
CA PRO D 1127 28.05 -16.92 27.08
C PRO D 1127 27.57 -15.62 27.68
N ARG D 1128 27.88 -15.35 28.95
CA ARG D 1128 27.38 -14.12 29.56
C ARG D 1128 27.95 -12.90 28.87
N GLU D 1129 29.21 -12.96 28.46
CA GLU D 1129 29.83 -11.77 27.89
C GLU D 1129 29.43 -11.59 26.43
N VAL D 1130 29.31 -12.69 25.69
CA VAL D 1130 28.90 -12.56 24.31
C VAL D 1130 27.47 -12.05 24.22
N GLN D 1131 26.64 -12.37 25.21
CA GLN D 1131 25.30 -11.80 25.22
C GLN D 1131 25.37 -10.29 25.44
N ILE D 1132 26.22 -9.86 26.39
CA ILE D 1132 26.38 -8.43 26.62
C ILE D 1132 27.03 -7.78 25.42
N HIS D 1133 27.93 -8.48 24.74
CA HIS D 1133 28.54 -7.92 23.54
C HIS D 1133 27.50 -7.64 22.47
N LEU D 1134 26.67 -8.62 22.17
CA LEU D 1134 25.68 -8.44 21.13
C LEU D 1134 24.71 -7.32 21.47
N VAL D 1135 24.35 -7.19 22.74
CA VAL D 1135 23.35 -6.20 23.12
C VAL D 1135 23.85 -4.79 22.85
N ARG D 1136 24.95 -4.40 23.49
CA ARG D 1136 25.39 -3.03 23.30
C ARG D 1136 26.10 -2.80 21.97
N GLU D 1137 26.41 -3.87 21.23
CA GLU D 1137 26.88 -3.66 19.87
C GLU D 1137 25.70 -3.40 18.94
N VAL D 1138 24.62 -4.16 19.11
CA VAL D 1138 23.38 -3.86 18.41
C VAL D 1138 22.82 -2.52 18.84
N GLN D 1139 22.89 -2.22 20.13
CA GLN D 1139 22.30 -0.98 20.63
C GLN D 1139 23.02 0.24 20.07
N GLU D 1140 24.31 0.11 19.78
CA GLU D 1140 25.03 1.26 19.23
C GLU D 1140 24.48 1.66 17.88
N VAL D 1141 23.92 0.70 17.13
CA VAL D 1141 23.40 1.03 15.81
C VAL D 1141 22.07 1.78 15.92
N TYR D 1142 21.21 1.37 16.84
CA TYR D 1142 19.93 2.08 16.96
C TYR D 1142 20.06 3.40 17.73
N ARG D 1143 20.94 3.47 18.73
CA ARG D 1143 21.13 4.73 19.41
C ARG D 1143 21.82 5.76 18.52
N ALA D 1144 22.76 5.31 17.71
CA ALA D 1144 23.47 6.23 16.83
C ALA D 1144 22.61 6.72 15.72
N GLN D 1145 21.31 6.49 15.82
CA GLN D 1145 20.36 6.97 14.83
C GLN D 1145 19.18 7.69 15.46
N GLY D 1146 19.17 7.86 16.78
CA GLY D 1146 18.06 8.52 17.44
C GLY D 1146 16.92 7.62 17.84
N VAL D 1147 17.15 6.32 17.95
CA VAL D 1147 16.11 5.36 18.28
C VAL D 1147 16.41 4.79 19.66
N SER D 1148 15.43 4.86 20.56
CA SER D 1148 15.59 4.38 21.92
C SER D 1148 14.81 3.08 22.07
N ILE D 1149 15.54 1.97 22.06
CA ILE D 1149 15.00 0.65 22.36
C ILE D 1149 15.59 0.19 23.68
N HIS D 1150 14.73 -0.18 24.62
CA HIS D 1150 15.23 -0.67 25.89
C HIS D 1150 16.00 -1.97 25.68
N ASP D 1151 17.12 -2.10 26.38
CA ASP D 1151 17.91 -3.32 26.24
C ASP D 1151 17.08 -4.55 26.60
N LYS D 1152 15.99 -4.36 27.34
CA LYS D 1152 15.13 -5.49 27.68
C LYS D 1152 14.74 -6.29 26.45
N HIS D 1153 14.29 -5.60 25.40
CA HIS D 1153 13.80 -6.32 24.23
C HIS D 1153 14.93 -7.02 23.48
N ILE D 1154 16.08 -6.38 23.36
CA ILE D 1154 17.20 -7.02 22.67
C ILE D 1154 17.64 -8.27 23.42
N GLU D 1155 17.59 -8.24 24.75
CA GLU D 1155 18.05 -9.39 25.51
C GLU D 1155 17.16 -10.60 25.30
N VAL D 1156 15.87 -10.39 25.05
CA VAL D 1156 14.98 -11.52 24.80
C VAL D 1156 15.37 -12.26 23.53
N ILE D 1157 15.92 -11.55 22.54
CA ILE D 1157 16.33 -12.21 21.32
C ILE D 1157 17.63 -12.95 21.50
N VAL D 1158 18.61 -12.33 22.16
CA VAL D 1158 19.89 -12.99 22.32
C VAL D 1158 19.77 -14.23 23.17
N ARG D 1159 18.82 -14.24 24.10
CA ARG D 1159 18.63 -15.44 24.90
C ARG D 1159 18.30 -16.64 24.02
N GLN D 1160 17.60 -16.41 22.91
CA GLN D 1160 17.24 -17.51 22.03
C GLN D 1160 18.38 -17.93 21.10
N MET D 1161 19.39 -17.09 20.91
CA MET D 1161 20.47 -17.47 20.02
C MET D 1161 21.42 -18.46 20.66
N LEU D 1162 21.51 -18.45 22.00
CA LEU D 1162 22.43 -19.28 22.76
C LEU D 1162 21.74 -20.35 23.56
N ARG D 1163 20.54 -20.77 23.16
CA ARG D 1163 19.87 -21.81 23.93
C ARG D 1163 20.41 -23.21 23.63
N ARG D 1164 21.13 -23.39 22.55
CA ARG D 1164 21.63 -24.70 22.16
C ARG D 1164 23.14 -24.80 22.28
N VAL D 1165 23.61 -26.02 22.55
CA VAL D 1165 25.02 -26.35 22.60
C VAL D 1165 25.26 -27.53 21.69
N THR D 1166 26.50 -27.65 21.20
CA THR D 1166 26.85 -28.75 20.32
C THR D 1166 27.42 -29.93 21.10
N ILE D 1167 27.51 -31.07 20.42
CA ILE D 1167 27.96 -32.32 21.01
C ILE D 1167 29.38 -32.63 20.53
N ILE D 1168 30.29 -32.84 21.47
CA ILE D 1168 31.65 -33.25 21.13
C ILE D 1168 31.78 -34.76 21.15
N ASP D 1169 31.37 -35.38 22.25
CA ASP D 1169 31.35 -36.82 22.40
C ASP D 1169 29.96 -37.25 22.85
N SER D 1170 29.41 -38.28 22.20
CA SER D 1170 28.08 -38.73 22.58
C SER D 1170 28.09 -39.43 23.92
N GLY D 1171 29.21 -40.03 24.29
CA GLY D 1171 29.26 -40.76 25.54
C GLY D 1171 28.32 -41.95 25.51
N SER D 1172 27.33 -41.91 26.39
CA SER D 1172 26.32 -42.93 26.50
C SER D 1172 24.97 -42.47 25.97
N THR D 1173 24.92 -41.27 25.40
CA THR D 1173 23.68 -40.74 24.87
C THR D 1173 23.49 -41.14 23.41
N GLU D 1174 22.27 -40.96 22.92
CA GLU D 1174 21.94 -41.18 21.52
C GLU D 1174 22.08 -39.90 20.70
N PHE D 1175 22.60 -38.84 21.31
CA PHE D 1175 22.76 -37.57 20.61
C PHE D 1175 23.82 -37.73 19.53
N LEU D 1176 23.45 -37.44 18.30
CA LEU D 1176 24.41 -37.54 17.21
C LEU D 1176 25.49 -36.49 17.43
N PRO D 1177 26.75 -36.86 17.46
CA PRO D 1177 27.80 -35.87 17.69
C PRO D 1177 27.82 -34.84 16.56
N GLY D 1178 28.02 -33.59 16.94
CA GLY D 1178 27.94 -32.49 16.02
C GLY D 1178 26.60 -31.80 15.95
N SER D 1179 25.54 -32.44 16.47
CA SER D 1179 24.22 -31.85 16.46
C SER D 1179 24.09 -30.77 17.54
N LEU D 1180 23.25 -29.77 17.24
CA LEU D 1180 22.99 -28.66 18.14
C LEU D 1180 21.73 -28.95 18.94
N ILE D 1181 21.88 -29.12 20.25
CA ILE D 1181 20.77 -29.52 21.10
C ILE D 1181 20.53 -28.47 22.18
N ASP D 1182 19.26 -28.34 22.56
CA ASP D 1182 18.91 -27.36 23.58
C ASP D 1182 19.61 -27.71 24.88
N ARG D 1183 20.10 -26.68 25.56
CA ARG D 1183 20.87 -26.89 26.78
C ARG D 1183 20.00 -27.37 27.95
N ALA D 1184 18.71 -27.57 27.74
CA ALA D 1184 17.88 -28.18 28.77
C ALA D 1184 17.75 -29.68 28.63
N GLU D 1185 17.54 -30.18 27.42
CA GLU D 1185 17.55 -31.63 27.22
C GLU D 1185 18.94 -32.21 27.42
N PHE D 1186 19.98 -31.43 27.13
CA PHE D 1186 21.34 -31.95 27.28
C PHE D 1186 21.63 -32.23 28.75
N GLU D 1187 21.31 -31.27 29.62
CA GLU D 1187 21.55 -31.48 31.05
C GLU D 1187 20.52 -32.39 31.67
N ALA D 1188 19.36 -32.55 31.02
CA ALA D 1188 18.37 -33.51 31.52
C ALA D 1188 18.68 -34.92 31.03
N GLU D 1189 19.34 -35.04 29.88
CA GLU D 1189 19.73 -36.36 29.39
C GLU D 1189 21.01 -36.82 30.05
N ASN D 1190 21.97 -35.90 30.22
CA ASN D 1190 23.17 -36.24 30.97
C ASN D 1190 22.84 -36.46 32.45
N ARG D 1191 21.67 -36.00 32.88
CA ARG D 1191 21.25 -36.24 34.25
C ARG D 1191 20.83 -37.68 34.44
N ARG D 1192 20.28 -38.31 33.40
CA ARG D 1192 19.89 -39.70 33.53
C ARG D 1192 21.07 -40.64 33.30
N VAL D 1193 21.96 -40.29 32.37
CA VAL D 1193 23.07 -41.19 32.09
C VAL D 1193 24.11 -41.13 33.20
N VAL D 1194 24.32 -39.95 33.79
CA VAL D 1194 25.24 -39.83 34.92
C VAL D 1194 24.76 -40.71 36.06
N ALA D 1195 23.46 -40.77 36.29
CA ALA D 1195 22.88 -41.61 37.33
C ALA D 1195 22.66 -43.04 36.87
N GLU D 1196 22.88 -43.33 35.59
CA GLU D 1196 22.74 -44.68 35.07
C GLU D 1196 24.05 -45.44 35.07
N GLY D 1197 25.18 -44.74 35.09
CA GLY D 1197 26.51 -45.35 35.07
C GLY D 1197 27.30 -45.02 33.82
N GLY D 1198 26.61 -44.80 32.71
CA GLY D 1198 27.26 -44.49 31.46
C GLY D 1198 27.89 -43.11 31.49
N GLU D 1199 28.56 -42.79 30.41
CA GLU D 1199 29.24 -41.50 30.31
C GLU D 1199 28.25 -40.43 29.85
N PRO D 1200 28.18 -39.30 30.54
CA PRO D 1200 27.32 -38.22 30.08
C PRO D 1200 27.90 -37.60 28.83
N ALA D 1201 27.02 -37.06 27.99
CA ALA D 1201 27.50 -36.50 26.74
C ALA D 1201 28.23 -35.20 27.01
N ALA D 1202 29.24 -34.93 26.19
CA ALA D 1202 30.00 -33.70 26.33
C ALA D 1202 29.22 -32.52 25.76
N GLY D 1203 29.65 -31.33 26.16
CA GLY D 1203 28.98 -30.12 25.74
C GLY D 1203 29.99 -29.05 25.38
N ARG D 1204 29.51 -28.07 24.64
CA ARG D 1204 30.28 -26.92 24.20
C ARG D 1204 29.25 -25.89 23.76
N PRO D 1205 29.25 -24.70 24.35
CA PRO D 1205 28.24 -23.71 23.96
C PRO D 1205 28.42 -23.31 22.51
N VAL D 1206 27.30 -23.09 21.84
CA VAL D 1206 27.30 -22.79 20.41
C VAL D 1206 26.36 -21.62 20.17
N LEU D 1207 26.84 -20.62 19.45
CA LEU D 1207 26.04 -19.48 19.05
C LEU D 1207 25.40 -19.72 17.70
N MET D 1208 24.09 -19.55 17.63
CA MET D 1208 23.35 -19.73 16.38
C MET D 1208 22.68 -18.41 16.04
N GLY D 1209 22.62 -18.11 14.74
CA GLY D 1209 21.84 -16.97 14.29
C GLY D 1209 20.35 -17.20 14.45
N ILE D 1210 19.63 -16.08 14.47
CA ILE D 1210 18.19 -16.15 14.65
C ILE D 1210 17.53 -16.88 13.49
N THR D 1211 18.09 -16.77 12.29
CA THR D 1211 17.51 -17.50 11.18
C THR D 1211 17.75 -19.00 11.33
N LYS D 1212 18.94 -19.39 11.79
CA LYS D 1212 19.27 -20.80 11.93
C LYS D 1212 18.56 -21.42 13.13
N ALA D 1213 18.47 -20.67 14.23
CA ALA D 1213 17.82 -21.17 15.44
C ALA D 1213 16.33 -21.39 15.24
N SER D 1214 15.68 -20.60 14.37
CA SER D 1214 14.25 -20.77 14.17
C SER D 1214 13.93 -22.08 13.47
N LEU D 1215 14.70 -22.43 12.45
CA LEU D 1215 14.52 -23.71 11.77
C LEU D 1215 14.84 -24.89 12.65
N ALA D 1216 15.67 -24.71 13.68
CA ALA D 1216 16.02 -25.77 14.61
C ALA D 1216 14.99 -25.99 15.71
N THR D 1217 13.85 -25.31 15.67
CA THR D 1217 12.84 -25.49 16.69
C THR D 1217 12.28 -26.90 16.63
N ASP D 1218 11.71 -27.34 17.74
CA ASP D 1218 11.26 -28.72 17.85
C ASP D 1218 9.98 -28.97 17.08
N SER D 1219 9.31 -27.93 16.61
CA SER D 1219 8.08 -28.07 15.84
C SER D 1219 8.41 -27.98 14.36
N TRP D 1220 8.22 -29.07 13.63
CA TRP D 1220 8.47 -29.03 12.20
C TRP D 1220 7.40 -28.21 11.51
N LEU D 1221 6.23 -28.07 12.12
CA LEU D 1221 5.19 -27.23 11.56
C LEU D 1221 5.52 -25.76 11.78
N SER D 1222 6.16 -25.41 12.88
CA SER D 1222 6.57 -24.02 13.07
C SER D 1222 7.75 -23.67 12.19
N ALA D 1223 8.57 -24.64 11.81
CA ALA D 1223 9.71 -24.36 10.96
C ALA D 1223 9.32 -24.37 9.49
N ALA D 1224 8.47 -25.31 9.09
CA ALA D 1224 8.06 -25.39 7.69
C ALA D 1224 7.31 -24.15 7.23
N SER D 1225 6.74 -23.41 8.16
CA SER D 1225 6.03 -22.18 7.84
C SER D 1225 6.91 -20.95 7.89
N PHE D 1226 8.21 -21.12 8.14
CA PHE D 1226 9.10 -19.96 8.23
C PHE D 1226 9.87 -19.77 6.93
N GLN D 1227 10.85 -20.63 6.70
CA GLN D 1227 11.65 -20.56 5.49
C GLN D 1227 12.01 -21.96 5.03
N GLU D 1228 12.29 -22.09 3.74
CA GLU D 1228 12.77 -23.33 3.16
C GLU D 1228 11.78 -24.45 3.50
N THR D 1229 10.59 -24.32 2.91
CA THR D 1229 9.50 -25.21 3.23
C THR D 1229 9.81 -26.64 2.80
N THR D 1230 10.28 -26.81 1.56
CA THR D 1230 10.58 -28.15 1.08
C THR D 1230 11.78 -28.71 1.80
N ARG D 1231 12.78 -27.87 2.10
CA ARG D 1231 13.94 -28.36 2.81
C ARG D 1231 13.60 -28.79 4.22
N VAL D 1232 12.55 -28.21 4.81
CA VAL D 1232 12.16 -28.57 6.17
C VAL D 1232 11.29 -29.82 6.18
N LEU D 1233 10.35 -29.92 5.23
CA LEU D 1233 9.45 -31.06 5.24
C LEU D 1233 10.18 -32.34 4.90
N THR D 1234 11.24 -32.25 4.10
CA THR D 1234 12.05 -33.43 3.80
C THR D 1234 12.71 -33.97 5.07
N ASP D 1235 13.42 -33.10 5.80
CA ASP D 1235 14.07 -33.55 7.01
C ASP D 1235 13.05 -34.05 8.04
N ALA D 1236 11.83 -33.53 7.97
CA ALA D 1236 10.80 -33.97 8.90
C ALA D 1236 10.36 -35.40 8.61
N ALA D 1237 10.28 -35.76 7.34
CA ALA D 1237 9.83 -37.10 7.00
C ALA D 1237 10.93 -38.13 7.17
N ILE D 1238 12.19 -37.71 7.02
CA ILE D 1238 13.29 -38.63 7.22
C ILE D 1238 13.44 -38.93 8.70
N ASN D 1239 13.50 -37.88 9.52
CA ASN D 1239 13.56 -38.07 10.96
C ASN D 1239 12.26 -38.55 11.57
N CYS D 1240 11.17 -38.62 10.81
CA CYS D 1240 9.90 -39.11 11.35
C CYS D 1240 9.54 -38.27 12.57
N ARG D 1241 9.66 -36.95 12.42
CA ARG D 1241 9.45 -36.03 13.52
C ARG D 1241 7.99 -35.92 13.90
N SER D 1242 7.76 -35.83 15.21
CA SER D 1242 6.44 -35.61 15.78
C SER D 1242 6.37 -34.20 16.35
N ASP D 1243 5.30 -33.50 16.05
CA ASP D 1243 5.12 -32.11 16.46
C ASP D 1243 4.24 -32.12 17.69
N LYS D 1244 4.81 -31.71 18.81
CA LYS D 1244 4.00 -31.49 20.01
C LYS D 1244 3.21 -30.21 19.79
N LEU D 1245 1.90 -30.32 19.58
CA LEU D 1245 1.17 -29.13 19.24
C LEU D 1245 1.08 -28.20 20.44
N ASN D 1246 2.21 -27.60 20.82
CA ASN D 1246 2.25 -26.69 21.96
C ASN D 1246 3.12 -25.50 21.56
N GLY D 1247 2.53 -24.55 20.86
CA GLY D 1247 3.24 -23.34 20.49
C GLY D 1247 2.30 -22.35 19.85
N LEU D 1248 2.71 -21.09 19.90
CA LEU D 1248 1.86 -20.03 19.35
C LEU D 1248 1.66 -20.20 17.86
N LYS D 1249 2.76 -20.35 17.12
CA LYS D 1249 2.66 -20.46 15.68
C LYS D 1249 1.92 -21.72 15.27
N GLU D 1250 2.08 -22.80 16.02
CA GLU D 1250 1.45 -24.05 15.66
C GLU D 1250 -0.04 -24.02 15.95
N ASN D 1251 -0.42 -23.60 17.15
CA ASN D 1251 -1.83 -23.57 17.51
C ASN D 1251 -2.60 -22.56 16.68
N VAL D 1252 -1.95 -21.47 16.27
CA VAL D 1252 -2.62 -20.51 15.40
C VAL D 1252 -3.02 -21.20 14.10
N ILE D 1253 -2.17 -22.09 13.61
CA ILE D 1253 -2.43 -22.73 12.33
C ILE D 1253 -3.65 -23.63 12.43
N ILE D 1254 -3.70 -24.49 13.45
CA ILE D 1254 -4.81 -25.43 13.56
C ILE D 1254 -6.04 -24.83 14.20
N GLY D 1255 -5.93 -23.68 14.85
CA GLY D 1255 -7.07 -23.04 15.45
C GLY D 1255 -7.25 -23.26 16.94
N LYS D 1256 -6.21 -23.75 17.63
CA LYS D 1256 -6.30 -23.90 19.07
C LYS D 1256 -5.98 -22.58 19.76
N LEU D 1257 -6.31 -22.50 21.04
CA LEU D 1257 -5.94 -21.32 21.81
C LEU D 1257 -4.44 -21.27 22.03
N ILE D 1258 -3.86 -20.11 21.78
CA ILE D 1258 -2.41 -19.94 21.94
C ILE D 1258 -2.04 -20.12 23.40
N PRO D 1259 -0.95 -20.81 23.71
CA PRO D 1259 -0.53 -20.94 25.10
C PRO D 1259 0.11 -19.67 25.64
N ALA D 1260 -0.61 -18.57 25.61
CA ALA D 1260 -0.08 -17.32 26.11
C ALA D 1260 -1.24 -16.39 26.42
N GLY D 1261 -1.01 -15.47 27.33
CA GLY D 1261 -2.08 -14.56 27.67
C GLY D 1261 -3.21 -15.34 28.31
N THR D 1262 -4.41 -15.09 27.83
CA THR D 1262 -5.58 -15.80 28.36
C THR D 1262 -5.65 -17.22 27.89
N GLY D 1263 -4.63 -17.79 27.28
CA GLY D 1263 -4.73 -19.15 26.81
C GLY D 1263 -4.03 -20.13 27.73
N ILE D 1264 -3.15 -19.62 28.60
CA ILE D 1264 -2.43 -20.49 29.51
C ILE D 1264 -3.39 -21.13 30.48
N ASN D 1265 -2.98 -22.29 31.01
CA ASN D 1265 -3.87 -23.09 31.84
C ASN D 1265 -4.24 -22.41 33.15
N ARG D 1266 -3.46 -21.44 33.61
CA ARG D 1266 -3.81 -20.78 34.86
C ARG D 1266 -5.10 -19.98 34.73
N TYR D 1267 -5.25 -19.24 33.63
CA TYR D 1267 -6.42 -18.41 33.39
C TYR D 1267 -7.50 -19.13 32.59
N ARG D 1268 -7.14 -20.14 31.81
CA ARG D 1268 -8.10 -20.71 30.87
C ARG D 1268 -9.21 -21.44 31.60
N ASN D 1269 -8.88 -22.45 32.39
CA ASN D 1269 -9.88 -23.22 33.11
C ASN D 1269 -10.23 -22.51 34.41
N ILE D 1270 -11.21 -21.61 34.35
CA ILE D 1270 -11.64 -20.88 35.54
C ILE D 1270 -13.16 -20.85 35.59
N ALA D 1271 -13.71 -21.16 36.76
CA ALA D 1271 -15.14 -21.15 37.02
C ALA D 1271 -15.50 -19.96 37.89
N VAL D 1272 -16.49 -19.19 37.46
CA VAL D 1272 -16.97 -18.03 38.22
C VAL D 1272 -18.31 -18.39 38.83
N GLN D 1273 -18.47 -18.09 40.12
CA GLN D 1273 -19.70 -18.35 40.86
C GLN D 1273 -20.01 -17.10 41.68
N PRO D 1274 -21.27 -16.69 41.74
CA PRO D 1274 -21.60 -15.51 42.56
C PRO D 1274 -21.48 -15.82 44.04
N THR D 1275 -21.04 -14.83 44.79
CA THR D 1275 -21.06 -14.89 46.24
C THR D 1275 -22.49 -15.03 46.76
N GLU D 1276 -22.62 -15.65 47.93
CA GLU D 1276 -23.92 -16.05 48.43
C GLU D 1276 -24.88 -14.88 48.59
N GLU D 1277 -24.37 -13.67 48.71
CA GLU D 1277 -25.25 -12.52 48.83
C GLU D 1277 -26.12 -12.41 47.59
N ALA D 1278 -27.43 -12.29 47.80
CA ALA D 1278 -28.36 -12.22 46.68
C ALA D 1278 -29.52 -11.30 47.03
N ARG D 1279 -30.20 -10.85 45.98
CA ARG D 1279 -31.36 -9.99 46.11
C ARG D 1279 -32.57 -10.83 46.50
N ALA D 1280 -33.65 -10.15 46.90
CA ALA D 1280 -34.82 -10.86 47.39
C ALA D 1280 -35.46 -11.71 46.28
N ALA D 1281 -35.55 -11.17 45.08
CA ALA D 1281 -36.13 -11.90 43.95
C ALA D 1281 -35.07 -12.30 42.93
N GLY E 28 -11.62 10.51 42.85
CA GLY E 28 -10.49 11.36 42.51
C GLY E 28 -10.29 11.54 41.02
N TYR E 29 -11.39 11.50 40.27
CA TYR E 29 -11.29 11.60 38.82
C TYR E 29 -12.65 12.02 38.26
N ASP E 30 -12.64 12.44 37.00
CA ASP E 30 -13.89 12.82 36.35
C ASP E 30 -14.77 11.60 36.14
N THR E 31 -16.05 11.87 35.97
CA THR E 31 -17.02 10.79 35.88
C THR E 31 -16.71 9.91 34.67
N PRO E 32 -16.56 8.60 34.86
CA PRO E 32 -16.27 7.72 33.72
C PRO E 32 -17.49 7.65 32.82
N LEU E 33 -17.29 7.91 31.53
CA LEU E 33 -18.38 7.93 30.57
C LEU E 33 -18.25 6.74 29.63
N GLY E 34 -19.37 6.08 29.36
CA GLY E 34 -19.36 5.05 28.35
C GLY E 34 -18.63 3.80 28.80
N ILE E 35 -17.77 3.29 27.91
CA ILE E 35 -17.10 2.01 28.11
C ILE E 35 -15.97 2.07 29.11
N THR E 36 -15.57 3.25 29.58
CA THR E 36 -14.53 3.33 30.59
C THR E 36 -15.06 3.05 31.98
N ASN E 37 -16.36 2.81 32.12
CA ASN E 37 -16.95 2.49 33.40
C ASN E 37 -17.35 1.03 33.41
N PRO E 38 -16.97 0.24 34.43
CA PRO E 38 -16.17 0.67 35.58
C PRO E 38 -14.72 0.97 35.24
N PRO E 39 -14.07 1.82 36.05
CA PRO E 39 -12.68 2.17 35.79
C PRO E 39 -11.79 0.93 35.74
N ILE E 40 -10.92 0.88 34.73
CA ILE E 40 -10.04 -0.26 34.60
C ILE E 40 -9.05 -0.34 35.75
N ASP E 41 -8.83 0.77 36.46
CA ASP E 41 -7.87 0.76 37.55
C ASP E 41 -8.42 -0.03 38.74
N GLU E 42 -9.68 0.24 39.10
CA GLU E 42 -10.30 -0.47 40.21
C GLU E 42 -10.53 -1.93 39.84
N LEU E 43 -10.79 -2.21 38.56
CA LEU E 43 -11.06 -3.59 38.16
C LEU E 43 -9.82 -4.46 38.29
N LEU E 44 -8.63 -3.90 38.17
CA LEU E 44 -7.41 -4.68 38.35
C LEU E 44 -7.04 -4.91 39.80
N ASP E 45 -7.88 -4.51 40.74
CA ASP E 45 -7.57 -4.75 42.15
C ASP E 45 -8.21 -6.03 42.67
N ARG E 46 -9.46 -6.29 42.27
CA ARG E 46 -10.09 -7.56 42.62
C ARG E 46 -9.55 -8.73 41.82
N VAL E 47 -8.54 -8.52 40.97
CA VAL E 47 -8.03 -9.56 40.10
C VAL E 47 -6.51 -9.52 40.12
N SER E 48 -5.90 -10.63 39.74
CA SER E 48 -4.44 -10.73 39.80
C SER E 48 -3.78 -10.11 38.59
N SER E 49 -4.41 -10.19 37.42
CA SER E 49 -3.77 -9.71 36.20
C SER E 49 -4.83 -9.34 35.18
N LYS E 50 -4.39 -8.64 34.14
CA LYS E 50 -5.28 -8.29 33.04
C LYS E 50 -5.90 -9.52 32.40
N TYR E 51 -5.11 -10.56 32.19
CA TYR E 51 -5.60 -11.74 31.49
C TYR E 51 -6.65 -12.49 32.30
N ALA E 52 -6.50 -12.54 33.62
CA ALA E 52 -7.46 -13.29 34.42
C ALA E 52 -8.80 -12.58 34.48
N LEU E 53 -8.80 -11.26 34.49
CA LEU E 53 -10.05 -10.51 34.50
C LEU E 53 -10.91 -10.76 33.27
N VAL E 54 -10.28 -11.04 32.13
CA VAL E 54 -11.02 -11.26 30.89
C VAL E 54 -11.93 -12.47 31.01
N ILE E 55 -11.42 -13.57 31.58
CA ILE E 55 -12.22 -14.78 31.67
C ILE E 55 -13.33 -14.64 32.68
N TYR E 56 -13.07 -13.93 33.79
CA TYR E 56 -14.13 -13.72 34.76
C TYR E 56 -15.31 -13.02 34.12
N ALA E 57 -15.04 -11.96 33.35
CA ALA E 57 -16.14 -11.20 32.77
C ALA E 57 -16.84 -11.97 31.66
N ALA E 58 -16.08 -12.67 30.82
CA ALA E 58 -16.72 -13.33 29.69
C ALA E 58 -17.56 -14.52 30.16
N LYS E 59 -17.04 -15.30 31.10
CA LYS E 59 -17.78 -16.47 31.56
C LYS E 59 -18.99 -16.08 32.39
N ARG E 60 -18.90 -15.00 33.16
CA ARG E 60 -20.10 -14.53 33.85
C ARG E 60 -21.12 -13.97 32.88
N ALA E 61 -20.65 -13.34 31.80
CA ALA E 61 -21.57 -12.83 30.80
C ALA E 61 -22.34 -13.97 30.15
N ARG E 62 -21.68 -15.11 29.95
CA ARG E 62 -22.38 -16.25 29.37
C ARG E 62 -23.43 -16.79 30.32
N GLN E 63 -23.20 -16.70 31.63
CA GLN E 63 -24.24 -17.10 32.57
C GLN E 63 -25.43 -16.15 32.47
N ILE E 64 -25.16 -14.85 32.46
CA ILE E 64 -26.25 -13.89 32.40
C ILE E 64 -27.01 -14.05 31.10
N ASN E 65 -26.32 -14.32 30.00
CA ASN E 65 -27.04 -14.49 28.76
C ASN E 65 -27.88 -15.75 28.81
N ASP E 66 -27.40 -16.79 29.50
CA ASP E 66 -28.23 -17.97 29.67
C ASP E 66 -29.39 -17.69 30.61
N TYR E 67 -29.20 -16.76 31.55
CA TYR E 67 -30.31 -16.40 32.41
C TYR E 67 -31.40 -15.73 31.58
N TYR E 68 -31.01 -14.81 30.70
CA TYR E 68 -31.99 -14.14 29.86
C TYR E 68 -32.64 -15.08 28.87
N ASN E 69 -31.99 -16.20 28.55
CA ASN E 69 -32.57 -17.15 27.61
C ASN E 69 -33.26 -18.33 28.28
N GLN E 70 -33.06 -18.53 29.59
CA GLN E 70 -33.74 -19.59 30.33
C GLN E 70 -34.65 -19.03 31.42
N LEU E 71 -35.03 -17.76 31.30
CA LEU E 71 -35.92 -17.16 32.29
C LEU E 71 -37.35 -17.63 32.11
N GLY E 72 -37.78 -17.84 30.87
CA GLY E 72 -39.12 -18.31 30.60
C GLY E 72 -39.28 -19.82 30.63
N GLU E 73 -38.18 -20.56 30.63
CA GLU E 73 -38.22 -22.02 30.61
C GLU E 73 -37.12 -22.59 31.48
N GLY E 74 -37.45 -23.67 32.19
CA GLY E 74 -36.47 -24.47 32.88
C GLY E 74 -36.05 -23.92 34.24
N ILE E 75 -35.50 -24.82 35.04
CA ILE E 75 -34.92 -24.48 36.34
C ILE E 75 -33.40 -24.63 36.26
N LEU E 76 -32.74 -24.51 37.41
CA LEU E 76 -31.27 -24.56 37.46
C LEU E 76 -30.65 -23.53 36.53
N GLU E 77 -31.40 -22.47 36.23
CA GLU E 77 -30.83 -21.40 35.42
C GLU E 77 -29.71 -20.70 36.17
N TYR E 78 -28.75 -20.21 35.40
CA TYR E 78 -27.61 -19.53 35.99
C TYR E 78 -28.05 -18.28 36.73
N VAL E 79 -27.22 -17.83 37.66
CA VAL E 79 -27.60 -16.70 38.50
C VAL E 79 -27.81 -15.47 37.63
N GLY E 80 -28.97 -14.85 37.77
CA GLY E 80 -29.33 -13.68 37.01
C GLY E 80 -28.42 -12.52 37.36
N PRO E 81 -28.70 -11.35 36.78
CA PRO E 81 -27.86 -10.18 37.07
C PRO E 81 -27.94 -9.84 38.54
N LEU E 82 -26.79 -9.96 39.22
CA LEU E 82 -26.74 -9.70 40.65
C LEU E 82 -27.04 -8.25 40.97
N VAL E 83 -26.45 -7.31 40.22
CA VAL E 83 -26.72 -5.89 40.43
C VAL E 83 -27.92 -5.50 39.59
N GLU E 84 -28.40 -4.28 39.81
CA GLU E 84 -29.52 -3.78 39.07
C GLU E 84 -29.04 -3.45 37.66
N PRO E 85 -29.61 -4.05 36.62
CA PRO E 85 -29.16 -3.74 35.26
C PRO E 85 -29.82 -2.46 34.78
N GLY E 86 -29.07 -1.69 34.00
CA GLY E 86 -29.66 -0.57 33.31
C GLY E 86 -30.49 -1.05 32.16
N LEU E 87 -31.30 -0.16 31.61
CA LEU E 87 -32.15 -0.55 30.52
C LEU E 87 -31.33 -0.87 29.29
N GLN E 88 -31.52 -2.07 28.74
CA GLN E 88 -30.81 -2.50 27.54
C GLN E 88 -29.30 -2.46 27.73
N GLU E 89 -28.82 -2.88 28.90
CA GLU E 89 -27.39 -2.94 29.16
C GLU E 89 -26.81 -4.28 28.72
N LYS E 90 -25.64 -4.24 28.10
CA LYS E 90 -25.00 -5.45 27.60
C LYS E 90 -24.59 -6.36 28.75
N PRO E 91 -24.79 -7.67 28.62
CA PRO E 91 -24.39 -8.58 29.70
C PRO E 91 -22.94 -8.45 30.10
N LEU E 92 -22.06 -8.11 29.17
CA LEU E 92 -20.67 -7.90 29.57
C LEU E 92 -20.51 -6.71 30.49
N SER E 93 -21.33 -5.67 30.33
CA SER E 93 -21.18 -4.52 31.21
C SER E 93 -21.69 -4.85 32.61
N ILE E 94 -22.84 -5.51 32.69
CA ILE E 94 -23.36 -5.94 33.99
C ILE E 94 -22.35 -6.83 34.68
N ALA E 95 -21.84 -7.84 33.96
CA ALA E 95 -20.83 -8.70 34.53
C ALA E 95 -19.59 -7.91 34.92
N LEU E 96 -19.27 -6.88 34.15
CA LEU E 96 -18.08 -6.09 34.42
C LEU E 96 -18.27 -5.17 35.61
N ARG E 97 -19.52 -4.89 36.00
CA ARG E 97 -19.74 -4.11 37.21
C ARG E 97 -19.79 -4.97 38.46
N GLU E 98 -20.35 -6.18 38.37
CA GLU E 98 -20.33 -7.07 39.52
C GLU E 98 -18.91 -7.36 39.97
N ILE E 99 -17.98 -7.48 39.03
CA ILE E 99 -16.58 -7.66 39.39
C ILE E 99 -16.09 -6.45 40.17
N HIS E 100 -16.56 -5.27 39.80
CA HIS E 100 -16.14 -4.07 40.49
C HIS E 100 -16.74 -3.97 41.89
N ALA E 101 -17.94 -4.52 42.07
CA ALA E 101 -18.65 -4.46 43.35
C ALA E 101 -18.36 -5.66 44.25
N ASP E 102 -17.38 -6.48 43.90
CA ASP E 102 -16.99 -7.62 44.72
C ASP E 102 -18.18 -8.54 45.00
N LEU E 103 -18.80 -9.01 43.92
CA LEU E 103 -19.95 -9.91 44.04
C LEU E 103 -19.71 -11.27 43.43
N LEU E 104 -18.49 -11.57 43.02
CA LEU E 104 -18.21 -12.84 42.37
C LEU E 104 -16.98 -13.49 43.01
N GLU E 105 -16.87 -14.80 42.81
CA GLU E 105 -15.75 -15.59 43.27
C GLU E 105 -14.98 -16.10 42.06
N HIS E 106 -14.14 -17.11 42.27
CA HIS E 106 -13.31 -17.65 41.20
C HIS E 106 -12.77 -19.00 41.62
N THR E 107 -12.17 -19.69 40.66
CA THR E 107 -11.57 -21.01 40.91
C THR E 107 -10.52 -21.25 39.84
N GLU E 108 -9.25 -21.08 40.22
CA GLU E 108 -8.15 -21.25 39.28
C GLU E 108 -7.59 -22.66 39.34
N VAL I 4 18.29 -66.88 -34.85
CA VAL I 4 18.83 -67.15 -33.52
C VAL I 4 18.56 -65.98 -32.59
N SER I 5 19.13 -66.03 -31.38
CA SER I 5 18.95 -64.94 -30.43
C SER I 5 19.61 -63.65 -30.92
N GLY I 6 20.68 -63.77 -31.70
CA GLY I 6 21.31 -62.59 -32.28
C GLY I 6 20.47 -61.93 -33.35
N ALA I 7 19.54 -62.66 -33.96
CA ALA I 7 18.63 -62.05 -34.93
C ALA I 7 17.60 -61.17 -34.25
N ALA I 8 17.16 -61.55 -33.04
CA ALA I 8 16.24 -60.70 -32.28
C ALA I 8 16.96 -59.49 -31.70
N ALA I 9 18.25 -59.63 -31.41
CA ALA I 9 19.03 -58.51 -30.91
C ALA I 9 19.48 -57.56 -32.02
N ALA I 10 19.53 -58.04 -33.26
CA ALA I 10 19.84 -57.16 -34.38
C ALA I 10 18.71 -56.18 -34.65
N GLU I 11 17.47 -56.57 -34.33
CA GLU I 11 16.35 -55.65 -34.46
C GLU I 11 16.40 -54.55 -33.41
N ALA I 12 16.91 -54.87 -32.22
CA ALA I 12 17.03 -53.86 -31.17
C ALA I 12 18.17 -52.90 -31.46
N ALA I 13 19.26 -53.39 -32.06
CA ALA I 13 20.35 -52.51 -32.47
C ALA I 13 19.99 -51.70 -33.70
N LEU I 14 18.95 -52.10 -34.43
CA LEU I 14 18.48 -51.32 -35.57
C LEU I 14 17.60 -50.16 -35.12
N MET I 15 16.75 -50.38 -34.12
CA MET I 15 15.95 -49.28 -33.58
C MET I 15 16.81 -48.27 -32.86
N ARG I 16 17.80 -48.74 -32.08
CA ARG I 16 18.72 -47.83 -31.43
C ARG I 16 19.56 -47.04 -32.44
N ALA I 17 19.66 -47.53 -33.67
CA ALA I 17 20.38 -46.81 -34.71
C ALA I 17 19.58 -45.62 -35.23
N LEU I 18 18.30 -45.83 -35.56
CA LEU I 18 17.48 -44.74 -36.05
C LEU I 18 17.12 -43.75 -34.94
N TYR I 19 17.22 -44.17 -33.67
CA TYR I 19 17.11 -43.23 -32.56
C TYR I 19 18.23 -42.21 -32.60
N ASP I 20 19.47 -42.69 -32.83
CA ASP I 20 20.64 -41.83 -32.77
C ASP I 20 20.78 -40.92 -33.99
N GLU I 21 19.94 -41.06 -35.01
CA GLU I 21 20.02 -40.24 -36.20
C GLU I 21 18.80 -39.38 -36.46
N HIS I 22 17.64 -39.71 -35.87
CA HIS I 22 16.40 -39.02 -36.19
C HIS I 22 15.62 -38.51 -34.99
N ALA I 23 15.83 -39.06 -33.79
CA ALA I 23 15.00 -38.68 -32.65
C ALA I 23 15.20 -37.21 -32.28
N ALA I 24 16.46 -36.77 -32.16
CA ALA I 24 16.72 -35.40 -31.76
C ALA I 24 16.27 -34.39 -32.80
N VAL I 25 16.31 -34.76 -34.08
CA VAL I 25 15.84 -33.85 -35.13
C VAL I 25 14.32 -33.86 -35.18
N LEU I 26 13.70 -35.02 -34.94
CA LEU I 26 12.25 -35.10 -34.91
C LEU I 26 11.67 -34.37 -33.71
N TRP I 27 12.40 -34.35 -32.60
CA TRP I 27 11.93 -33.62 -31.42
C TRP I 27 11.85 -32.13 -31.69
N ARG I 28 12.85 -31.58 -32.41
CA ARG I 28 12.83 -30.17 -32.76
C ARG I 28 11.65 -29.84 -33.66
N TYR I 29 11.33 -30.72 -34.61
CA TYR I 29 10.23 -30.47 -35.53
C TYR I 29 8.90 -30.43 -34.80
N ALA I 30 8.65 -31.42 -33.94
CA ALA I 30 7.42 -31.42 -33.16
C ALA I 30 7.40 -30.29 -32.14
N LEU I 31 8.58 -29.84 -31.71
CA LEU I 31 8.65 -28.74 -30.74
C LEU I 31 8.17 -27.43 -31.33
N ARG I 32 8.41 -27.22 -32.64
CA ARG I 32 7.93 -25.99 -33.28
C ARG I 32 6.43 -26.05 -33.54
N LEU I 33 5.91 -27.23 -33.86
CA LEU I 33 4.49 -27.35 -34.20
C LEU I 33 3.59 -27.29 -32.98
N THR I 34 4.10 -27.69 -31.81
CA THR I 34 3.33 -27.66 -30.58
C THR I 34 3.75 -26.56 -29.62
N GLY I 35 5.05 -26.30 -29.49
CA GLY I 35 5.55 -25.34 -28.53
C GLY I 35 5.75 -25.89 -27.13
N ASP I 36 5.34 -27.13 -26.88
CA ASP I 36 5.47 -27.76 -25.57
C ASP I 36 6.48 -28.90 -25.67
N ALA I 37 7.59 -28.77 -24.94
CA ALA I 37 8.65 -29.78 -25.01
C ALA I 37 8.14 -31.13 -24.52
N ALA I 38 7.36 -31.15 -23.45
CA ALA I 38 6.81 -32.40 -22.94
C ALA I 38 5.89 -33.06 -23.96
N GLN I 39 5.25 -32.27 -24.82
CA GLN I 39 4.43 -32.84 -25.87
C GLN I 39 5.27 -33.35 -27.04
N ALA I 40 6.39 -32.69 -27.33
CA ALA I 40 7.26 -33.14 -28.41
C ALA I 40 7.87 -34.50 -28.10
N GLU I 41 8.24 -34.73 -26.84
CA GLU I 41 8.74 -36.05 -26.45
C GLU I 41 7.67 -37.12 -26.66
N ASP I 42 6.41 -36.79 -26.38
CA ASP I 42 5.34 -37.76 -26.59
C ASP I 42 5.13 -38.05 -28.07
N VAL I 43 5.35 -37.06 -28.94
CA VAL I 43 5.19 -37.28 -30.37
C VAL I 43 6.35 -38.12 -30.91
N VAL I 44 7.55 -37.92 -30.37
CA VAL I 44 8.71 -38.68 -30.82
C VAL I 44 8.54 -40.16 -30.49
N GLN I 45 8.18 -40.47 -29.24
CA GLN I 45 7.98 -41.85 -28.83
C GLN I 45 6.92 -42.54 -29.68
N GLU I 46 5.83 -41.82 -29.98
CA GLU I 46 4.76 -42.42 -30.77
C GLU I 46 5.14 -42.56 -32.23
N THR I 47 5.98 -41.65 -32.75
CA THR I 47 6.39 -41.74 -34.14
C THR I 47 7.37 -42.89 -34.35
N LEU I 48 8.37 -43.02 -33.47
CA LEU I 48 9.31 -44.13 -33.59
C LEU I 48 8.66 -45.46 -33.26
N LEU I 49 7.59 -45.46 -32.47
CA LEU I 49 6.86 -46.69 -32.22
C LEU I 49 6.17 -47.19 -33.48
N ARG I 50 5.65 -46.28 -34.30
CA ARG I 50 5.05 -46.67 -35.57
C ARG I 50 6.11 -47.05 -36.59
N ALA I 51 7.33 -46.50 -36.47
CA ALA I 51 8.42 -46.95 -37.32
C ALA I 51 8.78 -48.41 -37.03
N TRP I 52 8.82 -48.78 -35.75
CA TRP I 52 9.09 -50.17 -35.39
C TRP I 52 7.97 -51.10 -35.87
N GLN I 53 6.73 -50.61 -35.90
CA GLN I 53 5.60 -51.42 -36.34
C GLN I 53 5.49 -51.50 -37.85
N HIS I 54 6.29 -50.76 -38.60
CA HIS I 54 6.29 -50.77 -40.05
C HIS I 54 7.68 -51.14 -40.55
N PRO I 55 7.93 -52.42 -40.84
CA PRO I 55 9.25 -52.80 -41.37
C PRO I 55 9.51 -52.26 -42.77
N GLU I 56 8.48 -51.83 -43.48
CA GLU I 56 8.67 -51.26 -44.82
C GLU I 56 9.44 -49.95 -44.75
N VAL I 57 9.27 -49.17 -43.68
CA VAL I 57 9.99 -47.91 -43.55
C VAL I 57 11.43 -48.15 -43.10
N ILE I 58 11.66 -49.19 -42.30
CA ILE I 58 13.01 -49.50 -41.82
C ILE I 58 13.77 -50.39 -42.79
N GLY I 59 13.13 -50.89 -43.84
CA GLY I 59 13.78 -51.76 -44.79
C GLY I 59 14.79 -51.05 -45.67
N ASP I 60 14.32 -50.13 -46.51
CA ASP I 60 15.19 -49.42 -47.44
C ASP I 60 15.95 -48.33 -46.71
N THR I 61 17.27 -48.52 -46.57
CA THR I 61 18.13 -47.46 -46.06
C THR I 61 18.48 -46.45 -47.16
N ALA I 62 18.44 -46.87 -48.43
CA ALA I 62 18.67 -45.96 -49.54
C ALA I 62 17.54 -44.96 -49.73
N ARG I 63 16.43 -45.11 -49.00
CA ARG I 63 15.31 -44.18 -49.07
C ARG I 63 15.21 -43.43 -47.76
N PRO I 64 15.04 -42.10 -47.78
CA PRO I 64 15.02 -41.33 -46.54
C PRO I 64 13.84 -41.66 -45.64
N ALA I 65 14.11 -42.36 -44.53
CA ALA I 65 13.09 -42.59 -43.52
C ALA I 65 12.77 -41.35 -42.71
N ARG I 66 13.62 -40.32 -42.78
CA ARG I 66 13.37 -39.10 -42.03
C ARG I 66 12.11 -38.40 -42.51
N ALA I 67 11.87 -38.42 -43.82
CA ALA I 67 10.69 -37.73 -44.37
C ALA I 67 9.40 -38.41 -43.93
N TRP I 68 9.40 -39.75 -43.85
CA TRP I 68 8.23 -40.46 -43.38
C TRP I 68 7.96 -40.15 -41.91
N LEU I 69 9.01 -39.86 -41.13
CA LEU I 69 8.82 -39.53 -39.72
C LEU I 69 8.18 -38.15 -39.55
N PHE I 70 8.67 -37.16 -40.30
CA PHE I 70 8.10 -35.82 -40.20
C PHE I 70 6.63 -35.80 -40.59
N THR I 71 6.22 -36.68 -41.49
CA THR I 71 4.82 -36.72 -41.91
C THR I 71 3.94 -37.41 -40.87
N VAL I 72 4.46 -38.47 -40.24
CA VAL I 72 3.70 -39.13 -39.18
C VAL I 72 3.55 -38.21 -37.98
N ALA I 73 4.62 -37.48 -37.62
CA ALA I 73 4.55 -36.55 -36.51
C ALA I 73 3.61 -35.39 -36.80
N ARG I 74 3.63 -34.89 -38.05
CA ARG I 74 2.72 -33.81 -38.42
C ARG I 74 1.27 -34.23 -38.28
N ASN I 75 0.93 -35.44 -38.74
CA ASN I 75 -0.45 -35.91 -38.64
C ASN I 75 -0.85 -36.17 -37.20
N MET I 76 0.09 -36.59 -36.35
CA MET I 76 -0.23 -36.78 -34.94
C MET I 76 -0.56 -35.45 -34.27
N ILE I 77 0.15 -34.39 -34.67
CA ILE I 77 0.00 -33.10 -33.99
C ILE I 77 -1.33 -32.45 -34.36
N ILE I 78 -1.75 -32.57 -35.61
CA ILE I 78 -3.02 -31.97 -36.01
C ILE I 78 -4.20 -32.69 -35.38
N ASP I 79 -4.07 -34.01 -35.16
CA ASP I 79 -5.14 -34.75 -34.49
C ASP I 79 -5.30 -34.31 -33.04
N GLU I 80 -4.17 -34.06 -32.37
CA GLU I 80 -4.24 -33.47 -31.03
C GLU I 80 -4.96 -32.13 -31.03
N ARG I 81 -4.84 -31.39 -32.13
CA ARG I 81 -5.43 -30.06 -32.25
C ARG I 81 -6.93 -30.07 -32.48
N ARG I 82 -7.63 -31.17 -32.24
CA ARG I 82 -9.07 -31.18 -32.46
C ARG I 82 -9.84 -31.06 -31.15
N SER I 83 -10.95 -31.80 -31.02
CA SER I 83 -12.02 -31.42 -30.09
C SER I 83 -11.56 -31.36 -28.64
N ALA I 84 -10.80 -32.35 -28.17
CA ALA I 84 -10.44 -32.40 -26.75
C ALA I 84 -9.62 -31.18 -26.36
N ARG I 85 -8.68 -30.76 -27.21
CA ARG I 85 -7.95 -29.52 -26.96
C ARG I 85 -8.84 -28.31 -27.11
N PHE I 86 -9.83 -28.38 -28.01
CA PHE I 86 -10.60 -27.20 -28.41
C PHE I 86 -11.24 -26.52 -27.20
N ARG I 87 -11.94 -27.28 -26.37
CA ARG I 87 -12.68 -26.70 -25.26
C ARG I 87 -11.77 -26.38 -24.07
N ASN I 88 -10.94 -27.36 -23.66
CA ASN I 88 -10.30 -27.32 -22.35
C ASN I 88 -9.07 -26.41 -22.34
N VAL I 89 -8.23 -26.49 -23.37
CA VAL I 89 -6.87 -25.97 -23.37
C VAL I 89 -6.78 -24.48 -23.01
N VAL I 90 -7.93 -23.83 -22.86
CA VAL I 90 -7.95 -22.37 -22.86
C VAL I 90 -7.37 -21.80 -21.57
N GLY I 91 -7.86 -22.24 -20.42
CA GLY I 91 -7.57 -21.56 -19.17
C GLY I 91 -6.99 -22.47 -18.12
N SER I 92 -6.23 -21.85 -17.22
CA SER I 92 -5.67 -22.51 -16.04
C SER I 92 -6.06 -21.70 -14.81
N THR I 93 -6.59 -22.39 -13.80
CA THR I 93 -6.99 -21.70 -12.56
C THR I 93 -5.78 -21.08 -11.88
N ASP I 94 -4.65 -21.77 -11.86
CA ASP I 94 -3.43 -21.19 -11.33
C ASP I 94 -3.07 -19.90 -12.05
N GLN I 95 -3.33 -19.84 -13.36
CA GLN I 95 -3.08 -18.64 -14.13
C GLN I 95 -4.02 -17.52 -13.68
N SER I 96 -3.49 -16.29 -13.69
CA SER I 96 -4.29 -15.14 -13.31
C SER I 96 -5.38 -14.86 -14.36
N GLY I 97 -6.35 -14.04 -13.96
CA GLY I 97 -7.43 -13.66 -14.84
C GLY I 97 -8.63 -14.59 -14.83
N THR I 98 -8.60 -15.64 -14.03
CA THR I 98 -9.71 -16.58 -13.90
C THR I 98 -10.38 -16.41 -12.56
N PRO I 99 -11.70 -16.19 -12.51
CA PRO I 99 -12.37 -15.98 -11.23
C PRO I 99 -12.41 -17.27 -10.41
N GLU I 100 -12.16 -17.14 -9.12
CA GLU I 100 -12.21 -18.28 -8.21
C GLU I 100 -13.67 -18.63 -7.90
N GLN I 101 -13.91 -19.91 -7.66
CA GLN I 101 -15.26 -20.37 -7.33
C GLN I 101 -15.65 -19.94 -5.93
N SER I 102 -16.92 -19.61 -5.75
CA SER I 102 -17.46 -19.19 -4.47
C SER I 102 -18.76 -19.93 -4.18
N THR I 103 -19.09 -20.01 -2.90
CA THR I 103 -20.35 -20.62 -2.46
C THR I 103 -21.05 -19.64 -1.53
N PRO I 104 -22.36 -19.40 -1.72
CA PRO I 104 -23.07 -18.43 -0.88
C PRO I 104 -23.11 -18.88 0.57
N ASP I 105 -23.53 -17.95 1.43
CA ASP I 105 -23.66 -18.24 2.85
C ASP I 105 -25.00 -18.92 3.14
N GLU I 106 -25.04 -19.66 4.25
CA GLU I 106 -26.20 -20.44 4.63
C GLU I 106 -27.15 -19.67 5.54
N VAL I 107 -27.13 -18.33 5.49
CA VAL I 107 -27.95 -17.53 6.39
C VAL I 107 -29.43 -17.78 6.12
N ASN I 108 -29.85 -17.63 4.85
CA ASN I 108 -31.25 -17.86 4.52
C ASN I 108 -31.68 -19.28 4.82
N ALA I 109 -30.78 -20.26 4.58
CA ALA I 109 -31.10 -21.64 4.89
C ALA I 109 -31.14 -21.88 6.40
N ALA I 110 -30.27 -21.21 7.16
CA ALA I 110 -30.27 -21.41 8.61
C ALA I 110 -31.49 -20.78 9.27
N LEU I 111 -31.96 -19.65 8.74
CA LEU I 111 -33.15 -19.02 9.32
C LEU I 111 -34.40 -19.85 9.05
N ASP I 112 -34.56 -20.35 7.82
CA ASP I 112 -35.68 -21.23 7.53
C ASP I 112 -35.64 -22.48 8.40
N ARG I 113 -34.46 -23.08 8.55
CA ARG I 113 -34.32 -24.26 9.39
C ARG I 113 -34.71 -23.96 10.84
N LEU I 114 -34.43 -22.76 11.33
CA LEU I 114 -34.81 -22.41 12.69
C LEU I 114 -36.31 -22.24 12.83
N LEU I 115 -36.95 -21.65 11.81
CA LEU I 115 -38.40 -21.46 11.88
C LEU I 115 -39.13 -22.78 11.66
N ILE I 116 -38.61 -23.65 10.81
CA ILE I 116 -39.20 -24.97 10.63
C ILE I 116 -39.06 -25.80 11.91
N ALA I 117 -37.94 -25.64 12.62
CA ALA I 117 -37.74 -26.37 13.87
C ALA I 117 -38.67 -25.89 14.97
N ASP I 118 -39.07 -24.61 14.93
CA ASP I 118 -40.03 -24.11 15.91
C ASP I 118 -41.44 -24.60 15.60
N ALA I 119 -41.85 -24.51 14.33
CA ALA I 119 -43.17 -25.00 13.95
C ALA I 119 -43.28 -26.51 14.12
N LEU I 120 -42.17 -27.23 13.99
CA LEU I 120 -42.19 -28.67 14.17
C LEU I 120 -42.44 -29.07 15.62
N ALA I 121 -41.92 -28.27 16.57
CA ALA I 121 -42.06 -28.62 17.98
C ALA I 121 -43.51 -28.53 18.45
N GLN I 122 -44.32 -27.69 17.81
CA GLN I 122 -45.72 -27.53 18.17
C GLN I 122 -46.62 -28.56 17.51
N LEU I 123 -46.06 -29.67 17.04
CA LEU I 123 -46.83 -30.73 16.41
C LEU I 123 -46.89 -31.96 17.32
N SER I 124 -47.88 -32.81 17.06
CA SER I 124 -48.00 -34.06 17.80
C SER I 124 -46.84 -34.98 17.45
N ALA I 125 -46.52 -35.88 18.39
CA ALA I 125 -45.43 -36.82 18.16
C ALA I 125 -45.70 -37.69 16.94
N GLU I 126 -46.97 -37.90 16.59
CA GLU I 126 -47.29 -38.69 15.41
C GLU I 126 -47.03 -37.90 14.13
N HIS I 127 -47.54 -36.67 14.06
CA HIS I 127 -47.35 -35.86 12.86
C HIS I 127 -45.88 -35.50 12.67
N ARG I 128 -45.19 -35.17 13.76
CA ARG I 128 -43.77 -34.80 13.66
C ARG I 128 -42.93 -35.99 13.19
N ALA I 129 -43.26 -37.19 13.67
CA ALA I 129 -42.52 -38.39 13.29
C ALA I 129 -42.90 -38.90 11.91
N VAL I 130 -43.82 -38.24 11.20
CA VAL I 130 -44.19 -38.61 9.85
C VAL I 130 -43.64 -37.62 8.82
N ILE I 131 -43.61 -36.33 9.16
CA ILE I 131 -42.99 -35.37 8.25
C ILE I 131 -41.47 -35.51 8.27
N GLN I 132 -40.91 -35.93 9.40
CA GLN I 132 -39.47 -36.15 9.48
C GLN I 132 -39.03 -37.45 8.82
N ARG I 133 -39.97 -38.31 8.45
CA ARG I 133 -39.68 -39.53 7.71
C ARG I 133 -40.02 -39.43 6.23
N SER I 134 -40.75 -38.38 5.82
CA SER I 134 -41.09 -38.17 4.42
C SER I 134 -40.24 -37.09 3.76
N TYR I 135 -39.93 -36.01 4.49
CA TYR I 135 -39.15 -34.92 3.93
C TYR I 135 -37.70 -34.92 4.41
N TYR I 136 -37.45 -35.32 5.65
CA TYR I 136 -36.08 -35.38 6.15
C TYR I 136 -35.38 -36.69 5.80
N ARG I 137 -36.11 -37.80 5.74
CA ARG I 137 -35.54 -39.08 5.33
C ARG I 137 -35.90 -39.46 3.89
N GLY I 138 -36.92 -38.83 3.31
CA GLY I 138 -37.22 -39.04 1.91
C GLY I 138 -37.82 -40.38 1.57
N TRP I 139 -38.40 -41.09 2.54
CA TRP I 139 -38.98 -42.39 2.27
C TRP I 139 -40.27 -42.26 1.47
N SER I 140 -40.76 -43.39 0.98
CA SER I 140 -42.02 -43.44 0.27
C SER I 140 -43.19 -43.50 1.26
N THR I 141 -44.40 -43.40 0.73
CA THR I 141 -45.59 -43.49 1.56
C THR I 141 -45.72 -44.87 2.19
N ALA I 142 -45.45 -45.92 1.41
CA ALA I 142 -45.54 -47.28 1.94
C ALA I 142 -44.38 -47.59 2.88
N GLN I 143 -43.23 -46.93 2.70
CA GLN I 143 -42.11 -47.18 3.59
C GLN I 143 -42.38 -46.65 4.99
N ILE I 144 -43.00 -45.47 5.09
CA ILE I 144 -43.37 -44.93 6.40
C ILE I 144 -44.48 -45.77 7.01
N ALA I 145 -45.41 -46.25 6.18
CA ALA I 145 -46.48 -47.10 6.68
C ALA I 145 -45.94 -48.41 7.23
N THR I 146 -44.88 -48.94 6.60
CA THR I 146 -44.29 -50.19 7.08
C THR I 146 -43.54 -49.97 8.39
N ASP I 147 -42.82 -48.85 8.51
CA ASP I 147 -42.03 -48.60 9.72
C ASP I 147 -42.93 -48.36 10.93
N LEU I 148 -43.87 -47.43 10.81
CA LEU I 148 -44.69 -47.04 11.95
C LEU I 148 -45.80 -48.05 12.26
N GLY I 149 -45.96 -49.08 11.45
CA GLY I 149 -47.01 -50.06 11.70
C GLY I 149 -48.41 -49.48 11.62
N ILE I 150 -48.66 -48.61 10.65
CA ILE I 150 -49.96 -47.99 10.45
C ILE I 150 -50.36 -48.17 8.99
N ALA I 151 -51.59 -47.77 8.69
CA ALA I 151 -52.15 -48.00 7.36
C ALA I 151 -51.53 -47.06 6.33
N GLU I 152 -51.76 -47.38 5.06
CA GLU I 152 -51.26 -46.54 3.97
C GLU I 152 -51.92 -45.17 4.00
N GLY I 153 -53.26 -45.14 4.03
CA GLY I 153 -53.97 -43.88 4.10
C GLY I 153 -53.76 -43.11 5.39
N THR I 154 -53.35 -43.80 6.46
CA THR I 154 -53.04 -43.12 7.70
C THR I 154 -51.83 -42.20 7.53
N VAL I 155 -50.82 -42.65 6.79
CA VAL I 155 -49.66 -41.82 6.52
C VAL I 155 -50.03 -40.67 5.59
N LYS I 156 -50.89 -40.94 4.61
CA LYS I 156 -51.34 -39.89 3.71
C LYS I 156 -52.12 -38.81 4.46
N SER I 157 -52.96 -39.22 5.42
CA SER I 157 -53.77 -38.25 6.15
C SER I 157 -52.94 -37.45 7.13
N ARG I 158 -52.04 -38.13 7.87
CA ARG I 158 -51.18 -37.42 8.81
C ARG I 158 -50.30 -36.39 8.10
N LEU I 159 -49.73 -36.77 6.95
CA LEU I 159 -48.95 -35.83 6.17
C LEU I 159 -49.81 -34.68 5.66
N HIS I 160 -51.05 -34.97 5.28
CA HIS I 160 -51.93 -33.95 4.73
C HIS I 160 -52.26 -32.89 5.78
N TYR I 161 -52.46 -33.31 7.03
CA TYR I 161 -52.75 -32.35 8.09
C TYR I 161 -51.50 -31.67 8.60
N ALA I 162 -50.44 -32.45 8.85
CA ALA I 162 -49.22 -31.89 9.43
C ALA I 162 -48.65 -30.77 8.58
N VAL I 163 -48.79 -30.87 7.26
CA VAL I 163 -48.35 -29.79 6.38
C VAL I 163 -49.20 -28.55 6.61
N ARG I 164 -50.51 -28.72 6.69
CA ARG I 164 -51.40 -27.59 6.95
C ARG I 164 -51.22 -27.07 8.38
N ALA I 165 -50.92 -27.96 9.33
CA ALA I 165 -50.64 -27.50 10.69
C ALA I 165 -49.40 -26.61 10.72
N LEU I 166 -48.37 -26.98 9.96
CA LEU I 166 -47.17 -26.15 9.88
C LEU I 166 -47.45 -24.83 9.17
N ARG I 167 -48.30 -24.87 8.13
CA ARG I 167 -48.68 -23.63 7.47
C ARG I 167 -49.46 -22.71 8.40
N LEU I 168 -50.23 -23.27 9.32
CA LEU I 168 -50.91 -22.46 10.33
C LEU I 168 -49.90 -21.74 11.22
N THR I 169 -48.93 -22.47 11.73
CA THR I 169 -47.96 -21.88 12.66
C THR I 169 -47.06 -20.86 11.95
N LEU I 170 -46.71 -21.10 10.69
CA LEU I 170 -45.85 -20.17 9.99
C LEU I 170 -46.59 -18.89 9.63
N GLN I 171 -47.82 -19.01 9.12
CA GLN I 171 -48.60 -17.81 8.79
C GLN I 171 -48.95 -17.02 10.04
N GLU I 172 -49.06 -17.68 11.19
CA GLU I 172 -49.27 -16.96 12.44
C GLU I 172 -48.04 -16.18 12.87
N LEU I 173 -46.85 -16.59 12.43
CA LEU I 173 -45.61 -15.88 12.74
C LEU I 173 -45.16 -14.96 11.62
N GLY I 174 -45.94 -14.84 10.54
CA GLY I 174 -45.60 -13.92 9.49
C GLY I 174 -44.62 -14.42 8.46
N VAL I 175 -44.55 -15.74 8.25
CA VAL I 175 -43.64 -16.28 7.25
C VAL I 175 -44.21 -16.03 5.86
N THR I 176 -43.37 -15.49 4.98
CA THR I 176 -43.82 -15.10 3.65
C THR I 176 -44.20 -16.32 2.82
N ARG I 177 -45.33 -16.23 2.14
CA ARG I 177 -45.82 -17.31 1.28
C ARG I 177 -44.85 -17.59 0.14
#